data_9CAD
#
_entry.id   9CAD
#
_cell.length_a   1.00
_cell.length_b   1.00
_cell.length_c   1.00
_cell.angle_alpha   90.00
_cell.angle_beta   90.00
_cell.angle_gamma   90.00
#
_symmetry.space_group_name_H-M   'P 1'
#
loop_
_entity.id
_entity.type
_entity.pdbx_description
1 polymer 'E1A-binding protein p400'
2 polymer 'Isoform 2 of Transformation/transcription domain-associated protein'
3 non-polymer 'INOSITOL HEXAKISPHOSPHATE'
#
loop_
_entity_poly.entity_id
_entity_poly.type
_entity_poly.pdbx_seq_one_letter_code
_entity_poly.pdbx_strand_id
1 'polypeptide(L)'
;MHHGTGPQNVQHQLQRSRACPGSEGEEQPAHPNPPPSPAAPFAPSASPSAPQSPSYQIQQLMNRSPATGQNVNITLQSVG
PVVGGNQQITLAPLPLPSPTSPGFQFSAQPRRFEHGSPSYIQVTSPLSQQVQTQSPTQPSPGPGQALQNVRAGAPGPGLG
LCSSSPTGGFVDASVLVRQISLSPSSGGHFVFQDGSGLTQIAQGAQVQLQHPGTPITVRERRPSQPHTQSGGTIHHLGPQ
SPAAAGGAGLQPLASPSHITTANLPPQISSIIQGQLVQQQQVLQGPPLPRPLGFERTPGVLLPGAGGAAGFGMTSPPPPT
SPSRTAVPPGLSSLPLTSVGNTGMKKVPKKLEEIPPASPEMAQMRKQCLDYHYQEMQALKEVFKEYLIELFFLQHFQGNM
MDFLAFKKKHYAPLQAYLRQNDLDIEEEEEEEEEEEEKSEVINDEVKVVTGKDGQTGTPVAIATQLPPKVSAAFSSQQQP
FQQALAGSLVAGAGSTVETDLFKRQQAMPSTGMAEQSKRPRLEVGHQGVVFQHPGADAGVPLQQLMPTAQGGMPPTPQAA
QLAGQRQSQQQYDPSTGPPVQNAASLHTPLPQLPGRLPPAGVPTAALSSALQFAQQPQVVEAQTQLQIPVKTQQPNVPIP
APPSSQLPIPPSQPAQLALHVPTPGKVQVQASQLSSLPQMVASTRLPVDPAPPCPRPLPTSSTSSLAPVSGSGPGPSPAR
SSPVNRPSSATNKALSPVTSRTPGVVASAPTKPQSPAQNATSSQDSSQDTLTEQITLENQVHQRIAELRKAGLWSQRRLP
KLQEAPRPKSHWDYLLEEMQWMATDFAQERRWKVAAAKKLVRTVVRHHEEKQLREERGKKEEQSRLRRIAASTAREIECF
WSNIEQVVEIKLRVELEEKRKKALNLQKVSRRGKELRPKGFDALQESSLDSGMSGRKRKASISLTDDEVDDEEETIEEEE
ANEGVVDHQTELSNLAKEAELPLLDLMKLYEGAFLPSSQWPRPKPDGEDTSGEEDADDCPGDRESRKDLVLIDSLFIMDQ
FKAAERMNIGKPNAKDIADVTAVAEAILPKGSARVTTSVKFNAPSLLYGALRDYQKIGLDWLAKLYRKNLNGILADEAGL
GKTVQIIAFFAHLACNEGNWGPHLVVVRSCNILKWELELKRWCPGLKILSYIGSHRELKAKRQEWAEPNSFHVCITSYTQ
FFRGLTAFTRVRWKCLVIDEMQRVKGMTERHWEAVFTLQSQQRLLLIDSPLHNTFLELWTMVHFLVPGISRPYLSSPLRA
PSEESQDYYHKVVIRLHRVTQPFILRRTKRDVEKQLTKKYEHVLKCRLSNRQKALYEDVILQPGTQEALKSGHFVNVLSI
LVRLQRICNHPGLVEPRHPGSSYVAGPLEYPSASLILKALERDFWKEADLSMFDLIGLENKITRHEAELLSKKKIPRKLM
EEISTSAAPAARPAAAKLKASRLFQPVQYGQKPEGRTVAFPSTHPPRTAAPTTASAAPQGPLRGRPPIATFSANPEAKAA
AAPFQTSQASASAPRHQPASASSTAASPAHPAKLRAQTTAQASTPGQPPPQPQAPSHAAGQSALPQRLVLPSQAQARLPS
GEVVKIAQLASITGPQSRVAQPETPVTLQFQGSKFTLSHSQLRQLTAGQPLQLQGSVLQIVSAPGQPYLRAPGPVVMQTV
SQAGAVHGALGSKPPAGGPSPAPLTPQVGVPGRVAVNALAVGEPGTASKPASPIGGPTQEEKTRLLKERLDQIYLVNERR
CSQAPVYGRDLLRICALPSHGRVQWRGSLDGRRGKEAGPAHSYTSSSESPSELMLTLCRCGESLQDVIDRVAFVIPPVVA
APPSLRVPRPPPLYSHRMRILRQGLREHAAPYFQQLRQTTAPRLLQFPELRLVQFDSGKLEALAILLQKLKSEGRRVLIL
SQMILMLDILEMFLNFHYLTYVRIDENASSEQRQELMRSFNRDRRIFCAILSTHSRTTGINLVEADTVVFYDNDLNPVMD
AKAQEWCDRIGRCKDIHIYRLVSGNSIEEKLLKNGTKDLIREVAAQGNDYSMAFLTQRTIQELFEVYSPMDDAGFPVKAE
EFVVLSQEPSVTETIAPKIARPFIEALKSIEYLEEDAQKSAQEGVLGPHTDALSSDSENMPCDEEPSQLEELADFMEQLT
PIEKYALNYLELFHTSIEQEKERNSEDAVMTAVRAWEFWNLKTLQEREARLRLEQEEAELLTYTREDAYSMEYVYEDVDG
QTEVMPLWTPPTPPQDDSDIYLDSVMCLMYEATPIPEAKLPPVYVRKERKRHKTDPSAAGRKKKQRHGEAVVPPRSLFDR
ATPGLLKIRREGKEQKKNILLKQQVPFAKPLPTFAKPTAEPGQDNPEWLISEDWALLQAVKQLLELPLNLTIVSPAHTPN
WDLVSDVVNSCSRIYRSSKQCRNRYENVIIPREEGKSKNNRPLRTSQIYAQDENATHTQLYTSHFDLMKMTAGKRSPPIK
PLLGMNPFQKNPKHASVLAESGINYDKPLPPIQVASLRAERIAKEKKALADQQKAQQPAVAQPPPPQPQPPPPPQQPPPP
LPQPQAAGSQPPAGPPAVQPQPQPQPQTQPQPVQAPAKAQPAITTGGSAAVLAGTIKTSVTGTSMPTGAVSGNVIVNTIA
GVPAATFQSINKRLASPVAPGALTTPGGSAPAQVVHTQPPPRAVGSPATATPDLVSMATTQGVRAVTSVTASAVVTTNLT
PVQTPARSLVPQVSQATGVQLPGKTITPAHFQLLRQQQQQQQQQQQQQQQQQQQQQQQQQQQQQTTTTSQVQVPQIQGQA
QSPAQIKAVGKLTPEHLIKMQKQKLQMPPQPPPPQAQSAPPQPTAQVQVQTSQPPQQQSPQLTTVTAPRPGALLTGTTVA
NLQVARLTRVPTSQLQAQGQMQTQAPQPAQVALAKPPVVSVPAAVVSSPGVTTLPMNVAGISVAIGQPQKAAGQTVVAQP
VHMQQLLKLKQQAVQQQKAIQPQAAQGPAAVQQKITAQQITTPGAQQKVAYAAQPALKTQFLTTPISQAQKLAGAQQVQT
QIQVAKLPQVVQQQTPVASIQQVASASQQASPQTVALTQATAAGQQVQMIPAVTATAQVVQQKLIQQQVVTTASAPLQTP
GAPNPAQVPASSDSPSQQPKLQMRVPAVRLKTPTKPPCQ
;
A
2 'polypeptide(L)'
;MAFVATQGATVVDQTTLMKKYLQFVAALTDVNTPDETKLKMMQEVSENFENVTSSPQYSTFLEHIIPRFLTFLQDGEVQF
LQEKPAQQLRKLVLEIIHRIPTNEHLRPHTKNVLSVMFRFLETENEENVLICLRIIIELHKQFRPPITQEIHHFLDFVKQ
IYKELPKVVNRYFENPQVIPENTVPPPEMVGMITTIAVKVNPEREDSETRTHSIIPRGSLSLKVLAELPIIVVLMYQLYK
LNIHNVVAEFVPLIMNTIAIQVSAQARQHKLYNKELYADFIAAQIKTLSFLAYIIRIYQELVTKYSQQMVKGMLQLLSNC
PAETAHLRKELLIAAKHILTTELRNQFIPCMDKLFDESILIGSGYTARETLRPLAYSTLADLVHHVRQHLPLSDLSLAVQ
LFAKNIDDESLPSSIQTMSCKLLLNLVDCIRSKSEQESGNGRDVLMRMLEVFVLKFHTIARYQLSAIFKKCKPQSELGAV
EAALPGVPTAPAAPGPAPSPAPVPAPPPPPPPPPPATPVTPAPVPPFEKQGEKDKEDKQTFQVTDCRSLVKTLVCGVKTI
TWGITSCKAPGEAQFIPNKQLQPKETQIYIKLVKYAMQALDIYQVQIAGNGQTYIRVANCQTVRMKEEKEVLEHFAGVFT
MMNPLTFKEIFQTTVPYMVERISKNYALQIVANSFLANPTTSALFATILVEYLLDRLPEMGSNVELSNLYLKLFKLVFGS
VSLFAAENEQMLKPHLHKIVNSSMELAQTAKEPYNYFLLLRALFRSIGGGSHDLLYQEFLPLLPNLLQGLNMLQSGLHKQ
HMKDLFVELCLTVPVRLSSLLPYLPMLMDPLVSALNGSQTLVSQGLRTLELCVDNLQPDFLYDHIQPVRAELMQALWRTL
RNPADSISHVAYRVLGKFGGSNRKMLKESQKLHYVVTEVQGPSITVEFSDCKASLQLPMEKAIETALDCLKSANTEPYYR
RQAWEVIKCFLVAMMSLEDNKHALYQLLAHPNFTEKTIPNVIISHRYKAQDTPARKTFEQALTGAFMSAVIKDLRPSALP
FVASLIRHYTMVAVAQQCGPFLLPCYQVGSQPSTAMFHSEENGSKGMDPLVLIDAIAICMAYEEKELCKIGEVALAVIFD
VASIILGSKERACQLPLFSYIVERLCACCYEQAWYAKLGGVVSIKFLMERLPLTWVLQNQQTFLKALLFVMMDLTGEVSN
GAVAMAKTTLEQLLMRCATPLKDEERAEEIVAAQEKSFHHVTHDLVREVTSPNSTVRKQAMHSLQVLAQVTGKSVTVIME
PHKEVLQDMVPPKKHLLRHQPANAQIGLMEGNTFCTTLQPRLFTMDLNVVEHKVFYTELLNLCEAEDSALTKLPCYKSLP
SLVPLRIAALNALAACNYLPQSREKIIAALFKALNSTNSELQEAGEACMRKFLEGATIEVDQIHTHMRPLLMMLGDYRSL
TLNVVNRLTSVTRLFPNSFNDKFCDQMMQHLRKWMEVVVITHKGGQRSDGNEMKICSAIINLFHLIPAAPQTLVKPLLEV
VMKTERAMLIEAGSPFREPLIKFLTRHPSQTVELFMMEATLNDPQWSRMFMSFLKHKDARPLRDVLAANPNRFITLLLPG
GAQTAVRPGSPSTSTMRLDLQFQAIKIISIIVKNDDSWLASQHSLVSQLRRVWVSENFQERHRKENMAATNWKEPKLLAY
CLLNYCKRNYGDIELLFQLLRAFTGRFLCNMTFLKEYMEEEIPKNYSIAQKRALFFRFVDFNDPNFGDELKAKVLQHILN
PAFLYSFEKGEGEQLLGPPNPEGDNPESITSVFITKVLDPEKQADMLDSLRIYLLQYATLLVEHAPHHIHDNNKNRNSKL
RRLMTFAWPCLLSKACVDPACKYSGHLLLAHIIAKFAIHKKIVLQVFHSLLKAHAMEARAIVRQAMAILTPAVPARMEDG
HQMLTHWTRKIIVEEGHTVPQLVHILHLIVQHFKVYYPVRHHLVQHMVSAMQRLGFTPSVTIEQRRLAVDLSEVVIKWEL
QRIKDQQPDSDMDPNSSGEGVNSVSSSIKRGLSVDSAQEVKRFRTATGAISAVFGRSQSLPGADSLLAKPIDKQHTDTVV
NFLIRVACQVNDNTNTAGSPGEVLSRRCVNLLKTALRPDMWPKSELKLQWFDKLLMTVEQPNQVNYGNICTGLEVLSFLL
TVLQSPAILSSFKPLQRGIAACMTCGNTKVLRAVHSLLSRLMSIFPTEPSTSSVASKYEELECLYAAVGKVIYEGLTNYE
KATNANPSQLFGTLMILKSACSNNPSYIDRLISVFMRSLQKMVREHLNPQAASGSTEATSGTSELVMLSLELVKTRLAVM
SMEMRKNFIQAILTSLIEKSPDAKILRAVVKIVEEWVKNNSPMAANQTPTLREKSILLVKMMTYIEKRFPEDLELNAQFL
DLVNYVYRDETLSGSELTAKLEPAFLSGLRCAQPLIRAKFFEVFDNSMKRRVYERLLYVTCSQNWEAMGNHFWIKQCIEL
LLAVCEKSTPIGTSCQGAMLPSITNVINLADSHDRAAFAMVTHVKQEPRERENSESKEEDVEIDIELAPGDQTSTPKTKE
LSEKDIGNQLHMLTNRHDKFLDTLREVKTGALLSAFVQLCHISTTLAEKTWVQLFPRLWKILSDRQQHALAGEISPFLCS
GSHQVQRDCQPSALNCFVEAMSQCVPPIPIRPCVLKYLGKTHNLWFRSTLMLEHQAFEKGLSLQIKPKQTTEFYEQESIT
PPQQEILDSLAELYSLLQEEDMWAGLWQKRCKYSETATAIAYEQHGFFEQAQESYEKAMDKAKKEHERSNASPAIFPEYQ
LWEDHWIRCSKELNQWEALTEYGQSKGHINPYLVLECAWRVSNWTAMKEALVQVEVSCPKEMAWKVNMYRGYLAICHPEE
QQLSFIERLVEMASSLAIREWRRLPHVVSHVHTPLLQAAQQIIELQEAAQINAGLQPTNLGRNNSLHDMKTVVKTWRNRL
PIVSDDLSHWSSIFMWRQHHYQAIVTAYENSSQHDPSSNNAMLGVHASASAIIQYGKIARKQGLVNVALDILSRIHTIPT
VPIVDCFQKIRQQVKCYLQLAGVMGKNECMQGLEVIESTNLKYFTKEMTAEFYALKGMFLAQINKSEEANKAFSAAVQMH
DVLVKAWAMWGDYLENIFVKERQLHLGVSAITCYLHACRHQNESKSRKYLAKVLWLLSFDDDKNTLADAVDKYCIGVPPI
QWLAWIPQLLTCLVGSEGKLLLNLISQVGRVYPQAVYFPIRTLYLTLKIEQRERYKSDPGPIRATAPMWRCSRIMHMQRE
LHPTLLSSLEGIVDQMVWFRENWHEEVLRQLQQGLAKCYSVAFEKSGAVSDAKITPHTLNFVKKLVSTFGVGLENVSNVS
TMFSSAASESLARRAQATAQDPVFQKLKGQFTTDFDFSVPGSMKLHNLISKLKKWIKILEAKTKQLPKFFLIEEKCRFLS
NFSAQTAEVEIPGEFLMPKPTHYYIKIARFMPRVEIVQKHNTAARRLYIRGHNGKIYPYLVMNDACLTESRREERVLQLL
RLLNPCLEKRKETTKRHLFFTVPRVVAVSPQMRLVEDNPSSLSLVEIYKQRCAKKGIEHDNPISRYYDRLATVQARGTQA
SHQVLRDILKEVQSNMVPRSMLKEWALHTFPNATDYWTFRKMFTIQLALIGFAEFVLHLNRLNPEMLQIAQDTGKLNVAY
FRFDINDATGDLDANRPVPFRLTPNISEFLTTIGVSGPLTASMIAVARCFAQPNFKVDGILKTVLRDEIIAWHKKTQEDT
SSPLSAAGQPENMDSQQLVSLVQKAVTAIMTRLHNLAQFEGGESKVNTLVAAANSLDNLCRMDPAWHPWL
;
D
#
loop_
_chem_comp.id
_chem_comp.type
_chem_comp.name
_chem_comp.formula
IHP non-polymer 'INOSITOL HEXAKISPHOSPHATE' 'C6 H18 O24 P6'
#
# COMPACT_ATOMS: atom_id res chain seq x y z
N VAL A 2311 21.49 37.92 43.53
CA VAL A 2311 20.75 37.58 42.32
C VAL A 2311 19.26 37.43 42.65
N VAL A 2312 18.43 38.18 41.95
CA VAL A 2312 16.97 38.14 42.11
C VAL A 2312 16.37 37.48 40.88
N PRO A 2313 15.64 36.39 41.02
CA PRO A 2313 15.00 35.75 39.86
C PRO A 2313 13.98 36.67 39.24
N PRO A 2314 13.87 36.68 37.91
CA PRO A 2314 12.84 37.48 37.25
C PRO A 2314 11.44 36.97 37.59
N ARG A 2315 10.49 37.89 37.63
CA ARG A 2315 9.12 37.54 37.95
C ARG A 2315 8.47 36.80 36.78
N SER A 2316 7.64 35.81 37.11
CA SER A 2316 6.92 35.02 36.13
C SER A 2316 5.43 35.32 36.22
N LEU A 2317 4.68 34.81 35.24
CA LEU A 2317 3.23 34.96 35.24
C LEU A 2317 2.54 34.20 36.37
N PHE A 2318 3.25 33.29 37.03
CA PHE A 2318 2.66 32.42 38.04
C PHE A 2318 3.03 32.84 39.46
N ASP A 2319 3.83 33.88 39.63
CA ASP A 2319 4.09 34.42 40.96
C ASP A 2319 2.87 35.19 41.46
N ARG A 2320 2.43 34.87 42.68
CA ARG A 2320 1.22 35.46 43.24
C ARG A 2320 1.58 36.83 43.80
N ALA A 2321 1.40 37.86 42.98
CA ALA A 2321 1.68 39.23 43.39
C ALA A 2321 0.54 39.78 44.24
N ASP A 2364 15.59 3.26 58.44
CA ASP A 2364 15.48 3.64 59.84
C ASP A 2364 15.67 2.43 60.76
N ASN A 2365 15.58 1.22 60.18
CA ASN A 2365 15.82 0.01 60.97
C ASN A 2365 17.22 -0.02 61.56
N PRO A 2366 18.29 0.29 60.82
CA PRO A 2366 19.55 0.61 61.49
C PRO A 2366 19.58 2.08 61.89
N GLU A 2367 20.17 2.34 63.05
CA GLU A 2367 20.19 3.69 63.58
C GLU A 2367 21.03 4.61 62.70
N TRP A 2368 20.66 5.88 62.70
CA TRP A 2368 21.36 6.87 61.89
C TRP A 2368 22.61 7.35 62.62
N LEU A 2369 23.75 7.25 61.94
CA LEU A 2369 25.00 7.77 62.47
C LEU A 2369 25.06 9.29 62.29
N ILE A 2370 25.85 9.93 63.14
CA ILE A 2370 26.02 11.37 63.05
C ILE A 2370 26.62 11.77 61.71
N SER A 2371 27.45 10.90 61.13
CA SER A 2371 27.98 11.20 59.79
C SER A 2371 26.88 11.19 58.75
N GLU A 2372 25.89 10.31 58.90
CA GLU A 2372 24.76 10.29 57.96
C GLU A 2372 23.90 11.53 58.11
N ASP A 2373 23.60 11.93 59.34
CA ASP A 2373 22.83 13.15 59.56
C ASP A 2373 23.57 14.37 59.04
N TRP A 2374 24.89 14.42 59.26
CA TRP A 2374 25.68 15.54 58.77
C TRP A 2374 25.70 15.58 57.25
N ALA A 2375 25.83 14.42 56.60
CA ALA A 2375 25.76 14.38 55.14
C ALA A 2375 24.39 14.82 54.65
N LEU A 2376 23.32 14.42 55.34
CA LEU A 2376 21.97 14.83 54.95
C LEU A 2376 21.80 16.34 55.04
N LEU A 2377 22.16 16.92 56.19
CA LEU A 2377 22.06 18.36 56.38
C LEU A 2377 22.90 19.12 55.37
N GLN A 2378 24.16 18.69 55.17
CA GLN A 2378 25.03 19.39 54.24
C GLN A 2378 24.56 19.25 52.80
N ALA A 2379 24.01 18.09 52.42
CA ALA A 2379 23.45 17.95 51.08
C ALA A 2379 22.30 18.92 50.87
N VAL A 2380 21.39 19.00 51.85
CA VAL A 2380 20.24 19.88 51.71
C VAL A 2380 20.68 21.34 51.66
N LYS A 2381 21.66 21.71 52.48
CA LYS A 2381 22.08 23.10 52.55
C LYS A 2381 22.90 23.50 51.33
N GLN A 2382 23.95 22.75 51.01
CA GLN A 2382 24.86 23.13 49.94
C GLN A 2382 24.26 22.89 48.56
N LEU A 2383 23.70 21.70 48.33
CA LEU A 2383 23.32 21.35 46.96
C LEU A 2383 21.98 21.95 46.59
N LEU A 2384 20.96 21.75 47.42
CA LEU A 2384 19.65 22.30 47.12
C LEU A 2384 19.60 23.80 47.38
N GLU A 2385 20.57 24.34 48.13
CA GLU A 2385 20.59 25.74 48.53
C GLU A 2385 19.29 26.17 49.21
N LEU A 2386 18.65 25.23 49.90
CA LEU A 2386 17.41 25.52 50.59
C LEU A 2386 17.67 25.94 52.03
N PRO A 2387 16.78 26.73 52.61
CA PRO A 2387 16.92 27.08 54.03
C PRO A 2387 16.57 25.91 54.95
N LEU A 2388 16.60 26.16 56.26
CA LEU A 2388 16.30 25.11 57.23
C LEU A 2388 14.91 24.53 57.02
N ASN A 2389 13.93 25.39 56.74
CA ASN A 2389 12.54 24.97 56.64
C ASN A 2389 12.12 24.60 55.23
N LEU A 2390 13.08 24.50 54.29
CA LEU A 2390 12.83 24.08 52.92
C LEU A 2390 11.86 25.02 52.20
N THR A 2391 11.77 26.27 52.63
CA THR A 2391 10.94 27.23 51.92
C THR A 2391 11.59 27.56 50.58
N ILE A 2392 10.77 27.58 49.53
CA ILE A 2392 11.29 27.74 48.17
C ILE A 2392 11.73 29.19 47.98
N VAL A 2393 12.99 29.37 47.58
CA VAL A 2393 13.51 30.69 47.26
C VAL A 2393 13.32 31.00 45.79
N SER A 2394 13.59 30.03 44.92
CA SER A 2394 13.45 30.16 43.48
C SER A 2394 12.48 29.08 43.00
N PRO A 2395 11.45 29.42 42.23
CA PRO A 2395 10.46 28.41 41.84
C PRO A 2395 11.03 27.21 41.12
N ALA A 2396 12.07 27.39 40.31
CA ALA A 2396 12.68 26.29 39.59
C ALA A 2396 13.49 25.35 40.48
N HIS A 2397 13.82 25.75 41.71
CA HIS A 2397 14.69 24.96 42.58
C HIS A 2397 13.89 24.19 43.64
N THR A 2398 13.01 23.33 43.15
CA THR A 2398 12.21 22.49 44.04
C THR A 2398 13.10 21.44 44.71
N PRO A 2399 12.82 21.09 45.97
CA PRO A 2399 13.65 20.08 46.66
C PRO A 2399 13.72 18.75 45.93
N ASN A 2400 14.92 18.18 45.89
CA ASN A 2400 15.21 16.92 45.23
C ASN A 2400 15.80 15.92 46.22
N TRP A 2401 14.94 15.11 46.84
CA TRP A 2401 15.40 14.20 47.87
C TRP A 2401 16.10 12.96 47.30
N ASP A 2402 15.94 12.69 46.01
CA ASP A 2402 16.72 11.62 45.38
C ASP A 2402 18.21 11.96 45.37
N LEU A 2403 18.54 13.22 45.03
CA LEU A 2403 19.93 13.64 45.06
C LEU A 2403 20.51 13.55 46.47
N VAL A 2404 19.71 13.95 47.46
CA VAL A 2404 20.16 13.88 48.85
C VAL A 2404 20.37 12.42 49.27
N SER A 2405 19.46 11.54 48.87
CA SER A 2405 19.65 10.11 49.17
C SER A 2405 20.92 9.58 48.53
N ASP A 2406 21.20 10.01 47.30
CA ASP A 2406 22.44 9.60 46.64
C ASP A 2406 23.65 10.10 47.42
N VAL A 2407 23.60 11.34 47.90
CA VAL A 2407 24.72 11.90 48.67
C VAL A 2407 24.91 11.15 49.98
N VAL A 2408 23.82 10.89 50.69
CA VAL A 2408 23.91 10.22 51.98
C VAL A 2408 24.45 8.81 51.82
N ASN A 2409 23.98 8.09 50.80
CA ASN A 2409 24.39 6.71 50.59
C ASN A 2409 25.85 6.58 50.16
N SER A 2410 26.52 7.68 49.83
CA SER A 2410 27.93 7.62 49.50
C SER A 2410 28.77 7.23 50.70
N CYS A 2411 28.30 7.54 51.91
CA CYS A 2411 29.02 7.23 53.13
C CYS A 2411 28.16 6.51 54.17
N SER A 2412 26.91 6.18 53.85
CA SER A 2412 26.03 5.55 54.81
C SER A 2412 26.45 4.10 55.07
N ARG A 2413 26.02 3.58 56.21
CA ARG A 2413 26.26 2.18 56.56
C ARG A 2413 25.20 1.25 55.99
N ILE A 2414 24.12 1.79 55.42
CA ILE A 2414 23.06 0.99 54.82
C ILE A 2414 22.32 1.91 53.87
N TYR A 2415 21.63 1.33 52.90
CA TYR A 2415 20.93 2.12 51.90
C TYR A 2415 19.80 2.89 52.55
N ARG A 2416 19.82 4.22 52.39
CA ARG A 2416 18.77 5.10 52.87
C ARG A 2416 17.93 5.55 51.68
N SER A 2417 16.64 5.24 51.71
CA SER A 2417 15.76 5.65 50.63
C SER A 2417 15.50 7.16 50.70
N SER A 2418 15.00 7.70 49.59
CA SER A 2418 14.71 9.12 49.54
C SER A 2418 13.61 9.49 50.53
N LYS A 2419 12.60 8.64 50.67
CA LYS A 2419 11.55 8.88 51.66
C LYS A 2419 12.12 8.85 53.06
N GLN A 2420 13.03 7.90 53.34
CA GLN A 2420 13.66 7.84 54.65
C GLN A 2420 14.49 9.08 54.91
N CYS A 2421 15.21 9.57 53.91
CA CYS A 2421 16.00 10.79 54.08
C CYS A 2421 15.11 12.00 54.35
N ARG A 2422 14.01 12.13 53.62
CA ARG A 2422 13.09 13.23 53.85
C ARG A 2422 12.48 13.16 55.25
N ASN A 2423 12.05 11.97 55.65
CA ASN A 2423 11.46 11.80 56.98
C ASN A 2423 12.47 12.12 58.06
N ARG A 2424 13.70 11.62 57.92
CA ARG A 2424 14.73 11.91 58.90
C ARG A 2424 14.99 13.40 58.99
N TYR A 2425 15.15 14.07 57.85
CA TYR A 2425 15.43 15.50 57.88
C TYR A 2425 14.34 16.25 58.60
N GLU A 2426 13.09 16.03 58.18
CA GLU A 2426 11.96 16.80 58.72
C GLU A 2426 11.69 16.48 60.18
N ASN A 2427 11.93 15.24 60.61
CA ASN A 2427 11.52 14.82 61.93
C ASN A 2427 12.64 14.90 62.97
N VAL A 2428 13.91 15.03 62.55
CA VAL A 2428 15.03 15.10 63.47
C VAL A 2428 15.84 16.38 63.28
N ILE A 2429 16.28 16.64 62.05
CA ILE A 2429 17.26 17.72 61.86
C ILE A 2429 16.61 19.09 62.03
N ILE A 2430 15.43 19.29 61.44
CA ILE A 2430 14.71 20.55 61.66
C ILE A 2430 14.46 20.81 63.14
N PRO A 2431 13.88 19.89 63.92
CA PRO A 2431 13.77 20.15 65.36
C PRO A 2431 15.11 20.28 66.06
N ARG A 2432 16.14 19.54 65.63
CA ARG A 2432 17.44 19.64 66.28
C ARG A 2432 18.12 20.97 65.98
N GLU A 2433 18.04 21.43 64.74
CA GLU A 2433 18.64 22.72 64.39
C GLU A 2433 17.82 23.90 64.89
N GLU A 2434 16.50 23.75 64.96
CA GLU A 2434 15.66 24.72 65.65
C GLU A 2434 15.76 24.52 67.16
N LEU A 2443 22.22 20.48 71.27
CA LEU A 2443 23.41 20.50 70.42
C LEU A 2443 23.03 20.38 68.95
N ARG A 2444 23.65 21.19 68.11
CA ARG A 2444 23.40 21.13 66.68
C ARG A 2444 24.16 19.97 66.04
N THR A 2445 23.69 19.54 64.88
CA THR A 2445 24.31 18.43 64.18
C THR A 2445 25.79 18.69 63.91
N SER A 2446 26.16 19.94 63.63
CA SER A 2446 27.56 20.27 63.45
C SER A 2446 28.34 20.08 64.74
N GLN A 2447 27.76 20.49 65.87
CA GLN A 2447 28.43 20.33 67.15
C GLN A 2447 28.61 18.86 67.51
N ILE A 2448 27.57 18.05 67.28
CA ILE A 2448 27.68 16.61 67.57
C ILE A 2448 28.71 15.97 66.67
N TYR A 2449 28.73 16.36 65.39
CA TYR A 2449 29.72 15.81 64.46
C TYR A 2449 31.14 16.17 64.89
N ALA A 2450 31.34 17.42 65.32
CA ALA A 2450 32.66 17.83 65.76
C ALA A 2450 33.07 17.12 67.04
N GLN A 2451 32.14 16.93 67.97
CA GLN A 2451 32.48 16.31 69.25
C GLN A 2451 32.71 14.81 69.11
N ASP A 2452 32.01 14.16 68.17
CA ASP A 2452 32.19 12.71 67.99
C ASP A 2452 33.60 12.38 67.53
N GLU A 2453 34.23 13.27 66.77
CA GLU A 2453 35.59 13.08 66.28
C GLU A 2453 35.74 11.75 65.54
N ASN A 2454 34.73 11.39 64.76
CA ASN A 2454 34.70 10.19 63.93
C ASN A 2454 34.80 8.90 64.74
N ALA A 2455 34.65 8.97 66.06
CA ALA A 2455 34.79 7.78 66.90
C ALA A 2455 33.75 6.73 66.57
N THR A 2456 32.48 7.15 66.46
CA THR A 2456 31.40 6.19 66.25
C THR A 2456 31.56 5.45 64.91
N HIS A 2457 31.91 6.18 63.85
CA HIS A 2457 32.04 5.54 62.54
C HIS A 2457 33.28 4.65 62.49
N THR A 2458 34.35 5.06 63.16
CA THR A 2458 35.52 4.20 63.30
C THR A 2458 35.19 2.91 64.03
N GLN A 2459 34.41 3.00 65.11
CA GLN A 2459 34.04 1.80 65.85
C GLN A 2459 33.10 0.92 65.03
N LEU A 2460 32.25 1.52 64.21
CA LEU A 2460 31.45 0.75 63.26
C LEU A 2460 32.33 -0.07 62.33
N TYR A 2461 33.33 0.56 61.72
CA TYR A 2461 34.21 -0.18 60.84
C TYR A 2461 35.04 -1.23 61.60
N THR A 2462 35.48 -0.91 62.82
CA THR A 2462 36.14 -1.91 63.65
C THR A 2462 35.25 -3.13 63.86
N SER A 2463 33.97 -2.90 64.14
CA SER A 2463 33.04 -4.01 64.36
C SER A 2463 32.86 -4.83 63.09
N HIS A 2464 32.72 -4.16 61.94
CA HIS A 2464 32.62 -4.88 60.67
C HIS A 2464 33.88 -5.71 60.40
N PHE A 2465 35.06 -5.14 60.67
CA PHE A 2465 36.30 -5.88 60.48
C PHE A 2465 36.37 -7.07 61.40
N ASP A 2466 35.86 -6.92 62.63
CA ASP A 2466 35.84 -8.03 63.57
C ASP A 2466 34.89 -9.13 63.10
N LEU A 2467 33.73 -8.77 62.56
CA LEU A 2467 32.80 -9.78 62.05
C LEU A 2467 33.38 -10.50 60.85
N MET A 2468 34.07 -9.77 59.96
CA MET A 2468 34.70 -10.40 58.81
C MET A 2468 35.84 -11.31 59.22
N LYS A 2469 36.62 -10.90 60.23
CA LYS A 2469 37.68 -11.78 60.75
C LYS A 2469 37.10 -13.02 61.41
N MET A 2470 36.01 -12.86 62.17
CA MET A 2470 35.32 -14.01 62.75
C MET A 2470 34.86 -14.97 61.65
N THR A 2471 34.28 -14.44 60.57
CA THR A 2471 33.83 -15.30 59.49
C THR A 2471 35.00 -16.00 58.81
N ALA A 2472 36.11 -15.28 58.61
CA ALA A 2472 37.29 -15.89 58.00
C ALA A 2472 37.85 -17.00 58.88
N GLY A 2473 37.88 -16.78 60.20
CA GLY A 2473 38.38 -17.81 61.11
C GLY A 2473 37.53 -19.06 61.13
N LYS A 2474 36.21 -18.91 60.95
CA LYS A 2474 35.31 -20.06 60.99
C LYS A 2474 35.51 -21.03 59.84
N ARG A 2475 36.27 -20.65 58.81
CA ARG A 2475 36.50 -21.52 57.67
C ARG A 2475 37.24 -22.79 58.09
N PRO A 2492 46.54 -55.34 40.21
CA PRO A 2492 45.25 -54.82 40.66
C PRO A 2492 44.10 -55.20 39.73
N LYS A 2493 42.91 -54.69 40.02
CA LYS A 2493 41.74 -54.97 39.19
C LYS A 2493 41.79 -54.27 37.83
N HIS A 2494 42.68 -53.30 37.65
CA HIS A 2494 42.74 -52.56 36.39
C HIS A 2494 43.21 -53.47 35.25
N ALA A 2495 44.05 -54.47 35.55
CA ALA A 2495 44.53 -55.37 34.52
C ALA A 2495 43.43 -56.29 33.99
N SER A 2496 42.36 -56.49 34.76
CA SER A 2496 41.30 -57.40 34.34
C SER A 2496 40.57 -56.88 33.10
N VAL A 2497 40.25 -55.58 33.08
CA VAL A 2497 39.54 -55.03 31.94
C VAL A 2497 40.46 -54.92 30.73
N LEU A 2498 41.76 -54.67 30.94
CA LEU A 2498 42.72 -54.73 29.84
C LEU A 2498 42.84 -56.14 29.29
N ALA A 2499 42.89 -57.14 30.16
CA ALA A 2499 42.95 -58.52 29.70
C ALA A 2499 41.68 -58.93 28.97
N GLU A 2500 40.53 -58.39 29.39
CA GLU A 2500 39.29 -58.62 28.64
C GLU A 2500 39.34 -57.95 27.27
N SER A 2501 39.92 -56.75 27.20
CA SER A 2501 40.13 -56.12 25.90
C SER A 2501 41.17 -56.86 25.07
N GLY A 2502 42.14 -57.49 25.71
CA GLY A 2502 43.23 -58.13 25.02
C GLY A 2502 44.51 -57.32 24.96
N ILE A 2503 44.73 -56.42 25.92
CA ILE A 2503 45.85 -55.50 25.92
C ILE A 2503 46.89 -56.01 26.91
N ASN A 2504 48.11 -56.24 26.42
CA ASN A 2504 49.22 -56.61 27.29
C ASN A 2504 49.89 -55.32 27.76
N TYR A 2505 49.46 -54.85 28.93
CA TYR A 2505 49.93 -53.56 29.44
C TYR A 2505 51.44 -53.51 29.54
N ASP A 2506 52.08 -54.63 29.91
CA ASP A 2506 53.51 -54.68 30.13
C ASP A 2506 54.32 -54.83 28.84
N LYS A 2507 53.66 -54.94 27.69
CA LYS A 2507 54.34 -55.00 26.39
C LYS A 2507 53.69 -53.97 25.47
N PRO A 2508 54.03 -52.69 25.65
CA PRO A 2508 53.41 -51.63 24.84
C PRO A 2508 53.56 -51.88 23.34
N LEU A 2509 52.49 -51.63 22.62
CA LEU A 2509 52.59 -51.54 21.17
C LEU A 2509 53.03 -50.13 20.78
N PRO A 2510 53.99 -49.99 19.87
CA PRO A 2510 54.33 -48.67 19.33
C PRO A 2510 53.17 -48.10 18.54
N PRO A 2511 53.12 -46.77 18.36
CA PRO A 2511 52.00 -46.17 17.63
C PRO A 2511 51.80 -46.71 16.24
N ILE A 2512 52.87 -47.15 15.57
CA ILE A 2512 52.75 -47.69 14.22
C ILE A 2512 51.88 -48.94 14.23
N GLN A 2513 52.13 -49.85 15.19
CA GLN A 2513 51.37 -51.08 15.26
C GLN A 2513 49.90 -50.81 15.63
N VAL A 2514 49.67 -49.88 16.56
CA VAL A 2514 48.30 -49.55 16.93
C VAL A 2514 47.55 -48.92 15.75
N ALA A 2515 48.23 -48.08 14.97
CA ALA A 2515 47.62 -47.53 13.77
C ALA A 2515 47.32 -48.63 12.75
N SER A 2516 48.22 -49.61 12.63
CA SER A 2516 47.96 -50.73 11.74
C SER A 2516 46.74 -51.54 12.19
N LEU A 2517 46.63 -51.76 13.51
CA LEU A 2517 45.47 -52.48 14.03
C LEU A 2517 44.18 -51.69 13.78
N ARG A 2518 44.22 -50.38 13.97
CA ARG A 2518 43.07 -49.54 13.65
C ARG A 2518 42.69 -49.67 12.18
N ALA A 2519 43.68 -49.63 11.29
CA ALA A 2519 43.41 -49.75 9.86
C ALA A 2519 42.81 -51.11 9.53
N GLU A 2520 43.35 -52.17 10.12
CA GLU A 2520 42.81 -53.51 9.88
C GLU A 2520 41.37 -53.62 10.37
N ARG A 2521 41.09 -53.06 11.55
CA ARG A 2521 39.72 -53.09 12.06
C ARG A 2521 38.78 -52.30 11.17
N ILE A 2522 39.22 -51.14 10.68
CA ILE A 2522 38.38 -50.34 9.79
C ILE A 2522 38.13 -51.08 8.50
N ALA A 2523 39.15 -51.75 7.95
CA ALA A 2523 38.98 -52.51 6.73
C ALA A 2523 38.01 -53.67 6.93
N LYS A 2524 38.11 -54.36 8.06
CA LYS A 2524 37.19 -55.47 8.34
C LYS A 2524 35.76 -54.96 8.52
N GLU A 2525 35.60 -53.81 9.18
CA GLU A 2525 34.27 -53.21 9.32
C GLU A 2525 33.69 -52.82 7.96
N LYS A 2526 34.52 -52.25 7.09
CA LYS A 2526 34.06 -51.90 5.75
C LYS A 2526 33.67 -53.14 4.95
N LYS A 2527 34.46 -54.21 5.06
CA LYS A 2527 34.11 -55.45 4.37
C LYS A 2527 32.81 -56.04 4.90
N ALA A 2528 32.61 -55.99 6.22
CA ALA A 2528 31.37 -56.49 6.80
C ALA A 2528 30.18 -55.66 6.33
N LEU A 2529 30.35 -54.34 6.26
CA LEU A 2529 29.27 -53.48 5.78
C LEU A 2529 28.95 -53.77 4.32
N ALA A 2530 29.97 -53.98 3.50
CA ALA A 2530 29.78 -54.28 2.09
C ALA A 2530 29.20 -55.68 1.89
N ASP B 13 -81.63 47.51 -9.94
CA ASP B 13 -82.21 46.96 -8.72
C ASP B 13 -82.32 45.44 -8.84
N GLN B 14 -81.62 44.73 -7.95
CA GLN B 14 -81.66 43.27 -7.97
C GLN B 14 -83.06 42.76 -7.67
N THR B 15 -83.80 43.45 -6.80
CA THR B 15 -85.16 43.06 -6.48
C THR B 15 -86.05 43.15 -7.71
N THR B 16 -85.95 44.26 -8.46
CA THR B 16 -86.71 44.40 -9.69
C THR B 16 -86.33 43.33 -10.71
N LEU B 17 -85.03 43.01 -10.80
CA LEU B 17 -84.59 41.96 -11.72
C LEU B 17 -85.19 40.61 -11.36
N MET B 18 -85.19 40.27 -10.07
CA MET B 18 -85.80 39.02 -9.65
C MET B 18 -87.31 39.02 -9.90
N LYS B 19 -87.97 40.16 -9.67
CA LYS B 19 -89.40 40.24 -9.95
C LYS B 19 -89.66 40.06 -11.44
N LYS B 20 -88.78 40.61 -12.27
CA LYS B 20 -88.91 40.44 -13.72
C LYS B 20 -88.80 38.96 -14.10
N TYR B 21 -87.83 38.26 -13.52
CA TYR B 21 -87.69 36.84 -13.82
C TYR B 21 -88.87 36.05 -13.29
N LEU B 22 -89.43 36.46 -12.14
CA LEU B 22 -90.63 35.83 -11.62
C LEU B 22 -91.81 36.03 -12.57
N GLN B 23 -91.94 37.23 -13.14
CA GLN B 23 -92.97 37.48 -14.14
C GLN B 23 -92.76 36.61 -15.37
N PHE B 24 -91.51 36.45 -15.79
CA PHE B 24 -91.22 35.56 -16.90
C PHE B 24 -91.65 34.13 -16.58
N VAL B 25 -91.39 33.68 -15.35
CA VAL B 25 -91.77 32.33 -14.95
C VAL B 25 -93.30 32.20 -14.94
N ALA B 26 -93.99 33.23 -14.45
CA ALA B 26 -95.44 33.20 -14.49
C ALA B 26 -95.96 33.19 -15.93
N ALA B 27 -95.30 33.93 -16.82
CA ALA B 27 -95.68 33.94 -18.22
C ALA B 27 -95.44 32.60 -18.90
N LEU B 28 -94.62 31.73 -18.30
CA LEU B 28 -94.39 30.42 -18.88
C LEU B 28 -95.68 29.61 -18.94
N THR B 29 -96.52 29.72 -17.92
CA THR B 29 -97.81 29.04 -17.92
C THR B 29 -98.87 29.74 -18.75
N ASP B 30 -98.61 30.95 -19.20
CA ASP B 30 -99.59 31.69 -19.99
C ASP B 30 -99.80 31.03 -21.34
N VAL B 31 -101.04 31.06 -21.81
CA VAL B 31 -101.37 30.46 -23.11
C VAL B 31 -101.23 31.47 -24.25
N ASN B 32 -101.41 32.76 -23.96
CA ASN B 32 -101.38 33.78 -25.00
C ASN B 32 -99.97 34.09 -25.48
N THR B 33 -98.98 33.90 -24.61
CA THR B 33 -97.61 34.30 -24.95
C THR B 33 -97.08 33.43 -26.09
N PRO B 34 -96.42 34.05 -27.08
CA PRO B 34 -95.81 33.26 -28.15
C PRO B 34 -94.71 32.35 -27.63
N ASP B 35 -94.53 31.21 -28.31
CA ASP B 35 -93.57 30.22 -27.85
C ASP B 35 -92.14 30.75 -27.92
N GLU B 36 -91.80 31.46 -29.01
CA GLU B 36 -90.45 32.00 -29.12
C GLU B 36 -90.17 33.05 -28.04
N THR B 37 -91.19 33.82 -27.66
CA THR B 37 -91.02 34.75 -26.54
C THR B 37 -90.71 34.02 -25.25
N LYS B 38 -91.42 32.91 -24.99
CA LYS B 38 -91.12 32.10 -23.81
C LYS B 38 -89.72 31.54 -23.87
N LEU B 39 -89.29 31.07 -25.04
CA LEU B 39 -87.95 30.51 -25.19
C LEU B 39 -86.88 31.57 -24.90
N LYS B 40 -87.07 32.78 -25.43
CA LYS B 40 -86.11 33.84 -25.16
C LYS B 40 -86.11 34.21 -23.68
N MET B 41 -87.30 34.29 -23.06
CA MET B 41 -87.38 34.63 -21.65
C MET B 41 -86.66 33.60 -20.80
N MET B 42 -86.86 32.31 -21.08
CA MET B 42 -86.22 31.28 -20.28
C MET B 42 -84.73 31.18 -20.57
N GLN B 43 -84.31 31.49 -21.80
CA GLN B 43 -82.88 31.56 -22.08
C GLN B 43 -82.23 32.67 -21.28
N GLU B 44 -82.91 33.83 -21.17
CA GLU B 44 -82.39 34.90 -20.33
C GLU B 44 -82.38 34.49 -18.87
N VAL B 45 -83.40 33.76 -18.43
CA VAL B 45 -83.45 33.32 -17.03
C VAL B 45 -82.31 32.36 -16.72
N SER B 46 -82.02 31.45 -17.65
CA SER B 46 -80.97 30.46 -17.42
C SER B 46 -79.60 31.12 -17.25
N GLU B 47 -79.31 32.15 -18.05
CA GLU B 47 -77.99 32.77 -18.01
C GLU B 47 -77.77 33.55 -16.71
N ASN B 48 -78.84 34.01 -16.07
CA ASN B 48 -78.72 34.94 -14.95
C ASN B 48 -78.94 34.28 -13.59
N PHE B 49 -78.83 32.95 -13.52
CA PHE B 49 -78.95 32.28 -12.23
C PHE B 49 -77.78 32.56 -11.30
N GLU B 50 -76.66 33.05 -11.84
CA GLU B 50 -75.54 33.43 -10.98
C GLU B 50 -75.93 34.60 -10.09
N ASN B 51 -76.64 35.59 -10.63
CA ASN B 51 -77.02 36.76 -9.86
C ASN B 51 -78.13 36.44 -8.86
N VAL B 52 -79.08 35.60 -9.25
CA VAL B 52 -80.25 35.34 -8.41
C VAL B 52 -79.85 34.63 -7.12
N THR B 53 -78.94 33.65 -7.22
CA THR B 53 -78.62 32.84 -6.06
C THR B 53 -77.91 33.61 -4.96
N SER B 54 -77.36 34.78 -5.26
CA SER B 54 -76.61 35.53 -4.26
C SER B 54 -77.54 36.14 -3.21
N SER B 55 -78.68 36.69 -3.63
CA SER B 55 -79.55 37.43 -2.73
C SER B 55 -80.32 36.47 -1.82
N PRO B 56 -80.65 36.93 -0.60
CA PRO B 56 -81.53 36.12 0.26
C PRO B 56 -82.92 35.90 -0.30
N GLN B 57 -83.35 36.72 -1.26
CA GLN B 57 -84.63 36.51 -1.91
C GLN B 57 -84.65 35.25 -2.77
N TYR B 58 -83.49 34.63 -2.99
CA TYR B 58 -83.42 33.40 -3.78
C TYR B 58 -84.29 32.30 -3.20
N SER B 59 -84.48 32.29 -1.87
CA SER B 59 -85.36 31.30 -1.26
C SER B 59 -86.80 31.52 -1.68
N THR B 60 -87.29 32.76 -1.57
CA THR B 60 -88.63 33.07 -2.06
C THR B 60 -88.71 32.89 -3.56
N PHE B 61 -87.61 33.22 -4.27
CA PHE B 61 -87.57 32.99 -5.71
C PHE B 61 -87.78 31.51 -6.03
N LEU B 62 -87.12 30.62 -5.29
CA LEU B 62 -87.33 29.20 -5.49
C LEU B 62 -88.77 28.81 -5.16
N GLU B 63 -89.28 29.27 -4.02
CA GLU B 63 -90.63 28.93 -3.59
C GLU B 63 -91.66 29.36 -4.63
N HIS B 64 -91.35 30.39 -5.41
CA HIS B 64 -92.26 30.82 -6.47
C HIS B 64 -92.04 30.04 -7.77
N ILE B 65 -90.78 29.84 -8.18
CA ILE B 65 -90.54 29.32 -9.52
C ILE B 65 -90.73 27.80 -9.58
N ILE B 66 -90.25 27.07 -8.58
CA ILE B 66 -90.25 25.61 -8.67
C ILE B 66 -91.67 25.05 -8.81
N PRO B 67 -92.66 25.47 -8.01
CA PRO B 67 -94.03 24.99 -8.28
C PRO B 67 -94.52 25.34 -9.67
N ARG B 68 -94.15 26.52 -10.17
CA ARG B 68 -94.59 26.91 -11.51
C ARG B 68 -93.94 26.06 -12.59
N PHE B 69 -92.64 25.79 -12.45
CA PHE B 69 -91.94 24.93 -13.40
C PHE B 69 -92.54 23.52 -13.40
N LEU B 70 -92.78 22.97 -12.21
CA LEU B 70 -93.35 21.64 -12.12
C LEU B 70 -94.75 21.60 -12.70
N THR B 71 -95.54 22.65 -12.47
CA THR B 71 -96.88 22.71 -13.02
C THR B 71 -96.85 22.76 -14.55
N PHE B 72 -95.96 23.58 -15.10
CA PHE B 72 -95.85 23.68 -16.55
C PHE B 72 -95.42 22.34 -17.15
N LEU B 73 -94.45 21.67 -16.52
CA LEU B 73 -94.02 20.38 -17.03
C LEU B 73 -95.12 19.34 -16.94
N GLN B 74 -95.90 19.37 -15.87
CA GLN B 74 -97.00 18.40 -15.71
C GLN B 74 -98.08 18.63 -16.75
N ASP B 75 -98.43 19.90 -17.01
CA ASP B 75 -99.55 20.18 -17.90
C ASP B 75 -99.23 19.85 -19.35
N GLY B 76 -97.97 19.99 -19.76
CA GLY B 76 -97.63 19.89 -21.16
C GLY B 76 -97.80 18.49 -21.70
N GLU B 77 -98.31 18.41 -22.93
CA GLU B 77 -98.28 17.17 -23.69
C GLU B 77 -96.84 16.80 -24.04
N VAL B 78 -96.50 15.52 -23.85
CA VAL B 78 -95.15 15.02 -24.13
C VAL B 78 -94.84 15.14 -25.62
N GLN B 79 -93.88 16.00 -25.95
CA GLN B 79 -93.47 16.22 -27.32
C GLN B 79 -92.40 15.21 -27.73
N PHE B 80 -92.31 14.93 -29.03
CA PHE B 80 -91.31 14.01 -29.56
C PHE B 80 -90.58 14.54 -30.79
N LEU B 81 -90.78 15.80 -31.16
CA LEU B 81 -90.05 16.41 -32.27
C LEU B 81 -89.06 17.42 -31.71
N GLN B 82 -87.79 17.30 -32.12
CA GLN B 82 -86.73 18.08 -31.50
C GLN B 82 -86.76 19.54 -31.94
N GLU B 83 -87.25 19.82 -33.14
CA GLU B 83 -87.30 21.20 -33.63
C GLU B 83 -88.54 21.95 -33.15
N LYS B 84 -89.48 21.27 -32.50
CA LYS B 84 -90.65 21.94 -31.98
C LYS B 84 -90.24 22.92 -30.88
N PRO B 85 -90.70 24.17 -30.93
CA PRO B 85 -90.40 25.10 -29.83
C PRO B 85 -90.85 24.61 -28.47
N ALA B 86 -91.98 23.89 -28.40
CA ALA B 86 -92.45 23.38 -27.12
C ALA B 86 -91.48 22.38 -26.52
N GLN B 87 -90.92 21.50 -27.36
CA GLN B 87 -89.94 20.53 -26.88
C GLN B 87 -88.70 21.24 -26.36
N GLN B 88 -88.23 22.26 -27.08
CA GLN B 88 -87.04 22.98 -26.65
C GLN B 88 -87.31 23.71 -25.34
N LEU B 89 -88.51 24.26 -25.19
CA LEU B 89 -88.86 24.93 -23.93
C LEU B 89 -88.88 23.94 -22.77
N ARG B 90 -89.45 22.75 -23.00
CA ARG B 90 -89.47 21.73 -21.95
C ARG B 90 -88.06 21.32 -21.56
N LYS B 91 -87.19 21.15 -22.55
CA LYS B 91 -85.80 20.77 -22.29
C LYS B 91 -85.07 21.87 -21.53
N LEU B 92 -85.28 23.13 -21.91
CA LEU B 92 -84.63 24.24 -21.23
C LEU B 92 -85.11 24.35 -19.79
N VAL B 93 -86.41 24.14 -19.55
CA VAL B 93 -86.93 24.17 -18.18
C VAL B 93 -86.31 23.06 -17.35
N LEU B 94 -86.21 21.84 -17.92
CA LEU B 94 -85.60 20.74 -17.19
C LEU B 94 -84.13 21.03 -16.89
N GLU B 95 -83.41 21.58 -17.86
CA GLU B 95 -82.01 21.91 -17.64
C GLU B 95 -81.86 23.02 -16.60
N ILE B 96 -82.79 23.96 -16.57
CA ILE B 96 -82.78 25.00 -15.54
C ILE B 96 -82.97 24.40 -14.16
N ILE B 97 -83.91 23.47 -14.03
CA ILE B 97 -84.12 22.77 -12.77
C ILE B 97 -82.86 22.02 -12.37
N HIS B 98 -82.20 21.38 -13.34
CA HIS B 98 -80.95 20.67 -13.05
C HIS B 98 -79.86 21.62 -12.59
N ARG B 99 -79.78 22.80 -13.20
CA ARG B 99 -78.71 23.74 -12.87
C ARG B 99 -78.91 24.39 -11.51
N ILE B 100 -80.11 24.30 -10.95
CA ILE B 100 -80.40 24.94 -9.67
C ILE B 100 -79.45 24.40 -8.60
N PRO B 101 -78.78 25.25 -7.84
CA PRO B 101 -77.83 24.75 -6.82
C PRO B 101 -78.54 23.88 -5.80
N THR B 102 -77.81 22.90 -5.28
CA THR B 102 -78.35 21.87 -4.39
C THR B 102 -78.08 22.17 -2.92
N ASN B 103 -78.16 23.43 -2.52
CA ASN B 103 -78.02 23.79 -1.12
C ASN B 103 -79.32 23.45 -0.38
N GLU B 104 -79.40 23.86 0.90
CA GLU B 104 -80.55 23.50 1.73
C GLU B 104 -81.85 24.18 1.28
N HIS B 105 -81.77 25.22 0.44
CA HIS B 105 -82.98 25.86 -0.03
C HIS B 105 -83.78 24.95 -0.95
N LEU B 106 -83.11 24.03 -1.63
CA LEU B 106 -83.77 23.08 -2.52
C LEU B 106 -84.50 21.97 -1.76
N ARG B 107 -84.21 21.81 -0.47
CA ARG B 107 -84.79 20.69 0.29
C ARG B 107 -86.31 20.66 0.31
N PRO B 108 -87.03 21.75 0.60
CA PRO B 108 -88.50 21.66 0.62
C PRO B 108 -89.10 21.23 -0.70
N HIS B 109 -88.51 21.64 -1.82
CA HIS B 109 -89.00 21.29 -3.14
C HIS B 109 -88.49 19.95 -3.64
N THR B 110 -87.57 19.32 -2.90
CA THR B 110 -86.93 18.10 -3.38
C THR B 110 -87.94 16.96 -3.56
N LYS B 111 -88.86 16.80 -2.61
CA LYS B 111 -89.84 15.73 -2.71
C LYS B 111 -90.72 15.89 -3.95
N ASN B 112 -91.22 17.10 -4.17
CA ASN B 112 -92.07 17.35 -5.33
C ASN B 112 -91.31 17.17 -6.63
N VAL B 113 -90.08 17.68 -6.69
CA VAL B 113 -89.28 17.55 -7.91
C VAL B 113 -89.00 16.08 -8.20
N LEU B 114 -88.64 15.32 -7.17
CA LEU B 114 -88.35 13.90 -7.37
C LEU B 114 -89.58 13.15 -7.84
N SER B 115 -90.74 13.43 -7.26
CA SER B 115 -91.97 12.76 -7.69
C SER B 115 -92.29 13.11 -9.14
N VAL B 116 -92.16 14.38 -9.51
CA VAL B 116 -92.45 14.80 -10.88
C VAL B 116 -91.50 14.12 -11.87
N MET B 117 -90.21 14.08 -11.54
CA MET B 117 -89.25 13.44 -12.44
C MET B 117 -89.53 11.95 -12.56
N PHE B 118 -89.81 11.28 -11.43
CA PHE B 118 -90.10 9.86 -11.49
C PHE B 118 -91.36 9.59 -12.30
N ARG B 119 -92.30 10.53 -12.32
CA ARG B 119 -93.47 10.34 -13.18
C ARG B 119 -93.10 10.53 -14.65
N PHE B 120 -92.18 11.46 -14.94
CA PHE B 120 -91.79 11.68 -16.34
C PHE B 120 -90.97 10.53 -16.90
N LEU B 121 -90.24 9.81 -16.04
CA LEU B 121 -89.44 8.69 -16.54
C LEU B 121 -90.29 7.67 -17.28
N GLU B 122 -91.49 7.40 -16.77
CA GLU B 122 -92.40 6.47 -17.41
C GLU B 122 -92.89 6.93 -18.79
N THR B 123 -93.04 8.23 -19.02
CA THR B 123 -93.74 8.70 -20.21
C THR B 123 -92.98 9.62 -21.16
N GLU B 124 -91.90 10.28 -20.75
CA GLU B 124 -91.37 11.28 -21.65
C GLU B 124 -90.27 10.74 -22.58
N ASN B 125 -89.81 11.60 -23.49
CA ASN B 125 -88.80 11.32 -24.50
C ASN B 125 -87.40 11.16 -23.93
N GLU B 126 -86.51 10.64 -24.78
CA GLU B 126 -85.12 10.36 -24.43
C GLU B 126 -84.39 11.57 -23.85
N GLU B 127 -84.43 12.72 -24.52
CA GLU B 127 -83.70 13.87 -24.01
C GLU B 127 -84.18 14.25 -22.62
N ASN B 128 -85.50 14.34 -22.46
CA ASN B 128 -86.08 14.72 -21.18
C ASN B 128 -85.86 13.65 -20.14
N VAL B 129 -85.99 12.37 -20.50
CA VAL B 129 -85.78 11.31 -19.53
C VAL B 129 -84.34 11.32 -19.05
N LEU B 130 -83.39 11.46 -19.96
CA LEU B 130 -81.98 11.52 -19.56
C LEU B 130 -81.71 12.69 -18.61
N ILE B 131 -82.29 13.86 -18.89
CA ILE B 131 -82.11 14.99 -17.99
C ILE B 131 -82.76 14.72 -16.65
N CYS B 132 -83.97 14.13 -16.65
CA CYS B 132 -84.65 13.81 -15.41
C CYS B 132 -83.84 12.82 -14.59
N LEU B 133 -83.23 11.83 -15.24
CA LEU B 133 -82.38 10.87 -14.55
C LEU B 133 -81.17 11.56 -13.94
N ARG B 134 -80.58 12.52 -14.65
CA ARG B 134 -79.46 13.27 -14.08
C ARG B 134 -79.92 14.05 -12.86
N ILE B 135 -81.09 14.68 -12.93
CA ILE B 135 -81.63 15.42 -11.81
C ILE B 135 -81.85 14.50 -10.62
N ILE B 136 -82.41 13.31 -10.87
CA ILE B 136 -82.66 12.35 -9.81
C ILE B 136 -81.35 11.92 -9.16
N ILE B 137 -80.34 11.64 -9.97
CA ILE B 137 -79.04 11.25 -9.43
C ILE B 137 -78.49 12.33 -8.53
N GLU B 138 -78.51 13.58 -9.01
CA GLU B 138 -77.95 14.69 -8.24
C GLU B 138 -78.70 14.87 -6.93
N LEU B 139 -80.04 14.88 -6.98
CA LEU B 139 -80.83 15.10 -5.78
C LEU B 139 -80.63 13.98 -4.77
N HIS B 140 -80.62 12.73 -5.22
CA HIS B 140 -80.44 11.62 -4.29
C HIS B 140 -79.03 11.60 -3.71
N LYS B 141 -78.03 12.02 -4.50
CA LYS B 141 -76.66 12.06 -3.97
C LYS B 141 -76.52 13.14 -2.92
N GLN B 142 -77.06 14.34 -3.19
CA GLN B 142 -76.84 15.46 -2.28
C GLN B 142 -77.72 15.36 -1.04
N PHE B 143 -79.02 15.11 -1.22
CA PHE B 143 -79.96 15.20 -0.12
C PHE B 143 -80.22 13.86 0.57
N ARG B 144 -80.23 12.76 -0.19
CA ARG B 144 -80.46 11.42 0.34
C ARG B 144 -81.80 11.36 1.08
N PRO B 145 -82.92 11.45 0.37
CA PRO B 145 -84.22 11.39 1.03
C PRO B 145 -84.55 9.97 1.46
N PRO B 146 -85.49 9.81 2.40
CA PRO B 146 -85.89 8.45 2.81
C PRO B 146 -86.68 7.75 1.73
N ILE B 147 -86.86 6.44 1.92
CA ILE B 147 -87.44 5.60 0.89
C ILE B 147 -88.93 5.89 0.75
N THR B 148 -89.41 5.93 -0.49
CA THR B 148 -90.81 6.13 -0.80
C THR B 148 -91.26 5.07 -1.80
N GLN B 149 -92.56 5.05 -2.08
CA GLN B 149 -93.11 4.10 -3.03
C GLN B 149 -92.65 4.39 -4.45
N GLU B 150 -92.34 5.65 -4.76
CA GLU B 150 -91.84 6.00 -6.07
C GLU B 150 -90.55 5.27 -6.40
N ILE B 151 -89.72 4.98 -5.39
CA ILE B 151 -88.50 4.24 -5.62
C ILE B 151 -88.79 2.82 -6.06
N HIS B 152 -89.74 2.16 -5.39
CA HIS B 152 -90.13 0.81 -5.81
C HIS B 152 -90.77 0.83 -7.20
N HIS B 153 -91.56 1.86 -7.50
CA HIS B 153 -92.13 1.96 -8.82
C HIS B 153 -91.06 2.17 -9.89
N PHE B 154 -90.01 2.91 -9.56
CA PHE B 154 -88.87 3.04 -10.45
C PHE B 154 -88.18 1.70 -10.68
N LEU B 155 -87.92 0.97 -9.61
CA LEU B 155 -87.29 -0.35 -9.76
C LEU B 155 -88.15 -1.27 -10.61
N ASP B 156 -89.48 -1.19 -10.46
CA ASP B 156 -90.36 -1.99 -11.29
C ASP B 156 -90.31 -1.53 -12.75
N PHE B 157 -90.18 -0.24 -12.97
CA PHE B 157 -90.06 0.30 -14.32
C PHE B 157 -88.77 -0.18 -14.98
N VAL B 158 -87.68 -0.21 -14.22
CA VAL B 158 -86.41 -0.73 -14.73
C VAL B 158 -86.52 -2.21 -15.06
N LYS B 159 -87.16 -2.98 -14.19
CA LYS B 159 -87.35 -4.40 -14.48
C LYS B 159 -88.22 -4.60 -15.72
N GLN B 160 -89.24 -3.76 -15.89
CA GLN B 160 -90.07 -3.83 -17.08
C GLN B 160 -89.28 -3.51 -18.33
N ILE B 161 -88.37 -2.52 -18.26
CA ILE B 161 -87.51 -2.21 -19.39
C ILE B 161 -86.61 -3.39 -19.72
N TYR B 162 -86.04 -4.03 -18.69
CA TYR B 162 -85.19 -5.18 -18.92
C TYR B 162 -85.96 -6.31 -19.60
N LYS B 163 -87.19 -6.54 -19.17
CA LYS B 163 -88.02 -7.57 -19.82
C LYS B 163 -88.38 -7.17 -21.25
N GLU B 164 -88.60 -5.88 -21.49
CA GLU B 164 -88.97 -5.40 -22.82
C GLU B 164 -87.80 -5.36 -23.78
N LEU B 165 -86.57 -5.44 -23.27
CA LEU B 165 -85.39 -5.28 -24.13
C LEU B 165 -85.37 -6.24 -25.31
N PRO B 166 -85.67 -7.55 -25.16
CA PRO B 166 -85.68 -8.42 -26.35
C PRO B 166 -86.67 -7.97 -27.42
N LYS B 167 -87.82 -7.41 -27.02
CA LYS B 167 -88.76 -6.89 -28.01
C LYS B 167 -88.18 -5.69 -28.74
N VAL B 168 -87.53 -4.77 -28.01
CA VAL B 168 -86.85 -3.64 -28.63
C VAL B 168 -85.77 -4.13 -29.60
N VAL B 169 -84.99 -5.11 -29.18
CA VAL B 169 -83.93 -5.64 -30.03
C VAL B 169 -84.51 -6.22 -31.30
N ASN B 170 -85.56 -7.02 -31.17
CA ASN B 170 -86.20 -7.59 -32.35
C ASN B 170 -86.71 -6.49 -33.27
N ARG B 171 -87.44 -5.52 -32.71
CA ARG B 171 -88.04 -4.47 -33.51
C ARG B 171 -87.00 -3.69 -34.32
N TYR B 172 -85.94 -3.22 -33.66
CA TYR B 172 -84.98 -2.41 -34.39
C TYR B 172 -83.98 -3.23 -35.20
N PHE B 173 -83.29 -4.20 -34.58
CA PHE B 173 -82.28 -4.95 -35.32
C PHE B 173 -82.88 -6.05 -36.17
N GLU B 174 -83.72 -6.91 -35.60
CA GLU B 174 -84.08 -8.15 -36.28
C GLU B 174 -85.07 -7.92 -37.41
N ASN B 175 -86.06 -7.05 -37.21
CA ASN B 175 -87.08 -6.76 -38.22
C ASN B 175 -87.20 -5.25 -38.39
N PRO B 176 -86.24 -4.62 -39.06
CA PRO B 176 -86.32 -3.18 -39.28
C PRO B 176 -87.48 -2.80 -40.20
N GLN B 177 -88.01 -1.60 -39.97
CA GLN B 177 -89.12 -1.06 -40.74
C GLN B 177 -88.65 0.13 -41.55
N VAL B 178 -89.03 0.17 -42.82
CA VAL B 178 -88.68 1.28 -43.70
C VAL B 178 -89.64 2.44 -43.41
N ILE B 179 -89.09 3.57 -42.98
CA ILE B 179 -89.91 4.76 -42.72
C ILE B 179 -90.48 5.27 -44.04
N PRO B 180 -91.79 5.47 -44.15
CA PRO B 180 -92.36 5.99 -45.39
C PRO B 180 -91.75 7.34 -45.77
N GLU B 181 -91.40 7.47 -47.05
CA GLU B 181 -90.70 8.65 -47.52
C GLU B 181 -91.61 9.88 -47.44
N ASN B 182 -91.00 11.03 -47.12
CA ASN B 182 -91.66 12.33 -47.00
C ASN B 182 -92.70 12.37 -45.89
N THR B 183 -92.69 11.40 -44.98
CA THR B 183 -93.63 11.35 -43.87
C THR B 183 -92.87 11.46 -42.55
N VAL B 184 -93.61 11.79 -41.50
CA VAL B 184 -93.07 11.88 -40.14
C VAL B 184 -93.48 10.62 -39.40
N PRO B 185 -92.55 9.72 -39.08
CA PRO B 185 -92.92 8.47 -38.44
C PRO B 185 -93.24 8.68 -36.97
N PRO B 186 -94.04 7.79 -36.38
CA PRO B 186 -94.26 7.85 -34.94
C PRO B 186 -92.97 7.53 -34.20
N PRO B 187 -92.79 8.05 -32.99
CA PRO B 187 -91.54 7.81 -32.25
C PRO B 187 -91.29 6.35 -31.90
N GLU B 188 -92.32 5.51 -31.91
CA GLU B 188 -92.17 4.11 -31.53
C GLU B 188 -91.47 3.26 -32.58
N MET B 189 -91.13 3.83 -33.75
CA MET B 189 -90.43 3.07 -34.78
C MET B 189 -89.08 3.68 -35.12
N VAL B 190 -88.56 4.58 -34.28
CA VAL B 190 -87.18 5.05 -34.37
C VAL B 190 -86.45 4.66 -33.09
N GLY B 191 -85.18 4.29 -33.23
CA GLY B 191 -84.38 3.88 -32.09
C GLY B 191 -83.49 4.97 -31.53
N MET B 192 -83.31 6.05 -32.27
CA MET B 192 -82.45 7.14 -31.83
C MET B 192 -82.90 8.41 -32.54
N ILE B 193 -82.28 9.52 -32.15
CA ILE B 193 -82.62 10.82 -32.73
C ILE B 193 -82.30 10.79 -34.22
N THR B 194 -83.34 10.80 -35.05
CA THR B 194 -83.21 10.69 -36.50
C THR B 194 -83.78 11.93 -37.15
N THR B 195 -83.02 12.50 -38.08
CA THR B 195 -83.45 13.69 -38.82
C THR B 195 -84.05 13.28 -40.16
N ILE B 196 -85.21 13.84 -40.48
CA ILE B 196 -85.90 13.55 -41.74
C ILE B 196 -86.29 14.87 -42.40
N ALA B 197 -86.44 14.82 -43.72
CA ALA B 197 -86.85 15.97 -44.51
C ALA B 197 -88.17 15.68 -45.20
N VAL B 198 -89.08 16.66 -45.17
CA VAL B 198 -90.41 16.50 -45.72
C VAL B 198 -90.70 17.66 -46.67
N LYS B 199 -91.16 17.34 -47.87
CA LYS B 199 -91.70 18.33 -48.78
C LYS B 199 -93.20 18.47 -48.56
N VAL B 200 -93.67 19.71 -48.45
CA VAL B 200 -95.05 19.95 -48.04
C VAL B 200 -96.03 19.37 -49.06
N ASN B 201 -95.79 19.62 -50.34
CA ASN B 201 -96.69 19.15 -51.38
C ASN B 201 -96.06 17.99 -52.15
N PRO B 202 -96.59 16.77 -52.01
CA PRO B 202 -96.05 15.65 -52.80
C PRO B 202 -96.55 15.62 -54.23
N GLU B 203 -97.46 16.52 -54.62
CA GLU B 203 -97.99 16.52 -55.97
C GLU B 203 -96.97 16.97 -57.01
N ARG B 204 -95.94 17.70 -56.58
CA ARG B 204 -94.95 18.25 -57.49
C ARG B 204 -93.55 17.97 -56.94
N GLU B 205 -92.57 17.95 -57.85
CA GLU B 205 -91.19 17.79 -57.44
C GLU B 205 -90.67 19.03 -56.73
N ASP B 206 -91.23 20.20 -57.05
CA ASP B 206 -90.85 21.45 -56.40
C ASP B 206 -91.94 21.84 -55.40
N SER B 207 -91.55 21.99 -54.14
CA SER B 207 -92.50 22.32 -53.08
C SER B 207 -91.71 22.87 -51.90
N GLU B 208 -92.45 23.45 -50.95
CA GLU B 208 -91.84 23.93 -49.72
C GLU B 208 -91.22 22.77 -48.95
N THR B 209 -90.01 22.99 -48.43
CA THR B 209 -89.23 21.95 -47.78
C THR B 209 -89.13 22.24 -46.28
N ARG B 210 -89.45 21.23 -45.47
CA ARG B 210 -89.31 21.32 -44.03
C ARG B 210 -88.59 20.08 -43.51
N THR B 211 -87.82 20.26 -42.45
CA THR B 211 -87.02 19.19 -41.86
C THR B 211 -87.41 18.99 -40.40
N HIS B 212 -87.43 17.74 -39.95
CA HIS B 212 -87.82 17.41 -38.59
C HIS B 212 -86.88 16.36 -38.03
N SER B 213 -86.73 16.36 -36.71
CA SER B 213 -85.94 15.37 -35.99
C SER B 213 -86.81 14.69 -34.95
N ILE B 214 -86.84 13.36 -34.99
CA ILE B 214 -87.74 12.56 -34.16
C ILE B 214 -86.95 11.96 -33.01
N ILE B 215 -87.43 12.18 -31.79
CA ILE B 215 -86.78 11.68 -30.58
C ILE B 215 -87.50 10.41 -30.16
N PRO B 216 -86.79 9.30 -29.93
CA PRO B 216 -87.47 8.06 -29.52
C PRO B 216 -88.09 8.14 -28.14
N ARG B 217 -89.01 7.22 -27.89
CA ARG B 217 -89.65 7.12 -26.59
C ARG B 217 -88.65 6.65 -25.54
N GLY B 218 -88.70 7.29 -24.36
CA GLY B 218 -87.78 6.95 -23.29
C GLY B 218 -87.87 5.52 -22.81
N SER B 219 -89.02 4.88 -22.99
CA SER B 219 -89.17 3.47 -22.62
C SER B 219 -88.55 2.52 -23.62
N LEU B 220 -88.24 3.00 -24.82
CA LEU B 220 -87.59 2.19 -25.84
C LEU B 220 -86.15 2.58 -26.12
N SER B 221 -85.76 3.82 -25.82
CA SER B 221 -84.39 4.27 -26.07
C SER B 221 -83.39 3.45 -25.24
N LEU B 222 -82.32 3.01 -25.90
CA LEU B 222 -81.27 2.26 -25.23
C LEU B 222 -80.32 3.14 -24.44
N LYS B 223 -80.25 4.44 -24.74
CA LYS B 223 -79.44 5.33 -23.94
C LYS B 223 -79.96 5.42 -22.51
N VAL B 224 -81.28 5.44 -22.35
CA VAL B 224 -81.87 5.41 -21.01
C VAL B 224 -81.50 4.12 -20.31
N LEU B 225 -81.56 3.00 -21.04
CA LEU B 225 -81.19 1.71 -20.45
C LEU B 225 -79.73 1.71 -20.02
N ALA B 226 -78.87 2.38 -20.78
CA ALA B 226 -77.47 2.49 -20.39
C ALA B 226 -77.32 3.32 -19.12
N GLU B 227 -78.11 4.39 -19.00
CA GLU B 227 -78.01 5.27 -17.85
C GLU B 227 -78.66 4.69 -16.59
N LEU B 228 -79.54 3.70 -16.74
CA LEU B 228 -80.27 3.18 -15.58
C LEU B 228 -79.39 2.51 -14.53
N PRO B 229 -78.46 1.60 -14.86
CA PRO B 229 -77.81 0.81 -13.81
C PRO B 229 -77.07 1.62 -12.76
N ILE B 230 -76.50 2.76 -13.11
CA ILE B 230 -75.82 3.57 -12.10
C ILE B 230 -76.82 4.10 -11.08
N ILE B 231 -78.05 4.39 -11.51
CA ILE B 231 -79.07 4.84 -10.59
C ILE B 231 -79.49 3.71 -9.65
N VAL B 232 -79.57 2.49 -10.18
CA VAL B 232 -79.90 1.35 -9.34
C VAL B 232 -78.81 1.11 -8.31
N VAL B 233 -77.55 1.25 -8.72
CA VAL B 233 -76.44 1.09 -7.78
C VAL B 233 -76.49 2.16 -6.70
N LEU B 234 -76.75 3.41 -7.09
CA LEU B 234 -76.84 4.49 -6.11
C LEU B 234 -77.96 4.24 -5.12
N MET B 235 -79.13 3.83 -5.60
CA MET B 235 -80.24 3.59 -4.69
C MET B 235 -80.02 2.35 -3.82
N TYR B 236 -79.27 1.37 -4.32
CA TYR B 236 -78.89 0.25 -3.47
C TYR B 236 -77.94 0.70 -2.38
N GLN B 237 -77.05 1.66 -2.69
CA GLN B 237 -76.16 2.18 -1.66
C GLN B 237 -76.94 2.95 -0.61
N LEU B 238 -77.92 3.74 -1.03
CA LEU B 238 -78.69 4.54 -0.08
C LEU B 238 -79.71 3.70 0.70
N TYR B 239 -80.32 2.71 0.04
CA TYR B 239 -81.42 1.93 0.62
C TYR B 239 -81.07 0.45 0.73
N LYS B 240 -79.82 0.14 1.09
CA LYS B 240 -79.33 -1.23 1.13
C LYS B 240 -80.20 -2.17 1.95
N LEU B 241 -80.66 -1.71 3.12
CA LEU B 241 -81.47 -2.56 4.00
C LEU B 241 -82.90 -2.77 3.54
N ASN B 242 -83.42 -1.93 2.64
CA ASN B 242 -84.81 -2.03 2.22
C ASN B 242 -85.03 -2.78 0.91
N ILE B 243 -84.26 -2.46 -0.13
CA ILE B 243 -84.47 -3.02 -1.46
C ILE B 243 -83.55 -4.21 -1.75
N HIS B 244 -82.97 -4.83 -0.72
CA HIS B 244 -82.08 -5.96 -0.95
C HIS B 244 -82.78 -7.12 -1.65
N ASN B 245 -84.00 -7.44 -1.24
CA ASN B 245 -84.73 -8.53 -1.90
C ASN B 245 -85.21 -8.15 -3.30
N VAL B 246 -85.45 -6.86 -3.53
CA VAL B 246 -85.91 -6.41 -4.85
C VAL B 246 -84.79 -6.52 -5.88
N VAL B 247 -83.57 -6.14 -5.50
CA VAL B 247 -82.42 -6.21 -6.41
C VAL B 247 -82.10 -7.65 -6.81
N ALA B 248 -82.43 -8.63 -5.96
CA ALA B 248 -82.22 -10.03 -6.31
C ALA B 248 -82.95 -10.42 -7.60
N GLU B 249 -84.07 -9.77 -7.90
CA GLU B 249 -84.79 -10.07 -9.13
C GLU B 249 -84.05 -9.61 -10.38
N PHE B 250 -83.15 -8.64 -10.25
CA PHE B 250 -82.42 -8.13 -11.41
C PHE B 250 -81.41 -9.12 -11.95
N VAL B 251 -80.85 -9.98 -11.09
CA VAL B 251 -79.77 -10.87 -11.52
C VAL B 251 -80.14 -11.73 -12.72
N PRO B 252 -81.26 -12.46 -12.74
CA PRO B 252 -81.62 -13.18 -13.98
C PRO B 252 -81.87 -12.24 -15.15
N LEU B 253 -82.43 -11.06 -14.89
CA LEU B 253 -82.62 -10.11 -15.98
C LEU B 253 -81.27 -9.63 -16.51
N ILE B 254 -80.31 -9.42 -15.62
CA ILE B 254 -78.97 -9.01 -16.04
C ILE B 254 -78.33 -10.09 -16.90
N MET B 255 -78.45 -11.36 -16.48
CA MET B 255 -77.85 -12.44 -17.25
C MET B 255 -78.50 -12.59 -18.61
N ASN B 256 -79.83 -12.48 -18.67
CA ASN B 256 -80.51 -12.55 -19.96
C ASN B 256 -80.10 -11.37 -20.85
N THR B 257 -79.94 -10.19 -20.26
CA THR B 257 -79.56 -9.02 -21.05
C THR B 257 -78.17 -9.20 -21.65
N ILE B 258 -77.20 -9.62 -20.84
CA ILE B 258 -75.86 -9.80 -21.37
C ILE B 258 -75.79 -10.98 -22.33
N ALA B 259 -76.72 -11.94 -22.23
CA ALA B 259 -76.74 -13.06 -23.14
C ALA B 259 -77.21 -12.68 -24.54
N ILE B 260 -77.95 -11.58 -24.68
CA ILE B 260 -78.58 -11.25 -25.96
C ILE B 260 -77.50 -10.86 -26.97
N GLN B 261 -77.58 -11.43 -28.17
CA GLN B 261 -76.69 -11.10 -29.26
C GLN B 261 -77.50 -10.83 -30.53
N VAL B 262 -77.10 -9.79 -31.25
CA VAL B 262 -77.74 -9.50 -32.53
C VAL B 262 -77.29 -10.51 -33.57
N SER B 263 -78.25 -11.07 -34.31
CA SER B 263 -77.93 -12.11 -35.28
C SER B 263 -77.06 -11.56 -36.40
N ALA B 264 -76.27 -12.46 -36.99
CA ALA B 264 -75.38 -12.05 -38.07
C ALA B 264 -76.15 -11.55 -39.28
N GLN B 265 -77.32 -12.12 -39.55
CA GLN B 265 -78.12 -11.67 -40.68
C GLN B 265 -78.58 -10.23 -40.49
N ALA B 266 -78.94 -9.86 -39.26
CA ALA B 266 -79.43 -8.51 -38.99
C ALA B 266 -78.35 -7.47 -39.25
N ARG B 267 -77.10 -7.79 -38.89
CA ARG B 267 -76.02 -6.83 -39.07
C ARG B 267 -75.74 -6.57 -40.54
N GLN B 268 -76.03 -7.53 -41.41
CA GLN B 268 -75.79 -7.41 -42.83
C GLN B 268 -76.98 -6.82 -43.59
N HIS B 269 -78.05 -6.45 -42.88
CA HIS B 269 -79.24 -5.94 -43.54
C HIS B 269 -78.99 -4.56 -44.13
N LYS B 270 -79.84 -4.18 -45.09
CA LYS B 270 -79.72 -2.86 -45.71
C LYS B 270 -80.15 -1.74 -44.79
N LEU B 271 -80.92 -2.04 -43.73
CA LEU B 271 -81.40 -1.03 -42.81
C LEU B 271 -80.65 -1.02 -41.49
N TYR B 272 -79.52 -1.72 -41.43
CA TYR B 272 -78.74 -1.81 -40.20
C TYR B 272 -78.16 -0.45 -39.82
N ASN B 273 -78.23 -0.12 -38.54
CA ASN B 273 -77.74 1.13 -38.00
C ASN B 273 -76.58 0.84 -37.06
N LYS B 274 -75.41 1.43 -37.35
CA LYS B 274 -74.23 1.16 -36.54
C LYS B 274 -74.28 1.89 -35.20
N GLU B 275 -74.81 3.11 -35.19
CA GLU B 275 -74.88 3.87 -33.95
C GLU B 275 -75.86 3.25 -32.96
N LEU B 276 -76.97 2.73 -33.46
CA LEU B 276 -77.92 2.04 -32.59
C LEU B 276 -77.31 0.77 -32.00
N TYR B 277 -76.54 0.04 -32.80
CA TYR B 277 -75.84 -1.13 -32.26
C TYR B 277 -74.80 -0.72 -31.23
N ALA B 278 -74.11 0.39 -31.46
CA ALA B 278 -73.16 0.88 -30.47
C ALA B 278 -73.86 1.21 -29.16
N ASP B 279 -75.03 1.85 -29.24
CA ASP B 279 -75.79 2.13 -28.03
C ASP B 279 -76.25 0.86 -27.33
N PHE B 280 -76.65 -0.15 -28.11
CA PHE B 280 -77.06 -1.43 -27.52
C PHE B 280 -75.90 -2.10 -26.79
N ILE B 281 -74.72 -2.10 -27.40
CA ILE B 281 -73.55 -2.71 -26.77
C ILE B 281 -73.17 -1.91 -25.52
N ALA B 282 -73.32 -0.59 -25.57
CA ALA B 282 -73.07 0.22 -24.39
C ALA B 282 -74.01 -0.15 -23.25
N ALA B 283 -75.29 -0.36 -23.58
CA ALA B 283 -76.25 -0.77 -22.55
C ALA B 283 -75.87 -2.12 -21.95
N GLN B 284 -75.45 -3.07 -22.80
CA GLN B 284 -75.05 -4.37 -22.27
C GLN B 284 -73.83 -4.25 -21.36
N ILE B 285 -72.86 -3.41 -21.74
CA ILE B 285 -71.65 -3.26 -20.93
C ILE B 285 -71.97 -2.57 -19.61
N LYS B 286 -72.88 -1.59 -19.63
CA LYS B 286 -73.32 -0.97 -18.39
C LYS B 286 -74.02 -1.99 -17.49
N THR B 287 -74.79 -2.89 -18.09
CA THR B 287 -75.42 -3.96 -17.33
C THR B 287 -74.38 -4.88 -16.70
N LEU B 288 -73.32 -5.18 -17.45
CA LEU B 288 -72.25 -6.00 -16.89
C LEU B 288 -71.52 -5.28 -15.76
N SER B 289 -71.37 -3.96 -15.85
CA SER B 289 -70.79 -3.22 -14.74
C SER B 289 -71.69 -3.28 -13.50
N PHE B 290 -73.00 -3.20 -13.71
CA PHE B 290 -73.94 -3.40 -12.61
C PHE B 290 -73.78 -4.77 -11.98
N LEU B 291 -73.64 -5.80 -12.81
CA LEU B 291 -73.40 -7.15 -12.29
C LEU B 291 -72.11 -7.22 -11.49
N ALA B 292 -71.04 -6.61 -12.02
CA ALA B 292 -69.76 -6.63 -11.32
C ALA B 292 -69.84 -5.90 -10.00
N TYR B 293 -70.71 -4.89 -9.89
CA TYR B 293 -70.91 -4.26 -8.58
C TYR B 293 -71.65 -5.19 -7.63
N ILE B 294 -72.71 -5.85 -8.09
CA ILE B 294 -73.52 -6.69 -7.21
C ILE B 294 -73.03 -8.14 -7.13
N ILE B 295 -71.93 -8.47 -7.81
CA ILE B 295 -71.48 -9.87 -7.85
C ILE B 295 -71.12 -10.39 -6.45
N ARG B 296 -70.49 -9.57 -5.62
CA ARG B 296 -70.10 -10.01 -4.29
C ARG B 296 -71.25 -10.07 -3.30
N ILE B 297 -72.33 -9.34 -3.52
CA ILE B 297 -73.44 -9.33 -2.57
C ILE B 297 -74.37 -10.51 -2.81
N TYR B 298 -74.74 -10.76 -4.06
CA TYR B 298 -75.64 -11.83 -4.45
C TYR B 298 -74.92 -13.02 -5.07
N GLN B 299 -73.72 -13.33 -4.58
CA GLN B 299 -72.85 -14.33 -5.20
C GLN B 299 -73.49 -15.70 -5.37
N GLU B 300 -74.37 -16.12 -4.45
CA GLU B 300 -75.01 -17.42 -4.63
C GLU B 300 -75.94 -17.44 -5.84
N LEU B 301 -76.79 -16.42 -5.96
CA LEU B 301 -77.71 -16.35 -7.09
C LEU B 301 -76.95 -16.11 -8.39
N VAL B 302 -75.92 -15.27 -8.36
CA VAL B 302 -75.11 -15.04 -9.55
C VAL B 302 -74.43 -16.34 -9.96
N THR B 303 -73.95 -17.11 -8.98
CA THR B 303 -73.32 -18.40 -9.25
C THR B 303 -74.29 -19.35 -9.94
N LYS B 304 -75.56 -19.34 -9.52
CA LYS B 304 -76.54 -20.22 -10.14
C LYS B 304 -76.71 -19.92 -11.62
N TYR B 305 -76.57 -18.65 -12.03
CA TYR B 305 -76.74 -18.23 -13.41
C TYR B 305 -75.42 -18.02 -14.16
N SER B 306 -74.27 -18.35 -13.55
CA SER B 306 -72.98 -17.97 -14.11
C SER B 306 -72.72 -18.61 -15.47
N GLN B 307 -73.30 -19.77 -15.74
CA GLN B 307 -73.01 -20.48 -16.99
C GLN B 307 -73.39 -19.64 -18.20
N GLN B 308 -74.48 -18.88 -18.10
CA GLN B 308 -74.82 -17.97 -19.17
C GLN B 308 -73.96 -16.71 -19.14
N MET B 309 -73.48 -16.33 -17.95
CA MET B 309 -72.67 -15.13 -17.82
C MET B 309 -71.35 -15.25 -18.56
N VAL B 310 -70.69 -16.41 -18.45
CA VAL B 310 -69.44 -16.63 -19.18
C VAL B 310 -69.64 -16.42 -20.67
N LYS B 311 -70.67 -17.05 -21.24
CA LYS B 311 -71.00 -16.84 -22.66
C LYS B 311 -71.26 -15.38 -22.94
N GLY B 312 -72.10 -14.75 -22.13
CA GLY B 312 -72.52 -13.39 -22.42
C GLY B 312 -71.35 -12.42 -22.47
N MET B 313 -70.46 -12.49 -21.49
CA MET B 313 -69.32 -11.58 -21.48
C MET B 313 -68.25 -11.95 -22.51
N LEU B 314 -68.08 -13.23 -22.83
CA LEU B 314 -67.22 -13.57 -23.97
C LEU B 314 -67.77 -12.97 -25.26
N GLN B 315 -69.09 -12.94 -25.38
CA GLN B 315 -69.71 -12.39 -26.59
C GLN B 315 -69.62 -10.86 -26.59
N LEU B 316 -69.77 -10.24 -25.43
CA LEU B 316 -69.52 -8.81 -25.31
C LEU B 316 -68.10 -8.47 -25.75
N LEU B 317 -67.13 -9.30 -25.39
CA LEU B 317 -65.75 -9.05 -25.80
C LEU B 317 -65.60 -9.21 -27.31
N SER B 318 -66.15 -10.28 -27.87
CA SER B 318 -66.13 -10.45 -29.33
C SER B 318 -66.78 -9.29 -30.07
N ASN B 319 -67.92 -8.79 -29.57
CA ASN B 319 -68.77 -7.89 -30.34
C ASN B 319 -68.57 -6.42 -30.03
N CYS B 320 -67.69 -6.06 -29.11
CA CYS B 320 -67.48 -4.66 -28.80
C CYS B 320 -66.88 -3.93 -30.00
N PRO B 321 -67.47 -2.82 -30.44
CA PRO B 321 -66.96 -2.13 -31.63
C PRO B 321 -65.54 -1.64 -31.42
N ALA B 322 -64.78 -1.63 -32.52
CA ALA B 322 -63.39 -1.19 -32.46
C ALA B 322 -63.29 0.31 -32.14
N GLU B 323 -64.22 1.10 -32.66
CA GLU B 323 -64.16 2.55 -32.46
C GLU B 323 -64.45 2.96 -31.03
N THR B 324 -65.30 2.20 -30.33
CA THR B 324 -65.70 2.54 -28.96
C THR B 324 -64.67 1.99 -27.98
N ALA B 325 -63.60 2.76 -27.79
CA ALA B 325 -62.56 2.37 -26.84
C ALA B 325 -63.00 2.51 -25.40
N HIS B 326 -63.83 3.51 -25.10
CA HIS B 326 -64.31 3.68 -23.72
C HIS B 326 -65.17 2.50 -23.29
N LEU B 327 -65.99 1.98 -24.20
CA LEU B 327 -66.78 0.80 -23.88
C LEU B 327 -65.90 -0.40 -23.63
N ARG B 328 -64.84 -0.56 -24.43
CA ARG B 328 -63.90 -1.66 -24.21
C ARG B 328 -63.22 -1.52 -22.86
N LYS B 329 -62.84 -0.30 -22.48
CA LYS B 329 -62.23 -0.06 -21.18
C LYS B 329 -63.17 -0.43 -20.04
N GLU B 330 -64.41 0.04 -20.12
CA GLU B 330 -65.40 -0.28 -19.08
C GLU B 330 -65.65 -1.78 -19.01
N LEU B 331 -65.73 -2.44 -20.17
CA LEU B 331 -65.90 -3.88 -20.22
C LEU B 331 -64.74 -4.61 -19.55
N LEU B 332 -63.52 -4.19 -19.84
CA LEU B 332 -62.35 -4.82 -19.22
C LEU B 332 -62.32 -4.59 -17.72
N ILE B 333 -62.69 -3.39 -17.26
CA ILE B 333 -62.72 -3.12 -15.83
C ILE B 333 -63.76 -4.01 -15.15
N ALA B 334 -64.95 -4.09 -15.75
CA ALA B 334 -66.00 -4.95 -15.19
C ALA B 334 -65.56 -6.40 -15.16
N ALA B 335 -64.87 -6.85 -16.21
CA ALA B 335 -64.37 -8.23 -16.23
C ALA B 335 -63.32 -8.45 -15.15
N LYS B 336 -62.44 -7.46 -14.94
CA LYS B 336 -61.45 -7.57 -13.89
C LYS B 336 -62.11 -7.71 -12.52
N HIS B 337 -63.16 -6.92 -12.27
CA HIS B 337 -63.86 -7.04 -10.99
C HIS B 337 -64.51 -8.41 -10.85
N ILE B 338 -65.14 -8.91 -11.92
CA ILE B 338 -65.86 -10.18 -11.85
C ILE B 338 -64.89 -11.33 -11.60
N LEU B 339 -63.79 -11.36 -12.36
CA LEU B 339 -62.82 -12.46 -12.25
C LEU B 339 -62.20 -12.58 -10.86
N THR B 340 -62.22 -11.52 -10.05
CA THR B 340 -61.70 -11.62 -8.68
C THR B 340 -62.50 -12.60 -7.84
N THR B 341 -63.76 -12.82 -8.18
CA THR B 341 -64.61 -13.71 -7.40
C THR B 341 -64.39 -15.16 -7.83
N GLU B 342 -65.05 -16.08 -7.14
CA GLU B 342 -64.98 -17.50 -7.46
C GLU B 342 -65.38 -17.80 -8.90
N LEU B 343 -66.17 -16.93 -9.54
CA LEU B 343 -66.71 -17.22 -10.86
C LEU B 343 -65.62 -17.44 -11.91
N ARG B 344 -64.38 -17.05 -11.62
CA ARG B 344 -63.29 -17.26 -12.57
C ARG B 344 -63.09 -18.73 -12.91
N ASN B 345 -63.53 -19.65 -12.04
CA ASN B 345 -63.41 -21.07 -12.34
C ASN B 345 -64.25 -21.46 -13.55
N GLN B 346 -65.40 -20.82 -13.72
CA GLN B 346 -66.24 -21.11 -14.88
C GLN B 346 -65.54 -20.81 -16.20
N PHE B 347 -64.56 -19.90 -16.19
CA PHE B 347 -63.83 -19.55 -17.41
C PHE B 347 -62.76 -20.57 -17.79
N ILE B 348 -62.45 -21.53 -16.91
CA ILE B 348 -61.44 -22.54 -17.24
C ILE B 348 -61.66 -23.20 -18.59
N PRO B 349 -62.86 -23.70 -18.93
CA PRO B 349 -63.04 -24.30 -20.26
C PRO B 349 -62.86 -23.32 -21.42
N CYS B 350 -63.19 -22.05 -21.23
CA CYS B 350 -63.27 -21.10 -22.34
C CYS B 350 -62.04 -20.22 -22.50
N MET B 351 -61.02 -20.38 -21.66
CA MET B 351 -59.86 -19.50 -21.73
C MET B 351 -59.07 -19.65 -23.01
N ASP B 352 -59.22 -20.78 -23.72
CA ASP B 352 -58.57 -20.93 -25.02
C ASP B 352 -59.01 -19.86 -26.01
N LYS B 353 -60.25 -19.38 -25.88
CA LYS B 353 -60.69 -18.24 -26.68
C LYS B 353 -60.22 -16.92 -26.09
N LEU B 354 -60.24 -16.80 -24.77
CA LEU B 354 -59.89 -15.55 -24.10
C LEU B 354 -58.45 -15.11 -24.34
N PHE B 355 -57.56 -16.04 -24.71
CA PHE B 355 -56.21 -15.65 -25.12
C PHE B 355 -56.13 -15.02 -26.50
N ASP B 356 -57.19 -15.09 -27.30
CA ASP B 356 -57.18 -14.39 -28.59
C ASP B 356 -57.13 -12.89 -28.37
N GLU B 357 -56.04 -12.26 -28.83
CA GLU B 357 -55.87 -10.82 -28.62
C GLU B 357 -56.95 -10.03 -29.32
N SER B 358 -57.47 -10.53 -30.45
CA SER B 358 -58.57 -9.85 -31.11
C SER B 358 -59.82 -9.84 -30.22
N ILE B 359 -60.06 -10.94 -29.50
CA ILE B 359 -61.17 -10.99 -28.57
C ILE B 359 -60.92 -10.04 -27.40
N LEU B 360 -59.72 -10.10 -26.83
CA LEU B 360 -59.45 -9.36 -25.60
C LEU B 360 -59.31 -7.86 -25.86
N ILE B 361 -58.59 -7.48 -26.92
CA ILE B 361 -58.28 -6.08 -27.16
C ILE B 361 -58.93 -5.53 -28.42
N GLY B 362 -59.15 -6.35 -29.43
CA GLY B 362 -59.76 -5.89 -30.66
C GLY B 362 -58.75 -5.24 -31.59
N SER B 363 -59.28 -4.60 -32.64
CA SER B 363 -58.46 -3.99 -33.68
C SER B 363 -58.51 -2.47 -33.67
N GLY B 364 -59.11 -1.86 -32.65
CA GLY B 364 -59.17 -0.41 -32.61
C GLY B 364 -57.82 0.21 -32.33
N TYR B 365 -57.61 1.40 -32.86
CA TYR B 365 -56.34 2.08 -32.68
C TYR B 365 -56.15 2.55 -31.24
N THR B 366 -57.14 3.27 -30.71
CA THR B 366 -57.05 3.74 -29.33
C THR B 366 -57.06 2.57 -28.36
N ALA B 367 -57.86 1.53 -28.63
CA ALA B 367 -57.83 0.37 -27.77
C ALA B 367 -56.46 -0.29 -27.75
N ARG B 368 -55.85 -0.45 -28.92
CA ARG B 368 -54.55 -1.10 -28.99
C ARG B 368 -53.48 -0.29 -28.27
N GLU B 369 -53.46 1.03 -28.45
CA GLU B 369 -52.44 1.80 -27.75
C GLU B 369 -52.71 1.83 -26.24
N THR B 370 -53.90 2.26 -25.82
CA THR B 370 -54.15 2.53 -24.42
C THR B 370 -54.37 1.28 -23.57
N LEU B 371 -55.27 0.38 -24.00
CA LEU B 371 -55.87 -0.58 -23.09
C LEU B 371 -55.13 -1.91 -23.00
N ARG B 372 -54.05 -2.10 -23.76
CA ARG B 372 -53.29 -3.34 -23.65
C ARG B 372 -52.75 -3.60 -22.25
N PRO B 373 -52.18 -2.63 -21.53
CA PRO B 373 -51.81 -2.89 -20.13
C PRO B 373 -52.95 -3.39 -19.25
N LEU B 374 -54.15 -2.79 -19.36
CA LEU B 374 -55.28 -3.28 -18.59
C LEU B 374 -55.66 -4.70 -18.97
N ALA B 375 -55.69 -4.98 -20.28
CA ALA B 375 -56.12 -6.29 -20.74
C ALA B 375 -55.15 -7.37 -20.29
N TYR B 376 -53.85 -7.15 -20.50
CA TYR B 376 -52.86 -8.14 -20.07
C TYR B 376 -52.79 -8.25 -18.56
N SER B 377 -53.01 -7.17 -17.81
CA SER B 377 -53.00 -7.30 -16.36
C SER B 377 -54.19 -8.13 -15.87
N THR B 378 -55.37 -7.91 -16.45
CA THR B 378 -56.53 -8.73 -16.10
C THR B 378 -56.31 -10.20 -16.45
N LEU B 379 -55.83 -10.45 -17.67
CA LEU B 379 -55.59 -11.82 -18.09
C LEU B 379 -54.51 -12.48 -17.25
N ALA B 380 -53.48 -11.71 -16.87
CA ALA B 380 -52.42 -12.24 -16.03
C ALA B 380 -52.94 -12.63 -14.66
N ASP B 381 -53.81 -11.79 -14.07
CA ASP B 381 -54.41 -12.17 -12.80
C ASP B 381 -55.26 -13.43 -12.93
N LEU B 382 -56.05 -13.51 -14.00
CA LEU B 382 -56.85 -14.71 -14.22
C LEU B 382 -55.98 -15.95 -14.33
N VAL B 383 -54.94 -15.88 -15.16
CA VAL B 383 -54.04 -17.02 -15.35
C VAL B 383 -53.37 -17.40 -14.04
N HIS B 384 -52.91 -16.40 -13.28
CA HIS B 384 -52.21 -16.69 -12.04
C HIS B 384 -53.12 -17.39 -11.04
N HIS B 385 -54.38 -16.96 -10.94
CA HIS B 385 -55.30 -17.62 -10.01
C HIS B 385 -55.70 -19.00 -10.51
N VAL B 386 -55.88 -19.15 -11.84
CA VAL B 386 -56.42 -20.39 -12.40
C VAL B 386 -55.34 -21.43 -12.68
N ARG B 387 -54.06 -21.04 -12.66
CA ARG B 387 -53.01 -21.77 -13.36
C ARG B 387 -52.96 -23.26 -13.03
N GLN B 388 -53.35 -23.64 -11.82
CA GLN B 388 -53.27 -25.05 -11.43
C GLN B 388 -54.30 -25.91 -12.15
N HIS B 389 -55.33 -25.32 -12.73
CA HIS B 389 -56.36 -26.07 -13.45
C HIS B 389 -56.19 -26.05 -14.95
N LEU B 390 -55.39 -25.12 -15.49
CA LEU B 390 -55.23 -25.03 -16.93
C LEU B 390 -54.51 -26.26 -17.49
N PRO B 391 -54.98 -26.80 -18.62
CA PRO B 391 -54.25 -27.89 -19.27
C PRO B 391 -52.93 -27.42 -19.87
N LEU B 392 -52.20 -28.35 -20.49
CA LEU B 392 -50.91 -27.99 -21.09
C LEU B 392 -51.07 -27.03 -22.26
N SER B 393 -52.11 -27.23 -23.08
CA SER B 393 -52.31 -26.37 -24.25
C SER B 393 -52.62 -24.94 -23.84
N ASP B 394 -53.48 -24.75 -22.83
CA ASP B 394 -53.80 -23.41 -22.38
C ASP B 394 -52.60 -22.73 -21.74
N LEU B 395 -51.81 -23.49 -20.97
CA LEU B 395 -50.58 -22.94 -20.41
C LEU B 395 -49.62 -22.52 -21.52
N SER B 396 -49.52 -23.32 -22.58
CA SER B 396 -48.66 -22.96 -23.70
C SER B 396 -49.16 -21.69 -24.39
N LEU B 397 -50.47 -21.55 -24.54
CA LEU B 397 -51.01 -20.35 -25.16
C LEU B 397 -50.73 -19.11 -24.30
N ALA B 398 -50.90 -19.23 -22.99
CA ALA B 398 -50.59 -18.11 -22.11
C ALA B 398 -49.11 -17.77 -22.16
N VAL B 399 -48.25 -18.79 -22.18
CA VAL B 399 -46.83 -18.56 -22.32
C VAL B 399 -46.52 -17.82 -23.61
N GLN B 400 -47.12 -18.25 -24.71
CA GLN B 400 -46.87 -17.60 -26.00
C GLN B 400 -47.31 -16.14 -25.99
N LEU B 401 -48.46 -15.86 -25.39
CA LEU B 401 -48.95 -14.47 -25.36
C LEU B 401 -48.06 -13.58 -24.49
N PHE B 402 -47.71 -14.05 -23.30
CA PHE B 402 -46.93 -13.19 -22.43
C PHE B 402 -45.46 -13.13 -22.85
N ALA B 403 -44.96 -14.16 -23.52
CA ALA B 403 -43.65 -14.08 -24.15
C ALA B 403 -43.63 -13.01 -25.24
N LYS B 404 -44.64 -13.03 -26.12
CA LYS B 404 -44.79 -11.94 -27.08
C LYS B 404 -44.88 -10.59 -26.38
N ASN B 405 -45.43 -10.55 -25.16
CA ASN B 405 -45.49 -9.30 -24.42
C ASN B 405 -44.12 -8.87 -23.90
N ILE B 406 -43.24 -9.83 -23.58
CA ILE B 406 -41.92 -9.48 -23.03
C ILE B 406 -41.16 -8.57 -23.99
N ASP B 407 -41.04 -8.99 -25.25
CA ASP B 407 -40.27 -8.24 -26.23
C ASP B 407 -40.93 -6.92 -26.63
N ASP B 408 -42.24 -6.79 -26.49
CA ASP B 408 -42.98 -5.69 -27.09
C ASP B 408 -42.61 -4.37 -26.42
N GLU B 409 -41.90 -3.52 -27.15
CA GLU B 409 -41.44 -2.23 -26.64
C GLU B 409 -42.52 -1.17 -26.62
N SER B 410 -43.71 -1.45 -27.15
CA SER B 410 -44.82 -0.52 -27.01
C SER B 410 -45.44 -0.58 -25.62
N LEU B 411 -45.37 -1.74 -24.97
CA LEU B 411 -45.92 -1.86 -23.63
C LEU B 411 -45.00 -1.17 -22.61
N PRO B 412 -45.58 -0.65 -21.53
CA PRO B 412 -44.75 -0.09 -20.46
C PRO B 412 -43.92 -1.17 -19.77
N SER B 413 -42.81 -0.73 -19.18
CA SER B 413 -41.89 -1.67 -18.53
C SER B 413 -42.57 -2.43 -17.40
N SER B 414 -43.56 -1.82 -16.75
CA SER B 414 -44.28 -2.51 -15.69
C SER B 414 -45.01 -3.73 -16.22
N ILE B 415 -45.62 -3.63 -17.40
CA ILE B 415 -46.33 -4.77 -17.96
C ILE B 415 -45.35 -5.86 -18.37
N GLN B 416 -44.19 -5.47 -18.88
CA GLN B 416 -43.17 -6.46 -19.22
C GLN B 416 -42.69 -7.21 -17.99
N THR B 417 -42.48 -6.49 -16.89
CA THR B 417 -42.12 -7.14 -15.63
C THR B 417 -43.22 -8.08 -15.15
N MET B 418 -44.47 -7.64 -15.26
CA MET B 418 -45.60 -8.48 -14.86
C MET B 418 -45.65 -9.76 -15.68
N SER B 419 -45.38 -9.65 -16.99
CA SER B 419 -45.39 -10.84 -17.84
C SER B 419 -44.23 -11.77 -17.51
N CYS B 420 -43.06 -11.20 -17.21
CA CYS B 420 -41.94 -12.04 -16.76
C CYS B 420 -42.30 -12.80 -15.49
N LYS B 421 -42.94 -12.12 -14.55
CA LYS B 421 -43.33 -12.76 -13.30
C LYS B 421 -44.39 -13.84 -13.54
N LEU B 422 -45.32 -13.58 -14.46
CA LEU B 422 -46.29 -14.59 -14.84
C LEU B 422 -45.62 -15.84 -15.39
N LEU B 423 -44.70 -15.67 -16.34
CA LEU B 423 -44.00 -16.84 -16.89
C LEU B 423 -43.24 -17.58 -15.79
N LEU B 424 -42.63 -16.84 -14.86
CA LEU B 424 -41.94 -17.45 -13.72
C LEU B 424 -42.91 -18.33 -12.95
N ASN B 425 -44.12 -17.83 -12.69
CA ASN B 425 -45.06 -18.59 -11.90
C ASN B 425 -45.58 -19.80 -12.67
N LEU B 426 -45.79 -19.62 -13.97
CA LEU B 426 -46.22 -20.71 -14.85
C LEU B 426 -45.22 -21.86 -14.91
N VAL B 427 -43.93 -21.59 -14.69
CA VAL B 427 -42.90 -22.62 -14.90
C VAL B 427 -43.20 -23.92 -14.15
N ASP B 428 -43.48 -23.83 -12.85
CA ASP B 428 -43.76 -25.05 -12.08
C ASP B 428 -45.05 -25.74 -12.52
N CYS B 429 -46.07 -24.98 -12.91
CA CYS B 429 -47.28 -25.58 -13.46
C CYS B 429 -46.96 -26.35 -14.73
N ILE B 430 -46.18 -25.74 -15.61
CA ILE B 430 -45.79 -26.39 -16.87
C ILE B 430 -45.04 -27.69 -16.58
N ARG B 431 -44.14 -27.66 -15.60
CA ARG B 431 -43.44 -28.87 -15.20
C ARG B 431 -44.41 -29.96 -14.76
N SER B 432 -45.33 -29.62 -13.85
CA SER B 432 -46.26 -30.63 -13.34
C SER B 432 -47.16 -31.19 -14.43
N LYS B 433 -47.70 -30.31 -15.28
CA LYS B 433 -48.57 -30.77 -16.35
C LYS B 433 -47.81 -31.57 -17.40
N SER B 434 -46.54 -31.24 -17.65
CA SER B 434 -45.77 -32.02 -18.60
C SER B 434 -45.43 -33.39 -18.04
N GLU B 435 -45.19 -33.46 -16.72
CA GLU B 435 -44.96 -34.75 -16.09
C GLU B 435 -46.21 -35.62 -16.12
N GLN B 436 -47.39 -35.02 -15.97
CA GLN B 436 -48.62 -35.80 -16.07
C GLN B 436 -48.90 -36.21 -17.52
N GLU B 437 -48.78 -35.27 -18.46
CA GLU B 437 -49.03 -35.55 -19.87
C GLU B 437 -47.95 -36.37 -20.52
N SER B 438 -46.72 -36.35 -19.98
CA SER B 438 -45.52 -36.77 -20.72
C SER B 438 -45.40 -35.98 -22.02
N GLY B 439 -45.68 -34.68 -21.94
CA GLY B 439 -45.70 -33.82 -23.10
C GLY B 439 -44.40 -33.08 -23.33
N ASN B 440 -44.51 -31.91 -23.97
CA ASN B 440 -43.37 -31.12 -24.43
C ASN B 440 -43.03 -29.97 -23.48
N GLY B 441 -43.26 -30.14 -22.18
CA GLY B 441 -43.05 -29.04 -21.25
C GLY B 441 -41.63 -28.52 -21.24
N ARG B 442 -40.65 -29.41 -21.40
CA ARG B 442 -39.27 -28.95 -21.42
C ARG B 442 -38.99 -28.06 -22.63
N ASP B 443 -39.68 -28.31 -23.74
CA ASP B 443 -39.50 -27.47 -24.92
C ASP B 443 -40.02 -26.05 -24.69
N VAL B 444 -41.22 -25.92 -24.13
CA VAL B 444 -41.74 -24.58 -23.84
C VAL B 444 -40.91 -23.89 -22.76
N LEU B 445 -40.35 -24.64 -21.81
CA LEU B 445 -39.44 -24.05 -20.84
C LEU B 445 -38.18 -23.52 -21.51
N MET B 446 -37.63 -24.28 -22.46
CA MET B 446 -36.47 -23.81 -23.21
C MET B 446 -36.80 -22.55 -24.01
N ARG B 447 -37.99 -22.52 -24.61
CA ARG B 447 -38.40 -21.33 -25.36
C ARG B 447 -38.53 -20.11 -24.44
N MET B 448 -39.05 -20.31 -23.23
CA MET B 448 -39.10 -19.22 -22.26
C MET B 448 -37.71 -18.75 -21.88
N LEU B 449 -36.78 -19.68 -21.67
CA LEU B 449 -35.40 -19.30 -21.35
C LEU B 449 -34.80 -18.49 -22.49
N GLU B 450 -35.07 -18.89 -23.73
CA GLU B 450 -34.57 -18.15 -24.88
C GLU B 450 -35.15 -16.74 -24.91
N VAL B 451 -36.44 -16.61 -24.63
CA VAL B 451 -37.07 -15.29 -24.58
C VAL B 451 -36.43 -14.42 -23.50
N PHE B 452 -36.10 -15.01 -22.35
CA PHE B 452 -35.45 -14.27 -21.29
C PHE B 452 -34.04 -13.83 -21.68
N VAL B 453 -33.31 -14.71 -22.39
CA VAL B 453 -31.97 -14.34 -22.85
C VAL B 453 -32.05 -13.20 -23.86
N LEU B 454 -33.02 -13.27 -24.77
CA LEU B 454 -33.19 -12.18 -25.73
C LEU B 454 -33.60 -10.88 -25.05
N LYS B 455 -34.30 -11.00 -23.92
CA LYS B 455 -34.66 -9.80 -23.16
C LYS B 455 -33.42 -9.19 -22.53
N PHE B 456 -32.52 -10.03 -22.00
CA PHE B 456 -31.28 -9.50 -21.46
C PHE B 456 -30.47 -8.82 -22.55
N HIS B 457 -30.44 -9.41 -23.75
CA HIS B 457 -29.74 -8.80 -24.86
C HIS B 457 -30.33 -7.44 -25.22
N THR B 458 -31.66 -7.35 -25.27
CA THR B 458 -32.32 -6.10 -25.62
C THR B 458 -32.05 -5.01 -24.58
N ILE B 459 -32.07 -5.38 -23.30
CA ILE B 459 -31.81 -4.40 -22.25
C ILE B 459 -30.36 -3.96 -22.29
N ALA B 460 -29.44 -4.89 -22.51
CA ALA B 460 -28.02 -4.56 -22.61
C ALA B 460 -27.76 -3.62 -23.76
N ARG B 461 -28.37 -3.87 -24.92
CA ARG B 461 -28.05 -3.13 -26.13
C ARG B 461 -28.78 -1.79 -26.22
N TYR B 462 -30.11 -1.81 -26.22
CA TYR B 462 -30.86 -0.57 -26.40
C TYR B 462 -31.06 0.21 -25.11
N GLN B 463 -31.66 -0.40 -24.09
CA GLN B 463 -32.13 0.37 -22.94
C GLN B 463 -30.96 0.91 -22.12
N LEU B 464 -29.99 0.05 -21.79
CA LEU B 464 -28.88 0.49 -20.96
C LEU B 464 -28.02 1.52 -21.69
N SER B 465 -27.86 1.38 -23.00
CA SER B 465 -27.09 2.38 -23.74
C SER B 465 -27.75 3.75 -23.63
N ALA B 466 -29.08 3.80 -23.73
CA ALA B 466 -29.78 5.06 -23.58
C ALA B 466 -29.65 5.61 -22.16
N ILE B 467 -29.77 4.73 -21.15
CA ILE B 467 -29.64 5.18 -19.76
C ILE B 467 -28.26 5.77 -19.51
N PHE B 468 -27.21 5.10 -19.98
CA PHE B 468 -25.86 5.63 -19.83
C PHE B 468 -25.68 6.94 -20.60
N LYS B 469 -26.21 7.01 -21.82
CA LYS B 469 -26.13 8.25 -22.59
C LYS B 469 -26.81 9.39 -21.87
N LYS B 470 -27.87 9.11 -21.11
CA LYS B 470 -28.56 10.15 -20.37
C LYS B 470 -27.86 10.54 -19.09
N CYS B 471 -26.88 9.75 -18.65
CA CYS B 471 -26.13 10.07 -17.45
C CYS B 471 -25.16 11.21 -17.72
N LYS B 472 -24.74 11.88 -16.65
CA LYS B 472 -23.73 12.92 -16.70
C LYS B 472 -22.79 12.74 -15.52
N PRO B 473 -21.54 13.18 -15.64
CA PRO B 473 -20.59 13.01 -14.54
C PRO B 473 -20.98 13.86 -13.34
N GLN B 474 -20.70 13.31 -12.15
CA GLN B 474 -21.11 13.94 -10.90
C GLN B 474 -20.36 15.24 -10.67
N LYS B 538 -38.30 11.73 -15.26
CA LYS B 538 -38.76 10.41 -15.65
C LYS B 538 -37.60 9.45 -15.86
N GLN B 539 -36.38 10.01 -15.94
CA GLN B 539 -35.20 9.16 -16.03
C GLN B 539 -35.03 8.29 -14.78
N THR B 540 -35.40 8.83 -13.61
CA THR B 540 -35.44 8.02 -12.40
C THR B 540 -36.39 6.84 -12.57
N PHE B 541 -37.55 7.09 -13.17
CA PHE B 541 -38.51 6.02 -13.41
C PHE B 541 -37.92 4.96 -14.34
N GLN B 542 -37.30 5.40 -15.43
CA GLN B 542 -36.64 4.46 -16.34
C GLN B 542 -35.58 3.63 -15.62
N VAL B 543 -34.87 4.22 -14.65
CA VAL B 543 -33.83 3.46 -13.97
C VAL B 543 -34.45 2.45 -13.00
N THR B 544 -35.48 2.86 -12.28
CA THR B 544 -36.11 1.94 -11.33
C THR B 544 -36.81 0.80 -12.04
N ASP B 545 -37.45 1.08 -13.18
CA ASP B 545 -38.10 0.00 -13.91
C ASP B 545 -37.08 -0.90 -14.60
N CYS B 546 -35.95 -0.35 -15.05
CA CYS B 546 -34.90 -1.21 -15.58
C CYS B 546 -34.36 -2.14 -14.49
N ARG B 547 -34.14 -1.60 -13.29
CA ARG B 547 -33.68 -2.44 -12.19
C ARG B 547 -34.68 -3.53 -11.86
N SER B 548 -35.97 -3.18 -11.79
CA SER B 548 -36.99 -4.18 -11.48
C SER B 548 -37.08 -5.24 -12.57
N LEU B 549 -37.01 -4.82 -13.83
CA LEU B 549 -37.07 -5.77 -14.94
C LEU B 549 -35.87 -6.71 -14.93
N VAL B 550 -34.68 -6.18 -14.66
CA VAL B 550 -33.49 -7.04 -14.61
C VAL B 550 -33.58 -8.02 -13.45
N LYS B 551 -34.04 -7.57 -12.28
CA LYS B 551 -34.22 -8.48 -11.15
C LYS B 551 -35.21 -9.58 -11.47
N THR B 552 -36.34 -9.21 -12.07
CA THR B 552 -37.35 -10.21 -12.43
C THR B 552 -36.81 -11.18 -13.47
N LEU B 553 -36.03 -10.68 -14.42
CA LEU B 553 -35.43 -11.55 -15.43
C LEU B 553 -34.47 -12.56 -14.79
N VAL B 554 -33.67 -12.11 -13.82
CA VAL B 554 -32.74 -13.03 -13.16
C VAL B 554 -33.51 -14.10 -12.39
N CYS B 555 -34.55 -13.69 -11.65
CA CYS B 555 -35.35 -14.67 -10.91
C CYS B 555 -36.03 -15.65 -11.85
N GLY B 556 -36.57 -15.14 -12.96
CA GLY B 556 -37.21 -16.01 -13.93
C GLY B 556 -36.24 -16.98 -14.58
N VAL B 557 -35.02 -16.53 -14.87
CA VAL B 557 -34.03 -17.42 -15.45
C VAL B 557 -33.66 -18.52 -14.46
N LYS B 558 -33.54 -18.16 -13.17
CA LYS B 558 -33.28 -19.19 -12.16
C LYS B 558 -34.42 -20.19 -12.06
N THR B 559 -35.66 -19.71 -12.07
CA THR B 559 -36.80 -20.62 -11.99
C THR B 559 -36.91 -21.50 -13.23
N ILE B 560 -36.67 -20.94 -14.41
CA ILE B 560 -36.74 -21.73 -15.64
C ILE B 560 -35.64 -22.77 -15.65
N THR B 561 -34.44 -22.41 -15.18
CA THR B 561 -33.37 -23.38 -15.08
C THR B 561 -33.73 -24.52 -14.12
N TRP B 562 -34.35 -24.19 -13.00
CA TRP B 562 -34.81 -25.22 -12.08
C TRP B 562 -35.85 -26.11 -12.76
N GLY B 563 -36.76 -25.52 -13.54
CA GLY B 563 -37.74 -26.32 -14.26
C GLY B 563 -37.14 -27.22 -15.31
N ILE B 564 -36.17 -26.72 -16.08
CA ILE B 564 -35.56 -27.52 -17.14
C ILE B 564 -34.85 -28.73 -16.54
N THR B 565 -34.12 -28.54 -15.45
CA THR B 565 -33.41 -29.63 -14.79
C THR B 565 -34.33 -30.54 -14.00
N SER B 566 -35.65 -30.30 -14.00
CA SER B 566 -36.59 -31.14 -13.28
C SER B 566 -37.68 -31.72 -14.18
N CYS B 567 -37.56 -31.63 -15.49
CA CYS B 567 -38.55 -32.16 -16.41
C CYS B 567 -38.02 -33.37 -17.16
N LYS B 568 -38.87 -34.39 -17.26
CA LYS B 568 -38.68 -35.45 -18.24
C LYS B 568 -38.77 -34.89 -19.65
N ALA B 569 -37.85 -35.30 -20.51
CA ALA B 569 -37.83 -34.83 -21.89
C ALA B 569 -38.87 -35.57 -22.74
N PRO B 570 -39.32 -34.96 -23.83
CA PRO B 570 -40.24 -35.65 -24.74
C PRO B 570 -39.67 -36.97 -25.24
N GLY B 571 -40.45 -38.04 -25.07
CA GLY B 571 -40.04 -39.35 -25.51
C GLY B 571 -38.92 -40.00 -24.71
N GLU B 572 -38.48 -39.36 -23.63
CA GLU B 572 -37.46 -39.96 -22.78
C GLU B 572 -38.03 -41.16 -22.03
N ALA B 573 -37.16 -42.12 -21.72
CA ALA B 573 -37.61 -43.31 -21.00
C ALA B 573 -37.99 -42.95 -19.56
N GLN B 574 -37.05 -42.39 -18.81
CA GLN B 574 -37.27 -42.03 -17.41
C GLN B 574 -36.44 -40.80 -17.08
N PHE B 575 -36.91 -40.04 -16.09
CA PHE B 575 -36.17 -38.90 -15.61
C PHE B 575 -34.94 -39.34 -14.81
N ILE B 576 -33.91 -38.51 -14.84
CA ILE B 576 -32.71 -38.74 -14.04
C ILE B 576 -32.38 -37.45 -13.27
N PRO B 577 -31.85 -37.55 -12.05
CA PRO B 577 -31.93 -36.40 -11.13
C PRO B 577 -31.11 -35.19 -11.56
N ASN B 578 -30.04 -35.40 -12.34
CA ASN B 578 -29.49 -34.33 -13.15
C ASN B 578 -28.90 -34.91 -14.42
N LYS B 579 -28.88 -34.08 -15.47
CA LYS B 579 -28.46 -34.53 -16.79
C LYS B 579 -27.63 -33.44 -17.44
N GLN B 580 -26.57 -33.84 -18.14
CA GLN B 580 -25.76 -32.90 -18.90
C GLN B 580 -26.59 -32.35 -20.05
N LEU B 581 -26.71 -31.02 -20.12
CA LEU B 581 -27.49 -30.37 -21.16
C LEU B 581 -26.92 -30.62 -22.55
N GLN B 582 -27.79 -30.55 -23.54
CA GLN B 582 -27.37 -30.64 -24.93
C GLN B 582 -26.60 -29.39 -25.34
N PRO B 583 -25.79 -29.48 -26.39
CA PRO B 583 -24.97 -28.32 -26.79
C PRO B 583 -25.76 -27.07 -27.12
N LYS B 584 -26.96 -27.19 -27.70
CA LYS B 584 -27.74 -25.99 -28.00
C LYS B 584 -28.18 -25.28 -26.71
N GLU B 585 -28.59 -26.05 -25.70
CA GLU B 585 -28.96 -25.46 -24.42
C GLU B 585 -27.74 -24.80 -23.76
N THR B 586 -26.58 -25.44 -23.87
CA THR B 586 -25.36 -24.85 -23.33
C THR B 586 -25.01 -23.55 -24.04
N GLN B 587 -25.23 -23.49 -25.36
CA GLN B 587 -25.02 -22.24 -26.08
C GLN B 587 -25.99 -21.17 -25.61
N ILE B 588 -27.24 -21.55 -25.35
CA ILE B 588 -28.21 -20.59 -24.84
C ILE B 588 -27.76 -20.04 -23.49
N TYR B 589 -27.27 -20.90 -22.61
CA TYR B 589 -26.77 -20.43 -21.31
C TYR B 589 -25.51 -19.58 -21.46
N ILE B 590 -24.65 -19.89 -22.43
CA ILE B 590 -23.48 -19.03 -22.69
C ILE B 590 -23.93 -17.64 -23.11
N LYS B 591 -24.92 -17.56 -24.00
CA LYS B 591 -25.47 -16.26 -24.38
C LYS B 591 -26.10 -15.57 -23.18
N LEU B 592 -26.73 -16.36 -22.30
CA LEU B 592 -27.27 -15.81 -21.07
C LEU B 592 -26.20 -15.15 -20.23
N VAL B 593 -25.05 -15.82 -20.08
CA VAL B 593 -23.95 -15.23 -19.32
C VAL B 593 -23.51 -13.93 -19.95
N LYS B 594 -23.23 -13.97 -21.27
CA LYS B 594 -22.76 -12.78 -21.97
C LYS B 594 -23.72 -11.61 -21.81
N TYR B 595 -25.01 -11.84 -22.04
CA TYR B 595 -25.96 -10.74 -22.05
C TYR B 595 -26.30 -10.26 -20.64
N ALA B 596 -26.52 -11.19 -19.71
CA ALA B 596 -26.88 -10.81 -18.35
C ALA B 596 -25.75 -10.09 -17.64
N MET B 597 -24.49 -10.40 -17.97
CA MET B 597 -23.40 -9.66 -17.34
C MET B 597 -23.38 -8.22 -17.81
N GLN B 598 -23.83 -7.95 -19.02
CA GLN B 598 -24.01 -6.57 -19.47
C GLN B 598 -25.25 -5.94 -18.84
N ALA B 599 -26.34 -6.71 -18.73
CA ALA B 599 -27.58 -6.17 -18.20
C ALA B 599 -27.47 -5.82 -16.72
N LEU B 600 -26.69 -6.57 -15.96
CA LEU B 600 -26.52 -6.30 -14.54
C LEU B 600 -25.72 -5.02 -14.27
N ASP B 601 -25.31 -4.30 -15.31
CA ASP B 601 -24.64 -3.02 -15.15
C ASP B 601 -25.60 -1.89 -14.78
N ILE B 602 -26.91 -2.15 -14.78
CA ILE B 602 -27.88 -1.12 -14.40
C ILE B 602 -27.65 -0.67 -12.97
N TYR B 603 -27.15 -1.56 -12.12
CA TYR B 603 -26.93 -1.23 -10.71
C TYR B 603 -25.79 -0.25 -10.51
N GLN B 604 -24.97 -0.01 -11.54
CA GLN B 604 -23.96 1.05 -11.45
C GLN B 604 -24.60 2.44 -11.40
N VAL B 605 -25.71 2.63 -12.09
CA VAL B 605 -26.33 3.94 -12.21
C VAL B 605 -27.02 4.27 -10.89
N GLN B 606 -26.49 5.25 -10.18
CA GLN B 606 -27.08 5.73 -8.94
C GLN B 606 -28.08 6.85 -9.22
N ILE B 607 -28.95 7.10 -8.25
CA ILE B 607 -30.00 8.11 -8.36
C ILE B 607 -29.82 9.08 -7.19
N ALA B 608 -29.20 10.22 -7.47
CA ALA B 608 -28.96 11.23 -6.43
C ALA B 608 -30.24 11.98 -6.11
N GLY B 609 -30.25 12.59 -4.92
CA GLY B 609 -31.38 13.40 -4.51
C GLY B 609 -31.56 14.68 -5.31
N ASN B 610 -30.51 15.14 -5.97
CA ASN B 610 -30.58 16.33 -6.81
C ASN B 610 -31.22 16.07 -8.16
N GLY B 611 -31.58 14.82 -8.46
CA GLY B 611 -32.10 14.45 -9.76
C GLY B 611 -31.06 13.96 -10.74
N GLN B 612 -29.78 13.96 -10.38
CA GLN B 612 -28.73 13.48 -11.26
C GLN B 612 -28.66 11.96 -11.21
N THR B 613 -28.54 11.35 -12.38
CA THR B 613 -28.24 9.93 -12.50
C THR B 613 -26.82 9.78 -13.02
N TYR B 614 -25.96 9.16 -12.20
CA TYR B 614 -24.54 9.09 -12.48
C TYR B 614 -24.05 7.66 -12.31
N ILE B 615 -23.07 7.29 -13.12
CA ILE B 615 -22.43 5.99 -13.01
C ILE B 615 -21.42 6.04 -11.87
N ARG B 616 -21.51 5.09 -10.95
CA ARG B 616 -20.61 5.08 -9.81
C ARG B 616 -19.19 4.75 -10.27
N VAL B 617 -18.23 4.97 -9.36
CA VAL B 617 -16.84 4.72 -9.68
C VAL B 617 -16.64 3.25 -10.04
N ALA B 618 -15.94 3.01 -11.15
CA ALA B 618 -15.83 1.67 -11.68
C ALA B 618 -15.08 0.74 -10.73
N ASN B 619 -13.99 1.23 -10.13
CA ASN B 619 -13.15 0.40 -9.26
C ASN B 619 -13.70 0.50 -7.83
N CYS B 620 -14.76 -0.28 -7.58
CA CYS B 620 -15.32 -0.38 -6.24
C CYS B 620 -16.10 -1.69 -6.18
N GLN B 621 -15.55 -2.68 -5.48
CA GLN B 621 -16.21 -3.96 -5.26
C GLN B 621 -17.04 -4.00 -3.98
N THR B 622 -17.02 -2.94 -3.17
CA THR B 622 -17.78 -2.90 -1.92
C THR B 622 -19.18 -2.37 -2.22
N VAL B 623 -20.06 -3.29 -2.62
CA VAL B 623 -21.43 -2.94 -2.94
C VAL B 623 -22.17 -2.58 -1.65
N ARG B 624 -22.79 -1.40 -1.63
CA ARG B 624 -23.55 -0.94 -0.48
C ARG B 624 -25.03 -1.34 -0.53
N MET B 625 -25.52 -1.82 -1.66
CA MET B 625 -26.93 -2.16 -1.78
C MET B 625 -27.15 -3.67 -1.64
N LYS B 626 -28.16 -4.03 -0.84
CA LYS B 626 -28.50 -5.43 -0.63
C LYS B 626 -29.18 -6.03 -1.85
N GLU B 627 -29.92 -5.22 -2.60
CA GLU B 627 -30.61 -5.71 -3.80
C GLU B 627 -29.63 -6.20 -4.85
N GLU B 628 -28.50 -5.49 -5.01
CA GLU B 628 -27.50 -5.93 -5.97
C GLU B 628 -26.83 -7.21 -5.52
N LYS B 629 -26.56 -7.33 -4.22
CA LYS B 629 -25.98 -8.55 -3.68
C LYS B 629 -26.92 -9.75 -3.88
N GLU B 630 -28.20 -9.56 -3.58
CA GLU B 630 -29.18 -10.63 -3.73
C GLU B 630 -29.36 -11.04 -5.18
N VAL B 631 -29.45 -10.06 -6.09
CA VAL B 631 -29.65 -10.40 -7.50
C VAL B 631 -28.40 -11.06 -8.08
N LEU B 632 -27.21 -10.67 -7.64
CA LEU B 632 -26.00 -11.31 -8.15
C LEU B 632 -25.85 -12.72 -7.59
N GLU B 633 -26.23 -12.92 -6.33
CA GLU B 633 -26.19 -14.27 -5.76
C GLU B 633 -27.20 -15.18 -6.46
N HIS B 634 -28.37 -14.65 -6.80
CA HIS B 634 -29.33 -15.46 -7.56
C HIS B 634 -28.83 -15.73 -8.97
N PHE B 635 -28.15 -14.77 -9.59
CA PHE B 635 -27.59 -15.00 -10.91
C PHE B 635 -26.58 -16.15 -10.88
N ALA B 636 -25.76 -16.20 -9.83
CA ALA B 636 -24.85 -17.33 -9.67
C ALA B 636 -25.61 -18.61 -9.38
N GLY B 637 -26.74 -18.51 -8.68
CA GLY B 637 -27.56 -19.66 -8.38
C GLY B 637 -28.10 -20.37 -9.60
N VAL B 638 -28.16 -19.69 -10.74
CA VAL B 638 -28.63 -20.31 -11.97
C VAL B 638 -27.69 -21.43 -12.39
N PHE B 639 -26.39 -21.16 -12.34
CA PHE B 639 -25.40 -22.07 -12.90
C PHE B 639 -24.94 -23.12 -11.90
N THR B 640 -25.06 -22.84 -10.61
CA THR B 640 -24.58 -23.76 -9.59
C THR B 640 -25.46 -25.00 -9.44
N MET B 641 -26.66 -25.00 -10.02
CA MET B 641 -27.53 -26.17 -9.96
C MET B 641 -27.38 -27.07 -11.16
N MET B 642 -26.46 -26.76 -12.07
CA MET B 642 -26.29 -27.51 -13.31
C MET B 642 -25.29 -28.65 -13.12
N ASN B 643 -25.30 -29.57 -14.08
CA ASN B 643 -24.33 -30.64 -14.07
C ASN B 643 -22.92 -30.07 -14.21
N PRO B 644 -21.94 -30.62 -13.49
CA PRO B 644 -20.58 -30.03 -13.52
C PRO B 644 -20.01 -29.88 -14.92
N LEU B 645 -20.27 -30.82 -15.82
CA LEU B 645 -19.71 -30.72 -17.16
C LEU B 645 -20.30 -29.56 -17.94
N THR B 646 -21.60 -29.30 -17.76
CA THR B 646 -22.23 -28.16 -18.40
C THR B 646 -21.66 -26.85 -17.86
N PHE B 647 -21.53 -26.76 -16.53
CA PHE B 647 -20.92 -25.58 -15.92
C PHE B 647 -19.53 -25.35 -16.47
N LYS B 648 -18.74 -26.41 -16.60
CA LYS B 648 -17.38 -26.30 -17.09
C LYS B 648 -17.36 -25.81 -18.52
N GLU B 649 -18.23 -26.38 -19.37
CA GLU B 649 -18.28 -25.96 -20.77
C GLU B 649 -18.67 -24.50 -20.90
N ILE B 650 -19.70 -24.06 -20.16
CA ILE B 650 -20.14 -22.68 -20.24
C ILE B 650 -19.03 -21.74 -19.80
N PHE B 651 -18.46 -21.98 -18.62
CA PHE B 651 -17.54 -21.01 -18.06
C PHE B 651 -16.14 -21.04 -18.68
N GLN B 652 -15.67 -22.17 -19.21
CA GLN B 652 -14.43 -22.13 -19.97
C GLN B 652 -14.50 -21.06 -21.04
N THR B 653 -15.58 -21.06 -21.82
CA THR B 653 -15.78 -20.05 -22.86
C THR B 653 -15.99 -18.65 -22.27
N THR B 654 -16.88 -18.53 -21.28
CA THR B 654 -17.28 -17.20 -20.81
C THR B 654 -16.25 -16.48 -19.95
N VAL B 655 -15.39 -17.19 -19.21
CA VAL B 655 -14.49 -16.56 -18.24
C VAL B 655 -13.66 -15.40 -18.78
N PRO B 656 -13.05 -15.46 -19.97
CA PRO B 656 -12.37 -14.25 -20.47
C PRO B 656 -13.28 -13.04 -20.50
N TYR B 657 -14.51 -13.23 -20.97
CA TYR B 657 -15.49 -12.14 -20.98
C TYR B 657 -15.93 -11.78 -19.58
N MET B 658 -16.14 -12.77 -18.73
CA MET B 658 -16.54 -12.49 -17.34
C MET B 658 -15.50 -11.64 -16.63
N VAL B 659 -14.22 -11.93 -16.86
CA VAL B 659 -13.14 -11.14 -16.28
C VAL B 659 -13.11 -9.74 -16.85
N GLU B 660 -13.37 -9.59 -18.16
CA GLU B 660 -13.45 -8.25 -18.72
C GLU B 660 -14.62 -7.45 -18.12
N ARG B 661 -15.75 -8.11 -17.90
CA ARG B 661 -16.90 -7.44 -17.29
C ARG B 661 -16.61 -7.07 -15.84
N ILE B 662 -15.95 -7.96 -15.09
CA ILE B 662 -15.55 -7.62 -13.73
C ILE B 662 -14.62 -6.41 -13.74
N SER B 663 -13.73 -6.34 -14.73
CA SER B 663 -12.84 -5.19 -14.85
C SER B 663 -13.64 -3.91 -15.05
N LYS B 664 -14.67 -3.97 -15.91
CA LYS B 664 -15.50 -2.80 -16.15
C LYS B 664 -16.50 -2.57 -15.03
N ASN B 665 -16.92 -3.61 -14.32
CA ASN B 665 -17.90 -3.49 -13.24
C ASN B 665 -17.50 -4.47 -12.14
N TYR B 666 -16.87 -3.95 -11.09
CA TYR B 666 -16.31 -4.76 -10.01
C TYR B 666 -17.37 -5.44 -9.15
N ALA B 667 -18.63 -5.04 -9.25
CA ALA B 667 -19.68 -5.71 -8.48
C ALA B 667 -19.91 -7.15 -8.90
N LEU B 668 -19.48 -7.53 -10.11
CA LEU B 668 -19.68 -8.89 -10.60
C LEU B 668 -18.79 -9.91 -9.93
N GLN B 669 -17.82 -9.47 -9.11
CA GLN B 669 -17.08 -10.40 -8.26
C GLN B 669 -18.00 -11.23 -7.39
N ILE B 670 -19.16 -10.69 -7.01
CA ILE B 670 -20.10 -11.42 -6.16
C ILE B 670 -20.50 -12.75 -6.79
N VAL B 671 -20.57 -12.79 -8.13
CA VAL B 671 -20.91 -14.03 -8.82
C VAL B 671 -19.72 -15.00 -8.78
N ALA B 672 -18.51 -14.48 -9.01
CA ALA B 672 -17.31 -15.31 -8.92
C ALA B 672 -17.12 -15.84 -7.50
N ASN B 673 -17.29 -14.95 -6.52
CA ASN B 673 -17.22 -15.37 -5.12
C ASN B 673 -18.26 -16.44 -4.82
N SER B 674 -19.47 -16.28 -5.35
CA SER B 674 -20.52 -17.28 -5.12
C SER B 674 -20.17 -18.62 -5.76
N PHE B 675 -19.52 -18.60 -6.93
CA PHE B 675 -19.08 -19.87 -7.53
C PHE B 675 -17.97 -20.52 -6.72
N LEU B 676 -17.01 -19.72 -6.24
CA LEU B 676 -15.92 -20.25 -5.43
C LEU B 676 -16.38 -20.72 -4.06
N ALA B 677 -17.47 -20.15 -3.54
CA ALA B 677 -17.99 -20.56 -2.25
C ALA B 677 -18.91 -21.77 -2.32
N ASN B 678 -19.44 -22.09 -3.50
CA ASN B 678 -20.30 -23.27 -3.62
C ASN B 678 -19.45 -24.52 -3.76
N PRO B 679 -19.73 -25.57 -2.98
CA PRO B 679 -18.92 -26.80 -3.08
C PRO B 679 -18.91 -27.46 -4.46
N THR B 680 -20.03 -27.43 -5.18
CA THR B 680 -20.09 -28.11 -6.47
C THR B 680 -19.25 -27.43 -7.54
N THR B 681 -19.28 -26.10 -7.61
CA THR B 681 -18.60 -25.37 -8.66
C THR B 681 -17.28 -24.72 -8.24
N SER B 682 -16.92 -24.78 -6.96
CA SER B 682 -15.70 -24.11 -6.50
C SER B 682 -14.46 -24.62 -7.22
N ALA B 683 -14.28 -25.95 -7.25
CA ALA B 683 -13.09 -26.51 -7.89
C ALA B 683 -13.05 -26.21 -9.38
N LEU B 684 -14.18 -26.36 -10.08
CA LEU B 684 -14.19 -26.16 -11.52
C LEU B 684 -13.92 -24.70 -11.86
N PHE B 685 -14.63 -23.77 -11.22
CA PHE B 685 -14.43 -22.37 -11.53
C PHE B 685 -13.04 -21.92 -11.15
N ALA B 686 -12.51 -22.43 -10.02
CA ALA B 686 -11.16 -22.07 -9.63
C ALA B 686 -10.15 -22.56 -10.67
N THR B 687 -10.32 -23.80 -11.16
CA THR B 687 -9.42 -24.32 -12.18
C THR B 687 -9.45 -23.43 -13.43
N ILE B 688 -10.65 -23.09 -13.91
CA ILE B 688 -10.77 -22.29 -15.12
C ILE B 688 -10.15 -20.92 -14.91
N LEU B 689 -10.43 -20.30 -13.76
CA LEU B 689 -9.93 -18.96 -13.49
C LEU B 689 -8.42 -18.94 -13.32
N VAL B 690 -7.84 -19.92 -12.64
CA VAL B 690 -6.38 -19.95 -12.52
C VAL B 690 -5.73 -20.18 -13.86
N GLU B 691 -6.32 -21.04 -14.71
CA GLU B 691 -5.72 -21.25 -16.03
C GLU B 691 -5.76 -19.96 -16.86
N TYR B 692 -6.87 -19.24 -16.80
CA TYR B 692 -6.95 -17.96 -17.51
C TYR B 692 -5.95 -16.95 -16.95
N LEU B 693 -5.88 -16.83 -15.63
CA LEU B 693 -5.00 -15.85 -15.01
C LEU B 693 -3.53 -16.17 -15.27
N LEU B 694 -3.17 -17.45 -15.23
CA LEU B 694 -1.81 -17.85 -15.57
C LEU B 694 -1.50 -17.54 -17.02
N ASP B 695 -2.47 -17.71 -17.92
CA ASP B 695 -2.25 -17.29 -19.30
C ASP B 695 -2.02 -15.78 -19.41
N ARG B 696 -2.57 -15.01 -18.47
CA ARG B 696 -2.47 -13.56 -18.49
C ARG B 696 -1.44 -13.01 -17.50
N LEU B 697 -0.61 -13.88 -16.92
CA LEU B 697 0.33 -13.44 -15.89
C LEU B 697 1.29 -12.34 -16.33
N PRO B 698 1.88 -12.35 -17.53
CA PRO B 698 2.76 -11.24 -17.91
C PRO B 698 2.07 -9.88 -17.93
N GLU B 699 0.76 -9.83 -18.18
CA GLU B 699 0.08 -8.54 -18.28
C GLU B 699 -0.01 -7.84 -16.92
N MET B 700 0.12 -8.58 -15.83
CA MET B 700 0.09 -8.01 -14.49
C MET B 700 1.19 -6.98 -14.26
N GLY B 701 2.28 -7.03 -15.01
CA GLY B 701 3.34 -6.06 -14.89
C GLY B 701 3.28 -4.89 -15.85
N SER B 702 2.24 -4.81 -16.69
CA SER B 702 2.14 -3.76 -17.70
C SER B 702 0.99 -2.79 -17.46
N ASN B 703 -0.24 -3.29 -17.31
CA ASN B 703 -1.39 -2.42 -17.10
C ASN B 703 -1.78 -2.46 -15.63
N VAL B 704 -1.77 -1.28 -14.99
CA VAL B 704 -2.09 -1.17 -13.56
C VAL B 704 -3.51 -1.64 -13.27
N GLU B 705 -4.46 -1.31 -14.15
CA GLU B 705 -5.84 -1.71 -13.93
C GLU B 705 -5.99 -3.21 -13.99
N LEU B 706 -5.48 -3.82 -15.06
CA LEU B 706 -5.54 -5.26 -15.20
C LEU B 706 -4.71 -5.94 -14.12
N SER B 707 -3.61 -5.31 -13.72
CA SER B 707 -2.77 -5.88 -12.66
C SER B 707 -3.56 -5.99 -11.36
N ASN B 708 -4.25 -4.91 -10.97
CA ASN B 708 -5.05 -4.94 -9.76
C ASN B 708 -6.19 -5.95 -9.87
N LEU B 709 -6.82 -6.02 -11.04
CA LEU B 709 -7.91 -6.98 -11.23
C LEU B 709 -7.40 -8.41 -11.08
N TYR B 710 -6.33 -8.75 -11.79
CA TYR B 710 -5.78 -10.10 -11.75
C TYR B 710 -5.31 -10.47 -10.35
N LEU B 711 -4.70 -9.52 -9.63
CA LEU B 711 -4.29 -9.79 -8.26
C LEU B 711 -5.47 -10.08 -7.36
N LYS B 712 -6.56 -9.30 -7.49
CA LYS B 712 -7.74 -9.56 -6.67
C LYS B 712 -8.37 -10.91 -7.01
N LEU B 713 -8.37 -11.28 -8.29
CA LEU B 713 -8.93 -12.59 -8.67
C LEU B 713 -8.08 -13.73 -8.15
N PHE B 714 -6.76 -13.60 -8.20
CA PHE B 714 -5.88 -14.58 -7.56
C PHE B 714 -6.14 -14.69 -6.06
N LYS B 715 -6.34 -13.56 -5.39
CA LYS B 715 -6.70 -13.60 -3.98
C LYS B 715 -8.02 -14.35 -3.76
N LEU B 716 -8.98 -14.16 -4.66
CA LEU B 716 -10.23 -14.90 -4.58
C LEU B 716 -10.00 -16.41 -4.71
N VAL B 717 -9.15 -16.81 -5.65
CA VAL B 717 -8.82 -18.24 -5.80
C VAL B 717 -8.19 -18.78 -4.51
N PHE B 718 -7.23 -18.05 -3.96
CA PHE B 718 -6.54 -18.52 -2.77
C PHE B 718 -7.48 -18.62 -1.57
N GLY B 719 -8.43 -17.68 -1.45
CA GLY B 719 -9.47 -17.85 -0.45
C GLY B 719 -10.37 -19.03 -0.72
N SER B 720 -10.54 -19.40 -1.98
CA SER B 720 -11.31 -20.60 -2.28
C SER B 720 -10.53 -21.84 -1.85
N VAL B 721 -9.21 -21.79 -1.99
CA VAL B 721 -8.36 -22.88 -1.54
C VAL B 721 -8.44 -23.00 -0.02
N SER B 722 -8.54 -21.87 0.67
CA SER B 722 -8.77 -21.88 2.10
C SER B 722 -10.13 -22.49 2.45
N LEU B 723 -11.14 -22.26 1.61
CA LEU B 723 -12.50 -22.70 1.96
C LEU B 723 -12.71 -24.19 1.75
N PHE B 724 -12.28 -24.72 0.60
CA PHE B 724 -12.56 -26.12 0.26
C PHE B 724 -11.27 -26.88 0.00
N ALA B 725 -10.40 -26.89 1.01
CA ALA B 725 -9.07 -27.48 1.00
C ALA B 725 -8.90 -28.85 0.33
N ALA B 726 -9.86 -29.77 0.52
CA ALA B 726 -9.70 -31.12 -0.01
C ALA B 726 -9.60 -31.14 -1.54
N GLU B 727 -10.48 -30.45 -2.23
CA GLU B 727 -10.42 -30.43 -3.69
C GLU B 727 -9.64 -29.24 -4.22
N ASN B 728 -9.68 -28.11 -3.51
CA ASN B 728 -8.97 -26.94 -4.00
C ASN B 728 -7.47 -27.07 -3.85
N GLU B 729 -6.97 -27.85 -2.88
CA GLU B 729 -5.54 -28.10 -2.84
C GLU B 729 -5.11 -28.86 -4.08
N GLN B 730 -5.86 -29.89 -4.47
CA GLN B 730 -5.54 -30.64 -5.67
C GLN B 730 -5.60 -29.75 -6.90
N MET B 731 -6.56 -28.82 -6.93
CA MET B 731 -6.66 -27.87 -8.03
C MET B 731 -5.44 -26.96 -8.12
N LEU B 732 -5.03 -26.37 -7.00
CA LEU B 732 -3.89 -25.45 -6.98
C LEU B 732 -2.54 -26.14 -7.14
N LYS B 733 -2.43 -27.40 -6.72
CA LYS B 733 -1.15 -28.12 -6.74
C LYS B 733 -0.38 -28.05 -8.05
N PRO B 734 -0.95 -28.37 -9.21
CA PRO B 734 -0.14 -28.29 -10.44
C PRO B 734 0.28 -26.89 -10.80
N HIS B 735 -0.52 -25.89 -10.48
CA HIS B 735 -0.27 -24.50 -10.86
C HIS B 735 0.79 -23.82 -10.01
N LEU B 736 1.00 -24.31 -8.77
CA LEU B 736 1.85 -23.63 -7.79
C LEU B 736 3.23 -23.31 -8.34
N HIS B 737 3.88 -24.28 -8.99
CA HIS B 737 5.22 -24.04 -9.52
C HIS B 737 5.22 -22.95 -10.57
N LYS B 738 4.24 -22.99 -11.47
CA LYS B 738 4.16 -21.94 -12.50
C LYS B 738 3.95 -20.58 -11.86
N ILE B 739 3.04 -20.50 -10.89
CA ILE B 739 2.75 -19.22 -10.24
C ILE B 739 4.03 -18.65 -9.62
N VAL B 740 4.70 -19.44 -8.80
CA VAL B 740 5.88 -18.93 -8.08
C VAL B 740 6.98 -18.56 -9.06
N ASN B 741 7.31 -19.47 -9.97
CA ASN B 741 8.44 -19.25 -10.86
C ASN B 741 8.19 -18.10 -11.81
N SER B 742 6.98 -17.99 -12.36
CA SER B 742 6.68 -16.92 -13.29
C SER B 742 6.59 -15.57 -12.58
N SER B 743 6.08 -15.55 -11.34
CA SER B 743 6.06 -14.31 -10.59
C SER B 743 7.47 -13.81 -10.31
N MET B 744 8.37 -14.73 -9.94
CA MET B 744 9.75 -14.31 -9.70
C MET B 744 10.45 -13.92 -11.00
N GLU B 745 10.18 -14.63 -12.09
CA GLU B 745 10.83 -14.33 -13.37
C GLU B 745 10.31 -13.03 -13.99
N LEU B 746 9.00 -12.83 -13.99
CA LEU B 746 8.43 -11.66 -14.66
C LEU B 746 8.65 -10.38 -13.89
N ALA B 747 8.90 -10.45 -12.59
CA ALA B 747 9.11 -9.25 -11.80
C ALA B 747 10.44 -8.58 -12.10
N GLN B 748 11.41 -9.32 -12.64
CA GLN B 748 12.70 -8.73 -12.95
C GLN B 748 12.62 -7.75 -14.11
N THR B 749 11.70 -7.97 -15.04
CA THR B 749 11.56 -7.11 -16.22
C THR B 749 10.26 -6.31 -16.22
N ALA B 750 9.38 -6.53 -15.26
CA ALA B 750 8.10 -5.83 -15.25
C ALA B 750 8.28 -4.37 -14.89
N LYS B 751 7.50 -3.51 -15.52
CA LYS B 751 7.48 -2.10 -15.13
C LYS B 751 6.96 -1.92 -13.72
N GLU B 752 5.89 -2.64 -13.36
CA GLU B 752 5.30 -2.60 -12.03
C GLU B 752 5.33 -3.99 -11.43
N PRO B 753 6.40 -4.35 -10.72
CA PRO B 753 6.50 -5.69 -10.14
C PRO B 753 5.86 -5.88 -8.78
N TYR B 754 5.40 -4.79 -8.16
CA TYR B 754 4.81 -4.85 -6.82
C TYR B 754 3.70 -5.88 -6.72
N ASN B 755 2.83 -5.96 -7.74
CA ASN B 755 1.74 -6.92 -7.70
C ASN B 755 2.20 -8.37 -7.76
N TYR B 756 3.33 -8.66 -8.40
CA TYR B 756 3.81 -10.04 -8.38
C TYR B 756 4.22 -10.46 -6.97
N PHE B 757 4.76 -9.53 -6.19
CA PHE B 757 5.14 -9.84 -4.83
C PHE B 757 3.93 -9.87 -3.91
N LEU B 758 2.93 -9.04 -4.19
CA LEU B 758 1.68 -9.16 -3.44
C LEU B 758 1.03 -10.51 -3.73
N LEU B 759 1.17 -10.99 -4.96
CA LEU B 759 0.65 -12.31 -5.35
C LEU B 759 1.38 -13.41 -4.60
N LEU B 760 2.69 -13.27 -4.43
CA LEU B 760 3.44 -14.24 -3.64
C LEU B 760 3.04 -14.20 -2.17
N ARG B 761 2.84 -13.00 -1.62
CA ARG B 761 2.40 -12.89 -0.24
C ARG B 761 1.03 -13.53 -0.03
N ALA B 762 0.10 -13.28 -0.96
CA ALA B 762 -1.22 -13.91 -0.85
C ALA B 762 -1.12 -15.42 -0.93
N LEU B 763 -0.31 -15.93 -1.86
CA LEU B 763 -0.12 -17.38 -1.98
C LEU B 763 0.45 -17.96 -0.68
N PHE B 764 1.42 -17.28 -0.08
CA PHE B 764 2.00 -17.78 1.16
C PHE B 764 0.98 -17.76 2.30
N ARG B 765 0.23 -16.67 2.42
CA ARG B 765 -0.81 -16.57 3.43
C ARG B 765 -1.92 -17.61 3.23
N SER B 766 -2.10 -18.11 2.01
CA SER B 766 -3.09 -19.16 1.77
C SER B 766 -2.60 -20.51 2.30
N ILE B 767 -1.42 -20.94 1.85
CA ILE B 767 -0.82 -22.19 2.30
C ILE B 767 -0.49 -22.17 3.79
N GLY B 768 -0.28 -20.97 4.35
CA GLY B 768 0.02 -20.84 5.76
C GLY B 768 -1.05 -21.35 6.71
N GLY B 769 -2.20 -21.78 6.19
CA GLY B 769 -3.21 -22.36 7.06
C GLY B 769 -2.80 -23.66 7.72
N GLY B 770 -1.71 -24.28 7.25
CA GLY B 770 -1.14 -25.47 7.87
C GLY B 770 -1.74 -26.80 7.48
N SER B 771 -3.07 -26.86 7.35
CA SER B 771 -3.71 -28.13 7.02
C SER B 771 -3.46 -28.55 5.58
N HIS B 772 -2.98 -27.64 4.75
CA HIS B 772 -2.75 -27.85 3.33
C HIS B 772 -1.45 -28.62 3.03
N ASP B 773 -1.25 -29.75 3.71
CA ASP B 773 0.00 -30.51 3.58
C ASP B 773 0.37 -30.80 2.13
N LEU B 774 -0.62 -31.09 1.28
CA LEU B 774 -0.33 -31.33 -0.13
C LEU B 774 0.37 -30.15 -0.79
N LEU B 775 0.01 -28.93 -0.39
CA LEU B 775 0.67 -27.75 -0.95
C LEU B 775 2.04 -27.58 -0.34
N TYR B 776 2.22 -27.97 0.92
CA TYR B 776 3.55 -27.91 1.52
C TYR B 776 4.50 -28.83 0.75
N GLN B 777 4.07 -30.07 0.49
CA GLN B 777 4.89 -31.01 -0.27
C GLN B 777 5.18 -30.47 -1.67
N GLU B 778 4.17 -29.94 -2.35
CA GLU B 778 4.41 -29.39 -3.69
C GLU B 778 5.35 -28.19 -3.67
N PHE B 779 5.31 -27.41 -2.59
CA PHE B 779 6.09 -26.17 -2.48
C PHE B 779 7.57 -26.41 -2.19
N LEU B 780 7.91 -27.53 -1.55
CA LEU B 780 9.30 -27.75 -1.14
C LEU B 780 10.35 -27.70 -2.26
N PRO B 781 10.14 -28.25 -3.46
CA PRO B 781 11.15 -28.06 -4.51
C PRO B 781 11.35 -26.61 -4.93
N LEU B 782 10.31 -25.78 -4.86
CA LEU B 782 10.46 -24.36 -5.14
C LEU B 782 11.35 -23.67 -4.12
N LEU B 783 11.37 -24.17 -2.89
CA LEU B 783 11.97 -23.46 -1.76
C LEU B 783 13.41 -22.99 -1.94
N PRO B 784 14.35 -23.76 -2.48
CA PRO B 784 15.72 -23.22 -2.64
C PRO B 784 15.82 -22.01 -3.56
N ASN B 785 15.28 -22.11 -4.78
CA ASN B 785 15.40 -21.00 -5.72
C ASN B 785 14.60 -19.80 -5.26
N LEU B 786 13.44 -20.03 -4.66
CA LEU B 786 12.60 -18.93 -4.19
C LEU B 786 13.32 -18.15 -3.10
N LEU B 787 13.85 -18.87 -2.10
CA LEU B 787 14.53 -18.20 -0.99
C LEU B 787 15.79 -17.48 -1.47
N GLN B 788 16.53 -18.10 -2.40
CA GLN B 788 17.70 -17.42 -2.95
C GLN B 788 17.31 -16.12 -3.65
N GLY B 789 16.28 -16.17 -4.49
CA GLY B 789 15.85 -14.97 -5.19
C GLY B 789 15.35 -13.89 -4.24
N LEU B 790 14.58 -14.29 -3.24
CA LEU B 790 14.05 -13.32 -2.28
C LEU B 790 15.17 -12.71 -1.45
N ASN B 791 16.17 -13.51 -1.07
CA ASN B 791 17.31 -12.97 -0.34
C ASN B 791 18.08 -11.96 -1.19
N MET B 792 18.30 -12.29 -2.46
CA MET B 792 18.98 -11.35 -3.34
C MET B 792 18.18 -10.06 -3.49
N LEU B 793 16.85 -10.18 -3.54
CA LEU B 793 16.01 -8.98 -3.67
C LEU B 793 16.10 -8.12 -2.41
N GLN B 794 15.94 -8.72 -1.24
CA GLN B 794 15.95 -7.94 -0.01
C GLN B 794 17.33 -7.36 0.26
N SER B 795 18.39 -7.98 -0.26
CA SER B 795 19.73 -7.45 -0.10
C SER B 795 19.95 -6.20 -0.94
N GLY B 796 19.13 -5.98 -1.96
CA GLY B 796 19.32 -4.89 -2.89
C GLY B 796 18.79 -3.57 -2.36
N LEU B 797 18.84 -2.57 -3.23
CA LEU B 797 18.35 -1.23 -2.92
C LEU B 797 17.00 -1.03 -3.58
N HIS B 798 15.97 -0.77 -2.78
CA HIS B 798 14.61 -0.63 -3.26
C HIS B 798 13.91 0.46 -2.47
N LYS B 799 12.69 0.77 -2.88
CA LYS B 799 11.84 1.63 -2.07
C LYS B 799 11.41 0.90 -0.80
N GLN B 800 11.00 1.68 0.19
CA GLN B 800 10.81 1.11 1.53
C GLN B 800 9.72 0.05 1.54
N HIS B 801 8.61 0.29 0.83
CA HIS B 801 7.54 -0.70 0.79
C HIS B 801 7.98 -1.97 0.08
N MET B 802 8.77 -1.84 -0.98
CA MET B 802 9.29 -3.01 -1.68
C MET B 802 10.20 -3.84 -0.77
N LYS B 803 11.08 -3.18 -0.02
CA LYS B 803 11.97 -3.89 0.88
C LYS B 803 11.19 -4.56 2.02
N ASP B 804 10.18 -3.87 2.54
CA ASP B 804 9.34 -4.47 3.57
C ASP B 804 8.66 -5.72 3.04
N LEU B 805 8.14 -5.66 1.80
CA LEU B 805 7.51 -6.83 1.20
C LEU B 805 8.50 -7.96 1.01
N PHE B 806 9.73 -7.65 0.57
CA PHE B 806 10.72 -8.69 0.37
C PHE B 806 11.09 -9.38 1.69
N VAL B 807 11.28 -8.59 2.74
CA VAL B 807 11.60 -9.16 4.05
C VAL B 807 10.46 -10.03 4.55
N GLU B 808 9.23 -9.54 4.43
CA GLU B 808 8.08 -10.33 4.87
C GLU B 808 7.98 -11.64 4.10
N LEU B 809 8.20 -11.60 2.79
CA LEU B 809 8.16 -12.82 1.98
C LEU B 809 9.26 -13.78 2.41
N CYS B 810 10.45 -13.26 2.72
CA CYS B 810 11.53 -14.12 3.18
C CYS B 810 11.18 -14.80 4.50
N LEU B 811 10.55 -14.07 5.42
CA LEU B 811 10.28 -14.62 6.74
C LEU B 811 9.01 -15.46 6.81
N THR B 812 8.07 -15.29 5.87
CA THR B 812 6.78 -15.96 5.93
C THR B 812 6.61 -17.01 4.83
N VAL B 813 7.70 -17.67 4.43
CA VAL B 813 7.56 -18.78 3.47
C VAL B 813 6.74 -19.90 4.11
N PRO B 814 5.70 -20.40 3.44
CA PRO B 814 4.74 -21.32 4.10
C PRO B 814 5.25 -22.74 4.17
N VAL B 815 6.32 -22.94 4.92
CA VAL B 815 6.93 -24.26 5.10
C VAL B 815 7.32 -24.42 6.56
N ARG B 816 7.30 -25.66 7.03
CA ARG B 816 7.70 -25.97 8.40
C ARG B 816 9.17 -25.70 8.60
N LEU B 817 9.52 -25.31 9.84
CA LEU B 817 10.89 -24.92 10.14
C LEU B 817 11.88 -26.02 9.86
N SER B 818 11.51 -27.29 10.04
CA SER B 818 12.41 -28.40 9.77
C SER B 818 12.88 -28.42 8.32
N SER B 819 12.03 -28.00 7.38
CA SER B 819 12.45 -27.91 5.98
C SER B 819 13.36 -26.72 5.73
N LEU B 820 13.23 -25.66 6.52
CA LEU B 820 14.11 -24.49 6.39
C LEU B 820 15.55 -24.76 6.82
N LEU B 821 15.79 -25.81 7.62
CA LEU B 821 17.12 -26.12 8.15
C LEU B 821 18.26 -25.96 7.14
N PRO B 822 18.21 -26.55 5.93
CA PRO B 822 19.31 -26.34 4.99
C PRO B 822 19.39 -24.93 4.42
N TYR B 823 18.29 -24.18 4.45
CA TYR B 823 18.24 -22.83 3.88
C TYR B 823 18.24 -21.74 4.94
N LEU B 824 18.44 -22.11 6.20
CA LEU B 824 18.45 -21.13 7.29
C LEU B 824 19.40 -19.97 7.07
N PRO B 825 20.62 -20.15 6.53
CA PRO B 825 21.49 -18.99 6.30
C PRO B 825 20.88 -17.91 5.41
N MET B 826 19.97 -18.28 4.50
CA MET B 826 19.30 -17.28 3.68
C MET B 826 18.39 -16.39 4.53
N LEU B 827 17.88 -16.90 5.65
CA LEU B 827 16.89 -16.18 6.43
C LEU B 827 17.50 -15.17 7.40
N MET B 828 18.81 -15.21 7.63
CA MET B 828 19.41 -14.39 8.69
C MET B 828 19.42 -12.91 8.32
N ASP B 829 19.87 -12.58 7.10
CA ASP B 829 19.85 -11.18 6.68
C ASP B 829 18.45 -10.58 6.63
N PRO B 830 17.42 -11.27 6.12
CA PRO B 830 16.05 -10.74 6.27
C PRO B 830 15.64 -10.58 7.72
N LEU B 831 16.10 -11.46 8.62
CA LEU B 831 15.78 -11.29 10.04
C LEU B 831 16.36 -9.99 10.59
N VAL B 832 17.63 -9.73 10.28
CA VAL B 832 18.26 -8.49 10.72
C VAL B 832 17.53 -7.29 10.13
N SER B 833 17.16 -7.37 8.84
CA SER B 833 16.43 -6.28 8.21
C SER B 833 15.08 -6.04 8.90
N ALA B 834 14.38 -7.12 9.22
CA ALA B 834 13.08 -7.01 9.89
C ALA B 834 13.22 -6.37 11.27
N LEU B 835 14.24 -6.77 12.03
CA LEU B 835 14.46 -6.17 13.34
C LEU B 835 14.77 -4.68 13.24
N ASN B 836 15.29 -4.23 12.11
CA ASN B 836 15.61 -2.83 11.88
C ASN B 836 14.52 -2.10 11.08
N GLY B 837 13.41 -2.75 10.79
CA GLY B 837 12.36 -2.20 9.96
C GLY B 837 11.25 -1.56 10.77
N SER B 838 10.05 -1.58 10.19
CA SER B 838 8.88 -0.99 10.82
C SER B 838 8.38 -1.89 11.95
N GLN B 839 7.37 -1.41 12.67
CA GLN B 839 6.91 -2.12 13.86
C GLN B 839 6.41 -3.52 13.52
N THR B 840 5.63 -3.65 12.44
CA THR B 840 5.16 -4.97 12.04
C THR B 840 6.32 -5.87 11.63
N LEU B 841 7.30 -5.32 10.91
CA LEU B 841 8.47 -6.10 10.53
C LEU B 841 9.28 -6.51 11.76
N VAL B 842 9.40 -5.62 12.74
CA VAL B 842 10.14 -5.96 13.96
C VAL B 842 9.43 -7.08 14.71
N SER B 843 8.10 -7.00 14.79
CA SER B 843 7.35 -8.08 15.44
C SER B 843 7.52 -9.40 14.70
N GLN B 844 7.47 -9.37 13.36
CA GLN B 844 7.62 -10.60 12.58
C GLN B 844 9.02 -11.18 12.76
N GLY B 845 10.05 -10.33 12.75
CA GLY B 845 11.40 -10.80 12.94
C GLY B 845 11.62 -11.40 14.32
N LEU B 846 11.06 -10.76 15.34
CA LEU B 846 11.15 -11.30 16.69
C LEU B 846 10.43 -12.64 16.79
N ARG B 847 9.30 -12.78 16.10
CA ARG B 847 8.57 -14.05 16.10
C ARG B 847 9.41 -15.15 15.45
N THR B 848 10.01 -14.85 14.30
CA THR B 848 10.81 -15.85 13.60
C THR B 848 12.04 -16.23 14.44
N LEU B 849 12.68 -15.24 15.05
CA LEU B 849 13.84 -15.53 15.88
C LEU B 849 13.47 -16.37 17.10
N GLU B 850 12.34 -16.08 17.72
CA GLU B 850 11.90 -16.88 18.87
C GLU B 850 11.56 -18.30 18.46
N LEU B 851 10.95 -18.47 17.29
CA LEU B 851 10.71 -19.81 16.77
C LEU B 851 12.01 -20.57 16.57
N CYS B 852 13.01 -19.91 15.98
CA CYS B 852 14.30 -20.56 15.75
C CYS B 852 14.96 -20.92 17.07
N VAL B 853 14.93 -20.02 18.06
CA VAL B 853 15.55 -20.30 19.35
C VAL B 853 14.85 -21.47 20.03
N ASP B 854 13.52 -21.50 20.00
CA ASP B 854 12.79 -22.53 20.71
C ASP B 854 12.96 -23.90 20.05
N ASN B 855 13.05 -23.93 18.72
CA ASN B 855 13.02 -25.21 18.02
C ASN B 855 14.39 -25.79 17.68
N LEU B 856 15.43 -24.98 17.61
CA LEU B 856 16.74 -25.44 17.18
C LEU B 856 17.69 -25.57 18.37
N GLN B 857 18.73 -26.37 18.16
CA GLN B 857 19.77 -26.51 19.17
C GLN B 857 20.59 -25.22 19.25
N PRO B 858 20.99 -24.80 20.45
CA PRO B 858 21.72 -23.52 20.58
C PRO B 858 23.01 -23.45 19.79
N ASP B 859 23.77 -24.56 19.68
CA ASP B 859 25.03 -24.52 18.96
C ASP B 859 24.80 -24.33 17.46
N PHE B 860 23.85 -25.05 16.89
CA PHE B 860 23.53 -24.92 15.47
C PHE B 860 23.04 -23.52 15.15
N LEU B 861 22.09 -23.02 15.95
CA LEU B 861 21.58 -21.68 15.72
C LEU B 861 22.67 -20.64 15.86
N TYR B 862 23.51 -20.75 16.90
CA TYR B 862 24.61 -19.81 17.06
C TYR B 862 25.56 -19.86 15.87
N ASP B 863 25.84 -21.04 15.36
CA ASP B 863 26.70 -21.16 14.19
C ASP B 863 26.12 -20.42 12.99
N HIS B 864 24.80 -20.52 12.78
CA HIS B 864 24.19 -19.81 11.66
C HIS B 864 24.05 -18.30 11.88
N ILE B 865 23.77 -17.86 13.11
CA ILE B 865 23.73 -16.41 13.37
C ILE B 865 25.08 -15.75 13.17
N GLN B 866 26.19 -16.49 13.32
CA GLN B 866 27.50 -15.87 13.44
C GLN B 866 27.83 -14.84 12.36
N PRO B 867 27.55 -15.06 11.06
CA PRO B 867 27.75 -13.96 10.09
C PRO B 867 26.98 -12.69 10.40
N VAL B 868 25.67 -12.77 10.60
CA VAL B 868 24.87 -11.61 10.99
C VAL B 868 25.14 -11.13 12.41
N ARG B 869 25.72 -11.98 13.26
CA ARG B 869 25.52 -11.90 14.71
C ARG B 869 25.78 -10.50 15.28
N ALA B 870 26.78 -9.79 14.76
CA ALA B 870 27.00 -8.42 15.21
C ALA B 870 25.78 -7.54 14.98
N GLU B 871 25.23 -7.59 13.77
CA GLU B 871 24.07 -6.77 13.45
C GLU B 871 22.82 -7.29 14.16
N LEU B 872 22.70 -8.61 14.30
CA LEU B 872 21.53 -9.17 14.98
C LEU B 872 21.51 -8.76 16.45
N MET B 873 22.64 -8.87 17.13
CA MET B 873 22.69 -8.49 18.53
C MET B 873 22.52 -6.99 18.71
N GLN B 874 23.06 -6.18 17.81
CA GLN B 874 22.83 -4.74 17.93
C GLN B 874 21.36 -4.40 17.71
N ALA B 875 20.70 -5.06 16.76
CA ALA B 875 19.27 -4.88 16.57
C ALA B 875 18.48 -5.30 17.80
N LEU B 876 18.82 -6.45 18.39
CA LEU B 876 18.14 -6.91 19.60
C LEU B 876 18.31 -5.91 20.74
N TRP B 877 19.52 -5.41 20.94
CA TRP B 877 19.75 -4.42 21.98
C TRP B 877 18.93 -3.15 21.73
N ARG B 878 18.92 -2.68 20.49
CA ARG B 878 18.09 -1.52 20.15
C ARG B 878 16.62 -1.81 20.38
N THR B 879 16.18 -3.04 20.09
CA THR B 879 14.78 -3.40 20.22
C THR B 879 14.29 -3.27 21.66
N LEU B 880 15.18 -3.46 22.64
CA LEU B 880 14.82 -3.20 24.03
C LEU B 880 14.33 -1.77 24.24
N ARG B 881 14.83 -0.82 23.45
CA ARG B 881 14.43 0.57 23.59
C ARG B 881 13.19 0.91 22.77
N ASN B 882 12.58 -0.08 22.12
CA ASN B 882 11.40 0.18 21.31
C ASN B 882 10.24 0.64 22.20
N PRO B 883 9.52 1.68 21.81
CA PRO B 883 8.42 2.17 22.65
C PRO B 883 7.29 1.18 22.86
N ALA B 884 7.15 0.16 22.01
CA ALA B 884 6.09 -0.81 22.15
C ALA B 884 6.49 -1.84 23.20
N ASP B 885 5.64 -2.00 24.23
CA ASP B 885 5.97 -2.88 25.33
C ASP B 885 6.05 -4.33 24.88
N SER B 886 5.16 -4.73 23.97
CA SER B 886 5.18 -6.10 23.46
C SER B 886 6.50 -6.39 22.74
N ILE B 887 6.93 -5.46 21.89
CA ILE B 887 8.16 -5.65 21.11
C ILE B 887 9.36 -5.75 22.04
N SER B 888 9.47 -4.83 22.99
CA SER B 888 10.62 -4.84 23.90
C SER B 888 10.61 -6.07 24.81
N HIS B 889 9.42 -6.48 25.26
CA HIS B 889 9.33 -7.68 26.10
C HIS B 889 9.72 -8.93 25.33
N VAL B 890 9.28 -9.05 24.08
CA VAL B 890 9.67 -10.19 23.27
C VAL B 890 11.18 -10.18 23.03
N ALA B 891 11.75 -9.00 22.80
CA ALA B 891 13.19 -8.90 22.61
C ALA B 891 13.95 -9.34 23.86
N TYR B 892 13.48 -8.90 25.03
CA TYR B 892 14.14 -9.29 26.28
C TYR B 892 14.03 -10.79 26.50
N ARG B 893 12.87 -11.37 26.18
CA ARG B 893 12.69 -12.82 26.30
C ARG B 893 13.63 -13.57 25.37
N VAL B 894 13.79 -13.08 24.14
CA VAL B 894 14.67 -13.73 23.18
C VAL B 894 16.12 -13.63 23.65
N LEU B 895 16.51 -12.47 24.18
CA LEU B 895 17.87 -12.32 24.70
C LEU B 895 18.11 -13.26 25.87
N GLY B 896 17.13 -13.39 26.76
CA GLY B 896 17.28 -14.35 27.84
C GLY B 896 17.37 -15.78 27.36
N LYS B 897 16.64 -16.11 26.30
CA LYS B 897 16.71 -17.45 25.74
C LYS B 897 18.06 -17.72 25.08
N PHE B 898 18.69 -16.67 24.52
CA PHE B 898 20.05 -16.83 24.01
C PHE B 898 21.06 -17.09 25.11
N GLY B 899 20.72 -16.75 26.35
CA GLY B 899 21.61 -16.98 27.47
C GLY B 899 22.89 -16.17 27.43
N GLY B 900 24.03 -16.86 27.45
CA GLY B 900 25.30 -16.17 27.39
C GLY B 900 25.71 -15.71 26.02
N SER B 901 25.02 -16.17 24.97
CA SER B 901 25.36 -15.77 23.61
C SER B 901 25.02 -14.32 23.31
N ASN B 902 24.15 -13.70 24.11
CA ASN B 902 23.76 -12.32 23.84
C ASN B 902 24.89 -11.34 24.09
N ARG B 903 25.76 -11.62 25.06
CA ARG B 903 26.81 -10.68 25.45
C ARG B 903 28.20 -11.10 25.00
N LYS B 904 28.33 -12.17 24.23
CA LYS B 904 29.63 -12.56 23.68
C LYS B 904 30.23 -11.43 22.86
N MET B 905 31.54 -11.23 23.00
CA MET B 905 32.25 -10.18 22.30
C MET B 905 31.92 -10.19 20.81
N LEU B 906 31.54 -9.02 20.29
CA LEU B 906 31.43 -8.84 18.85
C LEU B 906 32.79 -8.53 18.26
N LYS B 907 33.22 -9.35 17.30
CA LYS B 907 34.44 -9.04 16.56
C LYS B 907 34.26 -7.74 15.77
N GLU B 908 33.09 -7.56 15.15
CA GLU B 908 32.76 -6.31 14.46
C GLU B 908 32.15 -5.37 15.49
N SER B 909 32.97 -4.45 16.01
CA SER B 909 32.56 -3.60 17.12
C SER B 909 31.52 -2.58 16.65
N GLN B 910 30.91 -1.91 17.62
CA GLN B 910 29.87 -0.94 17.33
C GLN B 910 30.49 0.29 16.68
N LYS B 911 29.85 0.77 15.61
CA LYS B 911 30.37 1.91 14.88
C LYS B 911 30.15 3.19 15.68
N LEU B 912 31.11 4.10 15.57
CA LEU B 912 31.06 5.38 16.27
C LEU B 912 30.90 6.52 15.28
N HIS B 913 30.15 7.54 15.68
CA HIS B 913 29.95 8.71 14.84
C HIS B 913 31.13 9.66 15.02
N TYR B 914 31.96 9.76 13.98
CA TYR B 914 33.16 10.56 14.00
C TYR B 914 33.05 11.72 13.04
N VAL B 915 33.52 12.89 13.46
CA VAL B 915 33.53 14.09 12.63
C VAL B 915 34.88 14.19 11.95
N VAL B 916 34.89 14.11 10.62
CA VAL B 916 36.13 14.13 9.86
C VAL B 916 36.56 15.56 9.50
N THR B 917 35.66 16.53 9.56
CA THR B 917 35.94 17.88 9.10
C THR B 917 36.15 18.82 10.28
N GLU B 918 37.21 19.62 10.21
CA GLU B 918 37.49 20.60 11.25
C GLU B 918 36.71 21.90 11.04
N VAL B 919 36.41 22.26 9.80
CA VAL B 919 35.77 23.54 9.53
C VAL B 919 34.32 23.52 9.99
N GLN B 920 33.87 24.63 10.57
CA GLN B 920 32.48 24.78 10.95
C GLN B 920 31.60 24.89 9.72
N GLY B 921 30.37 24.39 9.84
CA GLY B 921 29.41 24.48 8.78
C GLY B 921 28.88 25.89 8.62
N PRO B 922 28.06 26.09 7.59
CA PRO B 922 27.47 27.41 7.36
C PRO B 922 26.53 27.80 8.49
N SER B 923 26.43 29.12 8.72
CA SER B 923 25.71 29.64 9.87
C SER B 923 25.16 31.02 9.54
N ILE B 924 24.09 31.40 10.24
CA ILE B 924 23.45 32.69 10.09
C ILE B 924 23.91 33.59 11.22
N THR B 925 23.91 34.90 10.98
CA THR B 925 24.36 35.87 11.97
C THR B 925 23.15 36.46 12.68
N VAL B 926 23.13 36.33 14.00
CA VAL B 926 22.08 36.90 14.83
C VAL B 926 22.70 37.95 15.74
N GLU B 927 22.10 39.13 15.79
CA GLU B 927 22.59 40.24 16.60
C GLU B 927 21.75 40.40 17.85
N PHE B 928 22.41 40.50 18.99
CA PHE B 928 21.76 40.74 20.28
C PHE B 928 22.12 42.16 20.72
N SER B 929 21.22 43.11 20.42
CA SER B 929 21.52 44.52 20.70
C SER B 929 21.77 44.76 22.18
N ASP B 930 21.05 44.06 23.05
CA ASP B 930 21.23 44.24 24.49
C ASP B 930 22.65 43.89 24.92
N CYS B 931 23.20 42.80 24.37
CA CYS B 931 24.57 42.41 24.66
C CYS B 931 25.59 43.14 23.80
N LYS B 932 25.14 43.87 22.77
CA LYS B 932 26.04 44.55 21.84
C LYS B 932 27.02 43.56 21.20
N ALA B 933 26.50 42.40 20.83
CA ALA B 933 27.33 41.34 20.28
C ALA B 933 26.50 40.52 19.30
N SER B 934 27.20 39.81 18.41
CA SER B 934 26.58 38.97 17.42
C SER B 934 27.05 37.53 17.59
N LEU B 935 26.16 36.59 17.26
CA LEU B 935 26.46 35.17 17.31
C LEU B 935 26.17 34.54 15.95
N GLN B 936 26.85 33.44 15.67
CA GLN B 936 26.60 32.65 14.48
C GLN B 936 25.75 31.45 14.85
N LEU B 937 24.62 31.28 14.15
CA LEU B 937 23.69 30.20 14.41
C LEU B 937 23.82 29.15 13.32
N PRO B 938 24.14 27.90 13.65
CA PRO B 938 24.59 26.95 12.63
C PRO B 938 23.43 26.24 11.95
N MET B 939 23.55 26.09 10.63
CA MET B 939 22.43 25.76 9.76
C MET B 939 22.45 24.35 9.21
N GLU B 940 23.58 23.63 9.33
CA GLU B 940 23.67 22.31 8.70
C GLU B 940 22.58 21.37 9.21
N LYS B 941 22.45 21.26 10.53
CA LYS B 941 21.40 20.41 11.10
C LYS B 941 20.01 20.94 10.73
N ALA B 942 19.85 22.27 10.73
CA ALA B 942 18.57 22.84 10.34
C ALA B 942 18.20 22.52 8.91
N ILE B 943 19.17 22.61 7.99
CA ILE B 943 18.91 22.30 6.60
C ILE B 943 18.61 20.81 6.43
N GLU B 944 19.34 19.95 7.16
CA GLU B 944 19.05 18.52 7.12
C GLU B 944 17.64 18.22 7.61
N THR B 945 17.22 18.88 8.69
CA THR B 945 15.88 18.67 9.22
C THR B 945 14.82 19.17 8.24
N ALA B 946 15.05 20.33 7.63
CA ALA B 946 14.11 20.86 6.66
C ALA B 946 13.98 19.94 5.46
N LEU B 947 15.10 19.40 4.97
CA LEU B 947 15.05 18.48 3.85
C LEU B 947 14.33 17.19 4.24
N ASP B 948 14.56 16.70 5.46
CA ASP B 948 13.83 15.52 5.93
C ASP B 948 12.34 15.79 6.01
N CYS B 949 11.95 16.98 6.48
CA CYS B 949 10.53 17.33 6.55
C CYS B 949 9.91 17.38 5.17
N LEU B 950 10.61 17.98 4.21
CA LEU B 950 10.07 18.07 2.86
C LEU B 950 10.05 16.72 2.16
N LYS B 951 10.97 15.82 2.53
CA LYS B 951 10.98 14.48 1.95
C LYS B 951 9.83 13.63 2.48
N SER B 952 9.54 13.73 3.77
CA SER B 952 8.57 12.84 4.37
C SER B 952 7.15 13.17 3.92
N ALA B 953 6.33 12.14 3.75
CA ALA B 953 4.94 12.32 3.40
C ALA B 953 4.04 12.59 4.61
N ASN B 954 4.51 12.26 5.81
CA ASN B 954 3.73 12.43 7.03
C ASN B 954 3.74 13.86 7.55
N THR B 955 4.64 14.70 7.04
CA THR B 955 4.78 16.06 7.59
C THR B 955 3.51 16.88 7.38
N GLU B 956 3.17 17.67 8.38
CA GLU B 956 2.07 18.61 8.27
C GLU B 956 2.42 19.73 7.29
N PRO B 957 1.43 20.25 6.58
CA PRO B 957 1.71 21.36 5.65
C PRO B 957 2.32 22.58 6.32
N TYR B 958 1.96 22.86 7.58
CA TYR B 958 2.56 23.97 8.31
C TYR B 958 4.06 23.80 8.42
N TYR B 959 4.50 22.61 8.81
CA TYR B 959 5.93 22.38 8.97
C TYR B 959 6.66 22.24 7.64
N ARG B 960 5.96 21.77 6.60
CA ARG B 960 6.54 21.81 5.26
C ARG B 960 6.80 23.26 4.83
N ARG B 961 5.85 24.15 5.11
CA ARG B 961 6.05 25.56 4.80
C ARG B 961 7.21 26.14 5.61
N GLN B 962 7.29 25.77 6.89
CA GLN B 962 8.40 26.24 7.71
C GLN B 962 9.75 25.76 7.17
N ALA B 963 9.82 24.50 6.75
CA ALA B 963 11.04 23.97 6.16
C ALA B 963 11.41 24.71 4.89
N TRP B 964 10.40 24.99 4.05
CA TRP B 964 10.66 25.74 2.83
C TRP B 964 11.18 27.14 3.15
N GLU B 965 10.62 27.77 4.18
CA GLU B 965 11.10 29.11 4.57
C GLU B 965 12.53 29.05 5.05
N VAL B 966 12.86 28.04 5.86
CA VAL B 966 14.24 27.88 6.33
C VAL B 966 15.19 27.73 5.15
N ILE B 967 14.82 26.86 4.20
CA ILE B 967 15.70 26.60 3.06
C ILE B 967 15.87 27.86 2.20
N LYS B 968 14.77 28.57 1.96
CA LYS B 968 14.85 29.78 1.14
C LYS B 968 15.71 30.85 1.82
N CYS B 969 15.51 31.05 3.12
CA CYS B 969 16.30 32.06 3.82
C CYS B 969 17.77 31.69 3.85
N PHE B 970 18.09 30.41 4.07
CA PHE B 970 19.48 29.97 4.01
C PHE B 970 20.09 30.21 2.63
N LEU B 971 19.32 29.91 1.58
CA LEU B 971 19.83 30.08 0.23
C LEU B 971 20.08 31.55 -0.09
N VAL B 972 19.22 32.43 0.42
CA VAL B 972 19.41 33.86 0.21
C VAL B 972 20.62 34.37 1.00
N ALA B 973 20.80 33.86 2.22
CA ALA B 973 21.92 34.31 3.05
C ALA B 973 23.27 33.89 2.47
N MET B 974 23.34 32.75 1.79
CA MET B 974 24.60 32.22 1.30
C MET B 974 24.96 32.69 -0.10
N MET B 975 24.27 33.71 -0.63
CA MET B 975 24.60 34.29 -1.92
C MET B 975 24.81 35.80 -1.75
N SER B 976 25.60 36.38 -2.66
CA SER B 976 26.17 37.70 -2.40
C SER B 976 25.13 38.82 -2.47
N LEU B 977 24.20 38.75 -3.43
CA LEU B 977 23.18 39.79 -3.63
C LEU B 977 23.75 41.16 -4.01
N GLU B 978 25.05 41.27 -4.24
CA GLU B 978 25.68 42.54 -4.58
C GLU B 978 25.63 42.87 -6.06
N ASP B 979 25.03 42.02 -6.89
CA ASP B 979 24.89 42.30 -8.31
C ASP B 979 23.99 43.50 -8.57
N ASN B 980 24.46 44.41 -9.41
CA ASN B 980 23.72 45.62 -9.78
C ASN B 980 23.24 45.47 -11.22
N LYS B 981 22.01 45.94 -11.47
CA LYS B 981 21.40 45.81 -12.79
C LYS B 981 22.28 46.36 -13.89
N HIS B 982 22.80 47.58 -13.72
CA HIS B 982 23.59 48.19 -14.80
C HIS B 982 24.94 47.50 -14.93
N ALA B 983 25.58 47.15 -13.81
CA ALA B 983 26.84 46.43 -13.90
C ALA B 983 26.63 45.04 -14.48
N LEU B 984 25.53 44.39 -14.13
CA LEU B 984 25.23 43.07 -14.66
C LEU B 984 25.02 43.11 -16.17
N TYR B 985 24.23 44.06 -16.64
CA TYR B 985 24.03 44.19 -18.09
C TYR B 985 25.31 44.57 -18.80
N GLN B 986 26.12 45.46 -18.20
CA GLN B 986 27.37 45.84 -18.83
C GLN B 986 28.32 44.65 -18.94
N LEU B 987 28.33 43.79 -17.93
CA LEU B 987 29.17 42.59 -17.98
C LEU B 987 28.65 41.61 -19.02
N LEU B 988 27.36 41.31 -19.01
CA LEU B 988 26.83 40.27 -19.88
C LEU B 988 26.68 40.72 -21.33
N ALA B 989 26.66 42.02 -21.60
CA ALA B 989 26.61 42.52 -22.96
C ALA B 989 27.99 42.69 -23.59
N HIS B 990 29.04 42.29 -22.88
CA HIS B 990 30.38 42.38 -23.44
C HIS B 990 30.49 41.52 -24.70
N PRO B 991 31.16 42.01 -25.74
CA PRO B 991 31.25 41.23 -26.99
C PRO B 991 31.95 39.89 -26.85
N ASN B 992 32.79 39.71 -25.84
CA ASN B 992 33.49 38.44 -25.67
C ASN B 992 32.53 37.29 -25.44
N PHE B 993 31.37 37.56 -24.85
CA PHE B 993 30.38 36.54 -24.59
C PHE B 993 29.72 36.01 -25.86
N THR B 994 29.78 36.75 -26.97
CA THR B 994 29.17 36.32 -28.20
C THR B 994 30.14 36.14 -29.36
N GLU B 995 31.39 36.60 -29.23
CA GLU B 995 32.37 36.51 -30.29
C GLU B 995 33.55 35.62 -29.96
N LYS B 996 34.11 35.74 -28.76
CA LYS B 996 35.29 34.97 -28.41
C LYS B 996 34.97 33.49 -28.29
N THR B 997 35.93 32.65 -28.68
CA THR B 997 35.77 31.21 -28.62
C THR B 997 35.67 30.74 -27.17
N ILE B 998 34.66 29.93 -26.89
CA ILE B 998 34.49 29.36 -25.54
C ILE B 998 35.65 28.42 -25.25
N PRO B 999 36.32 28.55 -24.10
CA PRO B 999 37.43 27.65 -23.78
C PRO B 999 37.01 26.19 -23.73
N ASN B 1000 37.84 25.33 -24.29
CA ASN B 1000 37.60 23.89 -24.31
C ASN B 1000 38.16 23.29 -23.02
N VAL B 1001 37.43 23.50 -21.94
CA VAL B 1001 37.84 23.05 -20.62
C VAL B 1001 36.82 22.06 -20.11
N ILE B 1002 37.30 20.95 -19.55
CA ILE B 1002 36.44 19.89 -19.05
C ILE B 1002 36.39 19.96 -17.53
N ILE B 1003 35.18 19.90 -16.97
CA ILE B 1003 34.97 19.83 -15.52
C ILE B 1003 34.61 18.40 -15.18
N SER B 1004 35.31 17.81 -14.21
CA SER B 1004 35.01 16.45 -13.80
C SER B 1004 35.09 16.31 -12.29
N HIS B 1005 34.10 15.65 -11.71
CA HIS B 1005 34.08 15.36 -10.28
C HIS B 1005 35.18 14.38 -9.87
N ARG B 1006 35.90 13.79 -10.84
CA ARG B 1006 37.04 12.93 -10.52
C ARG B 1006 38.12 13.70 -9.78
N TYR B 1007 38.18 15.01 -9.99
CA TYR B 1007 39.17 15.87 -9.37
C TYR B 1007 38.60 16.58 -8.14
N LYS B 1008 37.32 16.40 -7.87
CA LYS B 1008 36.69 16.96 -6.69
C LYS B 1008 37.12 16.11 -5.49
N ALA B 1009 37.58 16.77 -4.43
CA ALA B 1009 37.78 16.07 -3.17
C ALA B 1009 36.44 15.85 -2.49
N GLN B 1010 36.48 15.31 -1.27
CA GLN B 1010 35.25 15.12 -0.52
C GLN B 1010 34.59 16.45 -0.24
N ASP B 1011 33.25 16.45 -0.27
CA ASP B 1011 32.50 17.69 -0.16
C ASP B 1011 32.76 18.35 1.19
N THR B 1012 32.95 19.66 1.16
CA THR B 1012 32.98 20.43 2.39
C THR B 1012 31.58 20.46 3.01
N PRO B 1013 31.49 20.71 4.32
CA PRO B 1013 30.16 20.87 4.93
C PRO B 1013 29.32 21.95 4.26
N ALA B 1014 29.95 23.05 3.87
CA ALA B 1014 29.25 24.10 3.14
C ALA B 1014 28.63 23.56 1.85
N ARG B 1015 29.42 22.83 1.06
CA ARG B 1015 28.91 22.33 -0.22
C ARG B 1015 27.80 21.31 -0.02
N LYS B 1016 27.94 20.43 0.97
CA LYS B 1016 26.89 19.47 1.27
C LYS B 1016 25.61 20.17 1.70
N THR B 1017 25.74 21.23 2.50
CA THR B 1017 24.56 21.95 2.96
C THR B 1017 23.91 22.71 1.80
N PHE B 1018 24.72 23.25 0.89
CA PHE B 1018 24.17 23.85 -0.33
C PHE B 1018 23.38 22.84 -1.13
N GLU B 1019 23.95 21.65 -1.35
CA GLU B 1019 23.28 20.63 -2.13
C GLU B 1019 21.96 20.22 -1.48
N GLN B 1020 21.95 20.05 -0.15
CA GLN B 1020 20.71 19.71 0.54
C GLN B 1020 19.68 20.83 0.41
N ALA B 1021 20.11 22.07 0.58
CA ALA B 1021 19.17 23.19 0.50
C ALA B 1021 18.58 23.31 -0.90
N LEU B 1022 19.40 23.16 -1.93
CA LEU B 1022 18.89 23.21 -3.30
C LEU B 1022 17.94 22.06 -3.59
N THR B 1023 18.25 20.86 -3.09
CA THR B 1023 17.34 19.74 -3.25
C THR B 1023 16.01 20.02 -2.57
N GLY B 1024 16.05 20.59 -1.37
CA GLY B 1024 14.81 20.97 -0.71
C GLY B 1024 14.04 22.03 -1.48
N ALA B 1025 14.76 22.95 -2.12
CA ALA B 1025 14.10 23.95 -2.95
C ALA B 1025 13.36 23.30 -4.11
N PHE B 1026 14.01 22.36 -4.79
CA PHE B 1026 13.35 21.65 -5.88
C PHE B 1026 12.13 20.87 -5.38
N MET B 1027 12.28 20.20 -4.24
CA MET B 1027 11.16 19.45 -3.67
C MET B 1027 10.00 20.37 -3.30
N SER B 1028 10.29 21.56 -2.78
CA SER B 1028 9.24 22.53 -2.54
C SER B 1028 8.60 22.98 -3.85
N ALA B 1029 9.40 23.10 -4.91
CA ALA B 1029 8.85 23.47 -6.21
C ALA B 1029 7.91 22.40 -6.75
N VAL B 1030 8.11 21.14 -6.37
CA VAL B 1030 7.20 20.10 -6.82
C VAL B 1030 6.04 19.84 -5.87
N ILE B 1031 6.15 20.22 -4.60
CA ILE B 1031 5.04 20.08 -3.67
C ILE B 1031 3.96 21.10 -4.01
N LYS B 1032 2.71 20.63 -4.09
CA LYS B 1032 1.64 21.46 -4.63
C LYS B 1032 1.36 22.68 -3.75
N ASP B 1033 1.39 22.51 -2.43
CA ASP B 1033 1.06 23.62 -1.55
C ASP B 1033 2.17 24.67 -1.53
N LEU B 1034 3.42 24.27 -1.83
CA LEU B 1034 4.54 25.19 -1.85
C LEU B 1034 4.93 25.65 -3.26
N ARG B 1035 4.41 24.99 -4.29
CA ARG B 1035 4.79 25.31 -5.66
C ARG B 1035 4.58 26.78 -6.05
N PRO B 1036 3.47 27.44 -5.70
CA PRO B 1036 3.26 28.82 -6.17
C PRO B 1036 4.37 29.78 -5.77
N SER B 1037 5.00 29.58 -4.62
CA SER B 1037 6.12 30.43 -4.22
C SER B 1037 7.47 29.81 -4.55
N ALA B 1038 7.60 28.50 -4.45
CA ALA B 1038 8.89 27.85 -4.64
C ALA B 1038 9.32 27.81 -6.10
N LEU B 1039 8.39 27.50 -7.01
CA LEU B 1039 8.76 27.32 -8.41
C LEU B 1039 9.33 28.58 -9.05
N PRO B 1040 8.69 29.75 -8.95
CA PRO B 1040 9.36 30.97 -9.46
C PRO B 1040 10.71 31.22 -8.81
N PHE B 1041 10.79 31.03 -7.48
CA PHE B 1041 12.06 31.22 -6.78
C PHE B 1041 13.11 30.24 -7.28
N VAL B 1042 12.72 28.98 -7.46
CA VAL B 1042 13.67 27.97 -7.92
C VAL B 1042 14.18 28.32 -9.32
N ALA B 1043 13.26 28.70 -10.22
CA ALA B 1043 13.67 29.06 -11.57
C ALA B 1043 14.63 30.24 -11.57
N SER B 1044 14.30 31.28 -10.80
CA SER B 1044 15.17 32.46 -10.78
C SER B 1044 16.51 32.16 -10.13
N LEU B 1045 16.54 31.28 -9.12
CA LEU B 1045 17.80 30.88 -8.52
C LEU B 1045 18.66 30.08 -9.49
N ILE B 1046 18.03 29.23 -10.29
CA ILE B 1046 18.76 28.52 -11.33
C ILE B 1046 19.35 29.51 -12.32
N ARG B 1047 18.58 30.53 -12.70
CA ARG B 1047 19.11 31.57 -13.56
C ARG B 1047 20.32 32.26 -12.93
N HIS B 1048 20.24 32.57 -11.63
CA HIS B 1048 21.36 33.20 -10.94
C HIS B 1048 22.61 32.33 -10.99
N TYR B 1049 22.46 31.05 -10.64
CA TYR B 1049 23.61 30.16 -10.63
C TYR B 1049 24.19 29.97 -12.03
N THR B 1050 23.32 29.89 -13.03
CA THR B 1050 23.78 29.77 -14.41
C THR B 1050 24.54 31.01 -14.85
N MET B 1051 24.06 32.20 -14.47
CA MET B 1051 24.78 33.42 -14.81
C MET B 1051 26.14 33.49 -14.13
N VAL B 1052 26.20 33.11 -12.85
CA VAL B 1052 27.50 33.05 -12.17
C VAL B 1052 28.44 32.10 -12.90
N ALA B 1053 27.93 30.93 -13.28
CA ALA B 1053 28.78 29.95 -13.97
C ALA B 1053 29.24 30.47 -15.32
N VAL B 1054 28.36 31.12 -16.06
CA VAL B 1054 28.72 31.64 -17.38
C VAL B 1054 29.79 32.72 -17.27
N ALA B 1055 29.59 33.65 -16.33
CA ALA B 1055 30.55 34.74 -16.16
C ALA B 1055 31.90 34.22 -15.70
N GLN B 1056 31.92 33.21 -14.82
CA GLN B 1056 33.19 32.61 -14.42
C GLN B 1056 33.85 31.82 -15.54
N GLN B 1057 33.06 31.06 -16.29
CA GLN B 1057 33.61 30.13 -17.28
C GLN B 1057 34.05 30.80 -18.58
N CYS B 1058 33.44 31.92 -18.96
CA CYS B 1058 33.86 32.58 -20.19
C CYS B 1058 33.62 34.08 -20.07
N GLY B 1059 33.65 34.77 -21.22
CA GLY B 1059 33.59 36.21 -21.27
C GLY B 1059 34.88 36.90 -20.94
N PRO B 1060 34.80 38.20 -20.61
CA PRO B 1060 36.03 38.99 -20.42
C PRO B 1060 36.82 38.64 -19.18
N PHE B 1061 36.20 38.00 -18.18
CA PHE B 1061 36.78 37.90 -16.85
C PHE B 1061 36.74 36.47 -16.33
N LEU B 1062 36.84 35.49 -17.23
CA LEU B 1062 36.83 34.09 -16.83
C LEU B 1062 37.93 33.78 -15.83
N LEU B 1063 37.60 32.93 -14.86
CA LEU B 1063 38.55 32.59 -13.81
C LEU B 1063 39.77 31.87 -14.39
N PRO B 1064 40.92 31.98 -13.73
CA PRO B 1064 42.13 31.32 -14.26
C PRO B 1064 41.99 29.83 -14.50
N CYS B 1065 41.18 29.13 -13.69
CA CYS B 1065 41.05 27.70 -13.87
C CYS B 1065 40.21 27.32 -15.07
N TYR B 1066 39.36 28.23 -15.55
CA TYR B 1066 38.63 28.05 -16.80
C TYR B 1066 39.39 28.51 -18.03
N GLN B 1067 40.42 29.34 -17.88
CA GLN B 1067 41.13 29.91 -19.02
C GLN B 1067 41.65 28.82 -19.95
N VAL B 1068 41.92 29.23 -21.20
CA VAL B 1068 42.25 28.30 -22.26
C VAL B 1068 43.47 27.46 -21.89
N GLY B 1069 43.40 26.17 -22.23
CA GLY B 1069 44.47 25.24 -21.90
C GLY B 1069 44.54 24.78 -20.47
N SER B 1070 43.50 25.04 -19.67
CA SER B 1070 43.50 24.61 -18.28
C SER B 1070 42.86 23.23 -18.15
N GLN B 1071 43.50 22.37 -17.37
CA GLN B 1071 43.01 21.03 -17.13
C GLN B 1071 42.01 21.04 -15.98
N PRO B 1072 41.18 20.00 -15.88
CA PRO B 1072 40.31 19.87 -14.70
C PRO B 1072 41.13 19.80 -13.41
N SER B 1073 40.63 20.47 -12.38
CA SER B 1073 41.35 20.59 -11.12
C SER B 1073 40.35 20.79 -9.99
N THR B 1074 40.88 20.80 -8.77
CA THR B 1074 40.05 20.99 -7.58
C THR B 1074 39.58 22.42 -7.44
N ALA B 1075 40.28 23.39 -8.05
CA ALA B 1075 39.90 24.79 -7.93
C ALA B 1075 38.52 25.07 -8.49
N MET B 1076 37.99 24.19 -9.34
CA MET B 1076 36.65 24.39 -9.87
C MET B 1076 35.57 24.15 -8.82
N PHE B 1077 35.89 23.44 -7.75
CA PHE B 1077 34.95 23.07 -6.71
C PHE B 1077 35.36 23.70 -5.39
N HIS B 1078 34.37 23.89 -4.52
CA HIS B 1078 34.64 24.29 -3.15
C HIS B 1078 35.24 23.11 -2.39
N SER B 1079 36.47 23.29 -1.90
CA SER B 1079 37.15 22.23 -1.16
C SER B 1079 37.93 22.85 -0.01
N GLU B 1080 38.37 21.98 0.91
CA GLU B 1080 39.04 22.45 2.12
C GLU B 1080 40.42 23.04 1.82
N GLU B 1081 41.17 22.43 0.89
CA GLU B 1081 42.56 22.79 0.73
C GLU B 1081 42.78 23.87 -0.33
N ASN B 1082 42.46 23.58 -1.59
CA ASN B 1082 42.67 24.54 -2.67
C ASN B 1082 41.39 25.29 -3.01
N GLY B 1083 40.36 24.56 -3.45
CA GLY B 1083 39.03 25.09 -3.57
C GLY B 1083 38.84 26.25 -4.53
N SER B 1084 37.61 26.70 -4.65
CA SER B 1084 37.26 27.90 -5.39
C SER B 1084 37.10 29.05 -4.42
N LYS B 1085 37.15 30.27 -4.96
CA LYS B 1085 36.92 31.46 -4.14
C LYS B 1085 35.42 31.61 -3.96
N GLY B 1086 34.94 31.17 -2.81
CA GLY B 1086 33.51 31.08 -2.57
C GLY B 1086 32.95 29.77 -3.10
N MET B 1087 31.67 29.54 -2.79
CA MET B 1087 30.98 28.38 -3.33
C MET B 1087 30.95 28.42 -4.84
N ASP B 1088 31.24 27.28 -5.46
CA ASP B 1088 31.14 27.17 -6.90
C ASP B 1088 29.68 27.02 -7.33
N PRO B 1089 29.34 27.53 -8.51
CA PRO B 1089 27.96 27.37 -9.00
C PRO B 1089 27.65 25.96 -9.50
N LEU B 1090 28.64 25.09 -9.60
CA LEU B 1090 28.41 23.71 -10.01
C LEU B 1090 27.62 22.90 -9.00
N VAL B 1091 27.48 23.39 -7.76
CA VAL B 1091 26.70 22.68 -6.75
C VAL B 1091 25.23 22.59 -7.16
N LEU B 1092 24.78 23.48 -8.05
CA LEU B 1092 23.43 23.36 -8.59
C LEU B 1092 23.25 22.07 -9.39
N ILE B 1093 24.27 21.68 -10.16
CA ILE B 1093 24.16 20.47 -10.96
C ILE B 1093 24.09 19.24 -10.07
N ASP B 1094 24.82 19.24 -8.95
CA ASP B 1094 24.73 18.14 -8.00
C ASP B 1094 23.33 18.01 -7.42
N ALA B 1095 22.69 19.13 -7.11
CA ALA B 1095 21.32 19.08 -6.60
C ALA B 1095 20.35 18.57 -7.65
N ILE B 1096 20.52 18.98 -8.91
CA ILE B 1096 19.68 18.47 -10.00
C ILE B 1096 19.87 16.97 -10.13
N ALA B 1097 21.12 16.50 -10.03
CA ALA B 1097 21.38 15.07 -10.12
C ALA B 1097 20.75 14.32 -8.95
N ILE B 1098 20.81 14.90 -7.74
CA ILE B 1098 20.16 14.29 -6.58
C ILE B 1098 18.66 14.16 -6.83
N CYS B 1099 18.04 15.21 -7.37
CA CYS B 1099 16.61 15.16 -7.65
C CYS B 1099 16.29 14.12 -8.72
N MET B 1100 17.11 14.05 -9.77
CA MET B 1100 16.90 13.05 -10.83
C MET B 1100 17.03 11.64 -10.29
N ALA B 1101 17.99 11.42 -9.39
CA ALA B 1101 18.23 10.11 -8.81
C ALA B 1101 17.32 9.79 -7.63
N TYR B 1102 16.47 10.72 -7.21
CA TYR B 1102 15.64 10.53 -6.04
C TYR B 1102 14.66 9.38 -6.24
N GLU B 1103 14.26 8.76 -5.13
CA GLU B 1103 13.33 7.63 -5.18
C GLU B 1103 12.03 8.02 -5.87
N GLU B 1104 11.43 9.14 -5.49
CA GLU B 1104 10.18 9.60 -6.08
C GLU B 1104 10.48 10.26 -7.42
N LYS B 1105 10.04 9.60 -8.49
CA LYS B 1105 10.39 10.01 -9.86
C LYS B 1105 9.75 11.33 -10.28
N GLU B 1106 8.64 11.74 -9.64
CA GLU B 1106 8.06 13.03 -9.93
C GLU B 1106 9.07 14.17 -9.85
N LEU B 1107 10.12 14.01 -9.04
CA LEU B 1107 11.17 15.00 -8.96
C LEU B 1107 11.95 15.16 -10.26
N CYS B 1108 11.89 14.17 -11.16
CA CYS B 1108 12.60 14.27 -12.42
C CYS B 1108 12.12 15.46 -13.26
N LYS B 1109 10.83 15.81 -13.16
CA LYS B 1109 10.29 16.89 -13.98
C LYS B 1109 10.95 18.22 -13.64
N ILE B 1110 11.14 18.51 -12.35
CA ILE B 1110 11.77 19.77 -11.98
C ILE B 1110 13.23 19.78 -12.40
N GLY B 1111 13.88 18.62 -12.44
CA GLY B 1111 15.23 18.56 -12.97
C GLY B 1111 15.29 18.93 -14.44
N GLU B 1112 14.34 18.43 -15.23
CA GLU B 1112 14.27 18.80 -16.64
C GLU B 1112 13.98 20.28 -16.81
N VAL B 1113 13.09 20.84 -15.98
CA VAL B 1113 12.83 22.26 -16.02
C VAL B 1113 14.09 23.06 -15.71
N ALA B 1114 14.85 22.63 -14.70
CA ALA B 1114 16.09 23.30 -14.35
C ALA B 1114 17.10 23.25 -15.48
N LEU B 1115 17.24 22.09 -16.12
CA LEU B 1115 18.16 21.97 -17.24
C LEU B 1115 17.73 22.86 -18.40
N ALA B 1116 16.42 22.94 -18.66
CA ALA B 1116 15.92 23.82 -19.70
C ALA B 1116 16.23 25.27 -19.40
N VAL B 1117 16.06 25.68 -18.14
CA VAL B 1117 16.34 27.06 -17.75
C VAL B 1117 17.83 27.37 -17.93
N ILE B 1118 18.69 26.45 -17.49
CA ILE B 1118 20.13 26.63 -17.68
C ILE B 1118 20.46 26.82 -19.15
N PHE B 1119 19.91 25.94 -20.00
CA PHE B 1119 20.21 26.01 -21.42
C PHE B 1119 19.72 27.32 -22.03
N ASP B 1120 18.51 27.75 -21.65
CA ASP B 1120 17.96 28.99 -22.21
C ASP B 1120 18.80 30.20 -21.81
N VAL B 1121 19.18 30.29 -20.53
CA VAL B 1121 19.97 31.42 -20.08
C VAL B 1121 21.34 31.44 -20.77
N ALA B 1122 21.98 30.26 -20.88
CA ALA B 1122 23.26 30.19 -21.56
C ALA B 1122 23.13 30.58 -23.02
N SER B 1123 22.05 30.15 -23.67
CA SER B 1123 21.83 30.50 -25.07
C SER B 1123 21.62 32.00 -25.24
N ILE B 1124 20.91 32.64 -24.32
CA ILE B 1124 20.72 34.08 -24.41
C ILE B 1124 22.03 34.82 -24.24
N ILE B 1125 22.81 34.44 -23.22
CA ILE B 1125 24.04 35.18 -22.93
C ILE B 1125 25.09 34.95 -24.00
N LEU B 1126 25.26 33.70 -24.43
CA LEU B 1126 26.33 33.38 -25.38
C LEU B 1126 25.94 33.60 -26.83
N GLY B 1127 24.65 33.81 -27.12
CA GLY B 1127 24.20 34.18 -28.44
C GLY B 1127 23.67 33.04 -29.28
N SER B 1128 23.99 31.80 -28.93
CA SER B 1128 23.53 30.66 -29.73
C SER B 1128 23.49 29.42 -28.86
N LYS B 1129 22.70 28.45 -29.31
CA LYS B 1129 22.65 27.15 -28.64
C LYS B 1129 23.98 26.41 -28.78
N GLU B 1130 24.61 26.52 -29.94
CA GLU B 1130 25.89 25.86 -30.16
C GLU B 1130 26.97 26.40 -29.23
N ARG B 1131 27.01 27.73 -29.05
CA ARG B 1131 27.96 28.31 -28.11
C ARG B 1131 27.61 27.94 -26.67
N ALA B 1132 26.32 27.85 -26.37
CA ALA B 1132 25.90 27.51 -25.01
C ALA B 1132 26.39 26.12 -24.61
N CYS B 1133 26.26 25.14 -25.51
CA CYS B 1133 26.63 23.78 -25.19
C CYS B 1133 28.14 23.57 -25.11
N GLN B 1134 28.93 24.55 -25.54
CA GLN B 1134 30.38 24.46 -25.44
C GLN B 1134 30.91 24.83 -24.06
N LEU B 1135 30.04 25.26 -23.16
CA LEU B 1135 30.46 25.62 -21.82
C LEU B 1135 30.97 24.39 -21.07
N PRO B 1136 32.00 24.53 -20.23
CA PRO B 1136 32.41 23.42 -19.37
C PRO B 1136 31.32 22.94 -18.42
N LEU B 1137 30.41 23.85 -18.05
CA LEU B 1137 29.28 23.48 -17.20
C LEU B 1137 28.49 22.31 -17.80
N PHE B 1138 28.37 22.28 -19.13
CA PHE B 1138 27.64 21.18 -19.75
C PHE B 1138 28.43 19.89 -19.71
N SER B 1139 29.76 19.97 -19.66
CA SER B 1139 30.56 18.76 -19.46
C SER B 1139 30.33 18.23 -18.06
N TYR B 1140 30.21 19.14 -17.09
CA TYR B 1140 29.88 18.70 -15.74
C TYR B 1140 28.49 18.10 -15.69
N ILE B 1141 27.56 18.66 -16.44
CA ILE B 1141 26.19 18.15 -16.47
C ILE B 1141 26.18 16.73 -17.03
N VAL B 1142 26.89 16.51 -18.13
CA VAL B 1142 26.97 15.17 -18.72
C VAL B 1142 27.59 14.18 -17.75
N GLU B 1143 28.71 14.54 -17.12
CA GLU B 1143 29.35 13.59 -16.22
C GLU B 1143 28.51 13.32 -14.97
N ARG B 1144 27.92 14.36 -14.37
CA ARG B 1144 27.14 14.18 -13.16
C ARG B 1144 25.84 13.42 -13.40
N LEU B 1145 25.19 13.64 -14.56
CA LEU B 1145 23.96 12.92 -14.83
C LEU B 1145 24.20 11.49 -15.28
N CYS B 1146 25.25 11.24 -16.05
CA CYS B 1146 25.58 9.87 -16.40
C CYS B 1146 26.08 9.07 -15.20
N ALA B 1147 26.68 9.74 -14.21
CA ALA B 1147 27.12 9.05 -13.00
C ALA B 1147 25.96 8.35 -12.29
N CYS B 1148 24.75 8.91 -12.39
CA CYS B 1148 23.58 8.28 -11.80
C CYS B 1148 23.30 6.90 -12.41
N CYS B 1149 23.64 6.72 -13.68
CA CYS B 1149 23.50 5.40 -14.30
C CYS B 1149 24.41 4.37 -13.66
N TYR B 1150 25.59 4.78 -13.20
CA TYR B 1150 26.48 3.86 -12.51
C TYR B 1150 26.03 3.55 -11.09
N GLU B 1151 25.31 4.49 -10.47
CA GLU B 1151 24.78 4.28 -9.12
C GLU B 1151 23.98 2.99 -9.03
N GLN B 1152 24.00 2.38 -7.85
CA GLN B 1152 23.50 1.03 -7.66
C GLN B 1152 21.98 0.94 -7.81
N ALA B 1153 21.25 1.89 -7.23
CA ALA B 1153 19.80 1.81 -7.21
C ALA B 1153 19.22 1.88 -8.61
N TRP B 1154 18.12 1.16 -8.82
CA TRP B 1154 17.43 1.22 -10.11
C TRP B 1154 16.86 2.61 -10.36
N TYR B 1155 16.41 3.31 -9.31
CA TYR B 1155 15.81 4.62 -9.52
C TYR B 1155 16.86 5.67 -9.88
N ALA B 1156 18.05 5.56 -9.30
CA ALA B 1156 19.14 6.43 -9.72
C ALA B 1156 19.51 6.19 -11.17
N LYS B 1157 19.63 4.92 -11.56
CA LYS B 1157 19.86 4.57 -12.95
C LYS B 1157 18.79 5.16 -13.87
N LEU B 1158 17.52 5.00 -13.50
CA LEU B 1158 16.42 5.52 -14.30
C LEU B 1158 16.49 7.04 -14.42
N GLY B 1159 16.86 7.72 -13.33
CA GLY B 1159 17.07 9.16 -13.41
C GLY B 1159 18.17 9.52 -14.39
N GLY B 1160 19.26 8.75 -14.39
CA GLY B 1160 20.30 8.96 -15.39
C GLY B 1160 19.82 8.76 -16.80
N VAL B 1161 19.04 7.70 -17.04
CA VAL B 1161 18.46 7.45 -18.35
C VAL B 1161 17.57 8.60 -18.80
N VAL B 1162 16.73 9.11 -17.88
CA VAL B 1162 15.84 10.21 -18.22
C VAL B 1162 16.64 11.46 -18.54
N SER B 1163 17.70 11.71 -17.76
CA SER B 1163 18.57 12.85 -18.05
C SER B 1163 19.21 12.73 -19.42
N ILE B 1164 19.69 11.54 -19.77
CA ILE B 1164 20.28 11.31 -21.08
C ILE B 1164 19.27 11.56 -22.19
N LYS B 1165 18.03 11.07 -22.01
CA LYS B 1165 16.99 11.26 -23.01
C LYS B 1165 16.66 12.74 -23.19
N PHE B 1166 16.56 13.48 -22.10
CA PHE B 1166 16.30 14.92 -22.17
C PHE B 1166 17.44 15.65 -22.86
N LEU B 1167 18.68 15.36 -22.47
CA LEU B 1167 19.82 16.04 -23.07
C LEU B 1167 19.92 15.74 -24.56
N MET B 1168 19.74 14.48 -24.97
CA MET B 1168 19.82 14.18 -26.40
C MET B 1168 18.67 14.80 -27.17
N GLU B 1169 17.51 14.99 -26.54
CA GLU B 1169 16.40 15.60 -27.27
C GLU B 1169 16.54 17.11 -27.40
N ARG B 1170 17.04 17.79 -26.37
CA ARG B 1170 17.08 19.25 -26.36
C ARG B 1170 18.33 19.87 -26.98
N LEU B 1171 19.51 19.42 -26.58
CA LEU B 1171 20.74 20.05 -27.03
C LEU B 1171 21.03 19.78 -28.51
N PRO B 1172 21.86 20.63 -29.14
CA PRO B 1172 22.19 20.46 -30.56
C PRO B 1172 22.84 19.13 -30.90
N LEU B 1173 22.66 18.73 -32.16
CA LEU B 1173 23.15 17.45 -32.67
C LEU B 1173 24.67 17.34 -32.59
N THR B 1174 25.40 18.43 -32.83
CA THR B 1174 26.86 18.36 -32.75
C THR B 1174 27.32 18.00 -31.34
N TRP B 1175 26.68 18.60 -30.34
CA TRP B 1175 26.98 18.29 -28.95
C TRP B 1175 26.59 16.85 -28.60
N VAL B 1176 25.45 16.38 -29.11
CA VAL B 1176 25.03 15.01 -28.85
C VAL B 1176 25.98 14.02 -29.50
N LEU B 1177 26.54 14.36 -30.67
CA LEU B 1177 27.52 13.49 -31.30
C LEU B 1177 28.83 13.49 -30.53
N GLN B 1178 29.22 14.64 -29.98
CA GLN B 1178 30.45 14.68 -29.19
C GLN B 1178 30.34 13.81 -27.95
N ASN B 1179 29.15 13.72 -27.35
CA ASN B 1179 28.93 13.00 -26.11
C ASN B 1179 28.21 11.67 -26.30
N GLN B 1180 28.08 11.20 -27.54
CA GLN B 1180 27.28 10.01 -27.79
C GLN B 1180 27.87 8.77 -27.15
N GLN B 1181 29.21 8.66 -27.13
CA GLN B 1181 29.84 7.47 -26.58
C GLN B 1181 29.65 7.37 -25.07
N THR B 1182 29.65 8.51 -24.37
CA THR B 1182 29.40 8.52 -22.93
C THR B 1182 27.99 8.03 -22.64
N PHE B 1183 27.01 8.52 -23.41
CA PHE B 1183 25.63 8.08 -23.25
C PHE B 1183 25.49 6.59 -23.54
N LEU B 1184 26.17 6.13 -24.59
CA LEU B 1184 26.11 4.71 -24.94
C LEU B 1184 26.66 3.85 -23.81
N LYS B 1185 27.80 4.25 -23.24
CA LYS B 1185 28.38 3.48 -22.13
C LYS B 1185 27.48 3.50 -20.92
N ALA B 1186 26.86 4.65 -20.62
CA ALA B 1186 25.96 4.73 -19.47
C ALA B 1186 24.74 3.83 -19.66
N LEU B 1187 24.13 3.89 -20.82
CA LEU B 1187 22.95 3.07 -21.09
C LEU B 1187 23.28 1.58 -21.09
N LEU B 1188 24.45 1.22 -21.65
CA LEU B 1188 24.86 -0.19 -21.62
C LEU B 1188 25.14 -0.65 -20.20
N PHE B 1189 25.69 0.22 -19.36
CA PHE B 1189 25.90 -0.17 -17.97
C PHE B 1189 24.58 -0.32 -17.24
N VAL B 1190 23.59 0.54 -17.53
CA VAL B 1190 22.26 0.36 -16.98
C VAL B 1190 21.70 -1.00 -17.37
N MET B 1191 21.83 -1.37 -18.64
CA MET B 1191 21.31 -2.66 -19.08
C MET B 1191 22.05 -3.82 -18.44
N MET B 1192 23.37 -3.69 -18.26
CA MET B 1192 24.17 -4.78 -17.71
C MET B 1192 23.93 -4.96 -16.21
N ASP B 1193 23.91 -3.85 -15.46
CA ASP B 1193 23.95 -3.94 -14.00
C ASP B 1193 22.62 -4.41 -13.42
N LEU B 1194 21.51 -4.11 -14.07
CA LEU B 1194 20.20 -4.57 -13.61
C LEU B 1194 19.85 -5.97 -14.11
N THR B 1195 20.78 -6.65 -14.78
CA THR B 1195 20.56 -8.04 -15.19
C THR B 1195 20.34 -8.93 -13.97
N GLY B 1196 19.18 -9.57 -13.92
CA GLY B 1196 18.83 -10.45 -12.82
C GLY B 1196 18.23 -9.76 -11.62
N GLU B 1197 18.07 -8.45 -11.65
CA GLU B 1197 17.49 -7.68 -10.58
C GLU B 1197 16.09 -7.21 -10.98
N VAL B 1198 15.34 -6.73 -10.00
CA VAL B 1198 14.05 -6.12 -10.27
C VAL B 1198 14.29 -4.69 -10.73
N SER B 1199 14.06 -4.44 -12.02
CA SER B 1199 14.14 -3.11 -12.59
C SER B 1199 12.74 -2.66 -12.97
N ASN B 1200 12.29 -1.56 -12.37
CA ASN B 1200 10.94 -1.06 -12.61
C ASN B 1200 10.90 -0.27 -13.91
N GLY B 1201 11.13 -0.99 -15.00
CA GLY B 1201 11.14 -0.39 -16.33
C GLY B 1201 12.41 0.34 -16.69
N ALA B 1202 13.45 0.27 -15.86
CA ALA B 1202 14.68 0.98 -16.16
C ALA B 1202 15.37 0.41 -17.39
N VAL B 1203 15.39 -0.91 -17.53
CA VAL B 1203 16.05 -1.54 -18.67
C VAL B 1203 15.30 -1.22 -19.97
N ALA B 1204 13.97 -1.28 -19.95
CA ALA B 1204 13.19 -0.94 -21.13
C ALA B 1204 13.39 0.52 -21.53
N MET B 1205 13.38 1.41 -20.54
CA MET B 1205 13.61 2.82 -20.82
C MET B 1205 15.01 3.04 -21.38
N ALA B 1206 16.00 2.32 -20.85
CA ALA B 1206 17.35 2.41 -21.37
C ALA B 1206 17.43 1.95 -22.82
N LYS B 1207 16.73 0.85 -23.15
CA LYS B 1207 16.75 0.36 -24.53
C LYS B 1207 16.11 1.37 -25.47
N THR B 1208 14.96 1.92 -25.10
CA THR B 1208 14.32 2.94 -25.93
C THR B 1208 15.22 4.16 -26.10
N THR B 1209 15.86 4.59 -25.01
CA THR B 1209 16.76 5.74 -25.07
C THR B 1209 17.96 5.47 -25.97
N LEU B 1210 18.48 4.25 -25.95
CA LEU B 1210 19.61 3.91 -26.80
C LEU B 1210 19.20 3.90 -28.27
N GLU B 1211 18.04 3.32 -28.58
CA GLU B 1211 17.58 3.30 -29.96
C GLU B 1211 17.34 4.72 -30.48
N GLN B 1212 16.73 5.58 -29.66
CA GLN B 1212 16.51 6.96 -30.07
C GLN B 1212 17.81 7.73 -30.25
N LEU B 1213 18.79 7.51 -29.37
CA LEU B 1213 20.08 8.17 -29.51
C LEU B 1213 20.79 7.75 -30.78
N LEU B 1214 20.83 6.45 -31.03
CA LEU B 1214 21.46 5.94 -32.24
C LEU B 1214 20.78 6.46 -33.49
N MET B 1215 19.44 6.48 -33.50
CA MET B 1215 18.73 7.00 -34.67
C MET B 1215 19.05 8.47 -34.91
N ARG B 1216 19.00 9.29 -33.85
CA ARG B 1216 19.26 10.71 -34.02
C ARG B 1216 20.67 10.99 -34.54
N CYS B 1217 21.68 10.33 -33.96
CA CYS B 1217 23.05 10.55 -34.38
C CYS B 1217 23.36 9.92 -35.74
N ALA B 1218 22.79 8.76 -36.05
CA ALA B 1218 23.04 8.08 -37.32
C ALA B 1218 22.24 8.66 -38.49
N THR B 1219 21.09 9.28 -38.23
CA THR B 1219 20.27 9.86 -39.30
C THR B 1219 21.12 10.72 -40.23
N PRO B 1220 21.24 10.36 -41.50
CA PRO B 1220 22.14 11.09 -42.40
C PRO B 1220 21.69 12.53 -42.62
N LEU B 1221 22.65 13.43 -42.61
CA LEU B 1221 22.39 14.85 -42.77
C LEU B 1221 21.91 15.17 -44.18
N LYS B 1222 21.00 16.14 -44.27
CA LYS B 1222 20.52 16.61 -45.55
C LYS B 1222 21.62 17.37 -46.29
N ASP B 1223 21.41 17.58 -47.59
CA ASP B 1223 22.39 18.29 -48.41
C ASP B 1223 22.61 19.71 -47.92
N GLU B 1224 21.57 20.35 -47.37
CA GLU B 1224 21.71 21.70 -46.83
C GLU B 1224 22.40 21.72 -45.48
N GLU B 1225 22.35 20.62 -44.73
CA GLU B 1225 22.93 20.54 -43.39
C GLU B 1225 24.36 20.01 -43.39
N ARG B 1226 24.90 19.65 -44.55
CA ARG B 1226 26.19 18.96 -44.62
C ARG B 1226 27.32 19.99 -44.56
N ALA B 1227 27.49 20.57 -43.38
CA ALA B 1227 28.69 21.34 -43.09
C ALA B 1227 29.86 20.41 -42.82
N GLU B 1228 31.08 20.93 -42.97
CA GLU B 1228 32.26 20.10 -42.77
C GLU B 1228 32.38 19.65 -41.32
N GLU B 1229 32.14 20.56 -40.37
CA GLU B 1229 32.32 20.24 -38.96
C GLU B 1229 31.32 19.19 -38.51
N ILE B 1230 30.05 19.34 -38.89
CA ILE B 1230 29.03 18.38 -38.44
C ILE B 1230 29.25 17.02 -39.08
N VAL B 1231 29.67 17.00 -40.35
CA VAL B 1231 29.95 15.73 -41.02
C VAL B 1231 31.12 15.02 -40.36
N ALA B 1232 32.20 15.75 -40.07
CA ALA B 1232 33.36 15.15 -39.41
C ALA B 1232 33.00 14.64 -38.02
N ALA B 1233 32.23 15.43 -37.26
CA ALA B 1233 31.81 14.99 -35.95
C ALA B 1233 30.95 13.75 -36.02
N GLN B 1234 30.02 13.70 -36.99
CA GLN B 1234 29.16 12.52 -37.14
C GLN B 1234 29.97 11.30 -37.51
N GLU B 1235 30.96 11.45 -38.39
CA GLU B 1235 31.78 10.31 -38.77
C GLU B 1235 32.58 9.79 -37.59
N LYS B 1236 33.19 10.69 -36.81
CA LYS B 1236 33.94 10.26 -35.64
C LYS B 1236 33.05 9.58 -34.61
N SER B 1237 31.88 10.17 -34.33
CA SER B 1237 30.97 9.58 -33.36
C SER B 1237 30.46 8.23 -33.81
N PHE B 1238 30.12 8.10 -35.10
CA PHE B 1238 29.66 6.83 -35.63
C PHE B 1238 30.75 5.77 -35.51
N HIS B 1239 32.00 6.16 -35.81
CA HIS B 1239 33.11 5.24 -35.64
C HIS B 1239 33.23 4.74 -34.21
N HIS B 1240 33.23 5.67 -33.24
CA HIS B 1240 33.40 5.27 -31.85
C HIS B 1240 32.23 4.42 -31.36
N VAL B 1241 31.01 4.75 -31.78
CA VAL B 1241 29.84 4.01 -31.31
C VAL B 1241 29.81 2.61 -31.92
N THR B 1242 30.11 2.50 -33.21
CA THR B 1242 30.14 1.17 -33.83
C THR B 1242 31.28 0.32 -33.27
N HIS B 1243 32.41 0.95 -32.95
CA HIS B 1243 33.49 0.24 -32.28
C HIS B 1243 33.01 -0.33 -30.95
N ASP B 1244 32.33 0.48 -30.14
CA ASP B 1244 31.84 -0.01 -28.86
C ASP B 1244 30.78 -1.09 -29.03
N LEU B 1245 29.91 -0.94 -30.01
CA LEU B 1245 28.82 -1.90 -30.22
C LEU B 1245 29.35 -3.25 -30.69
N VAL B 1246 30.33 -3.25 -31.60
CA VAL B 1246 30.84 -4.50 -32.14
C VAL B 1246 31.52 -5.33 -31.06
N ARG B 1247 32.20 -4.67 -30.12
CA ARG B 1247 32.80 -5.38 -28.99
C ARG B 1247 31.75 -6.05 -28.12
N GLU B 1248 30.57 -5.45 -27.98
CA GLU B 1248 29.50 -6.05 -27.19
C GLU B 1248 28.87 -7.27 -27.85
N VAL B 1249 29.06 -7.46 -29.16
CA VAL B 1249 28.40 -8.54 -29.88
C VAL B 1249 28.67 -9.90 -29.24
N THR B 1250 29.84 -10.06 -28.60
CA THR B 1250 30.20 -11.29 -27.91
C THR B 1250 30.02 -11.20 -26.39
N SER B 1251 29.35 -10.17 -25.89
CA SER B 1251 29.32 -9.95 -24.45
C SER B 1251 28.68 -11.13 -23.73
N PRO B 1252 29.20 -11.54 -22.57
CA PRO B 1252 28.51 -12.57 -21.78
C PRO B 1252 27.12 -12.17 -21.33
N ASN B 1253 26.85 -10.88 -21.20
CA ASN B 1253 25.55 -10.41 -20.73
C ASN B 1253 24.56 -10.46 -21.90
N SER B 1254 23.54 -11.30 -21.77
CA SER B 1254 22.62 -11.54 -22.88
C SER B 1254 21.90 -10.26 -23.29
N THR B 1255 21.49 -9.45 -22.31
CA THR B 1255 20.79 -8.21 -22.64
C THR B 1255 21.68 -7.27 -23.44
N VAL B 1256 22.91 -7.06 -22.99
CA VAL B 1256 23.82 -6.14 -23.68
C VAL B 1256 24.17 -6.68 -25.05
N ARG B 1257 24.40 -7.99 -25.16
CA ARG B 1257 24.68 -8.61 -26.46
C ARG B 1257 23.53 -8.40 -27.44
N LYS B 1258 22.31 -8.71 -27.01
CA LYS B 1258 21.17 -8.57 -27.91
C LYS B 1258 20.92 -7.11 -28.26
N GLN B 1259 21.13 -6.20 -27.31
CA GLN B 1259 20.95 -4.79 -27.61
C GLN B 1259 22.01 -4.29 -28.58
N ALA B 1260 23.23 -4.80 -28.48
CA ALA B 1260 24.26 -4.43 -29.45
C ALA B 1260 23.92 -4.92 -30.84
N MET B 1261 23.45 -6.16 -30.96
CA MET B 1261 23.05 -6.67 -32.26
C MET B 1261 21.89 -5.88 -32.85
N HIS B 1262 20.87 -5.61 -32.01
CA HIS B 1262 19.73 -4.83 -32.46
C HIS B 1262 20.15 -3.41 -32.84
N SER B 1263 21.12 -2.86 -32.10
CA SER B 1263 21.62 -1.51 -32.37
C SER B 1263 22.36 -1.46 -33.69
N LEU B 1264 23.16 -2.48 -33.99
CA LEU B 1264 23.84 -2.52 -35.27
C LEU B 1264 22.84 -2.62 -36.42
N GLN B 1265 21.79 -3.41 -36.23
CA GLN B 1265 20.76 -3.49 -37.26
C GLN B 1265 20.02 -2.16 -37.43
N VAL B 1266 19.72 -1.47 -36.32
CA VAL B 1266 19.09 -0.16 -36.39
C VAL B 1266 19.99 0.84 -37.10
N LEU B 1267 21.29 0.84 -36.78
CA LEU B 1267 22.23 1.72 -37.46
C LEU B 1267 22.29 1.43 -38.95
N ALA B 1268 22.28 0.16 -39.33
CA ALA B 1268 22.29 -0.20 -40.75
C ALA B 1268 21.02 0.28 -41.45
N GLN B 1269 19.87 0.17 -40.77
CA GLN B 1269 18.62 0.61 -41.37
C GLN B 1269 18.56 2.13 -41.50
N VAL B 1270 19.05 2.86 -40.50
CA VAL B 1270 19.00 4.32 -40.54
C VAL B 1270 19.98 4.87 -41.57
N THR B 1271 21.23 4.41 -41.52
CA THR B 1271 22.24 4.91 -42.47
C THR B 1271 21.96 4.43 -43.89
N GLY B 1272 21.34 3.26 -44.04
CA GLY B 1272 21.19 2.61 -45.33
C GLY B 1272 22.33 1.71 -45.72
N LYS B 1273 23.42 1.69 -44.97
CA LYS B 1273 24.49 0.74 -45.19
C LYS B 1273 24.10 -0.62 -44.62
N SER B 1274 24.90 -1.62 -44.94
CA SER B 1274 24.68 -2.96 -44.40
C SER B 1274 25.47 -3.14 -43.11
N VAL B 1275 25.06 -4.12 -42.31
CA VAL B 1275 25.72 -4.39 -41.04
C VAL B 1275 27.17 -4.78 -41.27
N THR B 1276 27.44 -5.52 -42.34
CA THR B 1276 28.82 -5.92 -42.63
C THR B 1276 29.68 -4.70 -42.91
N VAL B 1277 29.17 -3.76 -43.70
CA VAL B 1277 29.93 -2.55 -44.01
C VAL B 1277 30.22 -1.76 -42.75
N ILE B 1278 29.24 -1.67 -41.86
CA ILE B 1278 29.41 -0.96 -40.60
C ILE B 1278 30.46 -1.66 -39.73
N MET B 1279 30.38 -2.98 -39.63
CA MET B 1279 31.28 -3.77 -38.79
C MET B 1279 32.64 -4.03 -39.43
N GLU B 1280 32.80 -3.75 -40.73
CA GLU B 1280 34.03 -4.15 -41.41
C GLU B 1280 35.28 -3.48 -40.85
N PRO B 1281 35.35 -2.16 -40.68
CA PRO B 1281 36.59 -1.58 -40.14
C PRO B 1281 36.89 -2.00 -38.72
N HIS B 1282 35.87 -2.31 -37.93
CA HIS B 1282 36.04 -2.70 -36.54
C HIS B 1282 36.48 -4.15 -36.39
N LYS B 1283 36.13 -5.01 -37.34
CA LYS B 1283 36.17 -6.46 -37.15
C LYS B 1283 37.49 -6.98 -36.59
N GLU B 1284 38.56 -6.19 -36.68
CA GLU B 1284 39.77 -6.47 -35.92
C GLU B 1284 39.47 -6.80 -34.45
N VAL B 1285 38.53 -6.07 -33.84
CA VAL B 1285 38.21 -6.31 -32.44
C VAL B 1285 37.56 -7.66 -32.21
N LEU B 1286 37.03 -8.29 -33.27
CA LEU B 1286 36.43 -9.61 -33.18
C LEU B 1286 37.41 -10.74 -33.46
N GLN B 1287 38.62 -10.44 -33.93
CA GLN B 1287 39.51 -11.47 -34.44
C GLN B 1287 39.85 -12.53 -33.39
N ASP B 1288 39.92 -12.14 -32.13
CA ASP B 1288 40.16 -13.10 -31.06
C ASP B 1288 38.92 -13.89 -30.67
N MET B 1289 37.73 -13.46 -31.10
CA MET B 1289 36.47 -14.00 -30.60
C MET B 1289 35.70 -14.80 -31.65
N VAL B 1290 35.87 -14.49 -32.93
CA VAL B 1290 35.11 -15.12 -34.00
C VAL B 1290 36.09 -15.77 -34.97
N PRO B 1291 36.40 -17.07 -34.82
CA PRO B 1291 36.03 -17.97 -33.73
C PRO B 1291 36.94 -17.83 -32.52
N PRO B 1292 36.56 -18.34 -31.35
CA PRO B 1292 37.41 -18.21 -30.16
C PRO B 1292 38.77 -18.88 -30.37
N LYS B 1293 39.83 -18.08 -30.23
CA LYS B 1293 41.19 -18.56 -30.41
C LYS B 1293 41.86 -18.92 -29.09
N LYS B 1294 41.96 -17.97 -28.17
CA LYS B 1294 42.93 -18.05 -27.08
C LYS B 1294 42.50 -18.96 -25.94
N HIS B 1295 41.23 -19.35 -25.87
CA HIS B 1295 40.78 -20.28 -24.83
C HIS B 1295 39.86 -21.32 -25.43
N LEU B 1296 39.95 -22.54 -24.92
CA LEU B 1296 38.93 -23.53 -25.19
C LEU B 1296 37.62 -23.14 -24.50
N LEU B 1297 36.51 -23.40 -25.18
CA LEU B 1297 35.20 -23.09 -24.60
C LEU B 1297 34.96 -23.86 -23.31
N ARG B 1298 35.46 -25.10 -23.22
CA ARG B 1298 35.34 -25.88 -22.01
C ARG B 1298 35.90 -25.15 -20.79
N HIS B 1299 36.97 -24.38 -20.98
CA HIS B 1299 37.52 -23.60 -19.87
C HIS B 1299 36.66 -22.39 -19.54
N GLN B 1300 35.95 -21.84 -20.52
CA GLN B 1300 35.17 -20.63 -20.31
C GLN B 1300 33.84 -20.94 -19.60
N PRO B 1301 33.30 -19.97 -18.86
CA PRO B 1301 31.98 -20.15 -18.26
C PRO B 1301 30.87 -20.23 -19.31
N ALA B 1302 29.75 -20.82 -18.89
CA ALA B 1302 28.66 -21.10 -19.82
C ALA B 1302 28.11 -19.84 -20.45
N ASN B 1303 28.00 -18.76 -19.67
CA ASN B 1303 27.49 -17.50 -20.22
C ASN B 1303 28.43 -16.97 -21.29
N ALA B 1304 29.74 -17.05 -21.07
CA ALA B 1304 30.70 -16.62 -22.08
C ALA B 1304 30.62 -17.50 -23.32
N GLN B 1305 30.45 -18.81 -23.11
CA GLN B 1305 30.30 -19.74 -24.23
C GLN B 1305 29.10 -19.38 -25.09
N ILE B 1306 27.95 -19.14 -24.45
CA ILE B 1306 26.75 -18.77 -25.19
C ILE B 1306 26.92 -17.43 -25.90
N GLY B 1307 27.55 -16.46 -25.23
CA GLY B 1307 27.80 -15.18 -25.87
C GLY B 1307 28.70 -15.28 -27.09
N LEU B 1308 29.75 -16.09 -27.00
CA LEU B 1308 30.63 -16.28 -28.15
C LEU B 1308 29.93 -17.01 -29.28
N MET B 1309 29.16 -18.05 -28.97
CA MET B 1309 28.43 -18.76 -30.01
C MET B 1309 27.39 -17.86 -30.68
N GLU B 1310 26.68 -17.06 -29.91
CA GLU B 1310 25.70 -16.13 -30.49
C GLU B 1310 26.37 -15.05 -31.33
N GLY B 1311 27.52 -14.53 -30.87
CA GLY B 1311 28.23 -13.55 -31.66
C GLY B 1311 28.75 -14.13 -32.96
N ASN B 1312 29.25 -15.36 -32.91
CA ASN B 1312 29.68 -16.04 -34.13
C ASN B 1312 28.51 -16.26 -35.07
N THR B 1313 27.36 -16.69 -34.54
CA THR B 1313 26.17 -16.88 -35.35
C THR B 1313 25.77 -15.58 -36.03
N PHE B 1314 25.82 -14.46 -35.29
CA PHE B 1314 25.46 -13.17 -35.85
C PHE B 1314 26.41 -12.75 -36.96
N CYS B 1315 27.71 -12.79 -36.69
CA CYS B 1315 28.69 -12.38 -37.70
C CYS B 1315 28.63 -13.26 -38.95
N THR B 1316 28.44 -14.57 -38.79
CA THR B 1316 28.34 -15.50 -39.92
C THR B 1316 26.98 -15.46 -40.62
N THR B 1317 25.92 -15.02 -39.95
CA THR B 1317 24.60 -14.94 -40.57
C THR B 1317 24.38 -13.66 -41.38
N LEU B 1318 25.30 -12.69 -41.32
CA LEU B 1318 25.12 -11.49 -42.13
C LEU B 1318 25.09 -11.84 -43.62
N GLN B 1319 24.36 -11.03 -44.39
CA GLN B 1319 24.18 -11.32 -45.81
C GLN B 1319 25.49 -11.39 -46.57
N PRO B 1320 26.38 -10.38 -46.55
CA PRO B 1320 27.78 -10.67 -46.80
C PRO B 1320 28.50 -11.01 -45.51
N ARG B 1321 29.00 -12.24 -45.41
CA ARG B 1321 29.59 -12.71 -44.16
C ARG B 1321 30.76 -11.83 -43.75
N LEU B 1322 30.75 -11.39 -42.50
CA LEU B 1322 31.88 -10.63 -41.97
C LEU B 1322 33.08 -11.55 -41.74
N PHE B 1323 32.84 -12.77 -41.30
CA PHE B 1323 33.86 -13.79 -41.16
C PHE B 1323 33.35 -15.08 -41.79
N THR B 1324 34.19 -15.72 -42.61
CA THR B 1324 33.88 -17.00 -43.22
C THR B 1324 34.77 -18.07 -42.59
N MET B 1325 34.15 -19.05 -41.93
CA MET B 1325 34.90 -20.10 -41.28
C MET B 1325 35.53 -21.03 -42.31
N ASP B 1326 36.79 -21.38 -42.10
CA ASP B 1326 37.53 -22.27 -42.99
C ASP B 1326 38.09 -23.41 -42.15
N LEU B 1327 37.60 -24.63 -42.41
CA LEU B 1327 37.97 -25.77 -41.58
C LEU B 1327 39.45 -26.13 -41.70
N ASN B 1328 40.15 -25.62 -42.72
CA ASN B 1328 41.58 -25.83 -42.80
C ASN B 1328 42.33 -25.07 -41.72
N VAL B 1329 41.76 -24.00 -41.18
CA VAL B 1329 42.37 -23.25 -40.09
C VAL B 1329 42.15 -24.00 -38.80
N VAL B 1330 43.22 -24.18 -38.01
CA VAL B 1330 43.17 -25.07 -36.86
C VAL B 1330 42.11 -24.61 -35.86
N GLU B 1331 42.10 -23.31 -35.55
CA GLU B 1331 41.15 -22.80 -34.57
C GLU B 1331 39.71 -22.96 -35.04
N HIS B 1332 39.48 -22.85 -36.35
CA HIS B 1332 38.13 -22.99 -36.87
C HIS B 1332 37.66 -24.44 -36.76
N LYS B 1333 38.54 -25.39 -37.10
CA LYS B 1333 38.19 -26.80 -36.92
C LYS B 1333 37.95 -27.14 -35.46
N VAL B 1334 38.75 -26.58 -34.56
CA VAL B 1334 38.55 -26.82 -33.13
C VAL B 1334 37.17 -26.31 -32.70
N PHE B 1335 36.83 -25.07 -33.06
CA PHE B 1335 35.53 -24.52 -32.72
C PHE B 1335 34.40 -25.35 -33.29
N TYR B 1336 34.51 -25.75 -34.56
CA TYR B 1336 33.48 -26.57 -35.20
C TYR B 1336 33.32 -27.91 -34.50
N THR B 1337 34.44 -28.54 -34.12
CA THR B 1337 34.37 -29.82 -33.41
C THR B 1337 33.72 -29.65 -32.04
N GLU B 1338 34.02 -28.54 -31.35
CA GLU B 1338 33.38 -28.29 -30.07
C GLU B 1338 31.88 -28.11 -30.24
N LEU B 1339 31.47 -27.38 -31.28
CA LEU B 1339 30.04 -27.21 -31.55
C LEU B 1339 29.37 -28.55 -31.85
N LEU B 1340 30.01 -29.39 -32.65
CA LEU B 1340 29.44 -30.70 -32.96
C LEU B 1340 29.32 -31.56 -31.71
N ASN B 1341 30.36 -31.58 -30.89
CA ASN B 1341 30.33 -32.37 -29.67
C ASN B 1341 29.23 -31.87 -28.73
N LEU B 1342 29.08 -30.55 -28.63
CA LEU B 1342 28.05 -29.99 -27.75
C LEU B 1342 26.65 -30.35 -28.26
N CYS B 1343 26.45 -30.32 -29.57
CA CYS B 1343 25.14 -30.68 -30.12
C CYS B 1343 24.85 -32.17 -29.96
N GLU B 1344 25.86 -33.02 -30.11
CA GLU B 1344 25.63 -34.45 -30.17
C GLU B 1344 25.72 -35.14 -28.81
N ALA B 1345 26.52 -34.62 -27.88
CA ALA B 1345 26.81 -35.34 -26.66
C ALA B 1345 25.56 -35.47 -25.78
N GLU B 1346 25.57 -36.50 -24.95
CA GLU B 1346 24.50 -36.72 -23.99
C GLU B 1346 24.57 -35.68 -22.87
N ASP B 1347 23.43 -35.49 -22.20
CA ASP B 1347 23.38 -34.54 -21.10
C ASP B 1347 24.27 -34.96 -19.93
N SER B 1348 24.40 -36.27 -19.71
CA SER B 1348 25.27 -36.75 -18.64
C SER B 1348 26.74 -36.51 -18.97
N ALA B 1349 27.11 -36.65 -20.25
CA ALA B 1349 28.50 -36.39 -20.63
C ALA B 1349 28.84 -34.91 -20.49
N LEU B 1350 27.88 -34.02 -20.72
CA LEU B 1350 28.12 -32.60 -20.50
C LEU B 1350 28.13 -32.26 -19.01
N THR B 1351 27.29 -32.93 -18.22
CA THR B 1351 27.15 -32.57 -16.81
C THR B 1351 28.46 -32.80 -16.04
N LYS B 1352 29.18 -33.88 -16.35
CA LYS B 1352 30.42 -34.15 -15.66
C LYS B 1352 31.49 -33.09 -15.93
N LEU B 1353 31.39 -32.39 -17.05
CA LEU B 1353 32.30 -31.27 -17.31
C LEU B 1353 32.04 -30.15 -16.30
N PRO B 1354 33.09 -29.61 -15.66
CA PRO B 1354 32.87 -28.65 -14.57
C PRO B 1354 32.12 -27.39 -14.98
N CYS B 1355 32.34 -26.88 -16.19
CA CYS B 1355 31.72 -25.64 -16.60
C CYS B 1355 30.20 -25.78 -16.72
N TYR B 1356 29.73 -26.94 -17.17
CA TYR B 1356 28.30 -27.19 -17.25
C TYR B 1356 27.71 -27.67 -15.94
N LYS B 1357 28.55 -28.15 -15.01
CA LYS B 1357 28.08 -28.93 -13.86
C LYS B 1357 27.05 -28.19 -13.02
N SER B 1358 26.93 -26.87 -13.17
CA SER B 1358 26.06 -26.08 -12.32
C SER B 1358 24.89 -25.43 -13.06
N LEU B 1359 24.80 -25.61 -14.37
CA LEU B 1359 23.68 -25.05 -15.12
C LEU B 1359 22.36 -25.66 -14.64
N PRO B 1360 21.32 -24.86 -14.41
CA PRO B 1360 19.99 -25.45 -14.17
C PRO B 1360 19.48 -26.27 -15.34
N SER B 1361 19.76 -25.84 -16.57
CA SER B 1361 19.42 -26.61 -17.75
C SER B 1361 20.47 -26.36 -18.83
N LEU B 1362 20.90 -27.45 -19.48
CA LEU B 1362 21.78 -27.35 -20.64
C LEU B 1362 21.07 -26.78 -21.87
N VAL B 1363 19.73 -26.75 -21.86
CA VAL B 1363 18.99 -26.49 -23.11
C VAL B 1363 19.35 -25.17 -23.76
N PRO B 1364 19.48 -24.05 -23.04
CA PRO B 1364 19.93 -22.82 -23.73
C PRO B 1364 21.29 -22.96 -24.39
N LEU B 1365 22.20 -23.68 -23.75
CA LEU B 1365 23.51 -23.92 -24.35
C LEU B 1365 23.37 -24.76 -25.61
N ARG B 1366 22.50 -25.77 -25.58
CA ARG B 1366 22.32 -26.63 -26.75
C ARG B 1366 21.72 -25.83 -27.89
N ILE B 1367 20.79 -24.92 -27.58
CA ILE B 1367 20.16 -24.10 -28.60
C ILE B 1367 21.18 -23.14 -29.22
N ALA B 1368 22.02 -22.54 -28.39
CA ALA B 1368 23.05 -21.64 -28.92
C ALA B 1368 24.04 -22.39 -29.80
N ALA B 1369 24.40 -23.62 -29.39
CA ALA B 1369 25.30 -24.42 -30.21
C ALA B 1369 24.65 -24.84 -31.52
N LEU B 1370 23.37 -25.20 -31.48
CA LEU B 1370 22.67 -25.58 -32.71
C LEU B 1370 22.58 -24.39 -33.66
N ASN B 1371 22.29 -23.21 -33.14
CA ASN B 1371 22.25 -22.02 -33.98
C ASN B 1371 23.61 -21.73 -34.59
N ALA B 1372 24.68 -21.88 -33.81
CA ALA B 1372 26.02 -21.65 -34.33
C ALA B 1372 26.40 -22.69 -35.38
N LEU B 1373 25.89 -23.91 -35.25
CA LEU B 1373 26.17 -24.95 -36.25
C LEU B 1373 25.38 -24.73 -37.52
N ALA B 1374 24.10 -24.36 -37.42
CA ALA B 1374 23.28 -24.14 -38.60
C ALA B 1374 23.79 -23.00 -39.45
N ALA B 1375 24.53 -22.06 -38.86
CA ALA B 1375 25.09 -20.95 -39.64
C ALA B 1375 26.20 -21.41 -40.58
N CYS B 1376 26.74 -22.61 -40.39
CA CYS B 1376 27.76 -23.15 -41.28
C CYS B 1376 27.13 -23.95 -42.42
N ASN B 1377 26.18 -23.34 -43.11
CA ASN B 1377 25.53 -23.97 -44.24
C ASN B 1377 26.34 -23.90 -45.52
N TYR B 1378 27.38 -23.06 -45.57
CA TYR B 1378 28.15 -22.86 -46.78
C TYR B 1378 29.32 -23.83 -46.90
N LEU B 1379 29.73 -24.49 -45.83
CA LEU B 1379 30.81 -25.45 -45.90
C LEU B 1379 30.30 -26.79 -46.41
N PRO B 1380 30.69 -27.21 -47.62
CA PRO B 1380 30.14 -28.45 -48.17
C PRO B 1380 30.56 -29.69 -47.43
N GLN B 1381 31.75 -29.68 -46.81
CA GLN B 1381 32.20 -30.85 -46.08
C GLN B 1381 31.36 -31.10 -44.83
N SER B 1382 30.87 -30.03 -44.21
CA SER B 1382 30.21 -30.13 -42.91
C SER B 1382 28.79 -30.68 -43.03
N ARG B 1383 28.14 -30.49 -44.19
CA ARG B 1383 26.69 -30.51 -44.26
C ARG B 1383 26.07 -31.79 -43.68
N GLU B 1384 26.69 -32.94 -43.91
CA GLU B 1384 26.09 -34.19 -43.41
C GLU B 1384 26.01 -34.21 -41.89
N LYS B 1385 27.09 -33.80 -41.21
CA LYS B 1385 27.09 -33.79 -39.75
C LYS B 1385 26.12 -32.74 -39.21
N ILE B 1386 26.08 -31.56 -39.84
CA ILE B 1386 25.17 -30.51 -39.40
C ILE B 1386 23.72 -30.98 -39.55
N ILE B 1387 23.39 -31.56 -40.70
CA ILE B 1387 22.04 -32.08 -40.91
C ILE B 1387 21.70 -33.15 -39.87
N ALA B 1388 22.66 -34.01 -39.54
CA ALA B 1388 22.39 -35.03 -38.53
C ALA B 1388 22.11 -34.39 -37.17
N ALA B 1389 22.89 -33.39 -36.78
CA ALA B 1389 22.65 -32.70 -35.52
C ALA B 1389 21.32 -31.97 -35.51
N LEU B 1390 20.99 -31.30 -36.62
CA LEU B 1390 19.73 -30.59 -36.72
C LEU B 1390 18.55 -31.53 -36.61
N PHE B 1391 18.65 -32.71 -37.22
CA PHE B 1391 17.56 -33.67 -37.13
C PHE B 1391 17.49 -34.28 -35.74
N LYS B 1392 18.63 -34.45 -35.08
CA LYS B 1392 18.62 -34.91 -33.69
C LYS B 1392 17.90 -33.91 -32.79
N ALA B 1393 18.17 -32.62 -33.00
CA ALA B 1393 17.49 -31.60 -32.20
C ALA B 1393 16.01 -31.53 -32.56
N LEU B 1394 15.69 -31.70 -33.84
CA LEU B 1394 14.29 -31.67 -34.28
C LEU B 1394 13.49 -32.84 -33.73
N ASN B 1395 14.16 -33.94 -33.37
CA ASN B 1395 13.51 -35.12 -32.82
C ASN B 1395 13.64 -35.19 -31.31
N SER B 1396 14.11 -34.12 -30.66
CA SER B 1396 14.30 -34.13 -29.22
C SER B 1396 12.98 -34.16 -28.49
N THR B 1397 12.93 -34.92 -27.39
CA THR B 1397 11.74 -34.95 -26.55
C THR B 1397 11.51 -33.64 -25.84
N ASN B 1398 12.57 -32.85 -25.60
CA ASN B 1398 12.41 -31.52 -25.03
C ASN B 1398 11.70 -30.61 -26.02
N SER B 1399 10.68 -29.89 -25.53
CA SER B 1399 9.90 -29.02 -26.39
C SER B 1399 10.73 -27.84 -26.90
N GLU B 1400 11.46 -27.19 -25.99
CA GLU B 1400 12.27 -26.05 -26.40
C GLU B 1400 13.34 -26.44 -27.39
N LEU B 1401 13.99 -27.57 -27.17
CA LEU B 1401 15.00 -28.05 -28.11
C LEU B 1401 14.38 -28.42 -29.45
N GLN B 1402 13.16 -28.98 -29.43
CA GLN B 1402 12.47 -29.30 -30.67
C GLN B 1402 12.17 -28.05 -31.49
N GLU B 1403 11.65 -27.02 -30.82
CA GLU B 1403 11.35 -25.77 -31.52
C GLU B 1403 12.61 -25.11 -32.04
N ALA B 1404 13.68 -25.13 -31.24
CA ALA B 1404 14.96 -24.58 -31.70
C ALA B 1404 15.50 -25.36 -32.90
N GLY B 1405 15.34 -26.68 -32.88
CA GLY B 1405 15.75 -27.48 -34.03
C GLY B 1405 14.99 -27.13 -35.28
N GLU B 1406 13.68 -26.95 -35.15
CA GLU B 1406 12.88 -26.54 -36.31
C GLU B 1406 13.34 -25.20 -36.86
N ALA B 1407 13.56 -24.23 -35.96
CA ALA B 1407 13.98 -22.90 -36.42
C ALA B 1407 15.36 -22.95 -37.06
N CYS B 1408 16.29 -23.71 -36.48
CA CYS B 1408 17.62 -23.82 -37.04
C CYS B 1408 17.62 -24.53 -38.38
N MET B 1409 16.76 -25.55 -38.54
CA MET B 1409 16.62 -26.19 -39.83
C MET B 1409 16.08 -25.22 -40.86
N ARG B 1410 15.11 -24.39 -40.46
CA ARG B 1410 14.59 -23.38 -41.38
C ARG B 1410 15.68 -22.41 -41.78
N LYS B 1411 16.53 -22.02 -40.82
CA LYS B 1411 17.65 -21.12 -41.12
C LYS B 1411 18.70 -21.81 -41.98
N PHE B 1412 18.92 -23.09 -41.74
CA PHE B 1412 19.92 -23.84 -42.51
C PHE B 1412 19.48 -24.07 -43.95
N LEU B 1413 18.19 -24.38 -44.17
CA LEU B 1413 17.71 -24.64 -45.52
C LEU B 1413 17.76 -23.40 -46.41
N GLU B 1414 17.84 -22.21 -45.84
CA GLU B 1414 17.90 -21.00 -46.64
C GLU B 1414 19.18 -20.91 -47.46
N GLY B 1415 20.23 -21.62 -47.06
CA GLY B 1415 21.48 -21.56 -47.79
C GLY B 1415 22.04 -22.92 -48.19
N ALA B 1416 21.33 -23.99 -47.85
CA ALA B 1416 21.77 -25.33 -48.21
C ALA B 1416 20.58 -26.19 -48.61
N THR B 1417 20.79 -27.03 -49.62
CA THR B 1417 19.82 -28.04 -50.01
C THR B 1417 19.93 -29.26 -49.09
N ILE B 1418 18.83 -30.01 -49.01
CA ILE B 1418 18.82 -31.32 -48.37
C ILE B 1418 18.04 -32.28 -49.25
N GLU B 1419 18.57 -33.50 -49.42
CA GLU B 1419 17.96 -34.46 -50.31
C GLU B 1419 16.82 -35.19 -49.61
N VAL B 1420 15.89 -35.71 -50.42
CA VAL B 1420 14.77 -36.46 -49.87
C VAL B 1420 15.25 -37.76 -49.21
N ASP B 1421 16.30 -38.37 -49.75
CA ASP B 1421 16.85 -39.57 -49.13
C ASP B 1421 17.39 -39.29 -47.74
N GLN B 1422 18.04 -38.14 -47.56
CA GLN B 1422 18.53 -37.76 -46.23
C GLN B 1422 17.37 -37.61 -45.26
N ILE B 1423 16.29 -36.95 -45.68
CA ILE B 1423 15.13 -36.77 -44.81
C ILE B 1423 14.55 -38.11 -44.43
N HIS B 1424 14.40 -39.02 -45.40
CA HIS B 1424 13.80 -40.31 -45.11
C HIS B 1424 14.68 -41.13 -44.17
N THR B 1425 16.00 -41.10 -44.39
CA THR B 1425 16.91 -41.85 -43.52
C THR B 1425 16.89 -41.30 -42.10
N HIS B 1426 16.88 -39.98 -41.95
CA HIS B 1426 16.89 -39.39 -40.62
C HIS B 1426 15.56 -39.56 -39.90
N MET B 1427 14.46 -39.58 -40.64
CA MET B 1427 13.13 -39.71 -40.02
C MET B 1427 12.66 -41.15 -39.90
N ARG B 1428 13.41 -42.11 -40.45
CA ARG B 1428 12.98 -43.50 -40.39
C ARG B 1428 12.73 -44.02 -38.98
N PRO B 1429 13.56 -43.74 -37.97
CA PRO B 1429 13.24 -44.24 -36.63
C PRO B 1429 11.90 -43.78 -36.10
N LEU B 1430 11.49 -42.54 -36.38
CA LEU B 1430 10.20 -42.07 -35.89
C LEU B 1430 9.04 -42.65 -36.69
N LEU B 1431 9.19 -42.75 -38.02
CA LEU B 1431 8.10 -43.25 -38.85
C LEU B 1431 7.80 -44.72 -38.54
N MET B 1432 8.84 -45.51 -38.25
CA MET B 1432 8.61 -46.91 -37.91
C MET B 1432 7.91 -47.06 -36.56
N MET B 1433 8.18 -46.15 -35.62
CA MET B 1433 7.59 -46.27 -34.30
C MET B 1433 6.12 -45.89 -34.28
N LEU B 1434 5.68 -44.99 -35.17
CA LEU B 1434 4.29 -44.54 -35.17
C LEU B 1434 3.33 -45.52 -35.83
N GLY B 1435 3.75 -46.77 -36.04
CA GLY B 1435 2.83 -47.75 -36.59
C GLY B 1435 1.66 -48.03 -35.66
N ASP B 1436 1.91 -48.01 -34.35
CA ASP B 1436 0.88 -48.18 -33.35
C ASP B 1436 0.39 -46.83 -32.84
N TYR B 1437 -0.89 -46.77 -32.47
CA TYR B 1437 -1.47 -45.49 -32.09
C TYR B 1437 -1.00 -45.03 -30.71
N ARG B 1438 -0.67 -45.97 -29.82
CA ARG B 1438 -0.23 -45.60 -28.49
C ARG B 1438 1.11 -44.87 -28.52
N SER B 1439 1.88 -45.03 -29.59
CA SER B 1439 3.17 -44.34 -29.70
C SER B 1439 3.00 -42.85 -29.99
N LEU B 1440 1.82 -42.43 -30.43
CA LEU B 1440 1.59 -41.03 -30.80
C LEU B 1440 1.39 -40.21 -29.53
N THR B 1441 2.51 -39.82 -28.92
CA THR B 1441 2.49 -38.81 -27.88
C THR B 1441 2.41 -37.41 -28.51
N LEU B 1442 2.15 -36.41 -27.68
CA LEU B 1442 2.08 -35.05 -28.18
C LEU B 1442 3.41 -34.61 -28.78
N ASN B 1443 4.52 -35.04 -28.19
CA ASN B 1443 5.83 -34.71 -28.74
C ASN B 1443 6.04 -35.31 -30.12
N VAL B 1444 5.59 -36.55 -30.31
CA VAL B 1444 5.74 -37.20 -31.62
C VAL B 1444 4.94 -36.45 -32.68
N VAL B 1445 3.71 -36.07 -32.36
CA VAL B 1445 2.90 -35.33 -33.32
C VAL B 1445 3.50 -33.95 -33.59
N ASN B 1446 4.09 -33.32 -32.57
CA ASN B 1446 4.76 -32.05 -32.80
C ASN B 1446 5.95 -32.21 -33.72
N ARG B 1447 6.71 -33.30 -33.56
CA ARG B 1447 7.85 -33.55 -34.44
C ARG B 1447 7.37 -33.80 -35.87
N LEU B 1448 6.28 -34.56 -36.03
CA LEU B 1448 5.72 -34.76 -37.37
C LEU B 1448 5.25 -33.45 -37.98
N THR B 1449 4.65 -32.58 -37.17
CA THR B 1449 4.22 -31.27 -37.65
C THR B 1449 5.41 -30.45 -38.12
N SER B 1450 6.50 -30.45 -37.35
CA SER B 1450 7.70 -29.73 -37.78
C SER B 1450 8.27 -30.30 -39.07
N VAL B 1451 8.29 -31.63 -39.19
CA VAL B 1451 8.81 -32.25 -40.40
C VAL B 1451 7.97 -31.90 -41.61
N THR B 1452 6.64 -31.94 -41.46
CA THR B 1452 5.77 -31.62 -42.59
C THR B 1452 5.76 -30.13 -42.92
N ARG B 1453 6.05 -29.28 -41.94
CA ARG B 1453 6.20 -27.85 -42.24
C ARG B 1453 7.48 -27.60 -43.01
N LEU B 1454 8.59 -28.18 -42.56
CA LEU B 1454 9.85 -27.99 -43.25
C LEU B 1454 9.89 -28.73 -44.58
N PHE B 1455 9.36 -29.95 -44.62
CA PHE B 1455 9.49 -30.85 -45.77
C PHE B 1455 8.13 -31.38 -46.16
N PRO B 1456 7.29 -30.56 -46.79
CA PRO B 1456 5.91 -31.00 -47.10
C PRO B 1456 5.83 -32.25 -47.95
N ASN B 1457 6.78 -32.45 -48.86
CA ASN B 1457 6.77 -33.62 -49.74
C ASN B 1457 6.83 -34.93 -48.96
N SER B 1458 7.44 -34.92 -47.78
CA SER B 1458 7.81 -36.16 -47.09
C SER B 1458 6.63 -37.11 -46.91
N PHE B 1459 5.44 -36.58 -46.64
CA PHE B 1459 4.30 -37.40 -46.26
C PHE B 1459 3.32 -37.52 -47.42
N ASN B 1460 2.81 -38.73 -47.63
CA ASN B 1460 1.94 -39.05 -48.75
C ASN B 1460 0.57 -39.49 -48.24
N ASP B 1461 -0.26 -39.98 -49.18
CA ASP B 1461 -1.64 -40.34 -48.86
C ASP B 1461 -1.72 -41.45 -47.81
N LYS B 1462 -0.87 -42.47 -47.93
CA LYS B 1462 -0.96 -43.59 -47.00
C LYS B 1462 -0.62 -43.17 -45.58
N PHE B 1463 0.29 -42.22 -45.41
CA PHE B 1463 0.53 -41.66 -44.09
C PHE B 1463 -0.70 -40.96 -43.56
N CYS B 1464 -1.42 -40.25 -44.43
CA CYS B 1464 -2.66 -39.61 -44.00
C CYS B 1464 -3.70 -40.64 -43.57
N ASP B 1465 -3.79 -41.76 -44.29
CA ASP B 1465 -4.71 -42.82 -43.89
C ASP B 1465 -4.33 -43.40 -42.53
N GLN B 1466 -3.03 -43.64 -42.31
CA GLN B 1466 -2.58 -44.16 -41.03
C GLN B 1466 -2.87 -43.17 -39.91
N MET B 1467 -2.64 -41.88 -40.16
CA MET B 1467 -2.95 -40.85 -39.17
C MET B 1467 -4.45 -40.80 -38.90
N MET B 1468 -5.27 -41.02 -39.92
CA MET B 1468 -6.71 -41.05 -39.72
C MET B 1468 -7.12 -42.22 -38.82
N GLN B 1469 -6.54 -43.40 -39.05
CA GLN B 1469 -6.84 -44.55 -38.20
C GLN B 1469 -6.42 -44.27 -36.76
N HIS B 1470 -5.22 -43.72 -36.58
CA HIS B 1470 -4.73 -43.40 -35.24
C HIS B 1470 -5.62 -42.36 -34.57
N LEU B 1471 -6.08 -41.37 -35.34
CA LEU B 1471 -6.98 -40.36 -34.81
C LEU B 1471 -8.30 -40.96 -34.37
N ARG B 1472 -8.83 -41.89 -35.16
CA ARG B 1472 -10.07 -42.56 -34.76
C ARG B 1472 -9.88 -43.28 -33.43
N LYS B 1473 -8.77 -44.00 -33.28
CA LYS B 1473 -8.54 -44.71 -32.02
C LYS B 1473 -8.35 -43.73 -30.86
N TRP B 1474 -7.63 -42.64 -31.08
CA TRP B 1474 -7.44 -41.65 -30.02
C TRP B 1474 -8.75 -40.95 -29.64
N MET B 1475 -9.64 -40.73 -30.61
CA MET B 1475 -10.94 -40.15 -30.29
C MET B 1475 -11.79 -41.13 -29.50
N GLU B 1476 -11.72 -42.41 -29.85
CA GLU B 1476 -12.40 -43.41 -29.03
C GLU B 1476 -11.87 -43.42 -27.61
N VAL B 1477 -10.55 -43.28 -27.45
CA VAL B 1477 -9.97 -43.23 -26.11
C VAL B 1477 -10.41 -41.97 -25.36
N VAL B 1478 -10.51 -40.84 -26.07
CA VAL B 1478 -11.00 -39.61 -25.45
C VAL B 1478 -12.44 -39.79 -24.97
N VAL B 1479 -13.27 -40.44 -25.79
CA VAL B 1479 -14.67 -40.66 -25.39
C VAL B 1479 -14.75 -41.58 -24.18
N ILE B 1480 -13.94 -42.64 -24.17
CA ILE B 1480 -13.93 -43.56 -23.04
C ILE B 1480 -13.50 -42.84 -21.77
N THR B 1481 -12.45 -42.02 -21.87
CA THR B 1481 -11.98 -41.29 -20.70
C THR B 1481 -13.04 -40.31 -20.20
N HIS B 1482 -13.73 -39.63 -21.11
CA HIS B 1482 -14.79 -38.72 -20.71
C HIS B 1482 -15.93 -39.47 -20.03
N LYS B 1483 -16.29 -40.64 -20.55
CA LYS B 1483 -17.34 -41.44 -19.93
C LYS B 1483 -16.93 -41.91 -18.54
N GLY B 1484 -15.66 -42.28 -18.38
CA GLY B 1484 -15.18 -42.69 -17.07
C GLY B 1484 -15.21 -41.58 -16.03
N GLY B 1485 -14.95 -40.35 -16.46
CA GLY B 1485 -14.97 -39.22 -15.55
C GLY B 1485 -16.30 -38.50 -15.52
N ASN B 1491 -4.44 -35.27 -21.84
CA ASN B 1491 -3.47 -35.10 -22.91
C ASN B 1491 -3.98 -35.69 -24.23
N GLU B 1492 -4.88 -36.66 -24.12
CA GLU B 1492 -5.45 -37.29 -25.31
C GLU B 1492 -6.19 -36.28 -26.18
N MET B 1493 -6.80 -35.26 -25.55
CA MET B 1493 -7.48 -34.23 -26.32
C MET B 1493 -6.48 -33.39 -27.12
N LYS B 1494 -5.31 -33.13 -26.54
CA LYS B 1494 -4.27 -32.41 -27.27
C LYS B 1494 -3.67 -33.26 -28.37
N ILE B 1495 -3.49 -34.56 -28.11
CA ILE B 1495 -3.05 -35.49 -29.16
C ILE B 1495 -4.01 -35.45 -30.34
N CYS B 1496 -5.31 -35.60 -30.06
CA CYS B 1496 -6.32 -35.55 -31.12
C CYS B 1496 -6.26 -34.23 -31.89
N SER B 1497 -6.21 -33.10 -31.17
CA SER B 1497 -6.19 -31.80 -31.82
C SER B 1497 -4.96 -31.64 -32.69
N ALA B 1498 -3.78 -32.06 -32.20
CA ALA B 1498 -2.56 -31.96 -32.98
C ALA B 1498 -2.61 -32.85 -34.22
N ILE B 1499 -3.19 -34.06 -34.09
CA ILE B 1499 -3.31 -34.93 -35.25
C ILE B 1499 -4.20 -34.29 -36.30
N ILE B 1500 -5.32 -33.69 -35.88
CA ILE B 1500 -6.18 -33.01 -36.84
C ILE B 1500 -5.45 -31.84 -37.49
N ASN B 1501 -4.68 -31.09 -36.68
CA ASN B 1501 -3.91 -29.97 -37.22
C ASN B 1501 -2.84 -30.45 -38.21
N LEU B 1502 -2.38 -31.69 -38.07
CA LEU B 1502 -1.35 -32.19 -38.97
C LEU B 1502 -1.85 -32.31 -40.39
N PHE B 1503 -3.16 -32.52 -40.57
CA PHE B 1503 -3.70 -32.81 -41.89
C PHE B 1503 -3.59 -31.62 -42.83
N HIS B 1504 -3.88 -30.42 -42.35
CA HIS B 1504 -3.88 -29.26 -43.24
C HIS B 1504 -2.48 -28.81 -43.63
N LEU B 1505 -1.45 -29.33 -42.98
CA LEU B 1505 -0.07 -29.02 -43.35
C LEU B 1505 0.54 -30.02 -44.32
N ILE B 1506 -0.13 -31.13 -44.58
CA ILE B 1506 0.34 -32.12 -45.57
C ILE B 1506 -0.32 -31.78 -46.90
N PRO B 1507 0.42 -31.33 -47.90
CA PRO B 1507 -0.20 -31.05 -49.21
C PRO B 1507 -0.77 -32.29 -49.89
N ALA B 1508 -0.32 -33.47 -49.51
CA ALA B 1508 -0.80 -34.70 -50.13
C ALA B 1508 -2.08 -35.22 -49.50
N ALA B 1509 -2.63 -34.51 -48.52
CA ALA B 1509 -3.88 -34.93 -47.88
C ALA B 1509 -5.02 -34.80 -48.88
N PRO B 1510 -5.70 -35.88 -49.24
CA PRO B 1510 -6.74 -35.80 -50.26
C PRO B 1510 -8.03 -35.19 -49.71
N GLN B 1511 -8.86 -34.72 -50.65
CA GLN B 1511 -10.18 -34.23 -50.28
C GLN B 1511 -11.08 -35.34 -49.75
N THR B 1512 -10.73 -36.60 -50.02
CA THR B 1512 -11.51 -37.72 -49.51
C THR B 1512 -11.43 -37.84 -48.00
N LEU B 1513 -10.46 -37.16 -47.36
CA LEU B 1513 -10.36 -37.21 -45.91
C LEU B 1513 -11.45 -36.41 -45.22
N VAL B 1514 -12.12 -35.50 -45.94
CA VAL B 1514 -13.06 -34.57 -45.30
C VAL B 1514 -14.21 -35.35 -44.66
N LYS B 1515 -14.77 -36.32 -45.38
CA LYS B 1515 -15.91 -37.06 -44.83
C LYS B 1515 -15.55 -37.88 -43.60
N PRO B 1516 -14.51 -38.72 -43.60
CA PRO B 1516 -14.18 -39.44 -42.35
C PRO B 1516 -13.80 -38.52 -41.21
N LEU B 1517 -13.11 -37.43 -41.50
CA LEU B 1517 -12.70 -36.49 -40.46
C LEU B 1517 -13.92 -35.84 -39.81
N LEU B 1518 -14.86 -35.37 -40.64
CA LEU B 1518 -16.09 -34.80 -40.11
C LEU B 1518 -16.88 -35.84 -39.34
N GLU B 1519 -16.93 -37.08 -39.84
CA GLU B 1519 -17.70 -38.12 -39.14
C GLU B 1519 -17.12 -38.41 -37.77
N VAL B 1520 -15.79 -38.52 -37.67
CA VAL B 1520 -15.19 -38.85 -36.39
C VAL B 1520 -15.32 -37.68 -35.42
N VAL B 1521 -15.15 -36.45 -35.91
CA VAL B 1521 -15.31 -35.29 -35.03
C VAL B 1521 -16.74 -35.18 -34.54
N MET B 1522 -17.72 -35.39 -35.42
CA MET B 1522 -19.12 -35.35 -35.00
C MET B 1522 -19.44 -36.45 -34.00
N LYS B 1523 -18.94 -37.66 -34.23
CA LYS B 1523 -19.19 -38.75 -33.30
C LYS B 1523 -18.62 -38.44 -31.92
N THR B 1524 -17.37 -37.96 -31.89
CA THR B 1524 -16.73 -37.63 -30.62
C THR B 1524 -17.47 -36.52 -29.89
N GLU B 1525 -17.85 -35.46 -30.61
CA GLU B 1525 -18.54 -34.34 -29.98
C GLU B 1525 -19.92 -34.76 -29.48
N ARG B 1526 -20.64 -35.58 -30.24
CA ARG B 1526 -21.95 -36.06 -29.81
C ARG B 1526 -21.82 -36.94 -28.57
N ALA B 1527 -20.79 -37.79 -28.53
CA ALA B 1527 -20.57 -38.61 -27.34
C ALA B 1527 -20.25 -37.75 -26.13
N MET B 1528 -19.41 -36.72 -26.31
CA MET B 1528 -19.00 -35.85 -25.22
C MET B 1528 -19.98 -34.71 -24.98
N LEU B 1529 -20.94 -34.51 -25.87
CA LEU B 1529 -21.93 -33.43 -25.77
C LEU B 1529 -21.27 -32.07 -25.61
N ILE B 1530 -20.34 -31.75 -26.52
CA ILE B 1530 -19.67 -30.46 -26.53
C ILE B 1530 -19.72 -29.89 -27.93
N GLU B 1531 -20.08 -28.61 -28.04
CA GLU B 1531 -19.96 -27.87 -29.29
C GLU B 1531 -19.09 -26.63 -29.15
N ALA B 1532 -19.34 -25.80 -28.15
CA ALA B 1532 -18.58 -24.56 -27.98
C ALA B 1532 -17.18 -24.82 -27.46
N GLY B 1533 -17.04 -25.74 -26.51
CA GLY B 1533 -15.77 -26.06 -25.91
C GLY B 1533 -14.95 -27.08 -26.66
N SER B 1534 -15.38 -27.48 -27.84
CA SER B 1534 -14.68 -28.50 -28.60
C SER B 1534 -13.38 -27.93 -29.14
N PRO B 1535 -12.23 -28.53 -28.86
CA PRO B 1535 -10.96 -28.06 -29.42
C PRO B 1535 -10.64 -28.61 -30.80
N PHE B 1536 -11.54 -29.37 -31.41
CA PHE B 1536 -11.32 -29.92 -32.74
C PHE B 1536 -11.72 -28.97 -33.85
N ARG B 1537 -12.46 -27.90 -33.54
CA ARG B 1537 -12.95 -27.01 -34.60
C ARG B 1537 -11.82 -26.21 -35.23
N GLU B 1538 -10.89 -25.71 -34.41
CA GLU B 1538 -9.83 -24.85 -34.94
C GLU B 1538 -8.96 -25.52 -35.99
N PRO B 1539 -8.47 -26.76 -35.81
CA PRO B 1539 -7.69 -27.39 -36.88
C PRO B 1539 -8.55 -27.92 -38.02
N LEU B 1540 -9.75 -28.38 -37.68
CA LEU B 1540 -10.65 -28.92 -38.69
C LEU B 1540 -11.05 -27.87 -39.71
N ILE B 1541 -11.34 -26.64 -39.24
CA ILE B 1541 -11.69 -25.57 -40.16
C ILE B 1541 -10.50 -25.21 -41.04
N LYS B 1542 -9.27 -25.33 -40.51
CA LYS B 1542 -8.09 -25.12 -41.33
C LYS B 1542 -8.00 -26.16 -42.44
N PHE B 1543 -8.31 -27.42 -42.11
CA PHE B 1543 -8.31 -28.45 -43.15
C PHE B 1543 -9.45 -28.26 -44.14
N LEU B 1544 -10.64 -27.92 -43.64
CA LEU B 1544 -11.80 -27.80 -44.52
C LEU B 1544 -11.63 -26.67 -45.53
N THR B 1545 -11.03 -25.56 -45.11
CA THR B 1545 -10.84 -24.43 -46.02
C THR B 1545 -9.87 -24.77 -47.16
N ARG B 1546 -9.06 -25.81 -47.02
CA ARG B 1546 -8.21 -26.25 -48.11
C ARG B 1546 -8.98 -26.99 -49.19
N HIS B 1547 -10.13 -27.58 -48.86
CA HIS B 1547 -11.00 -28.25 -49.81
C HIS B 1547 -12.42 -27.74 -49.61
N PRO B 1548 -12.68 -26.47 -49.93
CA PRO B 1548 -13.99 -25.89 -49.56
C PRO B 1548 -15.15 -26.42 -50.38
N SER B 1549 -14.94 -26.72 -51.66
CA SER B 1549 -16.01 -27.24 -52.49
C SER B 1549 -16.50 -28.59 -51.99
N GLN B 1550 -15.59 -29.48 -51.61
CA GLN B 1550 -15.99 -30.78 -51.10
C GLN B 1550 -16.78 -30.63 -49.80
N THR B 1551 -16.34 -29.75 -48.91
CA THR B 1551 -17.04 -29.55 -47.65
C THR B 1551 -18.43 -28.99 -47.88
N VAL B 1552 -18.55 -28.00 -48.76
CA VAL B 1552 -19.86 -27.40 -49.04
C VAL B 1552 -20.79 -28.43 -49.66
N GLU B 1553 -20.28 -29.21 -50.61
CA GLU B 1553 -21.13 -30.21 -51.27
C GLU B 1553 -21.56 -31.29 -50.29
N LEU B 1554 -20.68 -31.68 -49.36
CA LEU B 1554 -21.06 -32.66 -48.34
C LEU B 1554 -22.14 -32.10 -47.42
N PHE B 1555 -21.96 -30.86 -46.94
CA PHE B 1555 -22.95 -30.30 -46.01
C PHE B 1555 -24.25 -29.90 -46.71
N MET B 1556 -24.18 -29.41 -47.95
CA MET B 1556 -25.38 -28.94 -48.63
C MET B 1556 -26.24 -30.06 -49.19
N MET B 1557 -25.94 -31.32 -48.88
CA MET B 1557 -26.85 -32.40 -49.25
C MET B 1557 -28.17 -32.26 -48.49
N GLU B 1558 -29.25 -32.68 -49.13
CA GLU B 1558 -30.58 -32.50 -48.55
C GLU B 1558 -30.70 -33.24 -47.22
N ALA B 1559 -30.30 -34.50 -47.19
CA ALA B 1559 -30.34 -35.27 -45.95
C ALA B 1559 -29.43 -34.66 -44.89
N THR B 1560 -28.27 -34.15 -45.31
CA THR B 1560 -27.35 -33.54 -44.35
C THR B 1560 -27.83 -32.19 -43.85
N LEU B 1561 -28.55 -31.43 -44.68
CA LEU B 1561 -29.18 -30.21 -44.21
C LEU B 1561 -30.41 -30.46 -43.34
N ASN B 1562 -31.07 -31.61 -43.50
CA ASN B 1562 -32.17 -31.95 -42.60
C ASN B 1562 -31.67 -32.42 -41.24
N ASP B 1563 -30.56 -33.16 -41.20
CA ASP B 1563 -30.02 -33.66 -39.94
C ASP B 1563 -29.55 -32.50 -39.08
N PRO B 1564 -30.22 -32.20 -37.96
CA PRO B 1564 -29.94 -30.94 -37.25
C PRO B 1564 -28.50 -30.81 -36.76
N GLN B 1565 -27.85 -31.91 -36.38
CA GLN B 1565 -26.48 -31.82 -35.89
C GLN B 1565 -25.53 -31.37 -36.98
N TRP B 1566 -25.66 -31.95 -38.17
CA TRP B 1566 -24.79 -31.57 -39.27
C TRP B 1566 -25.05 -30.13 -39.71
N SER B 1567 -26.32 -29.72 -39.70
CA SER B 1567 -26.64 -28.33 -40.04
C SER B 1567 -26.04 -27.37 -39.02
N ARG B 1568 -26.11 -27.69 -37.74
CA ARG B 1568 -25.49 -26.87 -36.72
C ARG B 1568 -23.99 -26.77 -36.93
N MET B 1569 -23.34 -27.91 -37.19
CA MET B 1569 -21.89 -27.90 -37.42
C MET B 1569 -21.54 -27.06 -38.65
N PHE B 1570 -22.34 -27.15 -39.71
CA PHE B 1570 -22.11 -26.33 -40.89
C PHE B 1570 -22.23 -24.84 -40.57
N MET B 1571 -23.29 -24.46 -39.86
CA MET B 1571 -23.47 -23.06 -39.50
C MET B 1571 -22.31 -22.57 -38.64
N SER B 1572 -21.85 -23.39 -37.69
CA SER B 1572 -20.73 -23.00 -36.85
C SER B 1572 -19.46 -22.81 -37.68
N PHE B 1573 -19.23 -23.69 -38.66
CA PHE B 1573 -18.06 -23.52 -39.51
C PHE B 1573 -18.16 -22.26 -40.37
N LEU B 1574 -19.34 -21.98 -40.92
CA LEU B 1574 -19.48 -20.83 -41.80
C LEU B 1574 -19.30 -19.51 -41.05
N LYS B 1575 -19.59 -19.49 -39.76
CA LYS B 1575 -19.45 -18.28 -38.97
C LYS B 1575 -18.01 -17.98 -38.58
N HIS B 1576 -17.09 -18.91 -38.82
CA HIS B 1576 -15.72 -18.75 -38.37
C HIS B 1576 -15.00 -17.69 -39.18
N LYS B 1577 -13.97 -17.10 -38.57
CA LYS B 1577 -13.18 -16.08 -39.25
C LYS B 1577 -12.42 -16.66 -40.45
N ASP B 1578 -11.90 -17.88 -40.32
CA ASP B 1578 -11.10 -18.47 -41.38
C ASP B 1578 -11.92 -19.09 -42.50
N ALA B 1579 -13.24 -19.12 -42.36
CA ALA B 1579 -14.11 -19.80 -43.31
C ALA B 1579 -14.44 -18.99 -44.54
N ARG B 1580 -13.65 -17.97 -44.87
CA ARG B 1580 -13.91 -17.20 -46.08
C ARG B 1580 -13.95 -18.06 -47.34
N PRO B 1581 -13.07 -19.05 -47.55
CA PRO B 1581 -13.22 -19.91 -48.74
C PRO B 1581 -14.56 -20.63 -48.81
N LEU B 1582 -15.08 -21.13 -47.68
CA LEU B 1582 -16.38 -21.80 -47.71
C LEU B 1582 -17.50 -20.85 -48.10
N ARG B 1583 -17.50 -19.64 -47.53
CA ARG B 1583 -18.52 -18.67 -47.87
C ARG B 1583 -18.40 -18.21 -49.32
N ASP B 1584 -17.17 -18.10 -49.83
CA ASP B 1584 -16.97 -17.75 -51.23
C ASP B 1584 -17.50 -18.86 -52.14
N VAL B 1585 -17.26 -20.12 -51.77
CA VAL B 1585 -17.78 -21.23 -52.56
C VAL B 1585 -19.30 -21.21 -52.57
N LEU B 1586 -19.92 -20.98 -51.41
CA LEU B 1586 -21.38 -20.92 -51.35
C LEU B 1586 -21.91 -19.75 -52.15
N ALA B 1587 -21.26 -18.59 -52.07
CA ALA B 1587 -21.74 -17.39 -52.75
C ALA B 1587 -21.60 -17.47 -54.26
N ALA B 1588 -20.71 -18.33 -54.77
CA ALA B 1588 -20.49 -18.41 -56.21
C ALA B 1588 -21.66 -19.05 -56.94
N ASN B 1589 -22.54 -19.76 -56.23
CA ASN B 1589 -23.69 -20.42 -56.86
C ASN B 1589 -24.95 -20.04 -56.09
N PRO B 1590 -25.47 -18.83 -56.30
CA PRO B 1590 -26.74 -18.45 -55.66
C PRO B 1590 -27.92 -19.30 -56.10
N ASN B 1591 -27.88 -19.85 -57.32
CA ASN B 1591 -28.97 -20.67 -57.83
C ASN B 1591 -29.22 -21.91 -56.98
N ARG B 1592 -28.23 -22.35 -56.19
CA ARG B 1592 -28.45 -23.45 -55.27
C ARG B 1592 -29.51 -23.10 -54.23
N PHE B 1593 -29.47 -21.88 -53.71
CA PHE B 1593 -30.44 -21.46 -52.71
C PHE B 1593 -31.86 -21.41 -53.26
N ILE B 1594 -32.01 -21.03 -54.54
CA ILE B 1594 -33.33 -20.91 -55.14
C ILE B 1594 -34.08 -22.23 -55.10
N THR B 1595 -33.36 -23.35 -55.17
CA THR B 1595 -33.99 -24.65 -55.05
C THR B 1595 -34.48 -24.91 -53.63
N LEU B 1596 -33.85 -24.29 -52.63
CA LEU B 1596 -34.22 -24.53 -51.25
C LEU B 1596 -35.32 -23.61 -50.76
N LEU B 1597 -35.40 -22.40 -51.29
CA LEU B 1597 -36.56 -21.54 -51.05
C LEU B 1597 -37.82 -22.19 -51.61
N LEU B 1598 -38.87 -22.21 -50.80
CA LEU B 1598 -40.02 -23.07 -51.06
C LEU B 1598 -40.66 -22.71 -52.40
N PRO B 1599 -40.94 -23.70 -53.27
CA PRO B 1599 -41.63 -23.51 -54.54
C PRO B 1599 -42.96 -22.78 -54.42
N SER B 1612 -46.05 -35.47 -44.93
CA SER B 1612 -45.09 -34.92 -43.99
C SER B 1612 -43.86 -34.38 -44.71
N THR B 1613 -43.90 -34.41 -46.05
CA THR B 1613 -42.77 -33.90 -46.83
C THR B 1613 -42.65 -32.39 -46.69
N SER B 1614 -43.76 -31.69 -46.47
CA SER B 1614 -43.72 -30.23 -46.36
C SER B 1614 -42.87 -29.78 -45.17
N THR B 1615 -42.78 -30.60 -44.13
CA THR B 1615 -41.94 -30.25 -42.98
C THR B 1615 -40.48 -30.18 -43.39
N MET B 1616 -40.03 -31.11 -44.23
CA MET B 1616 -38.63 -31.09 -44.70
C MET B 1616 -38.34 -29.85 -45.52
N ARG B 1617 -39.30 -29.44 -46.37
CA ARG B 1617 -39.06 -28.31 -47.25
C ARG B 1617 -38.94 -27.01 -46.46
N LEU B 1618 -39.75 -26.85 -45.40
CA LEU B 1618 -39.63 -25.67 -44.56
C LEU B 1618 -38.33 -25.67 -43.77
N ASP B 1619 -37.85 -26.84 -43.34
CA ASP B 1619 -36.55 -26.90 -42.69
C ASP B 1619 -35.43 -26.52 -43.66
N LEU B 1620 -35.51 -27.00 -44.90
CA LEU B 1620 -34.52 -26.63 -45.90
C LEU B 1620 -34.56 -25.13 -46.19
N GLN B 1621 -35.77 -24.55 -46.25
CA GLN B 1621 -35.89 -23.10 -46.42
C GLN B 1621 -35.24 -22.35 -45.26
N PHE B 1622 -35.46 -22.81 -44.03
CA PHE B 1622 -34.85 -22.16 -42.88
C PHE B 1622 -33.33 -22.26 -42.93
N GLN B 1623 -32.80 -23.42 -43.32
CA GLN B 1623 -31.35 -23.56 -43.45
C GLN B 1623 -30.81 -22.65 -44.54
N ALA B 1624 -31.53 -22.53 -45.66
CA ALA B 1624 -31.10 -21.65 -46.74
C ALA B 1624 -31.06 -20.20 -46.27
N ILE B 1625 -32.12 -19.75 -45.61
CA ILE B 1625 -32.17 -18.37 -45.13
C ILE B 1625 -31.07 -18.11 -44.10
N LYS B 1626 -30.77 -19.10 -43.25
CA LYS B 1626 -29.69 -18.94 -42.29
C LYS B 1626 -28.33 -18.84 -42.98
N ILE B 1627 -28.08 -19.66 -43.99
CA ILE B 1627 -26.82 -19.60 -44.73
C ILE B 1627 -26.69 -18.25 -45.43
N ILE B 1628 -27.77 -17.78 -46.06
CA ILE B 1628 -27.74 -16.49 -46.73
C ILE B 1628 -27.48 -15.37 -45.72
N SER B 1629 -28.10 -15.46 -44.54
CA SER B 1629 -27.85 -14.48 -43.49
C SER B 1629 -26.39 -14.47 -43.07
N ILE B 1630 -25.77 -15.64 -42.96
CA ILE B 1630 -24.35 -15.69 -42.58
C ILE B 1630 -23.49 -15.05 -43.67
N ILE B 1631 -23.78 -15.37 -44.94
CA ILE B 1631 -23.01 -14.79 -46.03
C ILE B 1631 -23.18 -13.27 -46.05
N VAL B 1632 -24.41 -12.80 -45.84
CA VAL B 1632 -24.68 -11.36 -45.82
C VAL B 1632 -23.92 -10.69 -44.68
N LYS B 1633 -23.91 -11.31 -43.51
CA LYS B 1633 -23.19 -10.74 -42.37
C LYS B 1633 -21.70 -10.64 -42.67
N ASN B 1634 -21.14 -11.67 -43.29
CA ASN B 1634 -19.70 -11.66 -43.55
C ASN B 1634 -19.34 -10.86 -44.80
N ASP B 1635 -20.27 -10.73 -45.75
CA ASP B 1635 -20.04 -9.93 -46.95
C ASP B 1635 -21.25 -9.01 -47.14
N ASP B 1636 -21.07 -7.73 -46.80
CA ASP B 1636 -22.18 -6.79 -46.85
C ASP B 1636 -22.58 -6.45 -48.28
N SER B 1637 -21.65 -6.52 -49.22
CA SER B 1637 -21.91 -6.08 -50.59
C SER B 1637 -22.39 -7.20 -51.51
N TRP B 1638 -22.39 -8.45 -51.04
CA TRP B 1638 -22.65 -9.57 -51.94
C TRP B 1638 -24.10 -9.58 -52.41
N LEU B 1639 -25.05 -9.43 -51.48
CA LEU B 1639 -26.45 -9.65 -51.81
C LEU B 1639 -27.02 -8.55 -52.68
N ALA B 1640 -26.42 -7.36 -52.68
CA ALA B 1640 -26.95 -6.26 -53.46
C ALA B 1640 -26.96 -6.54 -54.96
N SER B 1641 -26.16 -7.50 -55.43
CA SER B 1641 -26.10 -7.84 -56.85
C SER B 1641 -26.96 -9.05 -57.21
N GLN B 1642 -27.21 -9.95 -56.26
CA GLN B 1642 -27.91 -11.21 -56.54
C GLN B 1642 -29.40 -10.91 -56.64
N HIS B 1643 -29.80 -10.40 -57.80
CA HIS B 1643 -31.17 -9.91 -57.96
C HIS B 1643 -32.19 -11.03 -57.93
N SER B 1644 -31.90 -12.17 -58.59
CA SER B 1644 -32.87 -13.27 -58.60
C SER B 1644 -33.04 -13.87 -57.20
N LEU B 1645 -31.94 -14.00 -56.46
CA LEU B 1645 -32.03 -14.53 -55.10
C LEU B 1645 -32.88 -13.62 -54.22
N VAL B 1646 -32.65 -12.31 -54.32
CA VAL B 1646 -33.44 -11.36 -53.53
C VAL B 1646 -34.89 -11.35 -53.99
N SER B 1647 -35.14 -11.59 -55.28
CA SER B 1647 -36.51 -11.68 -55.76
C SER B 1647 -37.23 -12.88 -55.14
N GLN B 1648 -36.54 -14.01 -55.03
CA GLN B 1648 -37.17 -15.17 -54.40
C GLN B 1648 -37.30 -15.01 -52.90
N LEU B 1649 -36.34 -14.32 -52.26
CA LEU B 1649 -36.50 -13.98 -50.85
C LEU B 1649 -37.70 -13.09 -50.61
N ARG B 1650 -37.89 -12.08 -51.47
CA ARG B 1650 -39.08 -11.25 -51.41
C ARG B 1650 -40.34 -12.08 -51.60
N ARG B 1651 -40.34 -12.98 -52.59
CA ARG B 1651 -41.49 -13.85 -52.81
C ARG B 1651 -41.84 -14.64 -51.55
N VAL B 1652 -40.84 -15.20 -50.87
CA VAL B 1652 -41.08 -15.89 -49.61
C VAL B 1652 -41.62 -14.92 -48.55
N TRP B 1653 -41.03 -13.73 -48.45
CA TRP B 1653 -41.38 -12.80 -47.37
C TRP B 1653 -42.81 -12.28 -47.51
N VAL B 1654 -43.24 -11.98 -48.73
CA VAL B 1654 -44.60 -11.49 -48.94
C VAL B 1654 -45.64 -12.60 -49.04
N SER B 1655 -45.22 -13.85 -49.12
CA SER B 1655 -46.17 -14.94 -49.31
C SER B 1655 -47.10 -15.05 -48.11
N GLU B 1656 -48.35 -15.42 -48.38
CA GLU B 1656 -49.36 -15.51 -47.33
C GLU B 1656 -49.02 -16.61 -46.34
N ASN B 1657 -48.59 -17.77 -46.84
CA ASN B 1657 -48.35 -18.91 -45.96
C ASN B 1657 -47.25 -18.62 -44.96
N PHE B 1658 -46.22 -17.86 -45.36
CA PHE B 1658 -45.11 -17.55 -44.46
C PHE B 1658 -45.56 -16.65 -43.32
N GLN B 1659 -46.29 -15.58 -43.65
CA GLN B 1659 -46.77 -14.66 -42.61
C GLN B 1659 -47.81 -15.32 -41.72
N GLU B 1660 -48.67 -16.17 -42.28
CA GLU B 1660 -49.63 -16.92 -41.47
C GLU B 1660 -48.92 -17.86 -40.52
N ARG B 1661 -47.99 -18.67 -41.04
CA ARG B 1661 -47.30 -19.66 -40.21
C ARG B 1661 -46.52 -19.00 -39.08
N HIS B 1662 -45.82 -17.91 -39.38
CA HIS B 1662 -45.06 -17.24 -38.32
C HIS B 1662 -45.92 -16.42 -37.36
N ARG B 1663 -47.06 -15.88 -37.80
CA ARG B 1663 -47.97 -15.25 -36.85
C ARG B 1663 -48.68 -16.28 -35.99
N LYS B 1664 -48.98 -17.46 -36.54
CA LYS B 1664 -49.76 -18.48 -35.86
C LYS B 1664 -48.89 -19.67 -35.47
N GLU B 1665 -47.67 -19.40 -35.01
CA GLU B 1665 -46.76 -20.47 -34.62
C GLU B 1665 -47.29 -21.22 -33.39
N ASN B 1666 -46.83 -22.46 -33.27
CA ASN B 1666 -46.73 -23.12 -31.97
C ASN B 1666 -45.53 -22.56 -31.22
N MET B 1667 -45.68 -22.45 -29.90
CA MET B 1667 -44.59 -21.91 -29.08
C MET B 1667 -43.29 -22.70 -29.26
N ALA B 1668 -43.38 -24.00 -29.49
CA ALA B 1668 -42.21 -24.85 -29.69
C ALA B 1668 -41.69 -24.86 -31.13
N ALA B 1669 -42.21 -24.00 -32.01
CA ALA B 1669 -41.74 -24.00 -33.39
C ALA B 1669 -40.26 -23.65 -33.49
N THR B 1670 -39.53 -24.43 -34.29
CA THR B 1670 -38.09 -24.26 -34.41
C THR B 1670 -37.72 -23.02 -35.21
N ASN B 1671 -38.61 -22.55 -36.09
CA ASN B 1671 -38.27 -21.56 -37.11
C ASN B 1671 -38.54 -20.13 -36.67
N TRP B 1672 -38.62 -19.89 -35.36
CA TRP B 1672 -39.01 -18.56 -34.88
C TRP B 1672 -38.01 -17.48 -35.26
N LYS B 1673 -36.75 -17.83 -35.47
CA LYS B 1673 -35.76 -16.86 -35.94
C LYS B 1673 -35.95 -16.45 -37.39
N GLU B 1674 -36.65 -17.27 -38.20
CA GLU B 1674 -36.67 -17.08 -39.65
C GLU B 1674 -37.08 -15.70 -40.12
N PRO B 1675 -38.11 -15.04 -39.59
CA PRO B 1675 -38.47 -13.71 -40.11
C PRO B 1675 -37.42 -12.67 -39.79
N LYS B 1676 -36.71 -12.79 -38.67
CA LYS B 1676 -35.65 -11.85 -38.35
C LYS B 1676 -34.52 -11.94 -39.37
N LEU B 1677 -34.13 -13.16 -39.73
CA LEU B 1677 -33.03 -13.36 -40.68
C LEU B 1677 -33.45 -12.95 -42.08
N LEU B 1678 -34.66 -13.31 -42.51
CA LEU B 1678 -35.12 -12.92 -43.83
C LEU B 1678 -35.23 -11.41 -43.95
N ALA B 1679 -35.77 -10.76 -42.92
CA ALA B 1679 -35.85 -9.30 -42.92
C ALA B 1679 -34.46 -8.68 -42.92
N TYR B 1680 -33.52 -9.26 -42.18
CA TYR B 1680 -32.15 -8.76 -42.19
C TYR B 1680 -31.52 -8.83 -43.57
N CYS B 1681 -31.75 -9.95 -44.29
CA CYS B 1681 -31.22 -10.06 -45.64
C CYS B 1681 -31.86 -9.05 -46.58
N LEU B 1682 -33.18 -8.92 -46.53
CA LEU B 1682 -33.86 -7.98 -47.43
C LEU B 1682 -33.46 -6.55 -47.11
N LEU B 1683 -33.29 -6.23 -45.83
CA LEU B 1683 -32.79 -4.92 -45.43
C LEU B 1683 -31.39 -4.66 -45.96
N ASN B 1684 -30.52 -5.67 -45.88
CA ASN B 1684 -29.18 -5.52 -46.44
C ASN B 1684 -29.24 -5.22 -47.93
N TYR B 1685 -30.13 -5.91 -48.66
CA TYR B 1685 -30.29 -5.58 -50.07
C TYR B 1685 -30.78 -4.16 -50.27
N CYS B 1686 -31.76 -3.73 -49.46
CA CYS B 1686 -32.35 -2.40 -49.65
C CYS B 1686 -31.38 -1.29 -49.28
N LYS B 1687 -30.41 -1.57 -48.40
CA LYS B 1687 -29.49 -0.53 -47.95
C LYS B 1687 -28.68 0.04 -49.12
N ARG B 1688 -28.25 -0.82 -50.03
CA ARG B 1688 -27.43 -0.38 -51.15
C ARG B 1688 -28.25 -0.07 -52.39
N ASN B 1689 -29.43 -0.68 -52.54
CA ASN B 1689 -30.31 -0.46 -53.68
C ASN B 1689 -31.49 0.38 -53.21
N TYR B 1690 -31.35 1.70 -53.32
CA TYR B 1690 -32.40 2.60 -52.85
C TYR B 1690 -33.63 2.55 -53.74
N GLY B 1691 -33.46 2.30 -55.03
CA GLY B 1691 -34.57 2.36 -55.96
C GLY B 1691 -35.63 1.30 -55.71
N ASP B 1692 -35.29 0.22 -55.03
CA ASP B 1692 -36.27 -0.83 -54.72
C ASP B 1692 -37.12 -0.39 -53.52
N ILE B 1693 -37.98 0.59 -53.79
CA ILE B 1693 -38.88 1.09 -52.75
C ILE B 1693 -39.94 0.05 -52.43
N GLU B 1694 -40.36 -0.75 -53.42
CA GLU B 1694 -41.39 -1.75 -53.19
C GLU B 1694 -40.95 -2.77 -52.16
N LEU B 1695 -39.72 -3.28 -52.29
CA LEU B 1695 -39.21 -4.24 -51.33
C LEU B 1695 -39.02 -3.62 -49.95
N LEU B 1696 -38.67 -2.33 -49.90
CA LEU B 1696 -38.57 -1.65 -48.62
C LEU B 1696 -39.92 -1.61 -47.91
N PHE B 1697 -40.99 -1.36 -48.66
CA PHE B 1697 -42.32 -1.30 -48.06
C PHE B 1697 -42.79 -2.66 -47.56
N GLN B 1698 -42.40 -3.73 -48.26
CA GLN B 1698 -42.80 -5.08 -47.83
C GLN B 1698 -42.13 -5.49 -46.52
N LEU B 1699 -41.05 -4.82 -46.12
CA LEU B 1699 -40.43 -5.12 -44.85
C LEU B 1699 -41.31 -4.72 -43.67
N LEU B 1700 -42.25 -3.81 -43.88
CA LEU B 1700 -43.16 -3.37 -42.83
C LEU B 1700 -44.18 -4.42 -42.45
N ARG B 1701 -44.26 -5.53 -43.18
CA ARG B 1701 -45.07 -6.66 -42.73
C ARG B 1701 -44.57 -7.22 -41.40
N ALA B 1702 -43.30 -6.98 -41.07
CA ALA B 1702 -42.80 -7.34 -39.74
C ALA B 1702 -43.53 -6.60 -38.63
N PHE B 1703 -43.99 -5.38 -38.88
CA PHE B 1703 -44.65 -4.58 -37.87
C PHE B 1703 -46.17 -4.77 -37.82
N THR B 1704 -46.76 -5.37 -38.86
CA THR B 1704 -48.19 -5.63 -38.81
C THR B 1704 -48.52 -6.79 -37.88
N GLY B 1705 -47.68 -7.81 -37.89
CA GLY B 1705 -47.82 -8.91 -36.96
C GLY B 1705 -47.25 -8.56 -35.61
N ARG B 1706 -47.16 -9.58 -34.76
CA ARG B 1706 -46.37 -9.52 -33.53
C ARG B 1706 -45.51 -10.78 -33.46
N PHE B 1707 -44.37 -10.74 -34.15
CA PHE B 1707 -43.42 -11.85 -34.11
C PHE B 1707 -42.73 -11.90 -32.76
N LEU B 1708 -42.20 -13.09 -32.44
CA LEU B 1708 -41.50 -13.33 -31.19
C LEU B 1708 -40.01 -13.01 -31.32
N CYS B 1709 -39.62 -12.24 -32.34
CA CYS B 1709 -38.26 -11.81 -32.56
C CYS B 1709 -38.24 -10.29 -32.57
N ASN B 1710 -37.18 -9.73 -31.99
CA ASN B 1710 -37.04 -8.28 -31.89
C ASN B 1710 -36.68 -7.70 -33.26
N MET B 1711 -37.63 -6.99 -33.85
CA MET B 1711 -37.48 -6.32 -35.14
C MET B 1711 -37.02 -4.87 -35.00
N THR B 1712 -36.50 -4.50 -33.83
CA THR B 1712 -36.04 -3.13 -33.59
C THR B 1712 -35.02 -2.66 -34.62
N PHE B 1713 -34.22 -3.56 -35.20
CA PHE B 1713 -33.27 -3.10 -36.21
C PHE B 1713 -33.95 -2.54 -37.45
N LEU B 1714 -35.10 -3.09 -37.85
CA LEU B 1714 -35.81 -2.52 -38.98
C LEU B 1714 -36.35 -1.14 -38.65
N LYS B 1715 -36.94 -0.99 -37.46
CA LYS B 1715 -37.49 0.31 -37.06
C LYS B 1715 -36.38 1.35 -36.97
N GLU B 1716 -35.27 0.97 -36.35
CA GLU B 1716 -34.11 1.86 -36.25
C GLU B 1716 -33.64 2.28 -37.63
N TYR B 1717 -33.48 1.34 -38.55
CA TYR B 1717 -33.04 1.71 -39.89
C TYR B 1717 -34.02 2.68 -40.52
N MET B 1718 -35.32 2.40 -40.43
CA MET B 1718 -36.30 3.19 -41.17
C MET B 1718 -36.44 4.58 -40.57
N GLU B 1719 -36.40 4.70 -39.25
CA GLU B 1719 -36.60 6.00 -38.62
C GLU B 1719 -35.33 6.84 -38.61
N GLU B 1720 -34.15 6.23 -38.46
CA GLU B 1720 -32.91 6.99 -38.38
C GLU B 1720 -32.17 7.10 -39.72
N GLU B 1721 -31.87 5.97 -40.36
CA GLU B 1721 -30.92 5.97 -41.46
C GLU B 1721 -31.53 6.52 -42.73
N ILE B 1722 -32.80 6.21 -42.99
CA ILE B 1722 -33.46 6.70 -44.21
C ILE B 1722 -33.49 8.22 -44.25
N PRO B 1723 -33.93 8.93 -43.19
CA PRO B 1723 -33.86 10.40 -43.26
C PRO B 1723 -32.44 10.92 -43.42
N LYS B 1724 -31.46 10.26 -42.79
CA LYS B 1724 -30.09 10.72 -42.86
C LYS B 1724 -29.47 10.45 -44.23
N ASN B 1725 -29.69 9.27 -44.78
CA ASN B 1725 -28.95 8.82 -45.96
C ASN B 1725 -29.63 9.21 -47.26
N TYR B 1726 -30.94 9.00 -47.35
CA TYR B 1726 -31.65 9.24 -48.60
C TYR B 1726 -31.56 10.71 -49.00
N SER B 1727 -31.47 10.95 -50.31
CA SER B 1727 -31.41 12.30 -50.84
C SER B 1727 -32.80 12.88 -51.00
N ILE B 1728 -32.88 14.15 -51.40
CA ILE B 1728 -34.17 14.79 -51.63
C ILE B 1728 -34.90 14.10 -52.76
N ALA B 1729 -34.18 13.77 -53.83
CA ALA B 1729 -34.79 13.06 -54.95
C ALA B 1729 -35.29 11.68 -54.52
N GLN B 1730 -34.52 11.00 -53.68
CA GLN B 1730 -34.93 9.67 -53.23
C GLN B 1730 -36.13 9.76 -52.28
N LYS B 1731 -36.21 10.80 -51.46
CA LYS B 1731 -37.39 11.00 -50.63
C LYS B 1731 -38.62 11.28 -51.49
N ARG B 1732 -38.45 12.09 -52.54
CA ARG B 1732 -39.56 12.32 -53.46
C ARG B 1732 -39.98 11.03 -54.14
N ALA B 1733 -39.02 10.17 -54.50
CA ALA B 1733 -39.35 8.88 -55.07
C ALA B 1733 -40.12 8.03 -54.07
N LEU B 1734 -39.72 8.06 -52.80
CA LEU B 1734 -40.46 7.36 -51.75
C LEU B 1734 -41.92 7.83 -51.71
N PHE B 1735 -42.13 9.14 -51.68
CA PHE B 1735 -43.49 9.67 -51.59
C PHE B 1735 -44.31 9.29 -52.83
N PHE B 1736 -43.73 9.46 -54.01
CA PHE B 1736 -44.48 9.19 -55.23
C PHE B 1736 -44.72 7.70 -55.44
N ARG B 1737 -43.88 6.84 -54.86
CA ARG B 1737 -44.17 5.42 -54.86
C ARG B 1737 -45.27 5.07 -53.87
N PHE B 1738 -45.32 5.79 -52.74
CA PHE B 1738 -46.44 5.59 -51.82
C PHE B 1738 -47.76 6.03 -52.44
N VAL B 1739 -47.74 7.07 -53.27
CA VAL B 1739 -48.98 7.59 -53.84
C VAL B 1739 -49.61 6.59 -54.79
N ASP B 1740 -48.80 6.02 -55.69
CA ASP B 1740 -49.31 5.16 -56.76
C ASP B 1740 -49.14 3.69 -56.44
N PHE B 1741 -49.13 3.32 -55.16
CA PHE B 1741 -48.93 1.94 -54.75
C PHE B 1741 -50.26 1.21 -54.82
N ASN B 1742 -50.57 0.69 -56.01
CA ASN B 1742 -51.80 -0.05 -56.25
C ASN B 1742 -51.49 -1.55 -56.20
N ASP B 1743 -51.35 -2.06 -54.98
CA ASP B 1743 -51.11 -3.48 -54.75
C ASP B 1743 -52.26 -4.07 -53.95
N PRO B 1744 -53.00 -5.04 -54.48
CA PRO B 1744 -54.15 -5.58 -53.73
C PRO B 1744 -53.78 -6.18 -52.39
N ASN B 1745 -52.58 -6.74 -52.26
CA ASN B 1745 -52.18 -7.40 -51.02
C ASN B 1745 -51.55 -6.43 -50.02
N PHE B 1746 -51.48 -5.14 -50.36
CA PHE B 1746 -50.88 -4.11 -49.50
C PHE B 1746 -52.02 -3.25 -48.96
N GLY B 1747 -52.57 -3.66 -47.83
CA GLY B 1747 -53.78 -3.05 -47.30
C GLY B 1747 -53.51 -1.68 -46.70
N ASP B 1748 -54.56 -1.15 -46.06
CA ASP B 1748 -54.47 0.18 -45.47
C ASP B 1748 -53.54 0.20 -44.26
N GLU B 1749 -53.48 -0.89 -43.50
CA GLU B 1749 -52.60 -0.94 -42.34
C GLU B 1749 -51.14 -0.85 -42.74
N LEU B 1750 -50.79 -1.47 -43.87
CA LEU B 1750 -49.41 -1.39 -44.33
C LEU B 1750 -49.07 0.02 -44.80
N LYS B 1751 -50.01 0.72 -45.42
CA LYS B 1751 -49.78 2.11 -45.78
C LYS B 1751 -49.65 2.99 -44.54
N ALA B 1752 -50.42 2.66 -43.50
CA ALA B 1752 -50.27 3.37 -42.23
C ALA B 1752 -48.87 3.15 -41.66
N LYS B 1753 -48.36 1.93 -41.75
CA LYS B 1753 -46.99 1.67 -41.33
C LYS B 1753 -45.99 2.46 -42.17
N VAL B 1754 -46.25 2.56 -43.48
CA VAL B 1754 -45.37 3.33 -44.35
C VAL B 1754 -45.31 4.78 -43.88
N LEU B 1755 -46.47 5.40 -43.67
CA LEU B 1755 -46.50 6.79 -43.25
C LEU B 1755 -45.87 6.95 -41.88
N GLN B 1756 -46.07 5.99 -40.98
CA GLN B 1756 -45.58 6.13 -39.62
C GLN B 1756 -44.06 6.03 -39.56
N HIS B 1757 -43.48 5.07 -40.28
CA HIS B 1757 -42.06 4.76 -40.09
C HIS B 1757 -41.15 5.35 -41.16
N ILE B 1758 -41.62 5.55 -42.38
CA ILE B 1758 -40.76 5.99 -43.48
C ILE B 1758 -41.03 7.44 -43.87
N LEU B 1759 -42.24 7.75 -44.32
CA LEU B 1759 -42.50 9.05 -44.92
C LEU B 1759 -42.41 10.17 -43.89
N ASN B 1760 -43.12 10.03 -42.77
CA ASN B 1760 -43.16 11.11 -41.79
C ASN B 1760 -41.80 11.42 -41.19
N PRO B 1761 -41.01 10.44 -40.70
CA PRO B 1761 -39.68 10.79 -40.18
C PRO B 1761 -38.77 11.42 -41.23
N ALA B 1762 -38.78 10.90 -42.46
CA ALA B 1762 -37.92 11.46 -43.49
C ALA B 1762 -38.28 12.90 -43.80
N PHE B 1763 -39.58 13.17 -43.96
CA PHE B 1763 -40.00 14.52 -44.27
C PHE B 1763 -39.77 15.47 -43.10
N LEU B 1764 -39.94 14.97 -41.86
CA LEU B 1764 -39.66 15.79 -40.70
C LEU B 1764 -38.18 16.18 -40.64
N TYR B 1765 -37.29 15.22 -40.90
CA TYR B 1765 -35.87 15.53 -40.94
C TYR B 1765 -35.55 16.52 -42.04
N SER B 1766 -36.14 16.33 -43.23
CA SER B 1766 -35.89 17.25 -44.34
C SER B 1766 -36.33 18.66 -43.99
N PHE B 1767 -37.52 18.80 -43.40
CA PHE B 1767 -38.01 20.13 -43.03
C PHE B 1767 -37.14 20.74 -41.94
N GLU B 1768 -36.70 19.94 -40.97
CA GLU B 1768 -35.83 20.45 -39.91
C GLU B 1768 -34.50 20.94 -40.48
N LYS B 1769 -33.97 20.24 -41.48
CA LYS B 1769 -32.74 20.69 -42.12
C LYS B 1769 -32.95 21.92 -43.01
N GLY B 1770 -34.17 22.11 -43.51
CA GLY B 1770 -34.46 23.23 -44.37
C GLY B 1770 -34.63 22.91 -45.84
N GLU B 1771 -34.64 21.63 -46.22
CA GLU B 1771 -34.75 21.21 -47.61
C GLU B 1771 -36.20 21.13 -48.08
N GLY B 1772 -37.11 21.85 -47.43
CA GLY B 1772 -38.52 21.71 -47.78
C GLY B 1772 -38.84 22.18 -49.18
N GLU B 1773 -38.20 23.27 -49.61
CA GLU B 1773 -38.48 23.82 -50.93
C GLU B 1773 -38.11 22.83 -52.03
N GLN B 1774 -36.94 22.21 -51.92
CA GLN B 1774 -36.52 21.23 -52.92
C GLN B 1774 -37.37 19.97 -52.85
N LEU B 1775 -37.66 19.49 -51.62
CA LEU B 1775 -38.39 18.24 -51.48
C LEU B 1775 -39.83 18.37 -52.01
N LEU B 1776 -40.54 19.42 -51.61
CA LEU B 1776 -41.90 19.61 -52.07
C LEU B 1776 -41.96 19.97 -53.55
N GLY B 1777 -40.92 20.64 -54.06
CA GLY B 1777 -40.95 21.16 -55.40
C GLY B 1777 -41.78 22.43 -55.50
N PRO B 1778 -42.43 22.64 -56.63
CA PRO B 1778 -43.05 23.94 -56.90
C PRO B 1778 -44.28 24.16 -56.04
N PRO B 1779 -44.48 25.39 -55.56
CA PRO B 1779 -45.60 25.65 -54.64
C PRO B 1779 -46.94 25.79 -55.34
N ASN B 1780 -47.23 24.91 -56.30
CA ASN B 1780 -48.29 25.06 -57.29
C ASN B 1780 -49.63 25.42 -56.64
N PRO B 1781 -50.09 26.66 -56.80
CA PRO B 1781 -51.38 27.05 -56.20
C PRO B 1781 -52.59 26.32 -56.77
N GLU B 1782 -52.46 25.62 -57.89
CA GLU B 1782 -53.61 25.15 -58.63
C GLU B 1782 -53.73 23.63 -58.66
N GLY B 1783 -52.88 22.92 -57.92
CA GLY B 1783 -53.07 21.51 -57.66
C GLY B 1783 -52.85 20.59 -58.85
N ASP B 1784 -52.67 21.11 -60.05
CA ASP B 1784 -52.51 20.25 -61.22
C ASP B 1784 -51.10 19.68 -61.33
N ASN B 1785 -50.08 20.51 -61.09
CA ASN B 1785 -48.68 20.19 -61.32
C ASN B 1785 -48.30 18.89 -60.61
N PRO B 1786 -47.99 17.82 -61.36
CA PRO B 1786 -47.64 16.54 -60.72
C PRO B 1786 -46.34 16.58 -59.93
N GLU B 1787 -45.56 17.65 -60.01
CA GLU B 1787 -44.31 17.74 -59.27
C GLU B 1787 -44.48 18.31 -57.87
N SER B 1788 -45.65 18.88 -57.56
CA SER B 1788 -45.87 19.54 -56.28
C SER B 1788 -46.37 18.50 -55.27
N ILE B 1789 -45.52 18.18 -54.29
CA ILE B 1789 -45.84 17.12 -53.33
C ILE B 1789 -47.14 17.40 -52.60
N THR B 1790 -47.35 18.66 -52.20
CA THR B 1790 -48.58 19.00 -51.50
C THR B 1790 -49.79 18.89 -52.41
N SER B 1791 -49.62 19.23 -53.69
CA SER B 1791 -50.73 19.17 -54.63
C SER B 1791 -51.15 17.73 -54.88
N VAL B 1792 -50.18 16.86 -55.18
CA VAL B 1792 -50.52 15.47 -55.44
C VAL B 1792 -51.03 14.80 -54.17
N PHE B 1793 -50.48 15.17 -53.01
CA PHE B 1793 -50.99 14.61 -51.76
C PHE B 1793 -52.46 14.96 -51.56
N ILE B 1794 -52.79 16.26 -51.66
CA ILE B 1794 -54.15 16.70 -51.37
C ILE B 1794 -55.13 16.16 -52.41
N THR B 1795 -54.72 16.11 -53.67
CA THR B 1795 -55.66 15.69 -54.71
C THR B 1795 -55.82 14.17 -54.75
N LYS B 1796 -54.71 13.44 -54.86
CA LYS B 1796 -54.79 11.99 -55.03
C LYS B 1796 -55.01 11.27 -53.71
N VAL B 1797 -54.19 11.58 -52.70
CA VAL B 1797 -54.24 10.82 -51.45
C VAL B 1797 -55.51 11.13 -50.68
N LEU B 1798 -55.83 12.40 -50.53
CA LEU B 1798 -57.00 12.86 -49.78
C LEU B 1798 -58.28 12.81 -50.60
N ASP B 1799 -58.26 12.18 -51.77
CA ASP B 1799 -59.41 12.05 -52.65
C ASP B 1799 -60.66 11.63 -51.85
N PRO B 1800 -61.71 12.44 -51.84
CA PRO B 1800 -62.91 12.10 -51.06
C PRO B 1800 -63.49 10.73 -51.35
N GLU B 1801 -63.37 10.23 -52.57
CA GLU B 1801 -63.89 8.90 -52.89
C GLU B 1801 -63.17 7.82 -52.09
N LYS B 1802 -61.89 8.03 -51.77
CA LYS B 1802 -61.15 7.06 -50.96
C LYS B 1802 -61.57 7.09 -49.50
N GLN B 1803 -62.03 8.24 -49.01
CA GLN B 1803 -62.25 8.44 -47.58
C GLN B 1803 -63.19 7.41 -46.96
N ALA B 1804 -64.07 6.79 -47.75
CA ALA B 1804 -65.14 5.97 -47.19
C ALA B 1804 -64.59 4.83 -46.36
N ASP B 1805 -63.88 3.90 -46.99
CA ASP B 1805 -63.40 2.70 -46.32
C ASP B 1805 -62.13 2.94 -45.49
N MET B 1806 -61.70 4.19 -45.37
CA MET B 1806 -60.47 4.56 -44.70
C MET B 1806 -60.36 3.93 -43.31
N LEU B 1807 -59.32 3.12 -43.11
CA LEU B 1807 -59.00 2.63 -41.77
C LEU B 1807 -58.50 3.76 -40.89
N ASP B 1808 -58.78 3.64 -39.59
CA ASP B 1808 -58.49 4.72 -38.66
C ASP B 1808 -57.00 5.00 -38.56
N SER B 1809 -56.17 3.96 -38.60
CA SER B 1809 -54.72 4.17 -38.51
C SER B 1809 -54.20 4.95 -39.72
N LEU B 1810 -54.65 4.57 -40.92
CA LEU B 1810 -54.23 5.28 -42.12
C LEU B 1810 -54.68 6.74 -42.08
N ARG B 1811 -55.93 6.98 -41.68
CA ARG B 1811 -56.40 8.36 -41.56
C ARG B 1811 -55.59 9.15 -40.55
N ILE B 1812 -55.32 8.56 -39.38
CA ILE B 1812 -54.55 9.24 -38.35
C ILE B 1812 -53.18 9.66 -38.90
N TYR B 1813 -52.48 8.74 -39.54
CA TYR B 1813 -51.14 9.09 -39.99
C TYR B 1813 -51.17 10.00 -41.22
N LEU B 1814 -52.24 9.95 -42.01
CA LEU B 1814 -52.41 10.95 -43.06
C LEU B 1814 -52.62 12.33 -42.47
N LEU B 1815 -53.39 12.43 -41.39
CA LEU B 1815 -53.56 13.72 -40.72
C LEU B 1815 -52.27 14.20 -40.09
N GLN B 1816 -51.44 13.28 -39.60
CA GLN B 1816 -50.13 13.70 -39.09
C GLN B 1816 -49.23 14.21 -40.21
N TYR B 1817 -49.25 13.55 -41.37
CA TYR B 1817 -48.48 14.04 -42.50
C TYR B 1817 -48.97 15.41 -42.95
N ALA B 1818 -50.29 15.60 -42.99
CA ALA B 1818 -50.83 16.90 -43.34
C ALA B 1818 -50.48 17.95 -42.30
N THR B 1819 -50.36 17.56 -41.03
CA THR B 1819 -49.94 18.50 -40.01
C THR B 1819 -48.49 18.91 -40.21
N LEU B 1820 -47.63 17.96 -40.58
CA LEU B 1820 -46.27 18.31 -40.97
C LEU B 1820 -46.25 19.29 -42.13
N LEU B 1821 -47.01 18.99 -43.18
CA LEU B 1821 -47.07 19.88 -44.34
C LEU B 1821 -47.52 21.29 -43.96
N VAL B 1822 -48.55 21.40 -43.12
CA VAL B 1822 -49.07 22.71 -42.75
C VAL B 1822 -48.08 23.46 -41.88
N GLU B 1823 -47.53 22.79 -40.86
CA GLU B 1823 -46.66 23.48 -39.92
C GLU B 1823 -45.36 23.92 -40.56
N HIS B 1824 -44.67 23.00 -41.23
CA HIS B 1824 -43.37 23.33 -41.80
C HIS B 1824 -43.46 24.14 -43.09
N ALA B 1825 -44.51 23.93 -43.89
CA ALA B 1825 -44.59 24.53 -45.23
C ALA B 1825 -45.96 25.14 -45.49
N PRO B 1826 -46.36 26.15 -44.72
CA PRO B 1826 -47.69 26.76 -44.95
C PRO B 1826 -47.80 27.43 -46.32
N HIS B 1827 -46.71 28.02 -46.81
CA HIS B 1827 -46.71 28.67 -48.12
C HIS B 1827 -47.18 27.74 -49.24
N HIS B 1828 -46.78 26.47 -49.20
CA HIS B 1828 -47.21 25.54 -50.23
C HIS B 1828 -48.68 25.19 -50.11
N ILE B 1829 -49.23 25.17 -48.89
CA ILE B 1829 -50.65 24.85 -48.74
C ILE B 1829 -51.52 26.00 -49.21
N HIS B 1830 -51.23 27.22 -48.75
CA HIS B 1830 -52.07 28.37 -49.07
C HIS B 1830 -51.24 29.64 -49.04
N ASP B 1831 -51.25 30.37 -50.16
CA ASP B 1831 -50.70 31.71 -50.21
C ASP B 1831 -51.80 32.70 -49.84
N ASN B 1832 -51.54 33.51 -48.81
CA ASN B 1832 -52.54 34.46 -48.34
C ASN B 1832 -52.88 35.52 -49.39
N ASN B 1833 -51.99 35.73 -50.37
CA ASN B 1833 -52.27 36.72 -51.40
C ASN B 1833 -53.36 36.25 -52.36
N LYS B 1834 -53.48 34.94 -52.55
CA LYS B 1834 -54.47 34.41 -53.48
C LYS B 1834 -55.88 34.65 -52.95
N ASN B 1835 -56.76 35.10 -53.84
CA ASN B 1835 -58.15 35.34 -53.47
C ASN B 1835 -58.83 34.06 -52.98
N ARG B 1836 -58.60 32.94 -53.68
CA ARG B 1836 -59.14 31.65 -53.30
C ARG B 1836 -58.10 30.58 -53.56
N ASN B 1837 -58.11 29.54 -52.72
CA ASN B 1837 -57.32 28.35 -52.97
C ASN B 1837 -58.17 27.13 -52.69
N SER B 1838 -58.20 26.20 -53.65
CA SER B 1838 -58.95 24.96 -53.48
C SER B 1838 -58.24 24.00 -52.53
N LYS B 1839 -56.90 24.02 -52.49
CA LYS B 1839 -56.17 23.01 -51.74
C LYS B 1839 -56.43 23.11 -50.24
N LEU B 1840 -56.45 24.33 -49.70
CA LEU B 1840 -56.81 24.51 -48.30
C LEU B 1840 -58.22 24.02 -48.02
N ARG B 1841 -59.17 24.37 -48.89
CA ARG B 1841 -60.54 23.89 -48.72
C ARG B 1841 -60.60 22.37 -48.71
N ARG B 1842 -59.89 21.71 -49.62
CA ARG B 1842 -59.93 20.25 -49.70
C ARG B 1842 -59.24 19.61 -48.50
N LEU B 1843 -58.20 20.25 -47.96
CA LEU B 1843 -57.56 19.72 -46.77
C LEU B 1843 -58.47 19.84 -45.55
N MET B 1844 -59.13 20.98 -45.40
CA MET B 1844 -60.12 21.13 -44.35
C MET B 1844 -61.28 20.14 -44.53
N THR B 1845 -61.70 19.92 -45.78
CA THR B 1845 -62.75 18.95 -46.05
C THR B 1845 -62.32 17.55 -45.66
N PHE B 1846 -61.04 17.23 -45.82
CA PHE B 1846 -60.56 15.94 -45.35
C PHE B 1846 -60.55 15.88 -43.83
N ALA B 1847 -60.18 16.97 -43.18
CA ALA B 1847 -60.26 17.05 -41.72
C ALA B 1847 -61.71 17.06 -41.23
N TRP B 1848 -62.60 17.72 -41.97
CA TRP B 1848 -63.92 18.09 -41.44
C TRP B 1848 -64.76 16.97 -40.86
N PRO B 1849 -64.77 15.73 -41.39
CA PRO B 1849 -65.54 14.66 -40.75
C PRO B 1849 -65.30 14.47 -39.26
N CYS B 1850 -64.16 14.90 -38.75
CA CYS B 1850 -63.92 14.85 -37.31
C CYS B 1850 -64.86 15.76 -36.53
N LEU B 1851 -65.28 16.87 -37.11
CA LEU B 1851 -66.21 17.77 -36.44
C LEU B 1851 -67.65 17.25 -36.44
N LEU B 1852 -67.98 16.31 -37.33
CA LEU B 1852 -69.27 15.66 -37.28
C LEU B 1852 -69.50 15.00 -35.92
N SER B 1853 -70.75 15.04 -35.46
CA SER B 1853 -71.13 14.61 -34.12
C SER B 1853 -71.54 13.14 -34.06
N LYS B 1854 -70.94 12.29 -34.90
CA LYS B 1854 -71.25 10.87 -34.87
C LYS B 1854 -70.80 10.28 -33.53
N ALA B 1855 -71.46 9.17 -33.15
CA ALA B 1855 -71.27 8.60 -31.82
C ALA B 1855 -70.34 7.40 -31.81
N CYS B 1856 -69.98 6.83 -32.97
CA CYS B 1856 -69.09 5.67 -33.02
C CYS B 1856 -67.93 6.02 -33.96
N VAL B 1857 -66.96 6.76 -33.42
CA VAL B 1857 -65.72 7.09 -34.11
C VAL B 1857 -64.59 6.88 -33.13
N ASP B 1858 -63.50 6.27 -33.58
CA ASP B 1858 -62.33 6.14 -32.72
C ASP B 1858 -61.84 7.53 -32.34
N PRO B 1859 -61.71 7.83 -31.04
CA PRO B 1859 -61.42 9.21 -30.63
C PRO B 1859 -60.09 9.75 -31.12
N ALA B 1860 -59.09 8.88 -31.30
CA ALA B 1860 -57.80 9.36 -31.76
C ALA B 1860 -57.89 9.96 -33.16
N CYS B 1861 -58.67 9.34 -34.04
CA CYS B 1861 -58.86 9.87 -35.39
C CYS B 1861 -59.55 11.24 -35.36
N LYS B 1862 -60.63 11.33 -34.60
CA LYS B 1862 -61.37 12.58 -34.49
C LYS B 1862 -60.50 13.71 -33.97
N TYR B 1863 -59.80 13.48 -32.87
CA TYR B 1863 -59.01 14.55 -32.29
C TYR B 1863 -57.73 14.82 -33.08
N SER B 1864 -57.18 13.82 -33.78
CA SER B 1864 -56.09 14.12 -34.71
C SER B 1864 -56.55 15.06 -35.80
N GLY B 1865 -57.79 14.89 -36.27
CA GLY B 1865 -58.33 15.84 -37.23
C GLY B 1865 -58.53 17.22 -36.62
N HIS B 1866 -58.91 17.26 -35.34
CA HIS B 1866 -58.99 18.54 -34.65
C HIS B 1866 -57.62 19.19 -34.52
N LEU B 1867 -56.57 18.40 -34.29
CA LEU B 1867 -55.22 18.93 -34.24
C LEU B 1867 -54.79 19.50 -35.58
N LEU B 1868 -55.15 18.83 -36.67
CA LEU B 1868 -54.85 19.37 -37.98
C LEU B 1868 -55.58 20.68 -38.23
N LEU B 1869 -56.85 20.75 -37.84
CA LEU B 1869 -57.60 21.99 -37.98
C LEU B 1869 -57.03 23.09 -37.10
N ALA B 1870 -56.59 22.76 -35.89
CA ALA B 1870 -55.95 23.75 -35.03
C ALA B 1870 -54.69 24.31 -35.67
N HIS B 1871 -53.86 23.46 -36.28
CA HIS B 1871 -52.68 23.97 -36.96
C HIS B 1871 -53.05 24.84 -38.14
N ILE B 1872 -54.04 24.42 -38.94
CA ILE B 1872 -54.47 25.22 -40.07
C ILE B 1872 -54.97 26.58 -39.60
N ILE B 1873 -55.77 26.61 -38.53
CA ILE B 1873 -56.29 27.86 -37.99
C ILE B 1873 -55.15 28.75 -37.52
N ALA B 1874 -54.15 28.17 -36.88
CA ALA B 1874 -53.01 28.98 -36.43
C ALA B 1874 -52.25 29.56 -37.61
N LYS B 1875 -52.06 28.79 -38.66
CA LYS B 1875 -51.27 29.26 -39.79
C LYS B 1875 -52.04 30.22 -40.68
N PHE B 1876 -53.34 29.97 -40.91
CA PHE B 1876 -54.11 30.65 -41.94
C PHE B 1876 -55.28 31.40 -41.34
N ALA B 1877 -55.64 32.52 -41.98
CA ALA B 1877 -56.73 33.37 -41.54
C ALA B 1877 -58.07 32.71 -41.88
N ILE B 1878 -58.46 31.77 -41.03
CA ILE B 1878 -59.73 31.06 -41.17
C ILE B 1878 -60.86 31.89 -40.57
N HIS B 1879 -62.06 31.75 -41.15
CA HIS B 1879 -63.23 32.46 -40.68
C HIS B 1879 -63.54 32.11 -39.22
N LYS B 1880 -64.26 33.04 -38.57
CA LYS B 1880 -64.53 32.91 -37.13
C LYS B 1880 -65.32 31.65 -36.81
N LYS B 1881 -66.32 31.31 -37.63
CA LYS B 1881 -67.24 30.24 -37.26
C LYS B 1881 -66.52 28.89 -37.19
N ILE B 1882 -65.56 28.65 -38.08
CA ILE B 1882 -64.81 27.41 -38.03
C ILE B 1882 -63.94 27.35 -36.77
N VAL B 1883 -63.25 28.46 -36.45
CA VAL B 1883 -62.42 28.50 -35.27
C VAL B 1883 -63.25 28.23 -34.02
N LEU B 1884 -64.42 28.86 -33.93
CA LEU B 1884 -65.25 28.69 -32.76
C LEU B 1884 -65.83 27.28 -32.68
N GLN B 1885 -66.16 26.68 -33.82
CA GLN B 1885 -66.65 25.30 -33.80
C GLN B 1885 -65.58 24.34 -33.33
N VAL B 1886 -64.34 24.51 -33.82
CA VAL B 1886 -63.25 23.66 -33.37
C VAL B 1886 -62.99 23.86 -31.88
N PHE B 1887 -63.01 25.12 -31.43
CA PHE B 1887 -62.76 25.40 -30.02
C PHE B 1887 -63.84 24.78 -29.14
N HIS B 1888 -65.11 24.91 -29.53
CA HIS B 1888 -66.19 24.35 -28.75
C HIS B 1888 -66.11 22.83 -28.71
N SER B 1889 -65.76 22.21 -29.84
CA SER B 1889 -65.67 20.75 -29.86
C SER B 1889 -64.49 20.24 -29.04
N LEU B 1890 -63.37 20.98 -29.01
CA LEU B 1890 -62.28 20.59 -28.13
C LEU B 1890 -62.61 20.84 -26.66
N LEU B 1891 -63.42 21.84 -26.35
CA LEU B 1891 -63.82 22.05 -24.97
C LEU B 1891 -64.69 20.89 -24.47
N LYS B 1892 -65.58 20.39 -25.31
CA LYS B 1892 -66.42 19.25 -24.96
C LYS B 1892 -65.66 17.92 -24.94
N ALA B 1893 -64.36 17.94 -25.21
CA ALA B 1893 -63.57 16.70 -25.31
C ALA B 1893 -62.94 16.38 -23.95
N HIS B 1894 -63.80 15.91 -23.04
CA HIS B 1894 -63.37 15.53 -21.71
C HIS B 1894 -63.08 14.04 -21.58
N ALA B 1895 -63.19 13.28 -22.66
CA ALA B 1895 -62.96 11.85 -22.58
C ALA B 1895 -61.49 11.55 -22.25
N MET B 1896 -61.28 10.50 -21.46
CA MET B 1896 -59.93 10.12 -21.08
C MET B 1896 -59.15 9.52 -22.25
N GLU B 1897 -59.85 8.84 -23.17
CA GLU B 1897 -59.17 8.04 -24.18
C GLU B 1897 -58.27 8.88 -25.08
N ALA B 1898 -58.69 10.10 -25.41
CA ALA B 1898 -57.95 10.96 -26.33
C ALA B 1898 -57.41 12.21 -25.65
N ARG B 1899 -57.04 12.10 -24.37
CA ARG B 1899 -56.64 13.29 -23.62
C ARG B 1899 -55.42 13.97 -24.23
N ALA B 1900 -54.42 13.19 -24.64
CA ALA B 1900 -53.17 13.79 -25.11
C ALA B 1900 -53.38 14.58 -26.39
N ILE B 1901 -54.11 14.01 -27.35
CA ILE B 1901 -54.34 14.70 -28.61
C ILE B 1901 -55.16 15.96 -28.40
N VAL B 1902 -56.16 15.89 -27.52
CA VAL B 1902 -56.96 17.06 -27.20
C VAL B 1902 -56.11 18.14 -26.55
N ARG B 1903 -55.20 17.74 -25.66
CA ARG B 1903 -54.33 18.72 -25.02
C ARG B 1903 -53.40 19.38 -26.04
N GLN B 1904 -52.86 18.60 -26.97
CA GLN B 1904 -52.04 19.18 -28.04
C GLN B 1904 -52.83 20.16 -28.87
N ALA B 1905 -54.05 19.77 -29.26
CA ALA B 1905 -54.87 20.64 -30.10
C ALA B 1905 -55.21 21.94 -29.37
N MET B 1906 -55.55 21.85 -28.09
CA MET B 1906 -55.87 23.04 -27.32
C MET B 1906 -54.63 23.91 -27.14
N ALA B 1907 -53.47 23.30 -26.90
CA ALA B 1907 -52.24 24.08 -26.78
C ALA B 1907 -51.93 24.82 -28.05
N ILE B 1908 -52.24 24.23 -29.20
CA ILE B 1908 -52.05 24.92 -30.46
C ILE B 1908 -53.07 26.05 -30.63
N LEU B 1909 -54.34 25.77 -30.30
CA LEU B 1909 -55.44 26.65 -30.70
C LEU B 1909 -55.64 27.83 -29.76
N THR B 1910 -55.49 27.61 -28.44
CA THR B 1910 -55.81 28.67 -27.49
C THR B 1910 -54.99 29.94 -27.66
N PRO B 1911 -53.68 29.90 -27.85
CA PRO B 1911 -52.98 31.14 -28.20
C PRO B 1911 -53.44 31.74 -29.52
N ALA B 1912 -53.87 30.90 -30.46
CA ALA B 1912 -54.25 31.39 -31.78
C ALA B 1912 -55.53 32.22 -31.75
N VAL B 1913 -56.45 31.90 -30.85
CA VAL B 1913 -57.77 32.55 -30.87
C VAL B 1913 -57.66 34.05 -30.67
N PRO B 1914 -56.95 34.58 -29.67
CA PRO B 1914 -56.80 36.04 -29.60
C PRO B 1914 -56.05 36.62 -30.79
N ALA B 1915 -55.09 35.87 -31.34
CA ALA B 1915 -54.32 36.35 -32.47
C ALA B 1915 -55.11 36.33 -33.77
N ARG B 1916 -56.18 35.53 -33.84
CA ARG B 1916 -56.90 35.36 -35.09
C ARG B 1916 -57.89 36.50 -35.30
N MET B 1917 -58.80 36.69 -34.35
CA MET B 1917 -59.93 37.59 -34.51
C MET B 1917 -59.80 38.76 -33.54
N GLU B 1918 -60.48 39.85 -33.88
CA GLU B 1918 -60.34 41.08 -33.10
C GLU B 1918 -60.97 40.97 -31.72
N ASP B 1919 -61.90 40.05 -31.52
CA ASP B 1919 -62.56 39.83 -30.23
C ASP B 1919 -62.27 38.42 -29.73
N GLY B 1920 -61.02 37.98 -29.85
CA GLY B 1920 -60.69 36.62 -29.46
C GLY B 1920 -60.81 36.42 -27.95
N HIS B 1921 -60.42 37.42 -27.17
CA HIS B 1921 -60.52 37.30 -25.72
C HIS B 1921 -61.97 37.20 -25.29
N GLN B 1922 -62.86 37.99 -25.90
CA GLN B 1922 -64.27 37.91 -25.54
C GLN B 1922 -64.86 36.55 -25.89
N MET B 1923 -64.45 35.97 -27.02
CA MET B 1923 -64.97 34.65 -27.39
C MET B 1923 -64.43 33.58 -26.46
N LEU B 1924 -63.14 33.67 -26.10
CA LEU B 1924 -62.57 32.77 -25.11
C LEU B 1924 -63.36 32.82 -23.82
N THR B 1925 -63.60 34.03 -23.31
CA THR B 1925 -64.36 34.20 -22.07
C THR B 1925 -65.75 33.60 -22.22
N HIS B 1926 -66.45 33.96 -23.30
CA HIS B 1926 -67.82 33.54 -23.48
C HIS B 1926 -67.93 32.02 -23.47
N TRP B 1927 -67.09 31.35 -24.24
CA TRP B 1927 -67.22 29.91 -24.38
C TRP B 1927 -66.74 29.16 -23.14
N THR B 1928 -65.66 29.64 -22.52
CA THR B 1928 -65.21 29.01 -21.28
C THR B 1928 -66.26 29.14 -20.19
N ARG B 1929 -66.83 30.33 -20.04
CA ARG B 1929 -67.90 30.53 -19.06
C ARG B 1929 -69.10 29.66 -19.38
N LYS B 1930 -69.50 29.61 -20.65
CA LYS B 1930 -70.67 28.84 -21.03
C LYS B 1930 -70.50 27.37 -20.71
N ILE B 1931 -69.34 26.81 -21.04
CA ILE B 1931 -69.14 25.38 -20.78
C ILE B 1931 -69.02 25.12 -19.29
N ILE B 1932 -68.38 26.02 -18.55
CA ILE B 1932 -68.22 25.83 -17.11
C ILE B 1932 -69.58 25.89 -16.40
N VAL B 1933 -70.48 26.75 -16.87
CA VAL B 1933 -71.77 26.93 -16.22
C VAL B 1933 -72.80 25.91 -16.70
N GLU B 1934 -73.12 25.95 -18.00
CA GLU B 1934 -74.17 25.09 -18.53
C GLU B 1934 -73.83 23.61 -18.41
N GLU B 1935 -72.56 23.28 -18.23
CA GLU B 1935 -72.11 21.93 -17.92
C GLU B 1935 -71.28 22.01 -16.63
N GLY B 1936 -70.57 20.94 -16.32
CA GLY B 1936 -69.85 20.86 -15.08
C GLY B 1936 -70.62 20.22 -13.94
N HIS B 1937 -71.91 19.93 -14.14
CA HIS B 1937 -72.59 19.00 -13.25
C HIS B 1937 -71.96 17.62 -13.29
N THR B 1938 -71.24 17.30 -14.36
CA THR B 1938 -70.37 16.13 -14.42
C THR B 1938 -68.93 16.57 -14.15
N VAL B 1939 -68.26 15.86 -13.24
CA VAL B 1939 -66.93 16.28 -12.80
C VAL B 1939 -65.91 16.26 -13.93
N PRO B 1940 -65.81 15.22 -14.77
CA PRO B 1940 -64.73 15.20 -15.77
C PRO B 1940 -64.72 16.40 -16.70
N GLN B 1941 -65.89 16.89 -17.11
CA GLN B 1941 -65.92 18.08 -17.97
C GLN B 1941 -65.30 19.27 -17.26
N LEU B 1942 -65.69 19.48 -16.01
CA LEU B 1942 -65.17 20.62 -15.26
C LEU B 1942 -63.66 20.50 -15.07
N VAL B 1943 -63.18 19.30 -14.74
CA VAL B 1943 -61.74 19.16 -14.53
C VAL B 1943 -60.98 19.34 -15.84
N HIS B 1944 -61.58 18.93 -16.97
CA HIS B 1944 -60.94 19.16 -18.26
C HIS B 1944 -60.80 20.65 -18.54
N ILE B 1945 -61.88 21.41 -18.34
CA ILE B 1945 -61.80 22.85 -18.60
C ILE B 1945 -60.83 23.52 -17.65
N LEU B 1946 -60.79 23.07 -16.39
CA LEU B 1946 -59.88 23.68 -15.43
C LEU B 1946 -58.43 23.34 -15.74
N HIS B 1947 -58.17 22.12 -16.20
CA HIS B 1947 -56.83 21.79 -16.67
C HIS B 1947 -56.43 22.71 -17.82
N LEU B 1948 -57.34 22.95 -18.75
CA LEU B 1948 -57.03 23.84 -19.87
C LEU B 1948 -56.74 25.25 -19.38
N ILE B 1949 -57.50 25.71 -18.39
CA ILE B 1949 -57.27 27.04 -17.84
C ILE B 1949 -55.89 27.10 -17.17
N VAL B 1950 -55.54 26.07 -16.42
CA VAL B 1950 -54.24 26.04 -15.73
C VAL B 1950 -53.10 26.05 -16.74
N GLN B 1951 -53.22 25.25 -17.80
CA GLN B 1951 -52.14 25.16 -18.78
C GLN B 1951 -51.92 26.50 -19.48
N HIS B 1952 -52.99 27.20 -19.82
CA HIS B 1952 -52.91 28.43 -20.61
C HIS B 1952 -53.35 29.65 -19.81
N PHE B 1953 -52.90 29.74 -18.56
CA PHE B 1953 -53.31 30.86 -17.71
C PHE B 1953 -52.81 32.19 -18.25
N LYS B 1954 -51.65 32.20 -18.92
CA LYS B 1954 -51.13 33.44 -19.48
C LYS B 1954 -52.03 33.99 -20.58
N VAL B 1955 -52.60 33.12 -21.41
CA VAL B 1955 -53.54 33.57 -22.43
C VAL B 1955 -54.79 34.16 -21.79
N TYR B 1956 -55.33 33.49 -20.77
CA TYR B 1956 -56.56 33.93 -20.14
C TYR B 1956 -56.36 35.16 -19.26
N TYR B 1957 -55.12 35.60 -19.05
CA TYR B 1957 -54.84 36.70 -18.13
C TYR B 1957 -55.64 37.97 -18.40
N PRO B 1958 -55.76 38.48 -19.64
CA PRO B 1958 -56.58 39.68 -19.86
C PRO B 1958 -58.07 39.50 -19.60
N VAL B 1959 -58.53 38.28 -19.30
CA VAL B 1959 -59.94 38.06 -19.00
C VAL B 1959 -60.05 37.37 -17.64
N ARG B 1960 -59.03 37.56 -16.81
CA ARG B 1960 -58.96 36.94 -15.49
C ARG B 1960 -60.20 37.20 -14.65
N HIS B 1961 -60.70 38.44 -14.67
CA HIS B 1961 -61.76 38.85 -13.76
C HIS B 1961 -63.02 38.04 -13.94
N HIS B 1962 -63.34 37.63 -15.17
CA HIS B 1962 -64.53 36.83 -15.40
C HIS B 1962 -64.35 35.41 -14.89
N LEU B 1963 -63.24 34.77 -15.29
CA LEU B 1963 -63.03 33.36 -14.96
C LEU B 1963 -62.83 33.13 -13.46
N VAL B 1964 -62.29 34.12 -12.74
CA VAL B 1964 -61.76 33.84 -11.41
C VAL B 1964 -62.84 33.37 -10.44
N GLN B 1965 -64.06 33.89 -10.57
CA GLN B 1965 -65.12 33.48 -9.66
C GLN B 1965 -65.45 31.99 -9.83
N HIS B 1966 -65.67 31.57 -11.07
CA HIS B 1966 -65.94 30.17 -11.33
C HIS B 1966 -64.75 29.31 -10.94
N MET B 1967 -63.53 29.81 -11.15
CA MET B 1967 -62.35 29.04 -10.81
C MET B 1967 -62.28 28.78 -9.32
N VAL B 1968 -62.49 29.80 -8.49
CA VAL B 1968 -62.40 29.60 -7.04
C VAL B 1968 -63.56 28.74 -6.55
N SER B 1969 -64.76 28.91 -7.13
CA SER B 1969 -65.89 28.08 -6.72
C SER B 1969 -65.60 26.61 -7.03
N ALA B 1970 -65.12 26.33 -8.23
CA ALA B 1970 -64.81 24.95 -8.61
C ALA B 1970 -63.65 24.42 -7.79
N MET B 1971 -62.68 25.26 -7.46
CA MET B 1971 -61.57 24.86 -6.60
C MET B 1971 -62.07 24.39 -5.25
N GLN B 1972 -62.92 25.18 -4.61
CA GLN B 1972 -63.48 24.79 -3.32
C GLN B 1972 -64.28 23.49 -3.44
N ARG B 1973 -65.13 23.39 -4.48
CA ARG B 1973 -65.96 22.21 -4.65
C ARG B 1973 -65.10 20.95 -4.82
N LEU B 1974 -64.12 21.01 -5.72
CA LEU B 1974 -63.28 19.85 -5.95
C LEU B 1974 -62.43 19.51 -4.73
N GLY B 1975 -62.02 20.52 -3.97
CA GLY B 1975 -61.19 20.26 -2.81
C GLY B 1975 -61.92 19.78 -1.57
N PHE B 1976 -63.24 19.94 -1.52
CA PHE B 1976 -63.98 19.59 -0.32
C PHE B 1976 -65.11 18.59 -0.53
N THR B 1977 -65.46 18.29 -1.77
CA THR B 1977 -66.44 17.23 -2.01
C THR B 1977 -65.92 15.91 -1.44
N PRO B 1978 -66.80 15.06 -0.91
CA PRO B 1978 -66.33 13.79 -0.33
C PRO B 1978 -65.51 12.96 -1.30
N SER B 1979 -64.48 12.30 -0.76
CA SER B 1979 -63.66 11.33 -1.51
C SER B 1979 -62.87 11.98 -2.65
N VAL B 1980 -62.29 13.15 -2.39
CA VAL B 1980 -61.43 13.78 -3.39
C VAL B 1980 -60.31 12.83 -3.77
N THR B 1981 -60.16 12.58 -5.07
CA THR B 1981 -58.99 11.88 -5.55
C THR B 1981 -57.79 12.84 -5.50
N ILE B 1982 -56.60 12.27 -5.28
CA ILE B 1982 -55.40 13.09 -5.12
C ILE B 1982 -55.14 13.93 -6.36
N GLU B 1983 -55.47 13.40 -7.55
CA GLU B 1983 -55.35 14.20 -8.77
C GLU B 1983 -56.30 15.39 -8.78
N GLN B 1984 -57.51 15.20 -8.28
CA GLN B 1984 -58.47 16.30 -8.22
C GLN B 1984 -58.02 17.37 -7.22
N ARG B 1985 -57.47 16.94 -6.09
CA ARG B 1985 -56.98 17.91 -5.12
C ARG B 1985 -55.78 18.66 -5.67
N ARG B 1986 -54.90 17.94 -6.37
CA ARG B 1986 -53.79 18.58 -7.05
C ARG B 1986 -54.28 19.62 -8.06
N LEU B 1987 -55.35 19.30 -8.79
CA LEU B 1987 -55.91 20.26 -9.73
C LEU B 1987 -56.42 21.51 -9.01
N ALA B 1988 -57.07 21.32 -7.86
CA ALA B 1988 -57.53 22.48 -7.10
C ALA B 1988 -56.36 23.35 -6.66
N VAL B 1989 -55.29 22.72 -6.17
CA VAL B 1989 -54.10 23.47 -5.79
C VAL B 1989 -53.50 24.16 -7.00
N ASP B 1990 -53.58 23.53 -8.16
CA ASP B 1990 -53.10 24.16 -9.39
C ASP B 1990 -53.90 25.41 -9.72
N LEU B 1991 -55.21 25.36 -9.53
CA LEU B 1991 -56.03 26.55 -9.78
C LEU B 1991 -55.68 27.66 -8.80
N SER B 1992 -55.46 27.32 -7.53
CA SER B 1992 -55.01 28.33 -6.58
C SER B 1992 -53.69 28.94 -7.02
N GLU B 1993 -52.75 28.09 -7.46
CA GLU B 1993 -51.47 28.59 -7.96
C GLU B 1993 -51.66 29.48 -9.18
N VAL B 1994 -52.64 29.17 -10.02
CA VAL B 1994 -52.92 30.00 -11.18
C VAL B 1994 -53.36 31.38 -10.74
N VAL B 1995 -54.23 31.46 -9.73
CA VAL B 1995 -54.68 32.76 -9.26
C VAL B 1995 -53.52 33.54 -8.66
N ILE B 1996 -52.66 32.85 -7.90
CA ILE B 1996 -51.49 33.51 -7.32
C ILE B 1996 -50.54 34.01 -8.41
N LYS B 1997 -50.34 33.21 -9.45
CA LYS B 1997 -49.47 33.64 -10.54
C LYS B 1997 -50.07 34.80 -11.31
N TRP B 1998 -51.40 34.84 -11.43
CA TRP B 1998 -52.05 36.01 -12.03
C TRP B 1998 -51.78 37.26 -11.20
N GLU B 1999 -51.80 37.13 -9.87
CA GLU B 1999 -51.49 38.31 -9.06
C GLU B 1999 -50.01 38.67 -9.10
N LEU B 2000 -49.13 37.69 -9.26
CA LEU B 2000 -47.72 37.99 -9.52
C LEU B 2000 -47.55 38.76 -10.81
N GLN B 2001 -48.28 38.37 -11.86
CA GLN B 2001 -48.21 39.08 -13.12
C GLN B 2001 -48.81 40.48 -13.00
N ARG B 2002 -49.85 40.64 -12.20
CA ARG B 2002 -50.41 41.97 -11.96
C ARG B 2002 -49.40 42.86 -11.26
N ILE B 2003 -48.71 42.33 -10.24
CA ILE B 2003 -47.66 43.08 -9.56
C ILE B 2003 -46.56 43.47 -10.55
N LYS B 2004 -46.15 42.54 -11.41
CA LYS B 2004 -45.12 42.85 -12.38
C LYS B 2004 -45.57 43.94 -13.35
N ASP B 2005 -46.82 43.87 -13.80
CA ASP B 2005 -47.34 44.87 -14.73
C ASP B 2005 -47.41 46.24 -14.08
N GLN B 2006 -47.87 46.30 -12.82
CA GLN B 2006 -47.99 47.58 -12.14
C GLN B 2006 -46.65 48.23 -11.83
N GLN B 2007 -45.57 47.45 -11.81
CA GLN B 2007 -44.25 47.99 -11.54
C GLN B 2007 -43.59 48.48 -12.83
N SER B 2065 -58.43 50.48 -17.96
CA SER B 2065 -57.60 50.00 -16.86
C SER B 2065 -58.20 48.77 -16.20
N LEU B 2066 -59.24 48.22 -16.84
CA LEU B 2066 -59.91 47.04 -16.29
C LEU B 2066 -59.03 45.79 -16.35
N LEU B 2067 -58.01 45.79 -17.21
CA LEU B 2067 -57.09 44.66 -17.27
C LEU B 2067 -55.98 44.76 -16.23
N ALA B 2068 -55.66 45.97 -15.77
CA ALA B 2068 -54.62 46.19 -14.78
C ALA B 2068 -55.16 46.29 -13.36
N LYS B 2069 -56.48 46.37 -13.19
CA LYS B 2069 -57.05 46.49 -11.86
C LYS B 2069 -56.83 45.19 -11.08
N PRO B 2070 -56.66 45.28 -9.77
CA PRO B 2070 -56.37 44.09 -8.98
C PRO B 2070 -57.59 43.19 -8.84
N ILE B 2071 -57.31 41.91 -8.56
CA ILE B 2071 -58.34 40.94 -8.26
C ILE B 2071 -59.18 41.38 -7.06
N ASP B 2072 -60.45 40.99 -7.05
CA ASP B 2072 -61.32 41.29 -5.93
C ASP B 2072 -60.85 40.56 -4.67
N LYS B 2073 -60.78 41.30 -3.57
CA LYS B 2073 -60.12 40.82 -2.35
C LYS B 2073 -60.73 39.52 -1.83
N GLN B 2074 -62.05 39.39 -1.91
CA GLN B 2074 -62.71 38.18 -1.40
C GLN B 2074 -62.19 36.91 -2.06
N HIS B 2075 -61.78 36.99 -3.33
CA HIS B 2075 -61.20 35.83 -3.98
C HIS B 2075 -59.84 35.50 -3.40
N THR B 2076 -59.03 36.52 -3.09
CA THR B 2076 -57.77 36.28 -2.42
C THR B 2076 -57.99 35.64 -1.06
N ASP B 2077 -58.98 36.13 -0.31
CA ASP B 2077 -59.30 35.58 0.99
C ASP B 2077 -59.65 34.10 0.88
N THR B 2078 -60.56 33.75 -0.04
CA THR B 2078 -60.97 32.37 -0.13
C THR B 2078 -59.87 31.47 -0.69
N VAL B 2079 -58.97 32.01 -1.51
CA VAL B 2079 -57.85 31.21 -1.99
C VAL B 2079 -56.86 30.94 -0.87
N VAL B 2080 -56.55 31.96 -0.06
CA VAL B 2080 -55.67 31.78 1.09
C VAL B 2080 -56.26 30.76 2.05
N ASN B 2081 -57.57 30.87 2.32
CA ASN B 2081 -58.16 29.96 3.31
C ASN B 2081 -58.23 28.54 2.77
N PHE B 2082 -58.52 28.37 1.47
CA PHE B 2082 -58.48 27.04 0.89
C PHE B 2082 -57.08 26.46 0.94
N LEU B 2083 -56.06 27.28 0.66
CA LEU B 2083 -54.69 26.79 0.72
C LEU B 2083 -54.34 26.33 2.13
N ILE B 2084 -54.70 27.12 3.15
CA ILE B 2084 -54.41 26.72 4.52
C ILE B 2084 -55.11 25.41 4.86
N ARG B 2085 -56.40 25.32 4.52
CA ARG B 2085 -57.15 24.12 4.88
C ARG B 2085 -56.62 22.89 4.17
N VAL B 2086 -56.34 22.99 2.88
CA VAL B 2086 -55.85 21.83 2.13
C VAL B 2086 -54.45 21.45 2.59
N ALA B 2087 -53.62 22.44 2.92
CA ALA B 2087 -52.28 22.12 3.41
C ALA B 2087 -52.34 21.37 4.72
N CYS B 2088 -53.21 21.81 5.64
CA CYS B 2088 -53.29 21.12 6.92
C CYS B 2088 -53.98 19.77 6.80
N GLN B 2089 -54.91 19.61 5.86
CA GLN B 2089 -55.65 18.36 5.74
C GLN B 2089 -54.88 17.28 4.98
N VAL B 2090 -54.17 17.65 3.92
CA VAL B 2090 -53.78 16.68 2.90
C VAL B 2090 -52.70 15.71 3.39
N ASN B 2091 -52.00 16.02 4.48
CA ASN B 2091 -50.98 15.11 4.96
C ASN B 2091 -51.60 13.76 5.33
N ASP B 2092 -50.83 12.70 5.08
CA ASP B 2092 -51.29 11.34 5.34
C ASP B 2092 -50.96 10.92 6.77
N ASN B 2093 -51.83 10.10 7.35
CA ASN B 2093 -51.68 9.67 8.74
C ASN B 2093 -50.49 8.73 8.93
N THR B 2094 -49.94 8.17 7.86
CA THR B 2094 -48.87 7.18 7.97
C THR B 2094 -47.81 7.42 6.92
N PRO B 2100 -46.97 11.15 -2.50
CA PRO B 2100 -47.88 11.24 -1.34
C PRO B 2100 -48.39 12.65 -1.11
N GLY B 2101 -49.46 12.77 -0.32
CA GLY B 2101 -50.04 14.06 0.01
C GLY B 2101 -49.10 14.99 0.76
N GLU B 2102 -48.08 14.44 1.43
CA GLU B 2102 -47.07 15.28 2.06
C GLU B 2102 -46.46 16.28 1.08
N VAL B 2103 -46.20 15.84 -0.16
CA VAL B 2103 -45.60 16.73 -1.14
C VAL B 2103 -46.56 17.85 -1.51
N LEU B 2104 -47.85 17.53 -1.66
CA LEU B 2104 -48.83 18.57 -1.92
C LEU B 2104 -48.97 19.51 -0.73
N SER B 2105 -48.83 19.00 0.49
CA SER B 2105 -48.83 19.87 1.66
C SER B 2105 -47.68 20.85 1.62
N ARG B 2106 -46.48 20.36 1.30
CA ARG B 2106 -45.32 21.24 1.22
C ARG B 2106 -45.49 22.28 0.11
N ARG B 2107 -46.04 21.86 -1.03
CA ARG B 2107 -46.30 22.81 -2.11
C ARG B 2107 -47.31 23.87 -1.69
N CYS B 2108 -48.38 23.46 -1.00
CA CYS B 2108 -49.36 24.42 -0.51
C CYS B 2108 -48.75 25.37 0.50
N VAL B 2109 -47.87 24.88 1.37
CA VAL B 2109 -47.23 25.73 2.35
C VAL B 2109 -46.37 26.78 1.67
N ASN B 2110 -45.58 26.36 0.67
CA ASN B 2110 -44.78 27.32 -0.08
C ASN B 2110 -45.65 28.32 -0.84
N LEU B 2111 -46.75 27.83 -1.40
CA LEU B 2111 -47.66 28.70 -2.13
C LEU B 2111 -48.32 29.72 -1.20
N LEU B 2112 -48.65 29.31 0.02
CA LEU B 2112 -49.17 30.23 1.02
C LEU B 2112 -48.12 31.26 1.43
N LYS B 2113 -46.87 30.81 1.62
CA LYS B 2113 -45.80 31.75 1.94
C LYS B 2113 -45.59 32.76 0.85
N THR B 2114 -45.82 32.37 -0.41
CA THR B 2114 -45.76 33.36 -1.48
C THR B 2114 -47.01 34.21 -1.54
N ALA B 2115 -48.16 33.66 -1.15
CA ALA B 2115 -49.41 34.41 -1.19
C ALA B 2115 -49.45 35.50 -0.14
N LEU B 2116 -48.78 35.31 0.98
CA LEU B 2116 -48.78 36.28 2.08
C LEU B 2116 -47.41 36.93 2.12
N ARG B 2117 -47.32 38.10 1.51
CA ARG B 2117 -46.07 38.83 1.34
C ARG B 2117 -46.34 40.30 1.60
N PRO B 2118 -45.32 41.16 1.71
CA PRO B 2118 -45.58 42.60 1.78
C PRO B 2118 -46.27 43.15 0.55
N ASP B 2119 -46.25 42.45 -0.59
CA ASP B 2119 -46.92 42.89 -1.79
C ASP B 2119 -48.15 42.05 -2.12
N MET B 2120 -48.02 40.73 -2.16
CA MET B 2120 -49.18 39.85 -2.34
C MET B 2120 -50.03 39.84 -1.07
N TRP B 2121 -51.25 40.37 -1.18
CA TRP B 2121 -52.32 40.14 -0.22
C TRP B 2121 -51.93 40.25 1.26
N PRO B 2122 -51.22 41.31 1.66
CA PRO B 2122 -51.06 41.55 3.09
C PRO B 2122 -52.41 41.87 3.73
N LYS B 2123 -52.53 41.53 5.01
CA LYS B 2123 -53.75 41.77 5.77
C LYS B 2123 -54.96 41.13 5.08
N SER B 2124 -54.75 39.94 4.52
CA SER B 2124 -55.87 39.09 4.15
C SER B 2124 -56.66 38.68 5.39
N GLU B 2125 -57.94 38.38 5.19
CA GLU B 2125 -58.69 37.69 6.21
C GLU B 2125 -58.14 36.28 6.42
N LEU B 2126 -58.54 35.66 7.52
CA LEU B 2126 -58.19 34.28 7.81
C LEU B 2126 -59.33 33.64 8.57
N LYS B 2127 -59.47 32.33 8.41
CA LYS B 2127 -60.51 31.56 9.09
C LYS B 2127 -59.78 30.47 9.88
N LEU B 2128 -59.41 30.79 11.11
CA LEU B 2128 -58.59 29.92 11.93
C LEU B 2128 -59.39 29.07 12.90
N GLN B 2129 -60.70 29.33 13.05
CA GLN B 2129 -61.46 28.65 14.08
C GLN B 2129 -61.40 27.14 13.92
N TRP B 2130 -61.35 26.66 12.66
CA TRP B 2130 -61.33 25.24 12.39
C TRP B 2130 -60.11 24.56 13.00
N PHE B 2131 -59.00 25.29 13.17
CA PHE B 2131 -57.84 24.74 13.85
C PHE B 2131 -58.17 24.18 15.23
N ASP B 2132 -59.16 24.76 15.91
CA ASP B 2132 -59.54 24.24 17.23
C ASP B 2132 -59.90 22.76 17.16
N LYS B 2133 -60.70 22.38 16.15
CA LYS B 2133 -61.04 20.98 15.98
C LYS B 2133 -59.82 20.14 15.66
N LEU B 2134 -58.95 20.63 14.77
CA LEU B 2134 -57.79 19.87 14.35
C LEU B 2134 -56.85 19.55 15.52
N LEU B 2135 -56.48 20.57 16.29
CA LEU B 2135 -55.52 20.37 17.37
C LEU B 2135 -56.09 19.53 18.50
N MET B 2136 -57.38 19.66 18.79
CA MET B 2136 -58.03 18.80 19.78
C MET B 2136 -57.89 17.32 19.45
N THR B 2137 -57.77 16.95 18.17
CA THR B 2137 -57.52 15.56 17.82
C THR B 2137 -56.28 14.99 18.50
N VAL B 2138 -55.29 15.83 18.80
CA VAL B 2138 -54.12 15.37 19.56
C VAL B 2138 -54.54 14.75 20.89
N GLU B 2139 -55.63 15.24 21.48
CA GLU B 2139 -56.11 14.63 22.72
C GLU B 2139 -56.51 13.18 22.53
N GLN B 2140 -56.98 12.81 21.33
CA GLN B 2140 -57.55 11.50 21.11
C GLN B 2140 -56.43 10.55 20.70
N PRO B 2141 -56.09 9.56 21.53
CA PRO B 2141 -54.91 8.72 21.23
C PRO B 2141 -55.20 7.56 20.28
N ASN B 2142 -56.45 7.34 19.90
CA ASN B 2142 -56.78 6.21 19.05
C ASN B 2142 -56.17 6.38 17.66
N GLN B 2143 -56.58 7.41 16.94
CA GLN B 2143 -56.03 7.70 15.62
C GLN B 2143 -55.98 9.21 15.43
N VAL B 2144 -54.79 9.73 15.14
CA VAL B 2144 -54.60 11.16 14.91
C VAL B 2144 -53.54 11.34 13.83
N ASN B 2145 -53.79 12.28 12.92
CA ASN B 2145 -52.86 12.61 11.84
C ASN B 2145 -51.83 13.59 12.37
N TYR B 2146 -50.71 13.06 12.87
CA TYR B 2146 -49.67 13.92 13.44
C TYR B 2146 -49.12 14.89 12.40
N GLY B 2147 -49.02 14.45 11.14
CA GLY B 2147 -48.56 15.33 10.09
C GLY B 2147 -49.45 16.55 9.91
N ASN B 2148 -50.76 16.35 10.05
CA ASN B 2148 -51.68 17.48 9.98
C ASN B 2148 -51.41 18.48 11.10
N ILE B 2149 -51.18 17.98 12.31
CA ILE B 2149 -50.87 18.84 13.44
C ILE B 2149 -49.59 19.63 13.20
N CYS B 2150 -48.54 18.94 12.73
CA CYS B 2150 -47.28 19.61 12.50
C CYS B 2150 -47.40 20.68 11.42
N THR B 2151 -48.11 20.37 10.33
CA THR B 2151 -48.30 21.36 9.27
C THR B 2151 -49.11 22.55 9.77
N GLY B 2152 -50.14 22.29 10.58
CA GLY B 2152 -50.92 23.38 11.13
C GLY B 2152 -50.11 24.27 12.06
N LEU B 2153 -49.25 23.68 12.88
CA LEU B 2153 -48.41 24.47 13.76
C LEU B 2153 -47.41 25.30 12.98
N GLU B 2154 -46.83 24.73 11.92
CA GLU B 2154 -45.93 25.49 11.05
C GLU B 2154 -46.66 26.66 10.40
N VAL B 2155 -47.86 26.40 9.87
CA VAL B 2155 -48.67 27.46 9.29
C VAL B 2155 -48.97 28.54 10.33
N LEU B 2156 -49.23 28.14 11.57
CA LEU B 2156 -49.49 29.10 12.63
C LEU B 2156 -48.28 29.98 12.91
N SER B 2157 -47.09 29.39 12.93
CA SER B 2157 -45.89 30.19 13.17
C SER B 2157 -45.63 31.15 12.01
N PHE B 2158 -45.91 30.69 10.79
CA PHE B 2158 -45.83 31.60 9.66
C PHE B 2158 -46.83 32.73 9.78
N LEU B 2159 -48.07 32.42 10.19
CA LEU B 2159 -49.05 33.47 10.42
C LEU B 2159 -48.61 34.44 11.51
N LEU B 2160 -47.87 33.94 12.51
CA LEU B 2160 -47.31 34.84 13.53
C LEU B 2160 -46.28 35.79 12.95
N THR B 2161 -45.47 35.33 12.00
CA THR B 2161 -44.58 36.31 11.36
C THR B 2161 -45.33 37.22 10.38
N VAL B 2162 -46.40 36.73 9.74
CA VAL B 2162 -47.12 37.55 8.76
C VAL B 2162 -47.96 38.62 9.45
N LEU B 2163 -48.75 38.23 10.45
CA LEU B 2163 -49.82 39.09 10.93
C LEU B 2163 -49.30 40.19 11.83
N GLN B 2164 -50.06 41.28 11.87
CA GLN B 2164 -49.83 42.35 12.83
C GLN B 2164 -50.20 41.91 14.24
N SER B 2165 -49.58 42.56 15.22
CA SER B 2165 -49.72 42.14 16.61
C SER B 2165 -51.17 42.15 17.10
N PRO B 2166 -51.97 43.21 16.90
CA PRO B 2166 -53.37 43.13 17.32
C PRO B 2166 -54.13 42.02 16.61
N ALA B 2167 -53.84 41.79 15.34
CA ALA B 2167 -54.48 40.68 14.62
C ALA B 2167 -54.04 39.34 15.21
N ILE B 2168 -52.78 39.23 15.62
CA ILE B 2168 -52.32 38.01 16.26
C ILE B 2168 -53.09 37.77 17.55
N LEU B 2169 -53.22 38.81 18.38
CA LEU B 2169 -53.93 38.66 19.65
C LEU B 2169 -55.38 38.28 19.42
N SER B 2170 -56.04 38.93 18.45
CA SER B 2170 -57.44 38.64 18.20
C SER B 2170 -57.62 37.23 17.64
N SER B 2171 -56.77 36.81 16.71
CA SER B 2171 -56.96 35.55 16.02
C SER B 2171 -56.58 34.35 16.88
N PHE B 2172 -55.60 34.50 17.76
CA PHE B 2172 -55.07 33.34 18.46
C PHE B 2172 -55.90 32.90 19.66
N LYS B 2173 -56.85 33.71 20.11
CA LYS B 2173 -57.58 33.39 21.34
C LYS B 2173 -58.22 32.00 21.32
N PRO B 2174 -58.97 31.61 20.28
CA PRO B 2174 -59.52 30.24 20.28
C PRO B 2174 -58.46 29.16 20.19
N LEU B 2175 -57.37 29.42 19.47
CA LEU B 2175 -56.26 28.48 19.34
C LEU B 2175 -55.70 28.03 20.68
N GLN B 2176 -55.83 28.85 21.73
CA GLN B 2176 -55.16 28.59 23.00
C GLN B 2176 -55.38 27.17 23.51
N ARG B 2177 -56.62 26.67 23.41
CA ARG B 2177 -56.90 25.32 23.85
C ARG B 2177 -56.14 24.29 23.02
N GLY B 2178 -56.13 24.48 21.70
CA GLY B 2178 -55.44 23.54 20.83
C GLY B 2178 -53.94 23.52 21.04
N ILE B 2179 -53.32 24.69 21.16
CA ILE B 2179 -51.88 24.75 21.41
C ILE B 2179 -51.55 24.11 22.74
N ALA B 2180 -52.32 24.41 23.78
CA ALA B 2180 -52.09 23.81 25.09
C ALA B 2180 -52.23 22.29 25.03
N ALA B 2181 -53.16 21.80 24.22
CA ALA B 2181 -53.35 20.35 24.11
C ALA B 2181 -52.13 19.68 23.50
N CYS B 2182 -51.46 20.34 22.54
CA CYS B 2182 -50.33 19.74 21.86
C CYS B 2182 -49.17 19.48 22.81
N MET B 2183 -48.95 20.38 23.77
CA MET B 2183 -47.80 20.30 24.67
C MET B 2183 -47.78 19.04 25.52
N THR B 2184 -48.84 18.23 25.48
CA THR B 2184 -48.95 17.06 26.34
C THR B 2184 -48.55 15.77 25.63
N CYS B 2185 -48.74 15.69 24.32
CA CYS B 2185 -48.54 14.44 23.60
C CYS B 2185 -47.06 14.06 23.60
N GLY B 2186 -46.82 12.75 23.51
CA GLY B 2186 -45.47 12.20 23.53
C GLY B 2186 -44.74 12.23 22.21
N ASN B 2187 -45.38 12.64 21.13
CA ASN B 2187 -44.72 12.69 19.82
C ASN B 2187 -43.70 13.83 19.81
N THR B 2188 -42.46 13.50 19.48
CA THR B 2188 -41.39 14.50 19.48
C THR B 2188 -41.57 15.54 18.38
N LYS B 2189 -42.10 15.13 17.22
CA LYS B 2189 -42.30 16.08 16.13
C LYS B 2189 -43.30 17.17 16.51
N VAL B 2190 -44.40 16.77 17.14
CA VAL B 2190 -45.40 17.75 17.57
C VAL B 2190 -44.81 18.64 18.65
N LEU B 2191 -44.02 18.07 19.55
CA LEU B 2191 -43.38 18.86 20.58
C LEU B 2191 -42.45 19.91 19.99
N ARG B 2192 -41.64 19.53 18.99
CA ARG B 2192 -40.75 20.50 18.37
C ARG B 2192 -41.52 21.57 17.62
N ALA B 2193 -42.59 21.20 16.92
CA ALA B 2193 -43.38 22.18 16.19
C ALA B 2193 -44.03 23.17 17.14
N VAL B 2194 -44.63 22.67 18.23
CA VAL B 2194 -45.25 23.56 19.20
C VAL B 2194 -44.20 24.38 19.92
N HIS B 2195 -43.00 23.83 20.10
CA HIS B 2195 -41.91 24.60 20.69
C HIS B 2195 -41.55 25.79 19.83
N SER B 2196 -41.44 25.57 18.51
CA SER B 2196 -41.14 26.68 17.60
C SER B 2196 -42.27 27.71 17.61
N LEU B 2197 -43.52 27.23 17.60
CA LEU B 2197 -44.66 28.14 17.63
C LEU B 2197 -44.65 28.99 18.89
N LEU B 2198 -44.50 28.36 20.05
CA LEU B 2198 -44.48 29.10 21.31
C LEU B 2198 -43.26 30.01 21.40
N SER B 2199 -42.13 29.60 20.84
CA SER B 2199 -40.95 30.47 20.84
C SER B 2199 -41.24 31.74 20.08
N ARG B 2200 -41.82 31.63 18.88
CA ARG B 2200 -42.15 32.83 18.11
C ARG B 2200 -43.19 33.68 18.84
N LEU B 2201 -44.24 33.05 19.38
CA LEU B 2201 -45.30 33.80 20.04
C LEU B 2201 -44.77 34.54 21.27
N MET B 2202 -44.02 33.84 22.12
CA MET B 2202 -43.47 34.43 23.33
C MET B 2202 -42.36 35.42 23.03
N SER B 2203 -41.70 35.30 21.87
CA SER B 2203 -40.81 36.36 21.44
C SER B 2203 -41.59 37.61 21.08
N ILE B 2204 -42.78 37.43 20.50
CA ILE B 2204 -43.64 38.59 20.22
C ILE B 2204 -44.22 39.14 21.52
N PHE B 2205 -44.61 38.25 22.45
CA PHE B 2205 -45.20 38.65 23.71
C PHE B 2205 -44.55 37.89 24.87
N PRO B 2206 -43.55 38.49 25.54
CA PRO B 2206 -42.85 37.77 26.61
C PRO B 2206 -43.73 37.50 27.81
N THR B 2207 -43.46 36.38 28.47
CA THR B 2207 -44.17 36.01 29.69
C THR B 2207 -43.91 37.03 30.81
N GLU B 2208 -44.83 37.07 31.78
CA GLU B 2208 -44.77 38.07 32.83
C GLU B 2208 -43.66 37.75 33.84
N PRO B 2209 -42.91 38.75 34.28
CA PRO B 2209 -41.88 38.53 35.31
C PRO B 2209 -42.42 38.56 36.74
N SER B 2210 -41.52 38.52 37.71
CA SER B 2210 -41.76 38.80 39.12
C SER B 2210 -42.72 37.82 39.79
N THR B 2211 -43.03 36.70 39.14
CA THR B 2211 -44.06 35.77 39.61
C THR B 2211 -45.39 36.50 39.83
N SER B 2212 -45.72 37.41 38.92
CA SER B 2212 -46.99 38.11 38.98
C SER B 2212 -48.15 37.13 38.90
N SER B 2213 -49.27 37.50 39.53
CA SER B 2213 -50.39 36.58 39.65
C SER B 2213 -51.01 36.28 38.30
N VAL B 2214 -51.12 37.27 37.43
CA VAL B 2214 -51.65 37.03 36.09
C VAL B 2214 -50.61 36.31 35.24
N ALA B 2215 -51.07 35.32 34.46
CA ALA B 2215 -50.16 34.60 33.56
C ALA B 2215 -49.74 35.45 32.37
N SER B 2216 -50.56 36.43 32.00
CA SER B 2216 -50.20 37.39 30.96
C SER B 2216 -51.01 38.65 31.19
N LYS B 2217 -50.47 39.77 30.70
CA LYS B 2217 -51.26 41.00 30.63
C LYS B 2217 -52.27 40.99 29.50
N TYR B 2218 -52.26 39.98 28.64
CA TYR B 2218 -53.23 39.87 27.54
C TYR B 2218 -54.16 38.69 27.80
N GLU B 2219 -55.46 38.96 27.79
CA GLU B 2219 -56.44 37.90 28.05
C GLU B 2219 -56.34 36.80 27.01
N GLU B 2220 -56.04 37.17 25.76
CA GLU B 2220 -55.88 36.20 24.68
C GLU B 2220 -54.66 35.32 24.87
N LEU B 2221 -53.70 35.73 25.70
CA LEU B 2221 -52.56 34.89 26.07
C LEU B 2221 -52.68 34.27 27.46
N GLU B 2222 -53.61 34.75 28.28
CA GLU B 2222 -53.68 34.32 29.69
C GLU B 2222 -53.80 32.81 29.82
N CYS B 2223 -54.76 32.20 29.12
CA CYS B 2223 -55.00 30.78 29.28
C CYS B 2223 -53.84 29.94 28.74
N LEU B 2224 -53.30 30.35 27.58
CA LEU B 2224 -52.18 29.61 27.00
C LEU B 2224 -50.96 29.65 27.90
N TYR B 2225 -50.64 30.83 28.46
CA TYR B 2225 -49.47 30.95 29.31
C TYR B 2225 -49.68 30.27 30.66
N ALA B 2226 -50.91 30.27 31.17
CA ALA B 2226 -51.20 29.50 32.37
C ALA B 2226 -51.00 28.02 32.12
N ALA B 2227 -51.43 27.53 30.96
CA ALA B 2227 -51.23 26.12 30.63
C ALA B 2227 -49.75 25.80 30.47
N VAL B 2228 -48.99 26.70 29.86
CA VAL B 2228 -47.55 26.51 29.70
C VAL B 2228 -46.88 26.39 31.07
N GLY B 2229 -47.17 27.34 31.96
CA GLY B 2229 -46.58 27.28 33.29
C GLY B 2229 -46.98 26.03 34.04
N LYS B 2230 -48.26 25.66 33.97
CA LYS B 2230 -48.73 24.48 34.66
C LYS B 2230 -48.06 23.22 34.15
N VAL B 2231 -47.91 23.09 32.83
CA VAL B 2231 -47.30 21.87 32.29
C VAL B 2231 -45.83 21.81 32.63
N ILE B 2232 -45.13 22.96 32.64
CA ILE B 2232 -43.73 22.95 33.04
C ILE B 2232 -43.60 22.51 34.49
N TYR B 2233 -44.40 23.12 35.38
CA TYR B 2233 -44.33 22.79 36.80
C TYR B 2233 -44.65 21.32 37.02
N GLU B 2234 -45.71 20.82 36.38
CA GLU B 2234 -46.11 19.43 36.59
C GLU B 2234 -45.07 18.47 36.05
N GLY B 2235 -44.44 18.79 34.92
CA GLY B 2235 -43.42 17.89 34.39
C GLY B 2235 -42.19 17.85 35.27
N LEU B 2236 -41.72 19.01 35.74
CA LEU B 2236 -40.58 19.03 36.63
C LEU B 2236 -40.89 18.31 37.94
N THR B 2237 -42.08 18.56 38.51
CA THR B 2237 -42.45 17.91 39.77
C THR B 2237 -42.60 16.41 39.59
N ASN B 2238 -43.14 15.96 38.46
CA ASN B 2238 -43.26 14.53 38.22
C ASN B 2238 -41.89 13.88 38.08
N TYR B 2239 -40.97 14.54 37.37
CA TYR B 2239 -39.64 13.96 37.22
C TYR B 2239 -38.91 13.91 38.55
N GLU B 2240 -39.07 14.95 39.38
CA GLU B 2240 -38.57 14.88 40.76
C GLU B 2240 -39.17 13.70 41.51
N LYS B 2241 -40.50 13.56 41.44
CA LYS B 2241 -41.18 12.49 42.18
C LYS B 2241 -40.85 11.10 41.64
N ALA B 2242 -40.58 10.98 40.34
CA ALA B 2242 -40.52 9.67 39.71
C ALA B 2242 -39.48 8.79 40.38
N THR B 2243 -39.90 7.56 40.70
CA THR B 2243 -38.97 6.61 41.33
C THR B 2243 -37.96 6.09 40.32
N ASN B 2244 -38.38 5.91 39.07
CA ASN B 2244 -37.47 5.51 38.00
C ASN B 2244 -38.08 5.94 36.69
N ALA B 2245 -37.43 6.88 36.00
CA ALA B 2245 -37.93 7.37 34.72
C ALA B 2245 -36.76 7.85 33.88
N ASN B 2246 -36.91 7.72 32.57
CA ASN B 2246 -35.94 8.26 31.64
C ASN B 2246 -36.03 9.79 31.58
N PRO B 2247 -34.91 10.46 31.32
CA PRO B 2247 -34.95 11.92 31.07
C PRO B 2247 -35.90 12.31 29.95
N SER B 2248 -36.18 11.39 29.04
CA SER B 2248 -37.07 11.66 27.92
C SER B 2248 -38.42 12.19 28.36
N GLN B 2249 -38.89 11.81 29.56
CA GLN B 2249 -40.10 12.42 30.10
C GLN B 2249 -39.99 13.93 30.18
N LEU B 2250 -38.81 14.44 30.54
CA LEU B 2250 -38.60 15.89 30.60
C LEU B 2250 -38.66 16.56 29.23
N PHE B 2251 -38.42 15.82 28.14
CA PHE B 2251 -38.14 16.43 26.85
C PHE B 2251 -39.13 17.55 26.52
N GLY B 2252 -40.42 17.22 26.51
CA GLY B 2252 -41.42 18.23 26.19
C GLY B 2252 -41.43 19.35 27.22
N THR B 2253 -41.33 18.99 28.50
CA THR B 2253 -41.25 20.00 29.55
C THR B 2253 -40.09 20.96 29.31
N LEU B 2254 -38.91 20.40 29.01
CA LEU B 2254 -37.72 21.22 28.79
C LEU B 2254 -37.88 22.11 27.56
N MET B 2255 -38.43 21.58 26.47
CA MET B 2255 -38.65 22.42 25.29
C MET B 2255 -39.61 23.56 25.58
N ILE B 2256 -40.69 23.28 26.31
CA ILE B 2256 -41.66 24.32 26.63
C ILE B 2256 -41.03 25.36 27.53
N LEU B 2257 -40.28 24.93 28.54
CA LEU B 2257 -39.57 25.87 29.41
C LEU B 2257 -38.59 26.74 28.63
N LYS B 2258 -37.82 26.13 27.73
CA LYS B 2258 -36.90 26.90 26.89
C LYS B 2258 -37.64 27.94 26.07
N SER B 2259 -38.81 27.57 25.53
CA SER B 2259 -39.60 28.55 24.80
C SER B 2259 -40.06 29.67 25.72
N ALA B 2260 -40.48 29.33 26.94
CA ALA B 2260 -40.98 30.33 27.88
C ALA B 2260 -39.89 31.29 28.34
N CYS B 2261 -38.63 30.85 28.33
CA CYS B 2261 -37.52 31.69 28.76
C CYS B 2261 -36.78 32.34 27.59
N SER B 2262 -37.25 32.13 26.36
CA SER B 2262 -36.52 32.64 25.20
C SER B 2262 -36.36 34.15 25.27
N ASN B 2263 -37.45 34.85 25.56
CA ASN B 2263 -37.44 36.30 25.68
C ASN B 2263 -37.70 36.76 27.11
N ASN B 2264 -37.49 35.89 28.10
CA ASN B 2264 -37.66 36.24 29.51
C ASN B 2264 -36.77 35.36 30.36
N PRO B 2265 -35.49 35.74 30.51
CA PRO B 2265 -34.57 34.91 31.31
C PRO B 2265 -35.04 34.72 32.74
N SER B 2266 -35.78 35.68 33.29
CA SER B 2266 -36.24 35.62 34.68
C SER B 2266 -37.26 34.51 34.92
N TYR B 2267 -37.83 33.93 33.87
CA TYR B 2267 -38.98 33.05 34.03
C TYR B 2267 -38.65 31.85 34.92
N ILE B 2268 -37.45 31.30 34.80
CA ILE B 2268 -37.07 30.13 35.57
C ILE B 2268 -36.90 30.44 37.06
N ASP B 2269 -36.90 31.71 37.45
CA ASP B 2269 -36.79 32.05 38.87
C ASP B 2269 -37.97 31.52 39.66
N ARG B 2270 -39.12 31.34 39.02
CA ARG B 2270 -40.24 30.68 39.66
C ARG B 2270 -39.88 29.26 40.06
N LEU B 2271 -39.24 28.53 39.15
CA LEU B 2271 -39.07 27.09 39.22
C LEU B 2271 -37.67 26.67 39.66
N ILE B 2272 -36.91 27.60 40.25
CA ILE B 2272 -35.46 27.40 40.36
C ILE B 2272 -35.13 26.19 41.21
N SER B 2273 -35.83 25.99 42.33
CA SER B 2273 -35.51 24.87 43.21
C SER B 2273 -35.83 23.53 42.55
N VAL B 2274 -37.04 23.39 42.01
CA VAL B 2274 -37.45 22.13 41.42
C VAL B 2274 -36.67 21.87 40.15
N PHE B 2275 -36.35 22.92 39.39
CA PHE B 2275 -35.56 22.74 38.18
C PHE B 2275 -34.14 22.31 38.53
N MET B 2276 -33.57 22.88 39.60
CA MET B 2276 -32.22 22.48 39.99
C MET B 2276 -32.19 21.03 40.46
N ARG B 2277 -33.22 20.60 41.20
CA ARG B 2277 -33.26 19.19 41.60
C ARG B 2277 -33.47 18.28 40.41
N SER B 2278 -34.24 18.71 39.41
CA SER B 2278 -34.38 17.93 38.19
C SER B 2278 -33.07 17.86 37.41
N LEU B 2279 -32.32 18.97 37.40
CA LEU B 2279 -31.02 18.98 36.75
C LEU B 2279 -30.04 18.04 37.44
N GLN B 2280 -30.07 18.02 38.79
CA GLN B 2280 -29.26 17.06 39.51
C GLN B 2280 -29.63 15.64 39.14
N LYS B 2281 -30.94 15.35 39.06
CA LYS B 2281 -31.35 14.00 38.68
C LYS B 2281 -30.93 13.65 37.27
N MET B 2282 -30.99 14.62 36.35
CA MET B 2282 -30.56 14.39 34.97
C MET B 2282 -29.06 14.09 34.91
N VAL B 2283 -28.25 14.88 35.60
CA VAL B 2283 -26.81 14.67 35.57
C VAL B 2283 -26.46 13.33 36.21
N ARG B 2284 -27.13 12.98 37.32
CA ARG B 2284 -26.87 11.70 37.96
C ARG B 2284 -27.24 10.55 37.04
N GLU B 2285 -28.37 10.64 36.34
CA GLU B 2285 -28.76 9.58 35.41
C GLU B 2285 -27.80 9.51 34.23
N HIS B 2286 -27.28 10.65 33.78
CA HIS B 2286 -26.36 10.66 32.64
C HIS B 2286 -25.01 10.05 33.01
N LEU B 2287 -24.49 10.38 34.19
CA LEU B 2287 -23.17 9.89 34.58
C LEU B 2287 -23.21 8.39 34.90
N ASN B 2288 -24.34 7.89 35.38
CA ASN B 2288 -24.50 6.48 35.73
C ASN B 2288 -25.74 5.92 35.02
N PRO B 2289 -25.63 5.62 33.72
CA PRO B 2289 -26.77 5.12 32.96
C PRO B 2289 -27.00 3.62 33.18
N SER B 2300 -29.62 9.14 24.01
CA SER B 2300 -28.92 10.13 23.21
C SER B 2300 -29.49 11.53 23.47
N GLY B 2301 -30.79 11.60 23.75
CA GLY B 2301 -31.42 12.87 24.07
C GLY B 2301 -31.02 13.41 25.43
N THR B 2302 -30.43 12.58 26.29
CA THR B 2302 -30.02 13.04 27.61
C THR B 2302 -28.98 14.14 27.50
N SER B 2303 -28.02 14.00 26.59
CA SER B 2303 -27.04 15.06 26.37
C SER B 2303 -27.70 16.36 25.95
N GLU B 2304 -28.65 16.29 25.01
CA GLU B 2304 -29.35 17.48 24.56
C GLU B 2304 -30.11 18.14 25.70
N LEU B 2305 -30.75 17.33 26.55
CA LEU B 2305 -31.50 17.90 27.67
C LEU B 2305 -30.58 18.50 28.72
N VAL B 2306 -29.42 17.90 28.94
CA VAL B 2306 -28.47 18.47 29.90
C VAL B 2306 -27.93 19.79 29.38
N MET B 2307 -27.60 19.85 28.08
CA MET B 2307 -27.11 21.10 27.50
C MET B 2307 -28.18 22.19 27.58
N LEU B 2308 -29.43 21.83 27.27
CA LEU B 2308 -30.52 22.80 27.36
C LEU B 2308 -30.69 23.31 28.78
N SER B 2309 -30.68 22.40 29.76
CA SER B 2309 -30.84 22.78 31.16
C SER B 2309 -29.70 23.67 31.61
N LEU B 2310 -28.47 23.34 31.22
CA LEU B 2310 -27.33 24.18 31.59
C LEU B 2310 -27.45 25.56 30.97
N GLU B 2311 -27.88 25.64 29.70
CA GLU B 2311 -28.07 26.93 29.07
C GLU B 2311 -29.17 27.75 29.74
N LEU B 2312 -30.16 27.08 30.33
CA LEU B 2312 -31.24 27.82 30.99
C LEU B 2312 -30.76 28.52 32.25
N VAL B 2313 -30.03 27.79 33.12
CA VAL B 2313 -29.66 28.31 34.43
C VAL B 2313 -28.29 28.98 34.45
N LYS B 2314 -27.63 29.09 33.30
CA LYS B 2314 -26.25 29.60 33.29
C LYS B 2314 -26.16 31.03 33.77
N THR B 2315 -27.25 31.79 33.72
CA THR B 2315 -27.24 33.20 34.08
C THR B 2315 -28.11 33.51 35.28
N ARG B 2316 -28.62 32.50 35.98
CA ARG B 2316 -29.52 32.67 37.11
C ARG B 2316 -28.85 32.25 38.42
N LEU B 2317 -27.55 32.54 38.54
CA LEU B 2317 -26.82 32.21 39.75
C LEU B 2317 -27.30 33.04 40.94
N ALA B 2318 -27.60 34.33 40.71
CA ALA B 2318 -28.01 35.21 41.79
C ALA B 2318 -29.36 34.83 42.38
N VAL B 2319 -30.16 34.06 41.67
CA VAL B 2319 -31.47 33.66 42.17
C VAL B 2319 -31.34 32.44 43.08
N MET B 2320 -30.45 31.52 42.74
CA MET B 2320 -30.31 30.29 43.49
C MET B 2320 -29.79 30.55 44.90
N SER B 2321 -30.21 29.70 45.83
CA SER B 2321 -29.70 29.76 47.19
C SER B 2321 -28.22 29.37 47.22
N MET B 2322 -27.57 29.67 48.35
CA MET B 2322 -26.14 29.40 48.48
C MET B 2322 -25.86 27.91 48.34
N GLU B 2323 -26.67 27.06 48.97
CA GLU B 2323 -26.47 25.63 48.85
C GLU B 2323 -26.70 25.14 47.42
N MET B 2324 -27.75 25.64 46.77
CA MET B 2324 -28.00 25.27 45.38
C MET B 2324 -26.91 25.77 44.46
N ARG B 2325 -26.43 26.99 44.67
CA ARG B 2325 -25.34 27.53 43.86
C ARG B 2325 -24.07 26.69 44.03
N LYS B 2326 -23.74 26.35 45.27
CA LYS B 2326 -22.57 25.52 45.52
C LYS B 2326 -22.71 24.16 44.88
N ASN B 2327 -23.88 23.54 44.99
CA ASN B 2327 -24.09 22.24 44.36
C ASN B 2327 -23.95 22.34 42.85
N PHE B 2328 -24.53 23.38 42.25
CA PHE B 2328 -24.46 23.54 40.80
C PHE B 2328 -23.02 23.70 40.33
N ILE B 2329 -22.22 24.51 41.04
CA ILE B 2329 -20.90 24.83 40.52
C ILE B 2329 -19.90 23.73 40.86
N GLN B 2330 -19.84 23.31 42.12
CA GLN B 2330 -18.83 22.36 42.55
C GLN B 2330 -19.31 20.92 42.52
N ALA B 2331 -20.56 20.67 42.11
CA ALA B 2331 -21.10 19.32 42.05
C ALA B 2331 -21.55 18.93 40.65
N ILE B 2332 -22.35 19.77 39.99
CA ILE B 2332 -22.90 19.39 38.69
C ILE B 2332 -21.87 19.61 37.58
N LEU B 2333 -21.42 20.87 37.40
CA LEU B 2333 -20.47 21.17 36.33
C LEU B 2333 -19.16 20.43 36.56
N THR B 2334 -18.71 20.35 37.80
CA THR B 2334 -17.49 19.63 38.13
C THR B 2334 -17.60 18.15 37.82
N SER B 2335 -18.74 17.54 38.12
CA SER B 2335 -18.92 16.13 37.79
C SER B 2335 -19.06 15.91 36.30
N LEU B 2336 -19.62 16.87 35.58
CA LEU B 2336 -19.65 16.74 34.13
C LEU B 2336 -18.23 16.79 33.54
N ILE B 2337 -17.43 17.75 34.00
CA ILE B 2337 -16.04 17.84 33.55
C ILE B 2337 -15.25 16.59 33.88
N GLU B 2338 -15.42 16.06 35.09
CA GLU B 2338 -14.68 14.87 35.53
C GLU B 2338 -15.18 13.55 34.95
N LYS B 2339 -16.47 13.24 35.09
CA LYS B 2339 -17.01 11.95 34.68
C LYS B 2339 -17.78 11.92 33.36
N SER B 2340 -18.40 13.01 32.92
CA SER B 2340 -19.25 12.93 31.74
C SER B 2340 -18.44 12.53 30.51
N PRO B 2341 -18.88 11.52 29.75
CA PRO B 2341 -18.13 11.06 28.57
C PRO B 2341 -18.41 11.81 27.28
N ASP B 2342 -19.47 12.61 27.20
CA ASP B 2342 -19.85 13.24 25.94
C ASP B 2342 -19.04 14.52 25.76
N ALA B 2343 -18.34 14.62 24.63
CA ALA B 2343 -17.51 15.79 24.37
C ALA B 2343 -18.34 17.04 24.10
N LYS B 2344 -19.57 16.87 23.62
CA LYS B 2344 -20.44 18.03 23.43
C LYS B 2344 -20.80 18.67 24.75
N ILE B 2345 -21.02 17.85 25.79
CA ILE B 2345 -21.29 18.39 27.12
C ILE B 2345 -20.09 19.19 27.62
N LEU B 2346 -18.88 18.65 27.42
CA LEU B 2346 -17.67 19.37 27.81
C LEU B 2346 -17.52 20.68 27.07
N ARG B 2347 -17.79 20.68 25.75
CA ARG B 2347 -17.76 21.92 24.99
C ARG B 2347 -18.76 22.93 25.52
N ALA B 2348 -19.95 22.47 25.90
CA ALA B 2348 -20.96 23.40 26.42
C ALA B 2348 -20.51 23.97 27.76
N VAL B 2349 -19.93 23.14 28.62
CA VAL B 2349 -19.45 23.60 29.91
C VAL B 2349 -18.33 24.63 29.72
N VAL B 2350 -17.40 24.35 28.79
CA VAL B 2350 -16.31 25.29 28.53
C VAL B 2350 -16.85 26.61 27.98
N LYS B 2351 -17.89 26.54 27.15
CA LYS B 2351 -18.51 27.77 26.66
C LYS B 2351 -19.16 28.56 27.78
N ILE B 2352 -19.84 27.88 28.70
CA ILE B 2352 -20.46 28.55 29.83
C ILE B 2352 -19.40 29.22 30.70
N VAL B 2353 -18.31 28.51 30.98
CA VAL B 2353 -17.24 29.07 31.82
C VAL B 2353 -16.56 30.23 31.11
N GLU B 2354 -16.37 30.14 29.80
CA GLU B 2354 -15.77 31.23 29.06
C GLU B 2354 -16.65 32.47 29.07
N GLU B 2355 -17.96 32.29 28.90
CA GLU B 2355 -18.87 33.43 28.99
C GLU B 2355 -18.86 34.04 30.39
N TRP B 2356 -18.79 33.20 31.42
CA TRP B 2356 -18.69 33.73 32.78
C TRP B 2356 -17.41 34.53 32.99
N VAL B 2357 -16.28 34.01 32.51
CA VAL B 2357 -15.01 34.67 32.75
C VAL B 2357 -14.89 35.96 31.96
N LYS B 2358 -15.36 35.96 30.71
CA LYS B 2358 -15.21 37.12 29.85
C LYS B 2358 -16.16 38.26 30.19
N ASN B 2359 -17.18 38.01 31.00
CA ASN B 2359 -18.12 39.06 31.40
C ASN B 2359 -17.46 40.03 32.36
N ASN B 2366 -22.93 40.29 40.76
CA ASN B 2366 -23.44 39.06 41.36
C ASN B 2366 -24.01 38.13 40.29
N GLN B 2367 -24.16 38.65 39.07
CA GLN B 2367 -24.64 37.85 37.96
C GLN B 2367 -23.59 36.88 37.42
N THR B 2368 -22.34 37.00 37.85
CA THR B 2368 -21.27 36.11 37.45
C THR B 2368 -20.65 35.45 38.67
N PRO B 2369 -20.08 34.25 38.53
CA PRO B 2369 -19.56 33.54 39.70
C PRO B 2369 -18.36 34.26 40.29
N THR B 2370 -18.10 33.94 41.56
CA THR B 2370 -16.94 34.51 42.24
C THR B 2370 -15.66 33.93 41.66
N LEU B 2371 -14.54 34.57 42.02
CA LEU B 2371 -13.24 34.12 41.53
C LEU B 2371 -12.92 32.71 42.00
N ARG B 2372 -13.41 32.31 43.18
CA ARG B 2372 -13.14 30.98 43.68
C ARG B 2372 -13.84 29.91 42.84
N GLU B 2373 -15.09 30.17 42.44
CA GLU B 2373 -15.81 29.20 41.62
C GLU B 2373 -15.20 29.08 40.22
N LYS B 2374 -14.84 30.22 39.63
CA LYS B 2374 -14.12 30.18 38.35
C LYS B 2374 -12.82 29.40 38.47
N SER B 2375 -12.08 29.63 39.56
CA SER B 2375 -10.83 28.91 39.76
C SER B 2375 -11.06 27.42 39.87
N ILE B 2376 -12.09 27.01 40.64
CA ILE B 2376 -12.37 25.58 40.79
C ILE B 2376 -12.69 24.96 39.45
N LEU B 2377 -13.56 25.62 38.66
CA LEU B 2377 -13.94 25.08 37.37
C LEU B 2377 -12.74 25.01 36.43
N LEU B 2378 -11.92 26.05 36.40
CA LEU B 2378 -10.77 26.06 35.51
C LEU B 2378 -9.75 25.00 35.90
N VAL B 2379 -9.56 24.78 37.20
CA VAL B 2379 -8.62 23.75 37.65
C VAL B 2379 -9.13 22.37 37.28
N LYS B 2380 -10.43 22.12 37.46
CA LYS B 2380 -10.98 20.83 37.06
C LYS B 2380 -10.84 20.61 35.56
N MET B 2381 -11.11 21.65 34.77
CA MET B 2381 -10.96 21.53 33.32
C MET B 2381 -9.51 21.27 32.95
N MET B 2382 -8.58 21.99 33.57
CA MET B 2382 -7.16 21.80 33.28
C MET B 2382 -6.70 20.39 33.60
N THR B 2383 -7.25 19.81 34.66
CA THR B 2383 -6.86 18.45 35.04
C THR B 2383 -7.47 17.40 34.12
N TYR B 2384 -8.79 17.42 33.93
CA TYR B 2384 -9.50 16.38 33.18
C TYR B 2384 -9.64 16.55 31.66
N ILE B 2385 -9.74 17.75 31.09
CA ILE B 2385 -9.98 17.85 29.66
C ILE B 2385 -8.85 17.23 28.84
N GLU B 2386 -7.60 17.54 29.18
CA GLU B 2386 -6.47 16.97 28.43
C GLU B 2386 -6.33 15.46 28.65
N LYS B 2387 -6.51 15.01 29.89
CA LYS B 2387 -6.34 13.59 30.20
C LYS B 2387 -7.44 12.71 29.60
N ARG B 2388 -8.70 13.12 29.76
CA ARG B 2388 -9.82 12.33 29.27
C ARG B 2388 -10.10 12.49 27.78
N PHE B 2389 -9.78 13.63 27.18
CA PHE B 2389 -10.02 13.84 25.75
C PHE B 2389 -8.77 14.37 25.05
N PRO B 2390 -7.72 13.56 24.96
CA PRO B 2390 -6.53 13.99 24.22
C PRO B 2390 -6.79 14.22 22.74
N GLU B 2391 -7.69 13.44 22.14
CA GLU B 2391 -7.91 13.49 20.70
C GLU B 2391 -8.77 14.66 20.26
N ASP B 2392 -9.57 15.24 21.15
CA ASP B 2392 -10.49 16.31 20.80
C ASP B 2392 -9.71 17.61 20.68
N LEU B 2393 -9.29 17.92 19.45
CA LEU B 2393 -8.50 19.13 19.23
C LEU B 2393 -9.33 20.40 19.40
N GLU B 2394 -10.61 20.37 19.05
CA GLU B 2394 -11.43 21.57 19.17
C GLU B 2394 -11.70 21.92 20.63
N LEU B 2395 -11.99 20.91 21.46
CA LEU B 2395 -12.24 21.15 22.87
C LEU B 2395 -11.00 21.69 23.56
N ASN B 2396 -9.84 21.07 23.29
CA ASN B 2396 -8.60 21.53 23.87
C ASN B 2396 -8.24 22.92 23.38
N ALA B 2397 -8.52 23.22 22.11
CA ALA B 2397 -8.28 24.57 21.60
C ALA B 2397 -9.14 25.59 22.30
N GLN B 2398 -10.42 25.26 22.53
CA GLN B 2398 -11.32 26.18 23.24
C GLN B 2398 -10.85 26.43 24.67
N PHE B 2399 -10.43 25.36 25.36
CA PHE B 2399 -9.97 25.53 26.73
C PHE B 2399 -8.67 26.33 26.78
N LEU B 2400 -7.75 26.07 25.85
CA LEU B 2400 -6.50 26.81 25.84
C LEU B 2400 -6.72 28.27 25.45
N ASP B 2401 -7.71 28.55 24.60
CA ASP B 2401 -8.07 29.93 24.30
C ASP B 2401 -8.59 30.63 25.55
N LEU B 2402 -9.37 29.91 26.36
CA LEU B 2402 -9.85 30.50 27.61
C LEU B 2402 -8.69 30.78 28.57
N VAL B 2403 -7.77 29.83 28.72
CA VAL B 2403 -6.60 30.04 29.55
C VAL B 2403 -5.77 31.22 29.05
N ASN B 2404 -5.63 31.34 27.73
CA ASN B 2404 -4.91 32.46 27.15
C ASN B 2404 -5.57 33.79 27.48
N TYR B 2405 -6.90 33.85 27.37
CA TYR B 2405 -7.59 35.06 27.77
C TYR B 2405 -7.35 35.38 29.24
N VAL B 2406 -7.41 34.37 30.10
CA VAL B 2406 -7.19 34.58 31.53
C VAL B 2406 -5.83 35.19 31.78
N TYR B 2407 -4.79 34.64 31.15
CA TYR B 2407 -3.44 35.17 31.35
C TYR B 2407 -3.23 36.53 30.71
N ARG B 2408 -3.94 36.82 29.61
CA ARG B 2408 -3.85 38.16 29.03
C ARG B 2408 -4.63 39.19 29.84
N ASP B 2409 -5.64 38.77 30.60
CA ASP B 2409 -6.48 39.72 31.31
C ASP B 2409 -5.70 40.42 32.42
N GLU B 2410 -5.86 41.74 32.50
CA GLU B 2410 -5.14 42.52 33.51
C GLU B 2410 -5.75 42.39 34.90
N THR B 2411 -7.06 42.21 34.99
CA THR B 2411 -7.69 42.08 36.31
C THR B 2411 -7.20 40.83 37.04
N LEU B 2412 -7.07 39.71 36.31
CA LEU B 2412 -6.70 38.45 36.91
C LEU B 2412 -5.19 38.23 36.96
N SER B 2413 -4.41 39.16 36.40
CA SER B 2413 -2.96 39.02 36.42
C SER B 2413 -2.44 39.07 37.84
N GLY B 2414 -1.58 38.11 38.19
CA GLY B 2414 -1.02 38.01 39.52
C GLY B 2414 -1.93 37.36 40.54
N SER B 2415 -3.16 37.03 40.17
CA SER B 2415 -4.07 36.35 41.07
C SER B 2415 -3.57 34.95 41.39
N GLU B 2416 -4.16 34.36 42.44
CA GLU B 2416 -3.96 32.94 42.70
C GLU B 2416 -4.34 32.09 41.50
N LEU B 2417 -5.29 32.56 40.68
CA LEU B 2417 -5.74 31.79 39.53
C LEU B 2417 -4.61 31.57 38.52
N THR B 2418 -3.86 32.63 38.20
CA THR B 2418 -2.71 32.47 37.30
C THR B 2418 -1.65 31.57 37.89
N ALA B 2419 -1.50 31.54 39.22
CA ALA B 2419 -0.59 30.57 39.83
C ALA B 2419 -1.11 29.15 39.70
N LYS B 2420 -2.42 28.96 39.79
CA LYS B 2420 -3.01 27.62 39.74
C LYS B 2420 -3.08 27.06 38.33
N LEU B 2421 -3.11 27.93 37.32
CA LEU B 2421 -3.27 27.53 35.93
C LEU B 2421 -1.94 27.35 35.21
N GLU B 2422 -0.83 27.39 35.93
CA GLU B 2422 0.49 27.24 35.29
C GLU B 2422 0.61 25.96 34.46
N PRO B 2423 0.14 24.79 34.91
CA PRO B 2423 0.17 23.62 34.01
C PRO B 2423 -0.59 23.85 32.71
N ALA B 2424 -1.72 24.56 32.75
CA ALA B 2424 -2.44 24.85 31.50
C ALA B 2424 -1.63 25.76 30.59
N PHE B 2425 -0.97 26.77 31.15
CA PHE B 2425 -0.12 27.64 30.34
C PHE B 2425 1.03 26.87 29.72
N LEU B 2426 1.66 25.98 30.49
CA LEU B 2426 2.76 25.19 29.94
C LEU B 2426 2.27 24.19 28.92
N SER B 2427 1.04 23.71 29.06
CA SER B 2427 0.42 22.90 28.01
C SER B 2427 0.22 23.73 26.75
N GLY B 2428 -0.13 25.01 26.91
CA GLY B 2428 -0.26 25.88 25.76
C GLY B 2428 1.06 26.13 25.06
N LEU B 2429 2.15 26.23 25.82
CA LEU B 2429 3.47 26.43 25.20
C LEU B 2429 3.90 25.21 24.41
N ARG B 2430 3.56 24.02 24.88
CA ARG B 2430 3.95 22.78 24.22
C ARG B 2430 2.84 22.20 23.34
N CYS B 2431 1.81 23.00 23.03
CA CYS B 2431 0.69 22.50 22.26
C CYS B 2431 1.14 22.10 20.87
N ALA B 2432 0.54 21.03 20.35
CA ALA B 2432 0.82 20.59 18.98
C ALA B 2432 0.14 21.45 17.93
N GLN B 2433 -0.81 22.28 18.32
CA GLN B 2433 -1.48 23.19 17.40
C GLN B 2433 -0.73 24.51 17.35
N PRO B 2434 -0.13 24.88 16.21
CA PRO B 2434 0.77 26.05 16.19
C PRO B 2434 0.13 27.37 16.56
N LEU B 2435 -1.15 27.59 16.26
CA LEU B 2435 -1.78 28.87 16.59
C LEU B 2435 -1.86 29.08 18.09
N ILE B 2436 -2.27 28.05 18.83
CA ILE B 2436 -2.32 28.11 20.28
C ILE B 2436 -0.92 28.35 20.83
N ARG B 2437 0.04 27.54 20.37
CA ARG B 2437 1.41 27.67 20.83
C ARG B 2437 1.94 29.08 20.60
N ALA B 2438 1.63 29.68 19.45
CA ALA B 2438 2.08 31.03 19.15
C ALA B 2438 1.47 32.05 20.08
N LYS B 2439 0.16 31.95 20.35
CA LYS B 2439 -0.47 32.89 21.28
C LYS B 2439 0.09 32.76 22.69
N PHE B 2440 0.29 31.53 23.15
CA PHE B 2440 0.85 31.32 24.47
C PHE B 2440 2.29 31.82 24.54
N PHE B 2441 3.08 31.61 23.50
CA PHE B 2441 4.44 32.13 23.52
C PHE B 2441 4.43 33.65 23.51
N GLU B 2442 3.49 34.26 22.78
CA GLU B 2442 3.40 35.71 22.75
C GLU B 2442 3.16 36.24 24.14
N VAL B 2443 2.29 35.57 24.90
CA VAL B 2443 2.07 35.99 26.29
C VAL B 2443 3.33 35.74 27.10
N PHE B 2444 3.97 34.59 26.90
CA PHE B 2444 5.20 34.23 27.61
C PHE B 2444 6.36 35.15 27.27
N ASP B 2445 6.51 35.50 25.98
CA ASP B 2445 7.59 36.38 25.56
C ASP B 2445 7.51 37.76 26.19
N ASN B 2446 6.31 38.32 26.30
CA ASN B 2446 6.13 39.65 26.88
C ASN B 2446 6.19 39.65 28.39
N SER B 2447 6.21 38.48 29.03
CA SER B 2447 6.24 38.43 30.48
C SER B 2447 7.61 38.77 31.06
N MET B 2448 8.64 38.88 30.23
CA MET B 2448 9.99 39.16 30.69
C MET B 2448 10.67 40.04 29.67
N LYS B 2449 11.72 40.72 30.12
CA LYS B 2449 12.40 41.68 29.26
C LYS B 2449 13.21 41.00 28.16
N ARG B 2450 13.35 41.69 27.04
CA ARG B 2450 14.04 41.22 25.84
C ARG B 2450 15.56 41.29 26.03
N ARG B 2451 16.06 40.51 26.98
CA ARG B 2451 17.48 40.50 27.27
C ARG B 2451 17.91 39.07 27.51
N VAL B 2452 19.07 38.72 26.96
CA VAL B 2452 19.60 37.35 27.04
C VAL B 2452 19.82 36.93 28.48
N TYR B 2453 20.46 37.80 29.27
CA TYR B 2453 20.80 37.41 30.63
C TYR B 2453 19.56 37.19 31.47
N GLU B 2454 18.56 38.06 31.34
CA GLU B 2454 17.34 37.91 32.12
C GLU B 2454 16.58 36.65 31.73
N ARG B 2455 16.54 36.33 30.45
CA ARG B 2455 15.84 35.13 30.00
C ARG B 2455 16.58 33.84 30.40
N LEU B 2456 17.92 33.85 30.37
CA LEU B 2456 18.64 32.72 30.91
C LEU B 2456 18.41 32.57 32.40
N LEU B 2457 18.33 33.69 33.12
CA LEU B 2457 18.01 33.63 34.54
C LEU B 2457 16.59 33.12 34.74
N TYR B 2458 15.68 33.46 33.83
CA TYR B 2458 14.30 32.97 33.94
C TYR B 2458 14.25 31.46 33.80
N VAL B 2459 14.87 30.94 32.75
CA VAL B 2459 14.83 29.49 32.52
C VAL B 2459 15.60 28.73 33.60
N THR B 2460 16.61 29.35 34.22
CA THR B 2460 17.35 28.66 35.27
C THR B 2460 16.76 28.83 36.68
N CYS B 2461 16.04 29.90 36.96
CA CYS B 2461 15.53 30.12 38.32
C CYS B 2461 14.03 30.32 38.46
N SER B 2462 13.38 31.01 37.53
CA SER B 2462 11.97 31.35 37.72
C SER B 2462 10.98 30.34 37.17
N GLN B 2463 11.31 29.58 36.14
CA GLN B 2463 10.35 28.65 35.55
C GLN B 2463 10.50 27.25 36.12
N ASN B 2464 9.47 26.79 36.83
CA ASN B 2464 9.39 25.41 37.29
C ASN B 2464 8.96 24.57 36.09
N TRP B 2465 9.85 23.72 35.60
CA TRP B 2465 9.59 22.91 34.41
C TRP B 2465 8.87 21.61 34.70
N GLU B 2466 8.48 21.35 35.95
CA GLU B 2466 7.87 20.07 36.28
C GLU B 2466 6.53 19.89 35.58
N ALA B 2467 5.76 20.97 35.43
CA ALA B 2467 4.44 20.88 34.82
C ALA B 2467 4.49 20.60 33.32
N MET B 2468 5.66 20.71 32.68
CA MET B 2468 5.78 20.32 31.29
C MET B 2468 5.67 18.81 31.12
N GLY B 2469 6.03 18.06 32.15
CA GLY B 2469 5.90 16.61 32.09
C GLY B 2469 7.07 16.00 31.37
N ASN B 2470 6.78 15.17 30.37
CA ASN B 2470 7.80 14.53 29.56
C ASN B 2470 8.21 15.36 28.35
N HIS B 2471 7.69 16.58 28.24
CA HIS B 2471 8.02 17.44 27.13
C HIS B 2471 9.47 17.89 27.18
N PHE B 2472 10.11 17.96 26.02
CA PHE B 2472 11.48 18.42 25.88
C PHE B 2472 11.45 19.95 25.88
N TRP B 2473 11.37 20.52 27.09
CA TRP B 2473 11.15 21.95 27.25
C TRP B 2473 12.34 22.80 26.81
N ILE B 2474 13.42 22.18 26.34
CA ILE B 2474 14.51 22.94 25.74
C ILE B 2474 14.01 23.68 24.50
N LYS B 2475 12.99 23.14 23.84
CA LYS B 2475 12.37 23.81 22.70
C LYS B 2475 11.88 25.20 23.10
N GLN B 2476 11.25 25.32 24.27
CA GLN B 2476 10.79 26.62 24.73
C GLN B 2476 11.94 27.54 25.09
N CYS B 2477 13.06 26.99 25.59
CA CYS B 2477 14.23 27.83 25.84
C CYS B 2477 14.79 28.40 24.55
N ILE B 2478 14.90 27.56 23.52
CA ILE B 2478 15.35 28.02 22.21
C ILE B 2478 14.43 29.11 21.69
N GLU B 2479 13.12 28.88 21.75
CA GLU B 2479 12.16 29.86 21.28
C GLU B 2479 12.26 31.17 22.05
N LEU B 2480 12.40 31.08 23.37
CA LEU B 2480 12.47 32.27 24.23
C LEU B 2480 13.72 33.10 23.97
N LEU B 2481 14.88 32.46 23.79
CA LEU B 2481 16.11 33.21 23.60
C LEU B 2481 16.26 33.77 22.18
N LEU B 2482 15.86 33.01 21.16
CA LEU B 2482 15.96 33.53 19.80
C LEU B 2482 15.08 34.76 19.59
N ALA B 2483 14.00 34.90 20.37
CA ALA B 2483 13.14 36.06 20.28
C ALA B 2483 13.87 37.36 20.57
N VAL B 2484 14.96 37.31 21.33
CA VAL B 2484 15.77 38.49 21.62
C VAL B 2484 16.55 38.96 20.41
N CYS B 2485 16.90 38.06 19.49
CA CYS B 2485 17.65 38.44 18.31
C CYS B 2485 16.92 39.53 17.53
N GLU B 2486 17.70 40.40 16.89
CA GLU B 2486 17.13 41.41 16.01
C GLU B 2486 16.50 40.75 14.79
N LYS B 2487 15.29 41.16 14.47
CA LYS B 2487 14.52 40.53 13.40
C LYS B 2487 14.59 41.29 12.09
N SER B 2488 14.74 42.61 12.13
CA SER B 2488 14.69 43.44 10.93
C SER B 2488 16.02 43.51 10.20
N THR B 2489 17.08 42.92 10.74
CA THR B 2489 18.36 42.97 10.07
C THR B 2489 18.35 42.07 8.84
N PRO B 2490 18.92 42.53 7.71
CA PRO B 2490 19.02 41.66 6.53
C PRO B 2490 19.80 40.39 6.83
N ILE B 2491 19.32 39.28 6.27
CA ILE B 2491 19.96 38.00 6.54
C ILE B 2491 21.37 38.00 5.96
N GLY B 2492 22.28 37.32 6.66
CA GLY B 2492 23.68 37.36 6.31
C GLY B 2492 24.44 36.34 7.12
N THR B 2493 25.74 36.27 6.85
CA THR B 2493 26.59 35.25 7.43
C THR B 2493 27.99 35.83 7.64
N SER B 2494 28.72 35.22 8.57
CA SER B 2494 30.16 35.43 8.66
C SER B 2494 30.94 34.52 7.73
N CYS B 2495 30.28 33.54 7.11
CA CYS B 2495 30.97 32.53 6.29
C CYS B 2495 31.09 33.05 4.87
N GLN B 2496 31.94 34.07 4.70
CA GLN B 2496 32.12 34.68 3.39
C GLN B 2496 32.81 33.72 2.42
N GLY B 2497 33.62 32.79 2.92
CA GLY B 2497 34.28 31.84 2.06
C GLY B 2497 33.36 30.77 1.51
N ALA B 2498 32.20 30.57 2.13
CA ALA B 2498 31.22 29.60 1.67
C ALA B 2498 30.12 30.22 0.82
N MET B 2499 30.04 31.54 0.75
CA MET B 2499 28.98 32.20 0.00
C MET B 2499 29.19 32.05 -1.50
N LEU B 2500 28.10 31.89 -2.22
CA LEU B 2500 28.14 31.96 -3.67
C LEU B 2500 28.46 33.39 -4.09
N PRO B 2501 29.49 33.62 -4.90
CA PRO B 2501 29.84 34.99 -5.27
C PRO B 2501 28.84 35.59 -6.25
N SER B 2502 28.92 36.92 -6.37
CA SER B 2502 28.09 37.64 -7.31
C SER B 2502 28.45 37.28 -8.74
N ILE B 2503 27.50 37.56 -9.65
CA ILE B 2503 27.79 37.43 -11.07
C ILE B 2503 28.93 38.36 -11.47
N THR B 2504 28.90 39.59 -10.96
CA THR B 2504 29.89 40.60 -11.31
C THR B 2504 31.16 40.52 -10.46
N ASN B 2505 31.27 39.52 -9.59
CA ASN B 2505 32.47 39.37 -8.77
C ASN B 2505 33.71 39.07 -9.59
N VAL B 2506 33.54 38.52 -10.79
CA VAL B 2506 34.69 38.30 -11.67
C VAL B 2506 35.40 39.61 -11.98
N ILE B 2507 34.66 40.72 -12.00
CA ILE B 2507 35.27 42.02 -12.24
C ILE B 2507 36.21 42.39 -11.10
N ASN B 2508 35.77 42.16 -9.85
CA ASN B 2508 36.60 42.51 -8.70
C ASN B 2508 37.86 41.66 -8.64
N LEU B 2509 37.80 40.41 -9.10
CA LEU B 2509 38.97 39.55 -9.07
C LEU B 2509 39.98 39.92 -10.15
N ALA B 2510 39.55 40.58 -11.22
CA ALA B 2510 40.45 40.89 -12.32
C ALA B 2510 41.41 42.01 -11.93
N ASP B 2511 42.54 42.06 -12.65
CA ASP B 2511 43.54 43.07 -12.41
C ASP B 2511 43.05 44.43 -12.88
N SER B 2512 43.79 45.48 -12.50
CA SER B 2512 43.35 46.85 -12.78
C SER B 2512 43.31 47.15 -14.27
N HIS B 2513 44.21 46.55 -15.05
CA HIS B 2513 44.27 46.86 -16.48
C HIS B 2513 43.00 46.40 -17.19
N ASP B 2514 42.57 45.16 -16.93
CA ASP B 2514 41.38 44.64 -17.59
C ASP B 2514 40.13 45.38 -17.14
N ARG B 2515 40.07 45.76 -15.85
CA ARG B 2515 38.93 46.54 -15.37
C ARG B 2515 38.89 47.93 -16.01
N ALA B 2516 40.06 48.56 -16.17
CA ALA B 2516 40.12 49.86 -16.82
C ALA B 2516 39.70 49.77 -18.28
N ALA B 2517 40.15 48.72 -18.98
CA ALA B 2517 39.70 48.51 -20.36
C ALA B 2517 38.20 48.26 -20.41
N PHE B 2518 37.67 47.51 -19.44
CA PHE B 2518 36.23 47.25 -19.38
C PHE B 2518 35.44 48.51 -19.05
N ALA B 2519 36.06 49.46 -18.36
CA ALA B 2519 35.38 50.69 -17.96
C ALA B 2519 35.01 51.53 -19.17
N GLY B 2567 21.35 42.85 -25.80
CA GLY B 2567 20.18 42.96 -26.64
C GLY B 2567 18.88 42.91 -25.87
N ASN B 2568 17.76 42.90 -26.60
CA ASN B 2568 16.45 42.98 -25.96
C ASN B 2568 16.22 41.81 -25.01
N GLN B 2569 16.53 40.59 -25.46
CA GLN B 2569 16.35 39.43 -24.60
C GLN B 2569 17.28 39.48 -23.39
N LEU B 2570 18.53 39.88 -23.59
CA LEU B 2570 19.47 39.95 -22.47
C LEU B 2570 19.07 41.06 -21.49
N HIS B 2571 18.60 42.19 -22.02
CA HIS B 2571 18.15 43.27 -21.15
C HIS B 2571 16.92 42.88 -20.35
N MET B 2572 15.96 42.21 -20.98
CA MET B 2572 14.81 41.70 -20.26
C MET B 2572 15.22 40.71 -19.18
N LEU B 2573 16.15 39.81 -19.51
CA LEU B 2573 16.63 38.84 -18.54
C LEU B 2573 17.25 39.54 -17.33
N THR B 2574 18.11 40.52 -17.58
CA THR B 2574 18.77 41.22 -16.48
C THR B 2574 17.79 42.06 -15.67
N ASN B 2575 16.74 42.60 -16.30
CA ASN B 2575 15.71 43.31 -15.54
C ASN B 2575 14.93 42.37 -14.63
N ARG B 2576 14.50 41.22 -15.16
CA ARG B 2576 13.78 40.28 -14.32
C ARG B 2576 14.66 39.76 -13.18
N HIS B 2577 15.95 39.57 -13.46
CA HIS B 2577 16.85 39.14 -12.41
C HIS B 2577 17.08 40.24 -11.38
N ASP B 2578 17.10 41.50 -11.79
CA ASP B 2578 17.23 42.58 -10.82
C ASP B 2578 16.00 42.63 -9.93
N LYS B 2579 14.82 42.44 -10.50
CA LYS B 2579 13.60 42.39 -9.68
C LYS B 2579 13.66 41.23 -8.69
N PHE B 2580 14.19 40.09 -9.13
CA PHE B 2580 14.36 38.94 -8.23
C PHE B 2580 15.34 39.23 -7.11
N LEU B 2581 16.53 39.74 -7.45
CA LEU B 2581 17.51 40.06 -6.42
C LEU B 2581 16.99 41.11 -5.45
N ASP B 2582 16.20 42.06 -5.95
CA ASP B 2582 15.57 43.03 -5.05
C ASP B 2582 14.60 42.33 -4.10
N THR B 2583 13.87 41.34 -4.60
CA THR B 2583 12.96 40.58 -3.75
C THR B 2583 13.73 39.82 -2.67
N LEU B 2584 14.94 39.34 -3.00
CA LEU B 2584 15.75 38.64 -2.00
C LEU B 2584 16.38 39.58 -0.98
N ARG B 2585 16.79 40.78 -1.41
CA ARG B 2585 17.36 41.76 -0.48
C ARG B 2585 16.39 42.13 0.64
N GLU B 2586 15.09 42.05 0.37
CA GLU B 2586 14.07 42.30 1.39
C GLU B 2586 13.98 41.20 2.44
N VAL B 2587 14.54 40.02 2.18
CA VAL B 2587 14.51 38.93 3.15
C VAL B 2587 15.27 39.33 4.42
N LYS B 2588 14.61 39.14 5.56
CA LYS B 2588 15.10 39.50 6.89
C LYS B 2588 15.40 38.26 7.72
N THR B 2589 16.27 38.46 8.72
CA THR B 2589 16.66 37.38 9.64
C THR B 2589 15.48 36.84 10.42
N GLY B 2590 14.46 37.66 10.70
CA GLY B 2590 13.36 37.23 11.53
C GLY B 2590 12.60 36.05 10.95
N ALA B 2591 12.45 36.01 9.62
CA ALA B 2591 11.73 34.90 8.99
C ALA B 2591 12.46 33.58 9.23
N LEU B 2592 13.77 33.58 9.01
CA LEU B 2592 14.57 32.39 9.29
C LEU B 2592 14.48 32.00 10.75
N LEU B 2593 14.53 33.00 11.65
CA LEU B 2593 14.48 32.69 13.08
C LEU B 2593 13.15 32.03 13.46
N SER B 2594 12.04 32.54 12.94
CA SER B 2594 10.74 31.99 13.28
C SER B 2594 10.59 30.58 12.72
N ALA B 2595 10.94 30.38 11.45
CA ALA B 2595 10.83 29.05 10.86
C ALA B 2595 11.77 28.06 11.54
N PHE B 2596 12.96 28.52 11.92
CA PHE B 2596 13.90 27.73 12.68
C PHE B 2596 13.31 27.27 13.99
N VAL B 2597 12.65 28.19 14.71
CA VAL B 2597 12.01 27.84 15.98
C VAL B 2597 10.93 26.79 15.76
N GLN B 2598 10.15 26.93 14.68
CA GLN B 2598 9.11 25.95 14.41
C GLN B 2598 9.69 24.57 14.14
N LEU B 2599 10.76 24.51 13.33
CA LEU B 2599 11.42 23.23 13.09
C LEU B 2599 12.02 22.65 14.36
N CYS B 2600 12.51 23.50 15.26
CA CYS B 2600 12.97 22.99 16.56
C CYS B 2600 11.80 22.43 17.38
N HIS B 2601 10.61 23.02 17.26
CA HIS B 2601 9.44 22.44 17.89
C HIS B 2601 9.11 21.06 17.33
N ILE B 2602 9.16 20.92 16.01
CA ILE B 2602 8.80 19.62 15.43
C ILE B 2602 9.87 18.56 15.67
N SER B 2603 11.14 18.95 15.77
CA SER B 2603 12.24 17.99 15.83
C SER B 2603 12.98 18.12 17.15
N THR B 2604 13.04 17.04 17.90
CA THR B 2604 13.77 17.03 19.18
C THR B 2604 15.27 16.93 18.97
N THR B 2605 15.71 16.17 17.97
CA THR B 2605 17.13 16.10 17.66
C THR B 2605 17.67 17.46 17.26
N LEU B 2606 16.94 18.18 16.41
CA LEU B 2606 17.36 19.52 16.02
C LEU B 2606 17.40 20.45 17.23
N ALA B 2607 16.40 20.35 18.12
CA ALA B 2607 16.38 21.19 19.31
C ALA B 2607 17.57 20.91 20.20
N GLU B 2608 17.90 19.65 20.41
CA GLU B 2608 19.03 19.29 21.26
C GLU B 2608 20.35 19.79 20.66
N LYS B 2609 20.54 19.57 19.36
CA LYS B 2609 21.74 20.05 18.69
C LYS B 2609 21.84 21.56 18.76
N THR B 2610 20.73 22.26 18.54
CA THR B 2610 20.76 23.72 18.53
C THR B 2610 21.05 24.27 19.92
N TRP B 2611 20.48 23.67 20.96
CA TRP B 2611 20.77 24.14 22.30
C TRP B 2611 22.23 23.89 22.69
N VAL B 2612 22.76 22.73 22.32
CA VAL B 2612 24.16 22.45 22.62
C VAL B 2612 25.08 23.39 21.86
N GLN B 2613 24.71 23.77 20.64
CA GLN B 2613 25.50 24.73 19.89
C GLN B 2613 25.33 26.16 20.39
N LEU B 2614 24.15 26.50 20.90
CA LEU B 2614 23.76 27.88 21.15
C LEU B 2614 24.09 28.35 22.56
N PHE B 2615 23.89 27.52 23.58
CA PHE B 2615 24.15 27.96 24.94
C PHE B 2615 25.59 28.40 25.16
N PRO B 2616 26.62 27.68 24.69
CA PRO B 2616 27.99 28.21 24.85
C PRO B 2616 28.18 29.56 24.18
N ARG B 2617 27.56 29.77 23.02
CA ARG B 2617 27.68 31.05 22.32
C ARG B 2617 27.02 32.19 23.09
N LEU B 2618 25.82 31.96 23.60
CA LEU B 2618 25.19 32.94 24.49
C LEU B 2618 26.05 33.20 25.72
N TRP B 2619 26.62 32.14 26.28
CA TRP B 2619 27.48 32.27 27.45
C TRP B 2619 28.69 33.15 27.16
N LYS B 2620 29.26 33.00 25.96
CA LYS B 2620 30.44 33.80 25.59
C LYS B 2620 30.13 35.29 25.53
N ILE B 2621 28.93 35.67 25.06
CA ILE B 2621 28.60 37.09 24.96
C ILE B 2621 28.08 37.68 26.26
N LEU B 2622 28.04 36.90 27.34
CA LEU B 2622 27.73 37.47 28.64
C LEU B 2622 28.96 38.15 29.23
N SER B 2623 28.73 38.99 30.21
CA SER B 2623 29.82 39.62 30.96
C SER B 2623 30.27 38.70 32.08
N ASP B 2624 31.43 39.03 32.66
CA ASP B 2624 31.99 38.20 33.72
C ASP B 2624 31.08 38.15 34.94
N ARG B 2625 30.52 39.30 35.33
CA ARG B 2625 29.59 39.33 36.44
C ARG B 2625 28.34 38.51 36.14
N GLN B 2626 27.79 38.70 34.93
CA GLN B 2626 26.63 37.90 34.53
C GLN B 2626 26.97 36.42 34.48
N GLN B 2627 28.16 36.07 33.99
CA GLN B 2627 28.55 34.67 33.94
C GLN B 2627 28.66 34.06 35.33
N HIS B 2628 29.28 34.78 36.27
CA HIS B 2628 29.40 34.28 37.63
C HIS B 2628 28.03 34.10 38.28
N ALA B 2629 27.14 35.09 38.10
CA ALA B 2629 25.80 34.97 38.67
C ALA B 2629 25.04 33.80 38.06
N LEU B 2630 25.12 33.65 36.73
CA LEU B 2630 24.38 32.60 36.06
C LEU B 2630 24.91 31.22 36.44
N ALA B 2631 26.23 31.08 36.62
CA ALA B 2631 26.77 29.81 37.08
C ALA B 2631 26.32 29.49 38.50
N GLY B 2632 26.37 30.48 39.39
CA GLY B 2632 25.92 30.27 40.75
C GLY B 2632 24.45 29.91 40.84
N GLU B 2633 23.66 30.38 39.88
CA GLU B 2633 22.25 30.00 39.83
C GLU B 2633 22.03 28.67 39.12
N ILE B 2634 22.90 28.31 38.18
CA ILE B 2634 22.78 27.06 37.44
C ILE B 2634 23.06 25.89 38.36
N SER B 2635 24.01 26.04 39.28
CA SER B 2635 24.36 24.94 40.18
C SER B 2635 23.16 24.36 40.92
N PRO B 2636 22.29 25.14 41.58
CA PRO B 2636 21.09 24.54 42.18
C PRO B 2636 20.04 24.11 41.17
N PHE B 2637 19.99 24.75 40.01
CA PHE B 2637 19.03 24.36 38.97
C PHE B 2637 19.18 22.89 38.58
N LEU B 2638 20.41 22.44 38.34
CA LEU B 2638 20.61 21.03 38.01
C LEU B 2638 20.19 20.12 39.16
N CYS B 2639 20.32 20.61 40.40
CA CYS B 2639 19.91 19.85 41.57
C CYS B 2639 18.40 19.83 41.78
N SER B 2640 17.66 20.71 41.11
CA SER B 2640 16.22 20.82 41.32
C SER B 2640 15.48 19.50 41.10
N GLY B 2641 14.48 19.27 41.96
CA GLY B 2641 13.63 18.08 41.90
C GLY B 2641 12.70 18.02 40.72
N SER B 2642 12.37 19.18 40.13
CA SER B 2642 11.46 19.23 38.99
C SER B 2642 11.96 18.38 37.83
N HIS B 2643 13.27 18.25 37.65
CA HIS B 2643 13.84 17.43 36.59
C HIS B 2643 13.61 15.94 36.79
N GLN B 2644 13.19 15.50 37.98
CA GLN B 2644 12.98 14.07 38.21
C GLN B 2644 11.97 13.46 37.25
N VAL B 2645 11.08 14.26 36.67
CA VAL B 2645 10.08 13.71 35.76
C VAL B 2645 10.73 13.39 34.41
N GLN B 2646 11.79 14.11 34.05
CA GLN B 2646 12.57 13.85 32.85
C GLN B 2646 13.29 12.51 32.88
N ARG B 2647 13.38 11.87 34.04
CA ARG B 2647 14.32 10.77 34.27
C ARG B 2647 14.32 9.76 33.13
N ASP B 2648 13.13 9.35 32.69
CA ASP B 2648 13.00 8.35 31.64
C ASP B 2648 12.79 8.95 30.26
N CYS B 2649 12.94 10.26 30.11
CA CYS B 2649 12.88 10.86 28.79
C CYS B 2649 14.16 10.57 28.00
N GLN B 2650 14.01 10.51 26.68
CA GLN B 2650 15.09 10.12 25.78
C GLN B 2650 15.08 11.04 24.58
N PRO B 2651 15.89 12.11 24.59
CA PRO B 2651 16.77 12.59 25.67
C PRO B 2651 16.03 13.29 26.80
N SER B 2652 16.63 13.36 27.98
CA SER B 2652 16.20 14.31 28.99
C SER B 2652 16.57 15.73 28.56
N ALA B 2653 15.68 16.68 28.83
CA ALA B 2653 16.01 18.08 28.64
C ALA B 2653 17.21 18.48 29.50
N LEU B 2654 17.31 17.92 30.69
CA LEU B 2654 18.44 18.21 31.56
C LEU B 2654 19.73 17.60 31.01
N ASN B 2655 19.63 16.45 30.34
CA ASN B 2655 20.78 15.89 29.64
C ASN B 2655 21.33 16.88 28.63
N CYS B 2656 20.45 17.43 27.79
CA CYS B 2656 20.88 18.42 26.80
C CYS B 2656 21.42 19.68 27.46
N PHE B 2657 20.81 20.11 28.56
CA PHE B 2657 21.29 21.30 29.26
C PHE B 2657 22.69 21.08 29.81
N VAL B 2658 22.95 19.92 30.40
CA VAL B 2658 24.27 19.62 30.94
C VAL B 2658 25.29 19.48 29.82
N GLU B 2659 24.89 18.88 28.69
CA GLU B 2659 25.79 18.79 27.55
C GLU B 2659 26.17 20.17 27.02
N ALA B 2660 25.21 21.09 27.00
CA ALA B 2660 25.51 22.45 26.58
C ALA B 2660 26.47 23.14 27.53
N MET B 2661 26.28 22.93 28.84
CA MET B 2661 27.14 23.58 29.83
C MET B 2661 28.58 23.13 29.71
N SER B 2662 28.81 21.84 29.42
CA SER B 2662 30.17 21.31 29.38
C SER B 2662 31.01 22.00 28.33
N GLN B 2663 30.39 22.52 27.27
CA GLN B 2663 31.12 23.20 26.21
C GLN B 2663 31.50 24.63 26.56
N CYS B 2664 30.89 25.20 27.60
CA CYS B 2664 31.07 26.61 27.91
C CYS B 2664 32.51 26.93 28.28
N VAL B 2665 33.01 28.05 27.74
CA VAL B 2665 34.30 28.60 28.12
C VAL B 2665 34.08 30.06 28.53
N PRO B 2666 34.41 30.45 29.77
CA PRO B 2666 35.03 29.68 30.85
C PRO B 2666 34.09 28.62 31.43
N PRO B 2667 34.65 27.56 32.00
CA PRO B 2667 33.81 26.44 32.45
C PRO B 2667 32.89 26.84 33.60
N ILE B 2668 31.78 26.11 33.71
CA ILE B 2668 30.82 26.27 34.79
C ILE B 2668 31.08 25.17 35.81
N PRO B 2669 31.50 25.49 37.03
CA PRO B 2669 31.84 24.43 38.00
C PRO B 2669 30.60 23.72 38.50
N ILE B 2670 30.69 22.39 38.57
CA ILE B 2670 29.61 21.54 39.05
C ILE B 2670 30.19 20.59 40.09
N ARG B 2671 29.49 20.43 41.19
CA ARG B 2671 29.96 19.58 42.27
C ARG B 2671 30.06 18.14 41.79
N PRO B 2672 31.11 17.41 42.18
CA PRO B 2672 31.28 16.03 41.70
C PRO B 2672 30.09 15.13 42.01
N CYS B 2673 29.49 15.27 43.19
CA CYS B 2673 28.35 14.44 43.52
C CYS B 2673 27.14 14.77 42.65
N VAL B 2674 26.97 16.06 42.31
CA VAL B 2674 25.94 16.45 41.36
C VAL B 2674 26.21 15.85 39.99
N LEU B 2675 27.47 15.88 39.55
CA LEU B 2675 27.82 15.28 38.27
C LEU B 2675 27.53 13.79 38.24
N LYS B 2676 27.88 13.08 39.31
CA LYS B 2676 27.61 11.64 39.37
C LYS B 2676 26.11 11.38 39.36
N TYR B 2677 25.34 12.15 40.12
CA TYR B 2677 23.89 11.95 40.15
C TYR B 2677 23.29 12.18 38.77
N LEU B 2678 23.72 13.25 38.09
CA LEU B 2678 23.21 13.50 36.75
C LEU B 2678 23.61 12.40 35.78
N GLY B 2679 24.85 11.91 35.90
CA GLY B 2679 25.29 10.85 35.02
C GLY B 2679 24.51 9.57 35.19
N LYS B 2680 24.23 9.19 36.43
CA LYS B 2680 23.50 7.95 36.65
C LYS B 2680 22.00 8.12 36.44
N THR B 2681 21.48 9.34 36.54
CA THR B 2681 20.05 9.58 36.53
C THR B 2681 19.51 10.01 35.18
N HIS B 2682 20.23 10.89 34.47
CA HIS B 2682 19.75 11.48 33.23
C HIS B 2682 20.48 10.96 32.00
N ASN B 2683 21.06 9.76 32.09
CA ASN B 2683 21.80 9.15 30.98
C ASN B 2683 22.96 10.04 30.53
N LEU B 2684 23.68 10.59 31.51
CA LEU B 2684 24.86 11.42 31.27
C LEU B 2684 26.13 10.71 31.68
N TRP B 2685 26.12 9.37 31.68
CA TRP B 2685 27.17 8.57 32.32
C TRP B 2685 28.56 9.03 31.90
N PHE B 2686 28.86 8.94 30.61
CA PHE B 2686 30.21 9.17 30.14
C PHE B 2686 30.55 10.66 30.10
N ARG B 2687 29.57 11.53 29.89
CA ARG B 2687 29.83 12.96 30.01
C ARG B 2687 30.27 13.31 31.43
N SER B 2688 29.54 12.79 32.42
CA SER B 2688 29.90 13.02 33.81
C SER B 2688 31.27 12.42 34.14
N THR B 2689 31.53 11.22 33.64
CA THR B 2689 32.82 10.57 33.86
C THR B 2689 33.97 11.37 33.26
N LEU B 2690 33.82 11.85 32.04
CA LEU B 2690 34.87 12.64 31.41
C LEU B 2690 35.05 13.99 32.09
N MET B 2691 33.95 14.60 32.56
CA MET B 2691 34.07 15.86 33.29
C MET B 2691 34.79 15.64 34.62
N LEU B 2692 34.50 14.55 35.32
CA LEU B 2692 35.19 14.26 36.57
C LEU B 2692 36.66 13.93 36.32
N GLU B 2693 36.95 13.21 35.23
CA GLU B 2693 38.34 12.93 34.88
C GLU B 2693 39.09 14.23 34.62
N HIS B 2694 38.48 15.16 33.89
CA HIS B 2694 39.11 16.44 33.60
C HIS B 2694 39.35 17.23 34.88
N GLN B 2695 38.35 17.28 35.76
CA GLN B 2695 38.53 17.96 37.04
C GLN B 2695 39.63 17.32 37.88
N ALA B 2696 39.73 15.98 37.85
CA ALA B 2696 40.78 15.29 38.59
C ALA B 2696 42.15 15.65 38.06
N PHE B 2697 42.31 15.64 36.74
CA PHE B 2697 43.61 15.98 36.16
C PHE B 2697 43.95 17.45 36.37
N GLU B 2698 42.95 18.32 36.41
CA GLU B 2698 43.19 19.73 36.69
C GLU B 2698 43.68 19.94 38.11
N LYS B 2699 43.16 19.18 39.06
CA LYS B 2699 43.56 19.29 40.45
C LYS B 2699 44.76 18.41 40.79
N GLY B 2700 45.38 17.78 39.81
CA GLY B 2700 46.48 16.88 40.06
C GLY B 2700 46.09 15.63 40.81
N LEU B 2701 44.94 15.04 40.47
CA LEU B 2701 44.42 13.85 41.13
C LEU B 2701 44.29 14.05 42.64
N ILE B 2719 44.97 13.95 50.75
CA ILE B 2719 44.44 14.79 49.68
C ILE B 2719 43.37 15.73 50.23
N THR B 2720 43.14 16.83 49.51
CA THR B 2720 42.15 17.81 49.95
C THR B 2720 40.74 17.24 49.81
N PRO B 2721 39.80 17.72 50.61
CA PRO B 2721 38.41 17.23 50.53
C PRO B 2721 37.81 17.40 49.13
N PRO B 2722 38.11 18.49 48.40
CA PRO B 2722 37.65 18.53 47.01
C PRO B 2722 38.22 17.41 46.14
N GLN B 2723 39.52 17.17 46.20
CA GLN B 2723 40.10 16.06 45.46
C GLN B 2723 39.51 14.74 45.93
N GLN B 2724 39.29 14.61 47.24
CA GLN B 2724 38.68 13.41 47.78
C GLN B 2724 37.31 13.15 47.17
N GLU B 2725 36.46 14.17 47.14
CA GLU B 2725 35.11 13.97 46.58
C GLU B 2725 35.14 13.78 45.07
N ILE B 2726 36.10 14.39 44.37
CA ILE B 2726 36.22 14.14 42.93
C ILE B 2726 36.57 12.68 42.68
N LEU B 2727 37.55 12.16 43.41
CA LEU B 2727 37.95 10.77 43.21
C LEU B 2727 36.87 9.81 43.68
N ASP B 2728 36.13 10.17 44.73
CA ASP B 2728 34.99 9.36 45.16
C ASP B 2728 33.95 9.25 44.06
N SER B 2729 33.58 10.39 43.47
CA SER B 2729 32.55 10.37 42.44
C SER B 2729 33.02 9.63 41.19
N LEU B 2730 34.29 9.82 40.82
CA LEU B 2730 34.84 9.14 39.65
C LEU B 2730 34.89 7.63 39.89
N ALA B 2731 35.30 7.21 41.09
CA ALA B 2731 35.35 5.79 41.40
C ALA B 2731 33.95 5.18 41.40
N GLU B 2732 32.98 5.90 41.97
CA GLU B 2732 31.61 5.40 41.97
C GLU B 2732 31.08 5.26 40.54
N LEU B 2733 31.41 6.22 39.67
CA LEU B 2733 30.98 6.12 38.28
C LEU B 2733 31.63 4.93 37.59
N TYR B 2734 32.93 4.69 37.83
CA TYR B 2734 33.58 3.53 37.25
C TYR B 2734 32.97 2.23 37.76
N SER B 2735 32.65 2.17 39.05
CA SER B 2735 32.02 0.98 39.60
C SER B 2735 30.64 0.75 39.03
N LEU B 2736 29.84 1.81 38.87
CA LEU B 2736 28.51 1.65 38.32
C LEU B 2736 28.55 1.29 36.85
N LEU B 2737 29.58 1.74 36.13
CA LEU B 2737 29.74 1.41 34.71
C LEU B 2737 30.40 0.06 34.48
N GLN B 2738 30.69 -0.67 35.56
CA GLN B 2738 31.36 -1.97 35.48
C GLN B 2738 32.72 -1.88 34.80
N GLU B 2739 33.36 -0.73 34.90
CA GLU B 2739 34.69 -0.52 34.33
C GLU B 2739 35.69 -0.90 35.42
N GLU B 2740 35.88 -2.21 35.56
CA GLU B 2740 36.72 -2.75 36.62
C GLU B 2740 38.17 -2.28 36.51
N ASP B 2741 38.71 -2.17 35.29
CA ASP B 2741 40.10 -1.78 35.15
C ASP B 2741 40.31 -0.30 35.45
N MET B 2742 39.40 0.56 35.00
CA MET B 2742 39.52 1.99 35.29
C MET B 2742 39.42 2.24 36.78
N TRP B 2743 38.45 1.59 37.43
CA TRP B 2743 38.30 1.69 38.87
C TRP B 2743 39.51 1.16 39.61
N ALA B 2744 40.06 0.04 39.13
CA ALA B 2744 41.24 -0.54 39.77
C ALA B 2744 42.44 0.39 39.67
N GLY B 2745 42.64 1.00 38.51
CA GLY B 2745 43.75 1.94 38.37
C GLY B 2745 43.60 3.15 39.27
N LEU B 2746 42.40 3.72 39.28
CA LEU B 2746 42.13 4.88 40.14
C LEU B 2746 42.44 4.55 41.61
N TRP B 2747 41.94 3.42 42.09
CA TRP B 2747 42.20 3.05 43.48
C TRP B 2747 43.63 2.64 43.75
N GLN B 2748 44.33 2.05 42.77
CA GLN B 2748 45.75 1.75 42.98
C GLN B 2748 46.54 3.02 43.17
N LYS B 2749 46.20 4.09 42.45
CA LYS B 2749 46.86 5.37 42.69
C LYS B 2749 46.41 5.99 44.01
N ARG B 2750 45.11 5.89 44.30
CA ARG B 2750 44.52 6.56 45.46
C ARG B 2750 44.87 5.90 46.78
N CYS B 2751 44.83 4.56 46.84
CA CYS B 2751 44.90 3.83 48.11
C CYS B 2751 46.08 4.23 48.97
N LYS B 2752 45.84 4.24 50.27
CA LYS B 2752 46.83 4.57 51.30
C LYS B 2752 47.51 3.32 51.85
N TYR B 2753 46.82 2.17 51.83
CA TYR B 2753 47.38 0.90 52.27
C TYR B 2753 47.83 0.08 51.08
N SER B 2754 49.04 -0.45 51.15
CA SER B 2754 49.55 -1.28 50.06
C SER B 2754 48.75 -2.57 49.93
N GLU B 2755 48.14 -3.03 51.02
CA GLU B 2755 47.29 -4.21 50.97
C GLU B 2755 46.08 -3.99 50.08
N THR B 2756 45.56 -2.76 50.04
CA THR B 2756 44.44 -2.46 49.15
C THR B 2756 44.86 -2.61 47.69
N ALA B 2757 46.01 -2.04 47.32
CA ALA B 2757 46.48 -2.16 45.95
C ALA B 2757 46.76 -3.62 45.59
N THR B 2758 47.34 -4.38 46.52
CA THR B 2758 47.63 -5.79 46.26
C THR B 2758 46.35 -6.58 46.06
N ALA B 2759 45.35 -6.35 46.92
CA ALA B 2759 44.07 -7.04 46.80
C ALA B 2759 43.37 -6.68 45.49
N ILE B 2760 43.41 -5.40 45.12
CA ILE B 2760 42.79 -4.95 43.87
C ILE B 2760 43.47 -5.63 42.69
N ALA B 2761 44.80 -5.66 42.68
CA ALA B 2761 45.51 -6.33 41.59
C ALA B 2761 45.14 -7.82 41.54
N TYR B 2762 45.05 -8.46 42.71
CA TYR B 2762 44.66 -9.87 42.74
C TYR B 2762 43.24 -10.07 42.24
N GLU B 2763 42.28 -9.29 42.78
CA GLU B 2763 40.88 -9.46 42.40
C GLU B 2763 40.66 -9.11 40.94
N GLN B 2764 41.40 -8.12 40.42
CA GLN B 2764 41.24 -7.71 39.04
C GLN B 2764 41.51 -8.83 38.06
N HIS B 2765 42.36 -9.79 38.44
CA HIS B 2765 42.75 -10.89 37.56
C HIS B 2765 42.24 -12.24 38.05
N GLY B 2766 41.18 -12.25 38.86
CA GLY B 2766 40.54 -13.50 39.24
C GLY B 2766 41.16 -14.25 40.39
N PHE B 2767 42.15 -13.68 41.06
CA PHE B 2767 42.77 -14.34 42.22
C PHE B 2767 42.00 -13.94 43.48
N PHE B 2768 40.77 -14.43 43.55
CA PHE B 2768 39.84 -14.00 44.59
C PHE B 2768 40.27 -14.48 45.98
N GLU B 2769 40.92 -15.64 46.06
CA GLU B 2769 41.39 -16.11 47.37
C GLU B 2769 42.50 -15.22 47.90
N GLN B 2770 43.50 -14.92 47.06
CA GLN B 2770 44.57 -14.03 47.48
C GLN B 2770 44.05 -12.62 47.76
N ALA B 2771 43.11 -12.15 46.94
CA ALA B 2771 42.52 -10.84 47.19
C ALA B 2771 41.78 -10.81 48.53
N GLN B 2772 41.06 -11.89 48.85
CA GLN B 2772 40.37 -11.95 50.13
C GLN B 2772 41.35 -11.95 51.28
N GLU B 2773 42.45 -12.71 51.16
CA GLU B 2773 43.47 -12.69 52.21
C GLU B 2773 44.07 -11.30 52.36
N SER B 2774 44.30 -10.60 51.25
CA SER B 2774 44.86 -9.25 51.32
C SER B 2774 43.90 -8.28 51.99
N TYR B 2775 42.61 -8.37 51.67
CA TYR B 2775 41.62 -7.51 52.33
C TYR B 2775 41.54 -7.81 53.81
N GLU B 2776 41.67 -9.08 54.20
CA GLU B 2776 41.68 -9.42 55.61
C GLU B 2776 42.91 -8.87 56.31
N LYS B 2777 44.08 -8.94 55.67
CA LYS B 2777 45.29 -8.36 56.25
C LYS B 2777 45.14 -6.85 56.41
N ALA B 2778 44.53 -6.20 55.41
CA ALA B 2778 44.30 -4.77 55.47
C ALA B 2778 43.38 -4.41 56.63
N MET B 2779 42.32 -5.19 56.81
CA MET B 2779 41.39 -4.97 57.92
C MET B 2779 42.09 -5.16 59.26
N ASP B 2780 42.99 -6.14 59.35
CA ASP B 2780 43.74 -6.34 60.59
C ASP B 2780 44.67 -5.17 60.87
N LYS B 2781 45.33 -4.65 59.84
CA LYS B 2781 46.19 -3.49 60.01
C LYS B 2781 45.38 -2.27 60.45
N ALA B 2782 44.23 -2.05 59.82
CA ALA B 2782 43.39 -0.92 60.19
C ALA B 2782 42.90 -1.03 61.63
N LYS B 2783 42.46 -2.22 62.04
CA LYS B 2783 42.04 -2.41 63.43
C LYS B 2783 43.19 -2.14 64.39
N LYS B 2784 44.39 -2.63 64.08
CA LYS B 2784 45.54 -2.34 64.93
C LYS B 2784 45.82 -0.84 65.01
N GLU B 2785 45.57 -0.10 63.93
CA GLU B 2785 45.78 1.34 63.98
C GLU B 2785 44.64 2.08 64.68
N HIS B 2786 43.45 1.49 64.74
CA HIS B 2786 42.32 2.13 65.43
C HIS B 2786 42.50 2.15 66.95
N GLU B 2787 43.18 1.16 67.52
CA GLU B 2787 43.45 1.18 68.94
C GLU B 2787 44.37 2.33 69.35
N ARG B 2788 45.12 2.90 68.41
CA ARG B 2788 45.99 4.02 68.70
C ARG B 2788 45.29 5.36 68.51
N SER B 2789 44.54 5.51 67.43
CA SER B 2789 43.86 6.77 67.13
C SER B 2789 42.63 6.47 66.29
N ASN B 2790 41.71 7.43 66.27
CA ASN B 2790 40.53 7.32 65.42
C ASN B 2790 40.93 7.42 63.95
N ALA B 2791 39.94 7.21 63.09
CA ALA B 2791 40.15 7.19 61.64
C ALA B 2791 39.54 8.45 61.02
N SER B 2792 40.31 9.09 60.14
CA SER B 2792 39.82 10.25 59.42
C SER B 2792 38.75 9.84 58.41
N PRO B 2793 37.82 10.75 58.08
CA PRO B 2793 36.83 10.43 57.03
C PRO B 2793 37.44 10.26 55.64
N ALA B 2794 38.73 10.54 55.47
CA ALA B 2794 39.37 10.33 54.17
C ALA B 2794 39.62 8.85 53.91
N ILE B 2795 39.80 8.05 54.96
CA ILE B 2795 40.08 6.62 54.82
C ILE B 2795 38.83 5.75 54.77
N PHE B 2796 37.66 6.29 55.12
CA PHE B 2796 36.44 5.50 55.12
C PHE B 2796 36.08 4.92 53.76
N PRO B 2797 36.29 5.61 52.63
CA PRO B 2797 36.03 4.94 51.34
C PRO B 2797 36.90 3.72 51.13
N GLU B 2798 38.13 3.72 51.63
CA GLU B 2798 38.99 2.56 51.50
C GLU B 2798 38.46 1.39 52.34
N TYR B 2799 37.92 1.68 53.53
CA TYR B 2799 37.33 0.63 54.35
C TYR B 2799 36.07 0.06 53.70
N GLN B 2800 35.25 0.96 53.13
CA GLN B 2800 34.06 0.49 52.43
C GLN B 2800 34.46 -0.38 51.25
N LEU B 2801 35.53 -0.01 50.55
CA LEU B 2801 36.04 -0.82 49.46
C LEU B 2801 36.43 -2.20 49.95
N TRP B 2802 37.13 -2.26 51.07
CA TRP B 2802 37.53 -3.55 51.61
C TRP B 2802 36.32 -4.41 51.92
N GLU B 2803 35.31 -3.86 52.59
CA GLU B 2803 34.11 -4.63 52.91
C GLU B 2803 33.37 -5.09 51.65
N ASP B 2804 33.13 -4.18 50.71
CA ASP B 2804 32.40 -4.52 49.50
C ASP B 2804 33.12 -5.57 48.65
N HIS B 2805 34.42 -5.42 48.48
CA HIS B 2805 35.15 -6.38 47.66
C HIS B 2805 35.45 -7.67 48.41
N TRP B 2806 35.49 -7.63 49.74
CA TRP B 2806 35.62 -8.89 50.46
C TRP B 2806 34.33 -9.70 50.30
N ILE B 2807 33.18 -9.04 50.35
CA ILE B 2807 31.90 -9.72 50.11
C ILE B 2807 31.89 -10.27 48.69
N ARG B 2808 32.32 -9.46 47.72
CA ARG B 2808 32.34 -9.91 46.33
C ARG B 2808 33.26 -11.12 46.14
N CYS B 2809 34.43 -11.09 46.76
CA CYS B 2809 35.35 -12.23 46.67
C CYS B 2809 34.75 -13.47 47.31
N SER B 2810 34.07 -13.31 48.44
CA SER B 2810 33.39 -14.44 49.06
C SER B 2810 32.30 -14.99 48.14
N LYS B 2811 31.63 -14.11 47.40
CA LYS B 2811 30.66 -14.56 46.41
C LYS B 2811 31.33 -15.38 45.32
N GLU B 2812 32.48 -14.92 44.83
CA GLU B 2812 33.18 -15.63 43.77
C GLU B 2812 33.80 -16.93 44.27
N LEU B 2813 34.18 -16.99 45.54
CA LEU B 2813 34.73 -18.20 46.13
C LEU B 2813 33.66 -19.16 46.64
N ASN B 2814 32.39 -18.93 46.28
CA ASN B 2814 31.29 -19.84 46.58
C ASN B 2814 31.05 -19.99 48.09
N GLN B 2815 31.30 -18.93 48.85
CA GLN B 2815 31.13 -18.95 50.30
C GLN B 2815 29.80 -18.31 50.70
N TRP B 2816 28.70 -18.94 50.26
CA TRP B 2816 27.38 -18.33 50.45
C TRP B 2816 26.85 -18.53 51.86
N GLU B 2817 27.14 -19.66 52.50
CA GLU B 2817 26.68 -19.88 53.87
C GLU B 2817 27.28 -18.84 54.82
N ALA B 2818 28.58 -18.60 54.70
CA ALA B 2818 29.23 -17.62 55.56
C ALA B 2818 28.70 -16.22 55.30
N LEU B 2819 28.39 -15.91 54.03
CA LEU B 2819 27.84 -14.59 53.72
C LEU B 2819 26.43 -14.42 54.28
N THR B 2820 25.61 -15.47 54.23
CA THR B 2820 24.29 -15.41 54.86
C THR B 2820 24.41 -15.24 56.37
N GLU B 2821 25.36 -15.96 56.99
CA GLU B 2821 25.63 -15.76 58.41
C GLU B 2821 26.14 -14.36 58.68
N TYR B 2822 27.07 -13.87 57.83
CA TYR B 2822 27.62 -12.54 58.02
C TYR B 2822 26.55 -11.46 57.89
N GLY B 2823 25.60 -11.64 56.98
CA GLY B 2823 24.55 -10.67 56.80
C GLY B 2823 23.52 -10.67 57.91
N GLN B 2824 23.43 -11.77 58.67
CA GLN B 2824 22.50 -11.87 59.79
C GLN B 2824 23.13 -11.50 61.12
N SER B 2825 24.37 -11.03 61.12
CA SER B 2825 25.04 -10.67 62.36
C SER B 2825 24.28 -9.58 63.09
N LYS B 2826 24.10 -9.76 64.40
CA LYS B 2826 23.29 -8.83 65.17
C LYS B 2826 23.94 -7.45 65.22
N GLY B 2827 23.13 -6.41 65.07
CA GLY B 2827 23.59 -5.05 65.10
C GLY B 2827 24.11 -4.53 63.77
N HIS B 2828 24.57 -5.43 62.90
CA HIS B 2828 25.17 -5.07 61.63
C HIS B 2828 24.50 -5.82 60.48
N ILE B 2829 23.18 -5.93 60.53
CA ILE B 2829 22.43 -6.70 59.54
C ILE B 2829 22.54 -6.05 58.18
N ASN B 2830 22.75 -6.88 57.15
CA ASN B 2830 22.77 -6.45 55.75
C ASN B 2830 21.68 -7.22 55.01
N PRO B 2831 20.45 -6.70 54.97
CA PRO B 2831 19.36 -7.44 54.32
C PRO B 2831 19.58 -7.69 52.84
N TYR B 2832 20.25 -6.80 52.13
CA TYR B 2832 20.49 -7.03 50.70
C TYR B 2832 21.41 -8.22 50.47
N LEU B 2833 22.47 -8.33 51.28
CA LEU B 2833 23.37 -9.48 51.16
C LEU B 2833 22.65 -10.78 51.49
N VAL B 2834 21.83 -10.77 52.55
CA VAL B 2834 21.07 -11.98 52.89
C VAL B 2834 20.11 -12.34 51.76
N LEU B 2835 19.46 -11.35 51.18
CA LEU B 2835 18.54 -11.61 50.07
C LEU B 2835 19.27 -12.18 48.86
N GLU B 2836 20.51 -11.77 48.64
CA GLU B 2836 21.27 -12.34 47.55
C GLU B 2836 21.77 -13.75 47.86
N CYS B 2837 22.02 -14.06 49.13
CA CYS B 2837 22.72 -15.27 49.50
C CYS B 2837 21.81 -16.37 50.05
N ALA B 2838 20.76 -16.01 50.79
CA ALA B 2838 20.05 -17.00 51.60
C ALA B 2838 19.37 -18.07 50.75
N TRP B 2839 18.83 -17.67 49.60
CA TRP B 2839 18.11 -18.64 48.76
C TRP B 2839 19.04 -19.71 48.20
N ARG B 2840 20.31 -19.39 48.00
CA ARG B 2840 21.25 -20.37 47.44
C ARG B 2840 21.53 -21.51 48.41
N VAL B 2841 21.42 -21.27 49.71
CA VAL B 2841 21.65 -22.30 50.71
C VAL B 2841 20.34 -22.80 51.32
N SER B 2842 19.21 -22.53 50.67
CA SER B 2842 17.89 -23.01 51.08
C SER B 2842 17.51 -22.51 52.46
N ASN B 2843 17.93 -21.29 52.81
CA ASN B 2843 17.53 -20.63 54.06
C ASN B 2843 16.38 -19.67 53.72
N TRP B 2844 15.20 -20.25 53.51
CA TRP B 2844 14.08 -19.48 53.00
C TRP B 2844 13.45 -18.57 54.04
N THR B 2845 13.60 -18.88 55.33
CA THR B 2845 13.15 -17.97 56.37
C THR B 2845 13.93 -16.67 56.33
N ALA B 2846 15.26 -16.78 56.23
CA ALA B 2846 16.09 -15.59 56.06
C ALA B 2846 15.75 -14.86 54.77
N MET B 2847 15.40 -15.60 53.72
CA MET B 2847 14.97 -14.97 52.47
C MET B 2847 13.71 -14.15 52.67
N LYS B 2848 12.73 -14.68 53.38
CA LYS B 2848 11.49 -13.94 53.62
C LYS B 2848 11.76 -12.68 54.46
N GLU B 2849 12.55 -12.83 55.53
CA GLU B 2849 12.86 -11.66 56.36
C GLU B 2849 13.60 -10.60 55.57
N ALA B 2850 14.61 -11.02 54.81
CA ALA B 2850 15.38 -10.07 54.01
C ALA B 2850 14.51 -9.44 52.93
N LEU B 2851 13.59 -10.21 52.35
CA LEU B 2851 12.70 -9.64 51.34
C LEU B 2851 11.82 -8.56 51.95
N VAL B 2852 11.34 -8.77 53.17
CA VAL B 2852 10.51 -7.76 53.81
C VAL B 2852 11.31 -6.49 54.09
N GLN B 2853 12.49 -6.66 54.69
CA GLN B 2853 13.36 -5.51 54.96
C GLN B 2853 13.75 -4.77 53.69
N VAL B 2854 14.05 -5.49 52.61
CA VAL B 2854 14.41 -4.83 51.37
C VAL B 2854 13.20 -4.12 50.76
N GLU B 2855 12.03 -4.77 50.80
CA GLU B 2855 10.83 -4.17 50.23
C GLU B 2855 10.43 -2.88 50.92
N VAL B 2856 10.70 -2.75 52.23
CA VAL B 2856 10.37 -1.46 52.84
C VAL B 2856 11.24 -0.35 52.25
N SER B 2857 12.51 -0.66 51.90
CA SER B 2857 13.48 0.36 51.53
C SER B 2857 14.47 -0.29 50.55
N CYS B 2858 14.21 -0.12 49.25
CA CYS B 2858 15.03 -0.73 48.21
C CYS B 2858 15.48 0.29 47.18
N PRO B 2859 16.71 0.15 46.66
CA PRO B 2859 17.13 0.99 45.54
C PRO B 2859 16.30 0.69 44.29
N LYS B 2860 16.10 1.72 43.48
CA LYS B 2860 15.23 1.60 42.31
C LYS B 2860 15.80 0.63 41.29
N GLU B 2861 17.13 0.63 41.13
CA GLU B 2861 17.76 -0.27 40.17
C GLU B 2861 17.59 -1.73 40.56
N MET B 2862 17.43 -2.02 41.85
CA MET B 2862 17.29 -3.38 42.35
C MET B 2862 15.86 -3.89 42.31
N ALA B 2863 14.92 -3.12 41.76
CA ALA B 2863 13.51 -3.49 41.83
C ALA B 2863 13.23 -4.81 41.11
N TRP B 2864 13.84 -5.01 39.94
CA TRP B 2864 13.60 -6.25 39.20
C TRP B 2864 14.10 -7.45 40.00
N LYS B 2865 15.24 -7.31 40.68
CA LYS B 2865 15.74 -8.41 41.48
C LYS B 2865 14.84 -8.70 42.66
N VAL B 2866 14.20 -7.67 43.22
CA VAL B 2866 13.24 -7.89 44.30
C VAL B 2866 12.02 -8.65 43.80
N ASN B 2867 11.50 -8.28 42.63
CA ASN B 2867 10.39 -9.04 42.06
C ASN B 2867 10.79 -10.48 41.78
N MET B 2868 12.00 -10.68 41.25
CA MET B 2868 12.45 -12.04 40.95
C MET B 2868 12.61 -12.86 42.22
N TYR B 2869 13.13 -12.26 43.29
CA TYR B 2869 13.28 -12.99 44.55
C TYR B 2869 11.91 -13.26 45.19
N ARG B 2870 10.95 -12.36 44.99
CA ARG B 2870 9.59 -12.65 45.42
C ARG B 2870 9.03 -13.85 44.68
N GLY B 2871 9.32 -13.95 43.39
CA GLY B 2871 8.96 -15.16 42.65
C GLY B 2871 9.66 -16.39 43.16
N TYR B 2872 10.94 -16.26 43.51
CA TYR B 2872 11.67 -17.36 44.13
C TYR B 2872 10.96 -17.86 45.38
N LEU B 2873 10.57 -16.94 46.25
CA LEU B 2873 9.85 -17.31 47.46
C LEU B 2873 8.50 -17.93 47.14
N ALA B 2874 7.81 -17.37 46.15
CA ALA B 2874 6.50 -17.90 45.78
C ALA B 2874 6.58 -19.33 45.25
N ILE B 2875 7.68 -19.69 44.62
CA ILE B 2875 7.82 -21.05 44.09
C ILE B 2875 8.36 -22.00 45.15
N CYS B 2876 9.43 -21.62 45.84
CA CYS B 2876 10.24 -22.57 46.57
C CYS B 2876 10.06 -22.56 48.09
N HIS B 2877 9.37 -21.58 48.66
CA HIS B 2877 9.19 -21.56 50.10
C HIS B 2877 8.38 -22.78 50.53
N PRO B 2878 8.81 -23.48 51.60
CA PRO B 2878 8.14 -24.75 51.95
C PRO B 2878 6.66 -24.62 52.26
N GLU B 2879 6.21 -23.49 52.79
CA GLU B 2879 4.82 -23.33 53.20
C GLU B 2879 4.04 -22.36 52.34
N GLU B 2880 4.67 -21.32 51.81
CA GLU B 2880 3.97 -20.23 51.12
C GLU B 2880 4.06 -20.36 49.61
N GLN B 2881 4.00 -21.58 49.08
CA GLN B 2881 4.05 -21.77 47.64
C GLN B 2881 2.82 -21.15 46.98
N GLN B 2882 3.06 -20.24 46.03
CA GLN B 2882 1.99 -19.57 45.28
C GLN B 2882 2.44 -19.45 43.83
N LEU B 2883 2.06 -20.42 43.01
CA LEU B 2883 2.51 -20.45 41.62
C LEU B 2883 1.71 -19.52 40.72
N SER B 2884 0.56 -19.02 41.16
CA SER B 2884 -0.24 -18.15 40.31
C SER B 2884 0.37 -16.76 40.15
N PHE B 2885 1.23 -16.35 41.07
CA PHE B 2885 1.82 -15.01 41.02
C PHE B 2885 2.98 -14.91 40.05
N ILE B 2886 3.48 -16.03 39.52
CA ILE B 2886 4.78 -15.99 38.86
C ILE B 2886 4.69 -15.26 37.52
N GLU B 2887 3.58 -15.40 36.80
CA GLU B 2887 3.45 -14.73 35.51
C GLU B 2887 3.54 -13.22 35.68
N ARG B 2888 2.79 -12.66 36.64
CA ARG B 2888 2.80 -11.22 36.83
C ARG B 2888 4.13 -10.75 37.40
N LEU B 2889 4.76 -11.55 38.27
CA LEU B 2889 6.06 -11.19 38.81
C LEU B 2889 7.12 -11.17 37.71
N VAL B 2890 7.06 -12.14 36.80
CA VAL B 2890 7.99 -12.16 35.67
C VAL B 2890 7.75 -10.97 34.76
N GLU B 2891 6.50 -10.64 34.49
CA GLU B 2891 6.21 -9.46 33.66
C GLU B 2891 6.74 -8.19 34.30
N MET B 2892 6.54 -8.03 35.62
CA MET B 2892 7.03 -6.85 36.31
C MET B 2892 8.55 -6.80 36.32
N ALA B 2893 9.21 -7.94 36.57
CA ALA B 2893 10.67 -7.98 36.53
C ALA B 2893 11.21 -7.61 35.16
N SER B 2894 10.58 -8.14 34.10
CA SER B 2894 11.01 -7.80 32.75
C SER B 2894 10.80 -6.33 32.45
N SER B 2895 9.65 -5.78 32.87
CA SER B 2895 9.39 -4.35 32.63
C SER B 2895 10.40 -3.49 33.36
N LEU B 2896 10.72 -3.82 34.60
CA LEU B 2896 11.68 -3.04 35.37
C LEU B 2896 13.08 -3.17 34.78
N ALA B 2897 13.46 -4.36 34.33
CA ALA B 2897 14.76 -4.54 33.71
C ALA B 2897 14.88 -3.74 32.42
N ILE B 2898 13.81 -3.71 31.62
CA ILE B 2898 13.82 -2.91 30.39
C ILE B 2898 13.92 -1.42 30.74
N ARG B 2899 13.19 -0.99 31.77
CA ARG B 2899 13.28 0.40 32.22
C ARG B 2899 14.71 0.74 32.63
N GLU B 2900 15.37 -0.16 33.36
CA GLU B 2900 16.77 0.06 33.71
C GLU B 2900 17.65 0.10 32.47
N TRP B 2901 17.33 -0.73 31.47
CA TRP B 2901 18.12 -0.75 30.24
C TRP B 2901 18.08 0.59 29.52
N ARG B 2902 16.91 1.22 29.47
CA ARG B 2902 16.80 2.49 28.76
C ARG B 2902 17.54 3.62 29.45
N ARG B 2903 17.88 3.46 30.72
CA ARG B 2903 18.65 4.46 31.45
C ARG B 2903 20.15 4.26 31.31
N LEU B 2904 20.59 3.23 30.58
CA LEU B 2904 21.98 2.92 30.33
C LEU B 2904 22.44 3.56 29.03
N PRO B 2905 23.76 3.67 28.82
CA PRO B 2905 24.25 4.26 27.58
C PRO B 2905 23.84 3.47 26.34
N HIS B 2906 23.70 4.18 25.22
CA HIS B 2906 23.22 3.56 23.99
C HIS B 2906 24.22 2.58 23.41
N VAL B 2907 25.51 2.79 23.62
CA VAL B 2907 26.52 1.83 23.19
C VAL B 2907 26.63 0.76 24.26
N VAL B 2908 26.42 -0.49 23.86
CA VAL B 2908 26.37 -1.59 24.81
C VAL B 2908 27.80 -1.93 25.23
N SER B 2909 28.01 -2.02 26.54
CA SER B 2909 29.33 -2.28 27.10
C SER B 2909 29.14 -3.08 28.38
N HIS B 2910 30.17 -3.10 29.23
CA HIS B 2910 30.14 -3.89 30.45
C HIS B 2910 29.00 -3.49 31.38
N VAL B 2911 28.48 -2.27 31.26
CA VAL B 2911 27.40 -1.84 32.14
C VAL B 2911 26.11 -2.59 31.85
N HIS B 2912 25.94 -3.11 30.64
CA HIS B 2912 24.73 -3.83 30.27
C HIS B 2912 24.75 -5.30 30.65
N THR B 2913 25.90 -5.83 31.06
CA THR B 2913 26.00 -7.25 31.34
C THR B 2913 25.06 -7.73 32.46
N PRO B 2914 24.91 -7.03 33.58
CA PRO B 2914 23.99 -7.52 34.61
C PRO B 2914 22.57 -7.69 34.11
N LEU B 2915 22.08 -6.79 33.26
CA LEU B 2915 20.72 -6.92 32.74
C LEU B 2915 20.61 -8.03 31.71
N LEU B 2916 21.67 -8.23 30.93
CA LEU B 2916 21.70 -9.34 29.98
C LEU B 2916 21.71 -10.68 30.70
N GLN B 2917 22.30 -10.73 31.89
CA GLN B 2917 22.20 -11.92 32.72
C GLN B 2917 20.82 -12.05 33.36
N ALA B 2918 20.25 -10.92 33.77
CA ALA B 2918 18.91 -10.89 34.35
C ALA B 2918 17.88 -11.44 33.38
N ALA B 2919 18.08 -11.24 32.07
CA ALA B 2919 17.12 -11.78 31.10
C ALA B 2919 17.01 -13.29 31.22
N GLN B 2920 18.15 -13.98 31.19
CA GLN B 2920 18.15 -15.43 31.35
C GLN B 2920 17.58 -15.82 32.71
N GLN B 2921 17.95 -15.07 33.76
CA GLN B 2921 17.45 -15.39 35.09
C GLN B 2921 15.91 -15.35 35.13
N ILE B 2922 15.32 -14.32 34.52
CA ILE B 2922 13.87 -14.15 34.55
C ILE B 2922 13.17 -15.24 33.74
N ILE B 2923 13.69 -15.54 32.55
CA ILE B 2923 13.05 -16.60 31.78
C ILE B 2923 13.19 -17.95 32.47
N GLU B 2924 14.30 -18.19 33.17
CA GLU B 2924 14.42 -19.45 33.90
C GLU B 2924 13.49 -19.48 35.11
N LEU B 2925 13.18 -18.32 35.69
CA LEU B 2925 12.16 -18.28 36.74
C LEU B 2925 10.82 -18.72 36.17
N GLN B 2926 10.48 -18.24 34.97
CA GLN B 2926 9.21 -18.63 34.37
C GLN B 2926 9.18 -20.12 34.02
N GLU B 2927 10.26 -20.63 33.43
CA GLU B 2927 10.33 -22.04 33.09
C GLU B 2927 10.25 -22.92 34.33
N ALA B 2928 10.87 -22.47 35.42
CA ALA B 2928 10.76 -23.17 36.69
C ALA B 2928 9.32 -23.19 37.20
N ALA B 2929 8.62 -22.07 37.05
CA ALA B 2929 7.21 -22.05 37.41
C ALA B 2929 6.43 -23.08 36.62
N GLN B 2930 6.73 -23.21 35.33
CA GLN B 2930 6.09 -24.25 34.52
C GLN B 2930 6.39 -25.64 35.05
N ILE B 2931 7.66 -25.92 35.38
CA ILE B 2931 8.03 -27.24 35.90
C ILE B 2931 7.28 -27.54 37.18
N ASN B 2932 7.25 -26.58 38.10
CA ASN B 2932 6.60 -26.81 39.39
C ASN B 2932 5.09 -26.93 39.24
N ALA B 2933 4.49 -26.23 38.28
CA ALA B 2933 3.11 -26.49 37.93
C ALA B 2933 2.91 -27.91 37.42
N GLY B 2934 3.92 -28.44 36.72
CA GLY B 2934 3.85 -29.82 36.26
C GLY B 2934 3.94 -30.86 37.36
N LEU B 2935 4.55 -30.50 38.50
CA LEU B 2935 4.78 -31.44 39.59
C LEU B 2935 3.62 -31.50 40.57
N GLN B 2936 2.57 -30.70 40.38
CA GLN B 2936 1.43 -30.73 41.28
C GLN B 2936 0.76 -32.09 41.22
N PRO B 2937 0.12 -32.52 42.32
CA PRO B 2937 -0.45 -33.88 42.35
C PRO B 2937 -1.45 -34.14 41.25
N THR B 2938 -2.20 -33.13 40.81
CA THR B 2938 -3.12 -33.31 39.70
C THR B 2938 -2.35 -33.59 38.41
N ASN B 2939 -1.27 -32.86 38.17
CA ASN B 2939 -0.51 -32.97 36.92
C ASN B 2939 0.58 -34.03 36.98
N LEU B 2940 0.98 -34.47 38.18
CA LEU B 2940 2.09 -35.40 38.32
C LEU B 2940 1.78 -36.72 37.62
N GLY B 2941 2.73 -37.18 36.79
CA GLY B 2941 2.58 -38.42 36.07
C GLY B 2941 1.92 -38.31 34.72
N ARG B 2942 1.25 -37.19 34.44
CA ARG B 2942 0.60 -37.01 33.15
C ARG B 2942 1.63 -36.80 32.05
N ASN B 2943 1.28 -37.24 30.84
CA ASN B 2943 2.25 -37.25 29.75
C ASN B 2943 2.70 -35.85 29.37
N ASN B 2944 1.77 -34.89 29.35
CA ASN B 2944 2.13 -33.53 28.98
C ASN B 2944 3.06 -32.91 30.02
N SER B 2945 2.82 -33.18 31.30
CA SER B 2945 3.71 -32.67 32.34
C SER B 2945 5.12 -33.24 32.19
N LEU B 2946 5.22 -34.55 31.92
CA LEU B 2946 6.54 -35.16 31.74
C LEU B 2946 7.25 -34.58 30.52
N HIS B 2947 6.51 -34.38 29.42
CA HIS B 2947 7.11 -33.84 28.22
C HIS B 2947 7.61 -32.42 28.44
N ASP B 2948 6.81 -31.58 29.11
CA ASP B 2948 7.24 -30.23 29.42
C ASP B 2948 8.47 -30.22 30.33
N MET B 2949 8.47 -31.11 31.33
CA MET B 2949 9.60 -31.18 32.23
C MET B 2949 10.88 -31.56 31.49
N LYS B 2950 10.79 -32.59 30.63
CA LYS B 2950 11.95 -33.00 29.86
C LYS B 2950 12.43 -31.89 28.93
N THR B 2951 11.50 -31.18 28.30
CA THR B 2951 11.88 -30.10 27.39
C THR B 2951 12.61 -29.00 28.12
N VAL B 2952 12.08 -28.59 29.28
CA VAL B 2952 12.71 -27.50 30.02
C VAL B 2952 14.07 -27.94 30.55
N VAL B 2953 14.19 -29.19 31.01
CA VAL B 2953 15.48 -29.69 31.47
C VAL B 2953 16.51 -29.68 30.35
N LYS B 2954 16.11 -30.08 29.14
CA LYS B 2954 17.06 -30.06 28.03
C LYS B 2954 17.43 -28.65 27.64
N THR B 2955 16.46 -27.74 27.63
CA THR B 2955 16.72 -26.35 27.31
C THR B 2955 17.70 -25.73 28.31
N TRP B 2956 17.51 -26.03 29.59
CA TRP B 2956 18.45 -25.57 30.61
C TRP B 2956 19.83 -26.16 30.39
N ARG B 2957 19.89 -27.46 30.06
CA ARG B 2957 21.17 -28.10 29.82
C ARG B 2957 21.96 -27.38 28.74
N ASN B 2958 21.32 -27.09 27.60
CA ASN B 2958 22.04 -26.42 26.53
C ASN B 2958 22.27 -24.93 26.78
N ARG B 2959 21.35 -24.25 27.46
CA ARG B 2959 21.47 -22.81 27.69
C ARG B 2959 22.38 -22.55 28.89
N LEU B 2960 23.62 -22.15 28.59
CA LEU B 2960 24.62 -21.87 29.62
C LEU B 2960 25.07 -20.42 29.55
N PRO B 2961 25.56 -19.85 30.67
CA PRO B 2961 26.32 -18.60 30.59
C PRO B 2961 27.66 -18.77 29.88
N ILE B 2962 28.47 -17.72 29.84
CA ILE B 2962 29.75 -17.76 29.15
C ILE B 2962 30.87 -17.65 30.18
N VAL B 2963 32.10 -17.92 29.71
CA VAL B 2963 33.24 -18.01 30.62
C VAL B 2963 33.60 -16.64 31.20
N SER B 2964 33.28 -15.55 30.49
CA SER B 2964 33.56 -14.23 31.02
C SER B 2964 32.65 -13.87 32.19
N ASP B 2965 31.56 -14.60 32.39
CA ASP B 2965 30.65 -14.32 33.50
C ASP B 2965 31.29 -14.70 34.82
N ASP B 2966 31.09 -13.85 35.83
CA ASP B 2966 31.54 -14.14 37.17
C ASP B 2966 30.90 -15.43 37.68
N LEU B 2967 31.65 -16.16 38.52
CA LEU B 2967 31.15 -17.40 39.07
C LEU B 2967 29.88 -17.23 39.89
N SER B 2968 29.62 -16.01 40.36
CA SER B 2968 28.38 -15.75 41.09
C SER B 2968 27.15 -15.93 40.20
N HIS B 2969 27.24 -15.51 38.94
CA HIS B 2969 26.12 -15.68 38.02
C HIS B 2969 25.90 -17.15 37.66
N TRP B 2970 26.99 -17.88 37.43
CA TRP B 2970 26.90 -19.33 37.25
C TRP B 2970 26.25 -19.98 38.46
N SER B 2971 26.61 -19.51 39.66
CA SER B 2971 26.02 -20.03 40.89
C SER B 2971 24.52 -19.76 40.91
N SER B 2972 24.11 -18.55 40.57
CA SER B 2972 22.68 -18.22 40.54
C SER B 2972 21.92 -19.18 39.64
N ILE B 2973 22.35 -19.27 38.38
CA ILE B 2973 21.67 -20.13 37.41
C ILE B 2973 21.62 -21.58 37.89
N PHE B 2974 22.76 -22.13 38.29
CA PHE B 2974 22.80 -23.54 38.66
C PHE B 2974 22.06 -23.83 39.95
N MET B 2975 22.16 -22.96 40.96
CA MET B 2975 21.48 -23.26 42.23
C MET B 2975 19.97 -23.17 42.08
N TRP B 2976 19.48 -22.23 41.27
CA TRP B 2976 18.04 -22.18 40.98
C TRP B 2976 17.60 -23.48 40.28
N ARG B 2977 18.34 -23.86 39.24
CA ARG B 2977 18.03 -25.11 38.56
C ARG B 2977 18.11 -26.30 39.50
N GLN B 2978 19.10 -26.30 40.40
CA GLN B 2978 19.24 -27.37 41.38
C GLN B 2978 18.02 -27.47 42.28
N HIS B 2979 17.46 -26.34 42.70
CA HIS B 2979 16.24 -26.38 43.50
C HIS B 2979 15.14 -27.09 42.74
N HIS B 2980 15.01 -26.80 41.44
CA HIS B 2980 13.95 -27.47 40.68
C HIS B 2980 14.24 -28.93 40.35
N TYR B 2981 15.51 -29.28 40.13
CA TYR B 2981 15.86 -30.68 39.93
C TYR B 2981 15.55 -31.49 41.17
N GLN B 2982 15.90 -30.95 42.35
CA GLN B 2982 15.58 -31.63 43.60
C GLN B 2982 14.07 -31.71 43.81
N ALA B 2983 13.33 -30.69 43.37
CA ALA B 2983 11.88 -30.77 43.44
C ALA B 2983 11.35 -31.92 42.60
N ILE B 2984 11.89 -32.08 41.38
CA ILE B 2984 11.50 -33.20 40.53
C ILE B 2984 11.81 -34.53 41.20
N VAL B 2985 13.01 -34.64 41.77
CA VAL B 2985 13.43 -35.90 42.40
C VAL B 2985 12.51 -36.22 43.57
N THR B 2986 12.22 -35.24 44.42
CA THR B 2986 11.35 -35.47 45.57
C THR B 2986 9.95 -35.85 45.12
N ALA B 2987 9.42 -35.16 44.12
CA ALA B 2987 8.06 -35.45 43.65
C ALA B 2987 7.95 -36.87 43.10
N TYR B 2988 8.94 -37.30 42.31
CA TYR B 2988 8.84 -38.61 41.68
C TYR B 2988 9.41 -39.74 42.53
N GLU B 2989 10.04 -39.43 43.66
CA GLU B 2989 10.39 -40.45 44.64
C GLU B 2989 9.31 -40.65 45.69
N ASN B 2990 8.62 -39.58 46.09
CA ASN B 2990 7.59 -39.71 47.12
C ASN B 2990 6.37 -40.45 46.59
N SER B 2991 5.93 -40.13 45.37
CA SER B 2991 4.74 -40.76 44.82
C SER B 2991 5.01 -42.21 44.46
N SER B 2992 5.90 -42.44 43.49
CA SER B 2992 6.37 -43.76 43.08
C SER B 2992 5.23 -44.68 42.66
N GLN B 2993 4.03 -44.15 42.41
CA GLN B 2993 2.95 -44.95 41.86
C GLN B 2993 3.08 -45.08 40.35
N HIS B 2994 3.00 -43.96 39.64
CA HIS B 2994 3.43 -43.88 38.26
C HIS B 2994 4.95 -43.89 38.16
N ASP B 2995 5.45 -44.28 36.99
CA ASP B 2995 6.87 -44.45 36.73
C ASP B 2995 7.49 -45.46 37.69
N PRO B 2996 7.08 -46.72 37.63
CA PRO B 2996 7.63 -47.73 38.54
C PRO B 2996 9.10 -48.00 38.32
N SER B 2997 9.66 -47.59 37.19
CA SER B 2997 11.08 -47.74 36.88
C SER B 2997 11.91 -46.54 37.34
N SER B 2998 11.29 -45.54 37.96
CA SER B 2998 11.97 -44.36 38.50
C SER B 2998 12.72 -43.57 37.44
N ASN B 2999 12.33 -43.66 36.17
CA ASN B 2999 13.03 -42.93 35.11
C ASN B 2999 12.93 -41.43 35.30
N ASN B 3000 11.82 -40.95 35.89
CA ASN B 3000 11.68 -39.51 36.13
C ASN B 3000 12.59 -39.04 37.27
N ALA B 3001 12.68 -39.84 38.33
CA ALA B 3001 13.60 -39.51 39.42
C ALA B 3001 15.04 -39.60 38.92
N MET B 3002 15.33 -40.59 38.08
CA MET B 3002 16.66 -40.67 37.51
C MET B 3002 16.96 -39.48 36.61
N LEU B 3003 15.95 -38.98 35.90
CA LEU B 3003 16.13 -37.79 35.07
C LEU B 3003 16.47 -36.58 35.91
N GLY B 3004 15.78 -36.42 37.04
CA GLY B 3004 16.10 -35.32 37.95
C GLY B 3004 17.47 -35.46 38.57
N VAL B 3005 17.84 -36.68 38.97
CA VAL B 3005 19.14 -36.90 39.58
C VAL B 3005 20.26 -36.64 38.58
N HIS B 3006 20.09 -37.12 37.35
CA HIS B 3006 21.08 -36.90 36.31
C HIS B 3006 21.23 -35.43 36.01
N ALA B 3007 20.11 -34.70 35.95
CA ALA B 3007 20.19 -33.26 35.71
C ALA B 3007 20.94 -32.55 36.85
N SER B 3008 20.66 -32.92 38.10
CA SER B 3008 21.35 -32.31 39.22
C SER B 3008 22.84 -32.59 39.19
N ALA B 3009 23.22 -33.85 38.92
CA ALA B 3009 24.63 -34.20 38.85
C ALA B 3009 25.34 -33.45 37.72
N SER B 3010 24.68 -33.35 36.57
CA SER B 3010 25.26 -32.62 35.45
C SER B 3010 25.45 -31.15 35.78
N ALA B 3011 24.47 -30.54 36.47
CA ALA B 3011 24.61 -29.14 36.85
C ALA B 3011 25.77 -28.95 37.83
N ILE B 3012 25.92 -29.87 38.79
CA ILE B 3012 27.04 -29.77 39.73
C ILE B 3012 28.37 -29.88 38.98
N ILE B 3013 28.47 -30.84 38.06
CA ILE B 3013 29.72 -31.02 37.32
C ILE B 3013 30.02 -29.80 36.45
N GLN B 3014 28.99 -29.23 35.82
CA GLN B 3014 29.20 -28.03 35.01
C GLN B 3014 29.66 -26.87 35.87
N TYR B 3015 29.06 -26.70 37.05
CA TYR B 3015 29.49 -25.65 37.96
C TYR B 3015 30.96 -25.84 38.38
N GLY B 3016 31.34 -27.07 38.72
CA GLY B 3016 32.73 -27.33 39.06
C GLY B 3016 33.67 -27.11 37.91
N LYS B 3017 33.26 -27.48 36.70
CA LYS B 3017 34.08 -27.27 35.51
C LYS B 3017 34.30 -25.80 35.23
N ILE B 3018 33.26 -24.98 35.38
CA ILE B 3018 33.40 -23.55 35.18
C ILE B 3018 34.31 -22.95 36.27
N ALA B 3019 34.20 -23.46 37.50
CA ALA B 3019 35.09 -23.00 38.55
C ALA B 3019 36.54 -23.34 38.24
N ARG B 3020 36.78 -24.54 37.70
CA ARG B 3020 38.13 -24.93 37.33
C ARG B 3020 38.67 -24.09 36.18
N LYS B 3021 37.82 -23.79 35.19
CA LYS B 3021 38.26 -23.02 34.04
C LYS B 3021 38.66 -21.60 34.43
N GLN B 3022 38.09 -21.08 35.51
CA GLN B 3022 38.38 -19.74 35.99
C GLN B 3022 39.49 -19.70 37.03
N GLY B 3023 40.15 -20.83 37.28
CA GLY B 3023 41.27 -20.87 38.19
C GLY B 3023 40.94 -21.10 39.64
N LEU B 3024 39.68 -21.36 39.97
CA LEU B 3024 39.27 -21.62 41.35
C LEU B 3024 39.25 -23.13 41.59
N VAL B 3025 40.45 -23.70 41.60
CA VAL B 3025 40.59 -25.15 41.61
C VAL B 3025 40.12 -25.75 42.93
N ASN B 3026 40.46 -25.10 44.06
CA ASN B 3026 39.97 -25.57 45.34
C ASN B 3026 38.45 -25.46 45.43
N VAL B 3027 37.89 -24.35 44.92
CA VAL B 3027 36.45 -24.19 44.86
C VAL B 3027 35.83 -25.28 43.98
N ALA B 3028 36.48 -25.57 42.85
CA ALA B 3028 35.96 -26.62 41.96
C ALA B 3028 35.97 -27.98 42.63
N LEU B 3029 37.05 -28.30 43.34
CA LEU B 3029 37.13 -29.58 44.03
C LEU B 3029 36.09 -29.66 45.14
N ASP B 3030 35.83 -28.55 45.82
CA ASP B 3030 34.76 -28.54 46.83
C ASP B 3030 33.40 -28.74 46.20
N ILE B 3031 33.16 -28.12 45.03
CA ILE B 3031 31.89 -28.27 44.34
C ILE B 3031 31.70 -29.71 43.87
N LEU B 3032 32.73 -30.29 43.26
CA LEU B 3032 32.61 -31.65 42.73
C LEU B 3032 32.41 -32.68 43.83
N SER B 3033 32.84 -32.40 45.05
CA SER B 3033 32.69 -33.32 46.15
C SER B 3033 31.23 -33.50 46.57
N ARG B 3034 30.33 -32.63 46.13
CA ARG B 3034 28.92 -32.75 46.48
C ARG B 3034 28.21 -33.85 45.70
N ILE B 3035 28.86 -34.42 44.69
CA ILE B 3035 28.28 -35.55 43.98
C ILE B 3035 28.17 -36.76 44.90
N HIS B 3036 29.14 -36.95 45.80
CA HIS B 3036 29.09 -38.06 46.73
C HIS B 3036 27.92 -37.97 47.70
N THR B 3037 27.34 -36.77 47.86
CA THR B 3037 26.14 -36.64 48.69
C THR B 3037 24.97 -37.40 48.08
N ILE B 3038 24.84 -37.37 46.76
CA ILE B 3038 23.73 -38.05 46.09
C ILE B 3038 23.83 -39.55 46.32
N PRO B 3039 22.74 -40.24 46.69
CA PRO B 3039 22.86 -41.68 46.97
C PRO B 3039 23.29 -42.49 45.75
N THR B 3040 22.59 -42.36 44.63
CA THR B 3040 22.94 -43.04 43.40
C THR B 3040 23.08 -42.02 42.27
N VAL B 3041 24.11 -42.21 41.44
CA VAL B 3041 24.35 -41.33 40.30
C VAL B 3041 24.64 -42.18 39.07
N PRO B 3042 24.24 -41.75 37.88
CA PRO B 3042 24.59 -42.51 36.68
C PRO B 3042 26.08 -42.49 36.41
N ILE B 3043 26.55 -43.53 35.72
CA ILE B 3043 27.98 -43.71 35.53
C ILE B 3043 28.57 -42.59 34.67
N VAL B 3044 27.76 -41.98 33.81
CA VAL B 3044 28.25 -40.89 32.97
C VAL B 3044 28.66 -39.70 33.84
N ASP B 3045 27.81 -39.36 34.82
CA ASP B 3045 28.13 -38.23 35.69
C ASP B 3045 29.31 -38.55 36.60
N CYS B 3046 29.42 -39.80 37.06
CA CYS B 3046 30.59 -40.18 37.85
C CYS B 3046 31.87 -40.07 37.03
N PHE B 3047 31.81 -40.51 35.77
CA PHE B 3047 32.95 -40.35 34.87
C PHE B 3047 33.33 -38.89 34.69
N GLN B 3048 32.33 -38.04 34.47
CA GLN B 3048 32.63 -36.62 34.29
C GLN B 3048 33.19 -36.00 35.57
N LYS B 3049 32.69 -36.40 36.73
CA LYS B 3049 33.21 -35.88 37.99
C LYS B 3049 34.66 -36.27 38.18
N ILE B 3050 34.99 -37.54 37.93
CA ILE B 3050 36.38 -37.98 38.07
C ILE B 3050 37.26 -37.27 37.06
N ARG B 3051 36.75 -37.07 35.84
CA ARG B 3051 37.51 -36.38 34.81
C ARG B 3051 37.80 -34.94 35.21
N GLN B 3052 36.81 -34.24 35.77
CA GLN B 3052 37.04 -32.86 36.22
C GLN B 3052 38.00 -32.81 37.40
N GLN B 3053 37.93 -33.78 38.32
CA GLN B 3053 38.89 -33.82 39.41
C GLN B 3053 40.30 -34.02 38.88
N VAL B 3054 40.47 -34.92 37.91
CA VAL B 3054 41.78 -35.16 37.31
C VAL B 3054 42.30 -33.90 36.64
N LYS B 3055 41.44 -33.19 35.89
CA LYS B 3055 41.88 -31.95 35.27
C LYS B 3055 42.24 -30.90 36.32
N CYS B 3056 41.52 -30.87 37.44
CA CYS B 3056 41.87 -29.96 38.53
C CYS B 3056 43.26 -30.26 39.07
N TYR B 3057 43.57 -31.54 39.26
CA TYR B 3057 44.89 -31.90 39.77
C TYR B 3057 45.98 -31.64 38.75
N LEU B 3058 45.68 -31.82 37.47
CA LEU B 3058 46.64 -31.44 36.43
C LEU B 3058 46.92 -29.94 36.47
N GLN B 3059 45.88 -29.13 36.62
CA GLN B 3059 46.06 -27.68 36.71
C GLN B 3059 46.88 -27.30 37.94
N LEU B 3060 46.60 -27.94 39.08
CA LEU B 3060 47.37 -27.66 40.29
C LEU B 3060 48.82 -28.07 40.14
N ALA B 3061 49.07 -29.21 39.50
CA ALA B 3061 50.44 -29.67 39.29
C ALA B 3061 51.23 -28.77 38.35
N GLY B 3062 50.54 -27.98 37.52
CA GLY B 3062 51.22 -27.01 36.69
C GLY B 3062 52.04 -26.00 37.46
N VAL B 3063 51.70 -25.77 38.73
CA VAL B 3063 52.46 -24.86 39.57
C VAL B 3063 53.03 -25.53 40.82
N MET B 3064 52.46 -26.65 41.27
CA MET B 3064 52.94 -27.34 42.47
C MET B 3064 53.88 -28.50 42.16
N GLY B 3065 53.55 -29.31 41.15
CA GLY B 3065 54.46 -30.34 40.69
C GLY B 3065 54.09 -31.76 41.06
N LYS B 3066 55.00 -32.45 41.75
CA LYS B 3066 54.90 -33.90 41.91
C LYS B 3066 53.69 -34.29 42.76
N ASN B 3067 53.42 -33.56 43.83
CA ASN B 3067 52.41 -33.98 44.80
C ASN B 3067 51.01 -34.02 44.17
N GLU B 3068 50.67 -33.02 43.37
CA GLU B 3068 49.36 -33.01 42.73
C GLU B 3068 49.23 -34.10 41.68
N CYS B 3069 50.33 -34.41 40.98
CA CYS B 3069 50.32 -35.55 40.07
C CYS B 3069 50.08 -36.85 40.82
N MET B 3070 50.70 -36.99 42.00
CA MET B 3070 50.47 -38.18 42.81
C MET B 3070 49.02 -38.27 43.26
N GLN B 3071 48.43 -37.13 43.65
CA GLN B 3071 47.02 -37.13 44.06
C GLN B 3071 46.12 -37.52 42.89
N GLY B 3072 46.39 -36.99 41.70
CA GLY B 3072 45.61 -37.37 40.53
C GLY B 3072 45.74 -38.85 40.20
N LEU B 3073 46.98 -39.38 40.31
CA LEU B 3073 47.18 -40.80 40.08
C LEU B 3073 46.42 -41.64 41.11
N GLU B 3074 46.37 -41.18 42.35
CA GLU B 3074 45.60 -41.88 43.37
C GLU B 3074 44.11 -41.87 43.02
N VAL B 3075 43.61 -40.74 42.55
CA VAL B 3075 42.21 -40.65 42.14
C VAL B 3075 41.93 -41.63 41.00
N ILE B 3076 42.82 -41.68 40.01
CA ILE B 3076 42.63 -42.59 38.88
C ILE B 3076 42.67 -44.03 39.34
N GLU B 3077 43.62 -44.36 40.22
CA GLU B 3077 43.75 -45.74 40.69
C GLU B 3077 42.52 -46.19 41.48
N SER B 3078 41.96 -45.29 42.29
CA SER B 3078 40.77 -45.63 43.06
C SER B 3078 39.54 -45.85 42.19
N THR B 3079 39.58 -45.44 40.93
CA THR B 3079 38.42 -45.56 40.04
C THR B 3079 38.14 -47.02 39.70
N ASN B 3080 36.90 -47.45 39.91
CA ASN B 3080 36.48 -48.83 39.69
C ASN B 3080 36.07 -48.96 38.23
N LEU B 3081 37.05 -49.30 37.38
CA LEU B 3081 36.86 -49.26 35.93
C LEU B 3081 35.70 -50.13 35.46
N LYS B 3082 35.39 -51.21 36.18
CA LYS B 3082 34.50 -52.24 35.67
C LYS B 3082 33.13 -51.69 35.24
N TYR B 3083 32.64 -50.65 35.91
CA TYR B 3083 31.40 -50.03 35.46
C TYR B 3083 31.58 -49.19 34.20
N PHE B 3084 32.76 -48.61 34.02
CA PHE B 3084 32.99 -47.67 32.93
C PHE B 3084 33.13 -48.38 31.60
N THR B 3085 32.76 -47.67 30.53
CA THR B 3085 32.83 -48.20 29.18
C THR B 3085 34.28 -48.20 28.68
N LYS B 3086 34.47 -48.71 27.45
CA LYS B 3086 35.80 -48.76 26.87
C LYS B 3086 36.36 -47.36 26.63
N GLU B 3087 35.52 -46.44 26.15
CA GLU B 3087 35.97 -45.07 25.92
C GLU B 3087 36.35 -44.39 27.23
N MET B 3088 35.56 -44.63 28.28
CA MET B 3088 35.88 -44.06 29.58
C MET B 3088 37.20 -44.61 30.12
N THR B 3089 37.41 -45.93 29.97
CA THR B 3089 38.68 -46.52 30.40
C THR B 3089 39.85 -45.95 29.61
N ALA B 3090 39.66 -45.75 28.30
CA ALA B 3090 40.72 -45.17 27.49
C ALA B 3090 41.04 -43.74 27.94
N GLU B 3091 40.02 -42.94 28.24
CA GLU B 3091 40.26 -41.59 28.73
C GLU B 3091 40.98 -41.62 30.07
N PHE B 3092 40.59 -42.53 30.96
CA PHE B 3092 41.26 -42.64 32.25
C PHE B 3092 42.74 -42.99 32.07
N TYR B 3093 43.03 -43.94 31.18
CA TYR B 3093 44.42 -44.31 30.96
C TYR B 3093 45.21 -43.20 30.28
N ALA B 3094 44.57 -42.39 29.43
CA ALA B 3094 45.25 -41.23 28.88
C ALA B 3094 45.59 -40.21 29.97
N LEU B 3095 44.66 -39.97 30.89
CA LEU B 3095 44.96 -39.08 32.01
C LEU B 3095 46.09 -39.63 32.87
N LYS B 3096 46.08 -40.95 33.09
CA LYS B 3096 47.16 -41.58 33.83
C LYS B 3096 48.49 -41.41 33.12
N GLY B 3097 48.48 -41.53 31.79
CA GLY B 3097 49.71 -41.30 31.03
C GLY B 3097 50.21 -39.88 31.15
N MET B 3098 49.30 -38.90 31.12
CA MET B 3098 49.70 -37.51 31.33
C MET B 3098 50.37 -37.35 32.69
N PHE B 3099 49.73 -37.89 33.73
CA PHE B 3099 50.30 -37.77 35.07
C PHE B 3099 51.68 -38.42 35.15
N LEU B 3100 51.83 -39.63 34.59
CA LEU B 3100 53.11 -40.31 34.64
C LEU B 3100 54.17 -39.58 33.83
N ALA B 3101 53.78 -38.93 32.74
CA ALA B 3101 54.72 -38.11 31.98
C ALA B 3101 55.20 -36.94 32.80
N GLN B 3102 54.32 -36.31 33.56
CA GLN B 3102 54.75 -35.21 34.42
C GLN B 3102 55.62 -35.70 35.58
N ILE B 3103 55.37 -36.91 36.07
CA ILE B 3103 56.19 -37.51 37.12
C ILE B 3103 57.56 -37.95 36.58
N ASN B 3104 57.76 -37.92 35.27
CA ASN B 3104 58.97 -38.41 34.60
C ASN B 3104 59.09 -39.94 34.68
N LYS B 3105 57.95 -40.63 34.81
CA LYS B 3105 57.91 -42.09 34.68
C LYS B 3105 57.57 -42.44 33.24
N SER B 3106 58.59 -42.29 32.37
CA SER B 3106 58.37 -42.37 30.93
C SER B 3106 57.82 -43.73 30.50
N GLU B 3107 58.37 -44.81 31.03
CA GLU B 3107 57.97 -46.14 30.58
C GLU B 3107 56.51 -46.42 30.92
N GLU B 3108 56.11 -46.10 32.15
CA GLU B 3108 54.72 -46.32 32.56
C GLU B 3108 53.78 -45.40 31.80
N ALA B 3109 54.22 -44.17 31.49
CA ALA B 3109 53.40 -43.27 30.68
C ALA B 3109 53.18 -43.84 29.29
N ASN B 3110 54.23 -44.42 28.69
CA ASN B 3110 54.08 -45.02 27.37
C ASN B 3110 53.15 -46.22 27.43
N LYS B 3111 53.27 -47.04 28.47
CA LYS B 3111 52.31 -48.14 28.66
C LYS B 3111 50.88 -47.62 28.74
N ALA B 3112 50.66 -46.57 29.54
CA ALA B 3112 49.31 -46.03 29.70
C ALA B 3112 48.75 -45.50 28.40
N PHE B 3113 49.56 -44.76 27.64
CA PHE B 3113 49.08 -44.23 26.36
C PHE B 3113 48.80 -45.33 25.36
N SER B 3114 49.67 -46.35 25.31
CA SER B 3114 49.42 -47.49 24.42
C SER B 3114 48.11 -48.18 24.76
N ALA B 3115 47.90 -48.47 26.04
CA ALA B 3115 46.67 -49.13 26.46
C ALA B 3115 45.45 -48.26 26.16
N ALA B 3116 45.57 -46.94 26.39
CA ALA B 3116 44.47 -46.04 26.11
C ALA B 3116 44.08 -46.07 24.64
N VAL B 3117 45.07 -45.99 23.75
CA VAL B 3117 44.76 -45.97 22.32
C VAL B 3117 44.27 -47.32 21.84
N GLN B 3118 44.81 -48.43 22.37
CA GLN B 3118 44.26 -49.74 22.04
C GLN B 3118 42.83 -49.91 22.54
N MET B 3119 42.48 -49.29 23.66
CA MET B 3119 41.12 -49.40 24.18
C MET B 3119 40.11 -48.77 23.24
N HIS B 3120 40.37 -47.52 22.83
CA HIS B 3120 39.44 -46.79 21.97
C HIS B 3120 40.27 -46.00 20.95
N ASP B 3121 40.58 -46.64 19.82
CA ASP B 3121 41.51 -46.11 18.82
C ASP B 3121 40.99 -44.88 18.09
N VAL B 3122 39.88 -44.29 18.53
CA VAL B 3122 39.38 -43.04 17.96
C VAL B 3122 39.58 -41.87 18.91
N LEU B 3123 39.99 -42.11 20.15
CA LEU B 3123 40.07 -41.07 21.17
C LEU B 3123 41.19 -40.11 20.82
N VAL B 3124 40.81 -38.94 20.29
CA VAL B 3124 41.77 -37.98 19.77
C VAL B 3124 42.75 -37.54 20.86
N LYS B 3125 42.27 -37.39 22.09
CA LYS B 3125 43.12 -36.89 23.16
C LYS B 3125 44.21 -37.89 23.51
N ALA B 3126 43.91 -39.19 23.46
CA ALA B 3126 44.94 -40.20 23.73
C ALA B 3126 46.06 -40.10 22.70
N TRP B 3127 45.70 -40.00 21.41
CA TRP B 3127 46.70 -39.84 20.37
C TRP B 3127 47.51 -38.57 20.57
N ALA B 3128 46.85 -37.46 20.88
CA ALA B 3128 47.55 -36.18 21.01
C ALA B 3128 48.51 -36.20 22.18
N MET B 3129 48.11 -36.77 23.32
CA MET B 3129 48.98 -36.81 24.47
C MET B 3129 50.15 -37.77 24.26
N TRP B 3130 49.89 -38.91 23.63
CA TRP B 3130 50.98 -39.83 23.30
C TRP B 3130 51.96 -39.18 22.33
N GLY B 3131 51.45 -38.41 21.37
CA GLY B 3131 52.31 -37.68 20.48
C GLY B 3131 53.15 -36.62 21.19
N ASP B 3132 52.54 -35.91 22.15
CA ASP B 3132 53.30 -34.92 22.91
C ASP B 3132 54.42 -35.58 23.69
N TYR B 3133 54.13 -36.70 24.34
CA TYR B 3133 55.14 -37.43 25.09
C TYR B 3133 56.27 -37.90 24.17
N LEU B 3134 55.91 -38.50 23.04
CA LEU B 3134 56.92 -39.00 22.12
C LEU B 3134 57.72 -37.87 21.49
N GLU B 3135 57.09 -36.73 21.23
CA GLU B 3135 57.83 -35.58 20.70
C GLU B 3135 58.79 -35.01 21.73
N ASN B 3136 58.39 -35.01 23.01
CA ASN B 3136 59.31 -34.54 24.04
C ASN B 3136 60.52 -35.47 24.16
N ILE B 3137 60.31 -36.77 24.01
CA ILE B 3137 61.45 -37.68 24.04
C ILE B 3137 62.30 -37.54 22.78
N PHE B 3138 61.66 -37.38 21.62
CA PHE B 3138 62.38 -37.24 20.36
C PHE B 3138 63.26 -36.00 20.34
N VAL B 3139 62.78 -34.89 20.89
CA VAL B 3139 63.56 -33.66 20.82
C VAL B 3139 64.88 -33.82 21.54
N LYS B 3140 64.87 -34.49 22.69
CA LYS B 3140 66.11 -34.74 23.43
C LYS B 3140 66.94 -35.86 22.78
N GLU B 3141 66.40 -37.07 22.73
CA GLU B 3141 67.17 -38.23 22.28
C GLU B 3141 67.38 -38.28 20.76
N ARG B 3142 66.42 -37.80 19.98
CA ARG B 3142 66.54 -37.62 18.52
C ARG B 3142 66.63 -38.91 17.71
N GLN B 3143 66.23 -40.07 18.25
CA GLN B 3143 66.07 -41.24 17.39
C GLN B 3143 64.86 -41.03 16.48
N LEU B 3144 65.08 -41.17 15.17
CA LEU B 3144 64.05 -40.83 14.18
C LEU B 3144 62.77 -41.63 14.36
N HIS B 3145 62.85 -42.88 14.84
CA HIS B 3145 61.65 -43.67 15.01
C HIS B 3145 60.69 -43.04 16.01
N LEU B 3146 61.21 -42.33 17.01
CA LEU B 3146 60.34 -41.59 17.92
C LEU B 3146 59.66 -40.42 17.21
N GLY B 3147 60.38 -39.74 16.33
CA GLY B 3147 59.75 -38.72 15.51
C GLY B 3147 58.63 -39.27 14.66
N VAL B 3148 58.85 -40.43 14.05
CA VAL B 3148 57.82 -41.06 13.22
C VAL B 3148 56.61 -41.43 14.06
N SER B 3149 56.84 -41.98 15.25
CA SER B 3149 55.74 -42.32 16.14
C SER B 3149 54.96 -41.07 16.54
N ALA B 3150 55.66 -39.97 16.86
CA ALA B 3150 54.98 -38.74 17.23
C ALA B 3150 54.15 -38.19 16.08
N ILE B 3151 54.70 -38.23 14.86
CA ILE B 3151 53.95 -37.74 13.70
C ILE B 3151 52.72 -38.62 13.47
N THR B 3152 52.86 -39.93 13.63
CA THR B 3152 51.72 -40.83 13.49
C THR B 3152 50.63 -40.46 14.49
N CYS B 3153 51.01 -40.28 15.77
CA CYS B 3153 50.03 -39.94 16.80
C CYS B 3153 49.33 -38.62 16.47
N TYR B 3154 50.11 -37.60 16.13
CA TYR B 3154 49.53 -36.30 15.84
C TYR B 3154 48.58 -36.35 14.65
N LEU B 3155 48.97 -37.07 13.60
CA LEU B 3155 48.13 -37.16 12.41
C LEU B 3155 46.85 -37.94 12.70
N HIS B 3156 46.94 -38.98 13.51
CA HIS B 3156 45.72 -39.72 13.88
C HIS B 3156 44.81 -38.88 14.77
N ALA B 3157 45.38 -37.94 15.53
CA ALA B 3157 44.54 -37.03 16.32
C ALA B 3157 43.77 -36.04 15.45
N CYS B 3158 44.34 -35.61 14.33
CA CYS B 3158 43.71 -34.66 13.42
C CYS B 3158 42.61 -35.24 12.54
N ARG B 3159 42.33 -36.53 12.62
CA ARG B 3159 41.43 -37.18 11.67
C ARG B 3159 39.95 -36.86 11.97
N HIS B 3160 39.65 -35.56 11.97
CA HIS B 3160 38.30 -35.08 12.21
C HIS B 3160 38.20 -33.66 11.70
N GLN B 3161 36.97 -33.16 11.61
CA GLN B 3161 36.69 -31.87 11.00
C GLN B 3161 36.80 -30.70 11.95
N ASN B 3162 36.96 -30.94 13.26
CA ASN B 3162 37.04 -29.87 14.26
C ASN B 3162 38.42 -29.24 14.16
N GLU B 3163 38.56 -28.32 13.20
CA GLU B 3163 39.88 -27.77 12.88
C GLU B 3163 40.47 -26.98 14.03
N SER B 3164 39.62 -26.35 14.86
CA SER B 3164 40.14 -25.53 15.95
C SER B 3164 40.90 -26.37 16.97
N LYS B 3165 40.48 -27.61 17.19
CA LYS B 3165 41.19 -28.47 18.13
C LYS B 3165 42.50 -28.97 17.53
N SER B 3166 42.49 -29.37 16.27
CA SER B 3166 43.65 -30.00 15.64
C SER B 3166 44.74 -29.03 15.26
N ARG B 3167 44.47 -27.72 15.27
CA ARG B 3167 45.44 -26.75 14.76
C ARG B 3167 46.77 -26.85 15.48
N LYS B 3168 46.75 -27.07 16.79
CA LYS B 3168 47.99 -27.12 17.56
C LYS B 3168 48.78 -28.40 17.31
N TYR B 3169 48.16 -29.44 16.76
CA TYR B 3169 48.89 -30.67 16.46
C TYR B 3169 49.60 -30.61 15.12
N LEU B 3170 48.92 -30.09 14.09
CA LEU B 3170 49.55 -29.95 12.79
C LEU B 3170 50.74 -29.00 12.84
N ALA B 3171 50.71 -28.03 13.75
CA ALA B 3171 51.89 -27.19 13.95
C ALA B 3171 53.07 -28.02 14.43
N LYS B 3172 52.83 -28.95 15.36
CA LYS B 3172 53.89 -29.86 15.79
C LYS B 3172 54.36 -30.74 14.64
N VAL B 3173 53.44 -31.22 13.81
CA VAL B 3173 53.83 -32.06 12.67
C VAL B 3173 54.73 -31.27 11.73
N LEU B 3174 54.36 -30.03 11.42
CA LEU B 3174 55.18 -29.22 10.52
C LEU B 3174 56.53 -28.89 11.15
N TRP B 3175 56.56 -28.61 12.46
CA TRP B 3175 57.82 -28.33 13.13
C TRP B 3175 58.73 -29.56 13.15
N LEU B 3176 58.14 -30.75 13.29
CA LEU B 3176 58.95 -31.97 13.37
C LEU B 3176 59.68 -32.26 12.06
N LEU B 3177 59.13 -31.80 10.93
CA LEU B 3177 59.79 -32.02 9.65
C LEU B 3177 61.13 -31.32 9.56
N SER B 3178 61.42 -30.36 10.45
CA SER B 3178 62.73 -29.74 10.50
C SER B 3178 63.81 -30.72 10.94
N PHE B 3179 63.42 -31.81 11.58
CA PHE B 3179 64.35 -32.83 12.05
C PHE B 3179 64.56 -33.97 11.05
N ASP B 3180 64.07 -33.82 9.83
CA ASP B 3180 64.13 -34.89 8.86
C ASP B 3180 65.57 -35.18 8.45
N ASP B 3181 65.82 -36.43 8.06
CA ASP B 3181 67.12 -36.87 7.62
C ASP B 3181 67.23 -36.74 6.10
N ASP B 3182 68.34 -37.20 5.53
CA ASP B 3182 68.52 -37.16 4.08
C ASP B 3182 67.58 -38.12 3.36
N LYS B 3183 67.02 -39.10 4.06
CA LYS B 3183 66.12 -40.08 3.45
C LYS B 3183 64.65 -39.69 3.56
N ASN B 3184 64.36 -38.54 4.19
CA ASN B 3184 62.99 -38.03 4.34
C ASN B 3184 62.08 -39.06 5.01
N THR B 3185 62.54 -39.60 6.14
CA THR B 3185 61.75 -40.57 6.89
C THR B 3185 60.48 -39.92 7.45
N LEU B 3186 60.63 -38.75 8.08
CA LEU B 3186 59.49 -38.08 8.67
C LEU B 3186 58.49 -37.64 7.60
N ALA B 3187 58.99 -37.15 6.46
CA ALA B 3187 58.08 -36.81 5.37
C ALA B 3187 57.39 -38.04 4.81
N ASP B 3188 58.07 -39.18 4.78
CA ASP B 3188 57.43 -40.42 4.39
C ASP B 3188 56.30 -40.79 5.33
N ALA B 3189 56.54 -40.65 6.65
CA ALA B 3189 55.49 -40.93 7.62
C ALA B 3189 54.31 -39.98 7.45
N VAL B 3190 54.59 -38.70 7.21
CA VAL B 3190 53.53 -37.73 6.98
C VAL B 3190 52.72 -38.10 5.75
N ASP B 3191 53.40 -38.48 4.66
CA ASP B 3191 52.71 -38.87 3.44
C ASP B 3191 51.84 -40.10 3.66
N LYS B 3192 52.35 -41.07 4.42
CA LYS B 3192 51.61 -42.29 4.66
C LYS B 3192 50.35 -42.02 5.50
N TYR B 3193 50.53 -41.41 6.67
CA TYR B 3193 49.42 -41.26 7.61
C TYR B 3193 48.49 -40.09 7.30
N CYS B 3194 48.93 -39.07 6.57
CA CYS B 3194 48.09 -37.89 6.38
C CYS B 3194 46.79 -38.19 5.65
N ILE B 3195 46.69 -39.34 4.99
CA ILE B 3195 45.43 -39.73 4.38
C ILE B 3195 44.38 -39.92 5.47
N GLY B 3196 43.19 -39.37 5.25
CA GLY B 3196 42.16 -39.34 6.25
C GLY B 3196 42.07 -38.06 7.03
N VAL B 3197 43.05 -37.17 6.89
CA VAL B 3197 43.02 -35.85 7.50
C VAL B 3197 42.31 -34.91 6.53
N PRO B 3198 41.14 -34.38 6.87
CA PRO B 3198 40.42 -33.53 5.92
C PRO B 3198 41.22 -32.30 5.56
N PRO B 3199 41.11 -31.84 4.31
CA PRO B 3199 41.93 -30.70 3.87
C PRO B 3199 41.61 -29.39 4.60
N ILE B 3200 40.46 -29.29 5.25
CA ILE B 3200 40.14 -28.08 6.00
C ILE B 3200 41.14 -27.85 7.12
N GLN B 3201 41.78 -28.92 7.60
CA GLN B 3201 42.80 -28.77 8.64
C GLN B 3201 44.00 -27.98 8.14
N TRP B 3202 44.35 -28.16 6.86
CA TRP B 3202 45.57 -27.59 6.27
C TRP B 3202 45.39 -26.19 5.73
N LEU B 3203 44.19 -25.61 5.78
CA LEU B 3203 43.96 -24.31 5.17
C LEU B 3203 44.81 -23.21 5.82
N ALA B 3204 44.88 -23.19 7.14
CA ALA B 3204 45.66 -22.15 7.82
C ALA B 3204 47.16 -22.34 7.61
N TRP B 3205 47.61 -23.59 7.46
CA TRP B 3205 49.01 -23.93 7.31
C TRP B 3205 49.58 -23.69 5.92
N ILE B 3206 48.75 -23.40 4.93
CA ILE B 3206 49.14 -23.39 3.52
C ILE B 3206 50.44 -22.64 3.26
N PRO B 3207 50.71 -21.47 3.89
CA PRO B 3207 52.05 -20.88 3.73
C PRO B 3207 53.17 -21.81 4.16
N GLN B 3208 53.02 -22.48 5.29
CA GLN B 3208 54.03 -23.43 5.77
C GLN B 3208 54.14 -24.62 4.82
N LEU B 3209 53.00 -25.08 4.29
CA LEU B 3209 53.02 -26.17 3.33
C LEU B 3209 53.79 -25.79 2.07
N LEU B 3210 53.62 -24.56 1.60
CA LEU B 3210 54.40 -24.11 0.44
C LEU B 3210 55.88 -23.97 0.77
N THR B 3211 56.19 -23.50 1.98
CA THR B 3211 57.59 -23.46 2.40
C THR B 3211 58.21 -24.85 2.38
N CYS B 3212 57.48 -25.85 2.87
CA CYS B 3212 57.96 -27.22 2.78
C CYS B 3212 58.02 -27.71 1.34
N LEU B 3213 57.09 -27.25 0.49
CA LEU B 3213 57.06 -27.67 -0.90
C LEU B 3213 58.30 -27.21 -1.64
N VAL B 3214 58.81 -26.03 -1.32
CA VAL B 3214 60.02 -25.55 -1.98
C VAL B 3214 61.22 -26.40 -1.57
N GLY B 3215 61.20 -26.96 -0.35
CA GLY B 3215 62.29 -27.76 0.13
C GLY B 3215 62.31 -29.16 -0.45
N SER B 3216 63.30 -29.95 0.01
CA SER B 3216 63.47 -31.30 -0.49
C SER B 3216 62.30 -32.20 -0.15
N GLU B 3217 61.59 -31.91 0.94
CA GLU B 3217 60.46 -32.75 1.34
C GLU B 3217 59.21 -32.49 0.51
N GLY B 3218 59.24 -31.50 -0.38
CA GLY B 3218 58.10 -31.21 -1.22
C GLY B 3218 57.75 -32.33 -2.18
N LYS B 3219 58.69 -33.22 -2.47
CA LYS B 3219 58.41 -34.35 -3.34
C LYS B 3219 57.37 -35.27 -2.73
N LEU B 3220 57.45 -35.50 -1.42
CA LEU B 3220 56.51 -36.37 -0.74
C LEU B 3220 55.26 -35.65 -0.26
N LEU B 3221 55.29 -34.32 -0.15
CA LEU B 3221 54.15 -33.55 0.30
C LEU B 3221 53.32 -33.01 -0.86
N LEU B 3222 53.66 -33.35 -2.10
CA LEU B 3222 52.92 -32.83 -3.25
C LEU B 3222 51.49 -33.33 -3.26
N ASN B 3223 51.26 -34.58 -2.85
CA ASN B 3223 49.92 -35.13 -2.83
C ASN B 3223 49.03 -34.40 -1.82
N LEU B 3224 49.57 -34.08 -0.65
CA LEU B 3224 48.81 -33.36 0.36
C LEU B 3224 48.33 -32.00 -0.16
N ILE B 3225 49.26 -31.21 -0.70
CA ILE B 3225 48.91 -29.89 -1.22
C ILE B 3225 47.97 -30.03 -2.41
N SER B 3226 48.16 -31.07 -3.22
CA SER B 3226 47.27 -31.30 -4.35
C SER B 3226 45.84 -31.58 -3.89
N GLN B 3227 45.69 -32.36 -2.83
CA GLN B 3227 44.35 -32.62 -2.30
C GLN B 3227 43.71 -31.35 -1.74
N VAL B 3228 44.49 -30.57 -0.99
CA VAL B 3228 43.96 -29.31 -0.47
C VAL B 3228 43.56 -28.38 -1.61
N GLY B 3229 44.37 -28.31 -2.66
CA GLY B 3229 44.01 -27.50 -3.81
C GLY B 3229 42.80 -28.01 -4.55
N ARG B 3230 42.61 -29.34 -4.58
CA ARG B 3230 41.40 -29.90 -5.18
C ARG B 3230 40.16 -29.47 -4.42
N VAL B 3231 40.22 -29.50 -3.09
CA VAL B 3231 39.02 -29.17 -2.32
C VAL B 3231 38.87 -27.67 -2.13
N TYR B 3232 39.98 -26.93 -1.99
CA TYR B 3232 39.95 -25.48 -1.78
C TYR B 3232 40.84 -24.80 -2.81
N PRO B 3233 40.39 -24.74 -4.06
CA PRO B 3233 41.24 -24.20 -5.13
C PRO B 3233 41.64 -22.74 -4.95
N GLN B 3234 40.72 -21.87 -4.52
CA GLN B 3234 41.07 -20.46 -4.36
C GLN B 3234 42.07 -20.24 -3.24
N ALA B 3235 42.00 -21.05 -2.18
CA ALA B 3235 42.95 -20.90 -1.07
C ALA B 3235 44.38 -21.18 -1.52
N VAL B 3236 44.58 -22.24 -2.31
CA VAL B 3236 45.91 -22.62 -2.77
C VAL B 3236 46.39 -21.77 -3.95
N TYR B 3237 45.48 -21.40 -4.86
CA TYR B 3237 45.91 -20.82 -6.14
C TYR B 3237 46.75 -19.56 -6.00
N PHE B 3238 46.28 -18.57 -5.23
CA PHE B 3238 47.05 -17.33 -5.10
C PHE B 3238 48.40 -17.52 -4.41
N PRO B 3239 48.49 -18.29 -3.31
CA PRO B 3239 49.83 -18.53 -2.77
C PRO B 3239 50.74 -19.28 -3.72
N ILE B 3240 50.24 -20.30 -4.42
CA ILE B 3240 51.07 -21.03 -5.37
C ILE B 3240 51.47 -20.15 -6.54
N ARG B 3241 50.54 -19.33 -7.05
CA ARG B 3241 50.88 -18.39 -8.11
C ARG B 3241 51.98 -17.43 -7.68
N THR B 3242 51.83 -16.85 -6.49
CA THR B 3242 52.83 -15.92 -5.99
C THR B 3242 54.18 -16.60 -5.79
N LEU B 3243 54.17 -17.81 -5.21
CA LEU B 3243 55.42 -18.54 -5.01
C LEU B 3243 56.08 -18.89 -6.33
N TYR B 3244 55.30 -19.35 -7.31
CA TYR B 3244 55.87 -19.72 -8.61
C TYR B 3244 56.50 -18.52 -9.30
N LEU B 3245 55.82 -17.37 -9.27
CA LEU B 3245 56.38 -16.20 -9.92
C LEU B 3245 57.58 -15.67 -9.15
N THR B 3246 57.59 -15.80 -7.83
CA THR B 3246 58.78 -15.45 -7.05
C THR B 3246 59.96 -16.34 -7.42
N LEU B 3247 59.71 -17.64 -7.58
CA LEU B 3247 60.77 -18.55 -7.98
C LEU B 3247 61.30 -18.21 -9.37
N LYS B 3248 60.40 -17.83 -10.29
CA LYS B 3248 60.85 -17.42 -11.62
C LYS B 3248 61.70 -16.16 -11.55
N ILE B 3249 61.31 -15.19 -10.73
CA ILE B 3249 62.09 -13.97 -10.58
C ILE B 3249 63.48 -14.29 -10.01
N GLU B 3250 63.53 -15.15 -8.99
CA GLU B 3250 64.81 -15.52 -8.41
C GLU B 3250 65.69 -16.26 -9.40
N GLN B 3251 65.09 -17.13 -10.22
CA GLN B 3251 65.85 -17.83 -11.24
C GLN B 3251 66.39 -16.87 -12.30
N ARG B 3252 65.59 -15.89 -12.71
CA ARG B 3252 66.06 -14.89 -13.65
C ARG B 3252 67.21 -14.09 -13.07
N GLU B 3253 67.13 -13.77 -11.78
CA GLU B 3253 68.23 -13.05 -11.13
C GLU B 3253 69.48 -13.92 -11.04
N ARG B 3254 69.31 -15.22 -10.78
CA ARG B 3254 70.46 -16.10 -10.62
C ARG B 3254 71.24 -16.24 -11.93
N TYR B 3255 70.54 -16.35 -13.05
CA TYR B 3255 71.16 -16.48 -14.37
C TYR B 3255 71.14 -15.17 -15.15
N LYS B 3256 71.37 -14.05 -14.47
CA LYS B 3256 71.40 -12.75 -15.11
C LYS B 3256 72.52 -12.67 -16.15
N PRO B 3261 66.04 -19.02 -22.52
CA PRO B 3261 65.21 -19.62 -21.47
C PRO B 3261 66.00 -20.49 -20.52
N ILE B 3262 65.52 -20.62 -19.28
CA ILE B 3262 66.19 -21.40 -18.25
C ILE B 3262 65.27 -22.56 -17.86
N ARG B 3263 65.86 -23.74 -17.71
CA ARG B 3263 65.11 -24.91 -17.28
C ARG B 3263 64.52 -24.69 -15.89
N ALA B 3264 63.24 -24.96 -15.75
CA ALA B 3264 62.56 -24.76 -14.47
C ALA B 3264 63.09 -25.70 -13.41
N THR B 3265 63.20 -25.20 -12.18
CA THR B 3265 63.65 -26.00 -11.05
C THR B 3265 62.53 -26.93 -10.58
N ALA B 3266 62.89 -27.83 -9.68
CA ALA B 3266 61.90 -28.77 -9.12
C ALA B 3266 60.77 -28.08 -8.38
N PRO B 3267 61.01 -27.09 -7.51
CA PRO B 3267 59.86 -26.39 -6.90
C PRO B 3267 58.94 -25.73 -7.92
N MET B 3268 59.50 -25.16 -8.98
CA MET B 3268 58.67 -24.60 -10.05
C MET B 3268 57.84 -25.68 -10.70
N TRP B 3269 58.42 -26.85 -10.93
CA TRP B 3269 57.67 -27.95 -11.51
C TRP B 3269 56.53 -28.39 -10.60
N ARG B 3270 56.77 -28.45 -9.29
CA ARG B 3270 55.72 -28.83 -8.36
C ARG B 3270 54.59 -27.80 -8.33
N CYS B 3271 54.95 -26.51 -8.32
CA CYS B 3271 53.93 -25.47 -8.39
C CYS B 3271 53.13 -25.57 -9.68
N SER B 3272 53.81 -25.82 -10.79
CA SER B 3272 53.12 -25.96 -12.07
C SER B 3272 52.21 -27.17 -12.08
N ARG B 3273 52.63 -28.27 -11.45
CA ARG B 3273 51.76 -29.43 -11.35
C ARG B 3273 50.50 -29.12 -10.56
N ILE B 3274 50.65 -28.43 -9.43
CA ILE B 3274 49.49 -28.08 -8.61
C ILE B 3274 48.54 -27.18 -9.40
N MET B 3275 49.08 -26.16 -10.06
CA MET B 3275 48.25 -25.25 -10.84
C MET B 3275 47.59 -25.96 -12.02
N HIS B 3276 48.30 -26.89 -12.66
CA HIS B 3276 47.71 -27.63 -13.77
C HIS B 3276 46.56 -28.52 -13.30
N MET B 3277 46.74 -29.18 -12.15
CA MET B 3277 45.66 -29.99 -11.61
C MET B 3277 44.46 -29.14 -11.24
N GLN B 3278 44.69 -27.94 -10.70
CA GLN B 3278 43.59 -27.05 -10.38
C GLN B 3278 42.89 -26.53 -11.63
N ARG B 3279 43.65 -26.21 -12.68
CA ARG B 3279 43.03 -25.78 -13.94
C ARG B 3279 42.22 -26.90 -14.58
N GLU B 3280 42.65 -28.14 -14.37
CA GLU B 3280 41.91 -29.28 -14.91
C GLU B 3280 40.62 -29.52 -14.14
N LEU B 3281 40.66 -29.43 -12.81
CA LEU B 3281 39.45 -29.70 -12.04
C LEU B 3281 38.52 -28.49 -11.94
N HIS B 3282 39.05 -27.28 -11.92
CA HIS B 3282 38.25 -26.07 -11.71
C HIS B 3282 38.59 -25.01 -12.77
N PRO B 3283 38.41 -25.34 -14.05
CA PRO B 3283 38.84 -24.39 -15.10
C PRO B 3283 38.10 -23.07 -15.10
N THR B 3284 36.79 -23.05 -14.80
CA THR B 3284 36.08 -21.78 -14.80
C THR B 3284 36.46 -20.90 -13.61
N LEU B 3285 36.72 -21.52 -12.45
CA LEU B 3285 37.16 -20.77 -11.29
C LEU B 3285 38.55 -20.19 -11.50
N LEU B 3286 39.50 -21.02 -11.92
CA LEU B 3286 40.86 -20.53 -12.11
C LEU B 3286 40.92 -19.52 -13.25
N SER B 3287 40.10 -19.71 -14.29
CA SER B 3287 40.05 -18.71 -15.36
C SER B 3287 39.50 -17.38 -14.86
N SER B 3288 38.56 -17.42 -13.90
CA SER B 3288 38.03 -16.19 -13.32
C SER B 3288 39.06 -15.52 -12.41
N LEU B 3289 39.74 -16.30 -11.58
CA LEU B 3289 40.79 -15.75 -10.73
C LEU B 3289 41.92 -15.16 -11.55
N GLU B 3290 42.36 -15.85 -12.60
CA GLU B 3290 43.39 -15.31 -13.47
C GLU B 3290 42.92 -14.05 -14.16
N GLY B 3291 41.66 -14.01 -14.59
CA GLY B 3291 41.12 -12.80 -15.18
C GLY B 3291 41.15 -11.62 -14.21
N ILE B 3292 40.76 -11.86 -12.96
CA ILE B 3292 40.82 -10.82 -11.93
C ILE B 3292 42.24 -10.32 -11.74
N VAL B 3293 43.20 -11.24 -11.59
CA VAL B 3293 44.58 -10.82 -11.34
C VAL B 3293 45.14 -10.07 -12.54
N ASP B 3294 44.83 -10.53 -13.76
CA ASP B 3294 45.27 -9.84 -14.97
C ASP B 3294 44.75 -8.41 -15.04
N GLN B 3295 43.54 -8.18 -14.52
CA GLN B 3295 42.99 -6.83 -14.50
C GLN B 3295 43.72 -5.92 -13.52
N MET B 3296 44.30 -6.49 -12.46
CA MET B 3296 44.92 -5.70 -11.42
C MET B 3296 46.09 -4.86 -11.92
N VAL B 3297 46.63 -5.18 -13.10
CA VAL B 3297 47.75 -4.41 -13.64
C VAL B 3297 47.35 -2.96 -13.90
N TRP B 3298 46.10 -2.73 -14.29
CA TRP B 3298 45.63 -1.37 -14.54
C TRP B 3298 45.60 -0.52 -13.29
N PHE B 3299 45.51 -1.14 -12.11
CA PHE B 3299 45.57 -0.45 -10.83
C PHE B 3299 46.95 0.11 -10.50
N ARG B 3300 48.00 -0.29 -11.21
CA ARG B 3300 49.34 0.22 -10.94
C ARG B 3300 49.36 1.74 -10.98
N GLU B 3301 50.25 2.33 -10.18
CA GLU B 3301 50.27 3.77 -9.99
C GLU B 3301 50.96 4.47 -11.17
N ASN B 3302 50.59 5.73 -11.35
CA ASN B 3302 51.24 6.56 -12.35
C ASN B 3302 52.62 6.98 -11.87
N TRP B 3303 53.44 7.44 -12.82
CA TRP B 3303 54.85 7.68 -12.55
C TRP B 3303 55.07 8.74 -11.47
N HIS B 3304 54.20 9.76 -11.40
CA HIS B 3304 54.30 10.72 -10.31
C HIS B 3304 54.27 10.01 -8.97
N GLU B 3305 53.28 9.15 -8.77
CA GLU B 3305 53.11 8.47 -7.51
C GLU B 3305 54.25 7.50 -7.23
N GLU B 3306 54.76 6.84 -8.27
CA GLU B 3306 55.89 5.93 -8.09
C GLU B 3306 57.12 6.68 -7.63
N VAL B 3307 57.43 7.81 -8.28
CA VAL B 3307 58.61 8.58 -7.88
C VAL B 3307 58.41 9.15 -6.48
N LEU B 3308 57.19 9.57 -6.14
CA LEU B 3308 56.94 10.07 -4.78
C LEU B 3308 57.16 8.97 -3.74
N ARG B 3309 56.66 7.77 -4.03
CA ARG B 3309 56.84 6.65 -3.11
C ARG B 3309 58.32 6.31 -2.94
N GLN B 3310 59.07 6.31 -4.04
CA GLN B 3310 60.48 5.99 -3.95
C GLN B 3310 61.26 7.08 -3.20
N LEU B 3311 60.89 8.35 -3.39
CA LEU B 3311 61.49 9.43 -2.63
C LEU B 3311 61.22 9.27 -1.14
N GLN B 3312 59.98 8.91 -0.77
CA GLN B 3312 59.67 8.73 0.65
C GLN B 3312 60.44 7.56 1.25
N GLN B 3313 60.53 6.45 0.50
CA GLN B 3313 61.28 5.30 1.01
C GLN B 3313 62.75 5.63 1.18
N GLY B 3314 63.34 6.32 0.20
CA GLY B 3314 64.72 6.73 0.32
C GLY B 3314 64.95 7.69 1.47
N LEU B 3315 63.98 8.58 1.72
CA LEU B 3315 64.11 9.50 2.86
C LEU B 3315 64.06 8.73 4.18
N ALA B 3316 63.20 7.71 4.27
CA ALA B 3316 63.19 6.88 5.47
C ALA B 3316 64.51 6.16 5.67
N LYS B 3317 65.08 5.62 4.59
CA LYS B 3317 66.38 4.96 4.69
C LYS B 3317 67.47 5.94 5.10
N CYS B 3318 67.42 7.16 4.57
CA CYS B 3318 68.39 8.19 4.94
C CYS B 3318 68.26 8.54 6.42
N TYR B 3319 67.03 8.61 6.93
CA TYR B 3319 66.84 8.85 8.35
C TYR B 3319 67.41 7.72 9.20
N SER B 3320 67.21 6.47 8.78
CA SER B 3320 67.77 5.36 9.52
C SER B 3320 69.30 5.44 9.55
N VAL B 3321 69.91 5.76 8.41
CA VAL B 3321 71.36 5.91 8.36
C VAL B 3321 71.81 7.08 9.22
N ALA B 3322 71.04 8.17 9.21
CA ALA B 3322 71.40 9.35 9.99
C ALA B 3322 71.39 9.06 11.48
N PHE B 3323 70.42 8.26 11.93
CA PHE B 3323 70.44 7.86 13.33
C PHE B 3323 71.56 6.88 13.62
N GLU B 3324 71.92 6.04 12.64
CA GLU B 3324 73.11 5.21 12.79
C GLU B 3324 74.36 6.07 12.90
N LYS B 3325 74.45 7.13 12.12
CA LYS B 3325 75.59 8.05 12.10
C LYS B 3325 75.35 9.30 12.94
N SER B 3326 74.46 9.21 13.93
CA SER B 3326 74.17 10.36 14.79
C SER B 3326 75.43 10.92 15.46
N GLY B 3327 76.42 10.07 15.71
CA GLY B 3327 77.68 10.53 16.27
C GLY B 3327 78.35 11.64 15.48
N ALA B 3328 78.11 11.71 14.19
CA ALA B 3328 78.97 12.48 13.29
C ALA B 3328 78.13 13.31 12.32
N VAL B 3329 77.12 14.00 12.85
CA VAL B 3329 76.31 14.88 12.02
C VAL B 3329 77.20 16.00 11.46
N SER B 3330 76.89 16.43 10.24
CA SER B 3330 77.65 17.37 9.42
C SER B 3330 78.90 16.75 8.81
N ASP B 3331 79.23 15.51 9.17
CA ASP B 3331 80.30 14.76 8.53
C ASP B 3331 79.83 13.47 7.90
N ALA B 3332 78.61 13.03 8.20
CA ALA B 3332 78.10 11.76 7.70
C ALA B 3332 77.91 11.80 6.19
N LYS B 3333 78.28 10.71 5.54
CA LYS B 3333 78.13 10.56 4.10
C LYS B 3333 77.10 9.47 3.81
N ILE B 3334 76.59 9.49 2.58
CA ILE B 3334 75.57 8.54 2.19
C ILE B 3334 76.20 7.17 1.99
N THR B 3335 75.45 6.12 2.35
CA THR B 3335 75.94 4.77 2.17
C THR B 3335 75.87 4.38 0.70
N PRO B 3336 76.62 3.36 0.30
CA PRO B 3336 76.51 2.88 -1.09
C PRO B 3336 75.10 2.44 -1.46
N HIS B 3337 74.33 1.96 -0.48
CA HIS B 3337 72.96 1.55 -0.75
C HIS B 3337 72.12 2.75 -1.18
N THR B 3338 72.21 3.86 -0.44
CA THR B 3338 71.46 5.06 -0.81
C THR B 3338 71.95 5.64 -2.13
N LEU B 3339 73.26 5.58 -2.37
CA LEU B 3339 73.81 6.03 -3.64
C LEU B 3339 73.22 5.24 -4.80
N ASN B 3340 73.18 3.91 -4.69
CA ASN B 3340 72.61 3.08 -5.73
C ASN B 3340 71.11 3.32 -5.86
N PHE B 3341 70.42 3.56 -4.75
CA PHE B 3341 68.99 3.83 -4.79
C PHE B 3341 68.71 5.10 -5.59
N VAL B 3342 69.44 6.17 -5.30
CA VAL B 3342 69.22 7.42 -6.03
C VAL B 3342 69.65 7.28 -7.48
N LYS B 3343 70.71 6.51 -7.75
CA LYS B 3343 71.11 6.26 -9.12
C LYS B 3343 70.00 5.52 -9.89
N LYS B 3344 69.37 4.54 -9.25
CA LYS B 3344 68.26 3.85 -9.89
C LYS B 3344 67.08 4.79 -10.12
N LEU B 3345 66.80 5.67 -9.16
CA LEU B 3345 65.71 6.62 -9.32
C LEU B 3345 65.96 7.56 -10.50
N VAL B 3346 67.17 8.09 -10.62
CA VAL B 3346 67.46 9.01 -11.72
C VAL B 3346 67.54 8.27 -13.04
N SER B 3347 68.04 7.03 -13.05
CA SER B 3347 68.09 6.26 -14.28
C SER B 3347 66.71 5.87 -14.76
N THR B 3348 65.84 5.45 -13.85
CA THR B 3348 64.46 5.06 -14.17
C THR B 3348 63.54 5.99 -13.38
N PHE B 3349 63.16 7.09 -14.01
CA PHE B 3349 62.36 8.13 -13.35
C PHE B 3349 60.87 7.77 -13.44
N GLY B 3350 60.52 6.69 -12.76
CA GLY B 3350 59.13 6.26 -12.69
C GLY B 3350 58.58 5.48 -13.86
N VAL B 3351 58.83 5.96 -15.07
CA VAL B 3351 58.35 5.27 -16.27
C VAL B 3351 59.21 4.05 -16.56
N SER B 3365 47.78 -11.46 -21.09
CA SER B 3365 49.07 -10.86 -21.39
C SER B 3365 48.89 -9.54 -22.13
N ALA B 3366 47.80 -9.46 -22.91
CA ALA B 3366 47.50 -8.24 -23.66
C ALA B 3366 47.42 -7.02 -22.76
N ALA B 3367 46.96 -7.21 -21.52
CA ALA B 3367 46.88 -6.09 -20.59
C ALA B 3367 48.26 -5.53 -20.27
N SER B 3368 49.26 -6.41 -20.15
CA SER B 3368 50.61 -5.95 -19.86
C SER B 3368 51.21 -5.22 -21.05
N GLU B 3369 50.94 -5.71 -22.26
CA GLU B 3369 51.46 -5.04 -23.45
C GLU B 3369 50.81 -3.67 -23.62
N SER B 3370 49.49 -3.58 -23.41
CA SER B 3370 48.81 -2.30 -23.51
C SER B 3370 49.27 -1.33 -22.43
N LEU B 3371 49.56 -1.84 -21.22
CA LEU B 3371 50.09 -0.99 -20.17
C LEU B 3371 51.49 -0.49 -20.52
N ALA B 3372 52.33 -1.34 -21.11
CA ALA B 3372 53.64 -0.90 -21.55
C ALA B 3372 53.54 0.15 -22.65
N ARG B 3373 52.57 -0.02 -23.56
CA ARG B 3373 52.35 0.97 -24.61
C ARG B 3373 51.89 2.30 -24.02
N ARG B 3374 51.01 2.25 -23.02
CA ARG B 3374 50.59 3.47 -22.34
C ARG B 3374 51.76 4.13 -21.61
N ALA B 3375 52.64 3.32 -21.01
CA ALA B 3375 53.82 3.86 -20.34
C ALA B 3375 54.74 4.56 -21.31
N GLN B 3376 54.99 3.95 -22.47
CA GLN B 3376 55.83 4.59 -23.48
C GLN B 3376 55.21 5.89 -23.97
N ALA B 3377 53.88 5.89 -24.17
CA ALA B 3377 53.20 7.10 -24.61
C ALA B 3377 53.31 8.22 -23.57
N THR B 3378 53.42 7.88 -22.29
CA THR B 3378 53.57 8.91 -21.26
C THR B 3378 54.96 9.55 -21.30
N ALA B 3379 55.99 8.79 -21.65
CA ALA B 3379 57.33 9.34 -21.74
C ALA B 3379 57.41 10.52 -22.72
N GLN B 3380 56.55 10.51 -23.74
CA GLN B 3380 56.52 11.61 -24.72
C GLN B 3380 56.25 12.96 -24.06
N ASP B 3381 55.57 12.97 -22.91
CA ASP B 3381 55.19 14.21 -22.25
C ASP B 3381 56.41 15.10 -21.99
N PRO B 3382 56.46 16.31 -22.57
CA PRO B 3382 57.62 17.19 -22.34
C PRO B 3382 57.81 17.60 -20.89
N VAL B 3383 56.73 17.76 -20.13
CA VAL B 3383 56.85 18.13 -18.72
C VAL B 3383 57.59 17.04 -17.95
N PHE B 3384 57.29 15.77 -18.24
CA PHE B 3384 58.01 14.67 -17.63
C PHE B 3384 59.48 14.71 -17.97
N GLN B 3385 59.82 15.05 -19.22
CA GLN B 3385 61.21 15.16 -19.62
C GLN B 3385 61.92 16.29 -18.87
N LYS B 3386 61.26 17.43 -18.72
CA LYS B 3386 61.88 18.55 -18.01
C LYS B 3386 62.07 18.22 -16.54
N LEU B 3387 61.10 17.56 -15.92
CA LEU B 3387 61.24 17.16 -14.54
C LEU B 3387 62.36 16.14 -14.37
N LYS B 3388 62.45 15.18 -15.29
CA LYS B 3388 63.55 14.21 -15.22
C LYS B 3388 64.90 14.91 -15.38
N GLY B 3389 64.98 15.89 -16.28
CA GLY B 3389 66.25 16.58 -16.48
C GLY B 3389 66.69 17.37 -15.27
N GLN B 3390 65.79 18.18 -14.71
CA GLN B 3390 66.16 18.96 -13.53
C GLN B 3390 66.35 18.08 -12.30
N PHE B 3391 65.63 16.96 -12.22
CA PHE B 3391 65.84 15.97 -11.16
C PHE B 3391 67.24 15.36 -11.25
N THR B 3392 67.65 14.97 -12.45
CA THR B 3392 69.02 14.49 -12.64
C THR B 3392 70.04 15.58 -12.35
N THR B 3393 69.70 16.84 -12.61
CA THR B 3393 70.62 17.93 -12.32
C THR B 3393 70.81 18.10 -10.82
N ASP B 3394 69.71 18.04 -10.04
CA ASP B 3394 69.83 18.22 -8.60
C ASP B 3394 70.54 17.05 -7.93
N PHE B 3395 70.30 15.83 -8.40
CA PHE B 3395 70.87 14.63 -7.80
C PHE B 3395 72.13 14.14 -8.52
N ASP B 3396 72.93 15.07 -9.03
CA ASP B 3396 74.24 14.71 -9.57
C ASP B 3396 75.23 14.60 -8.42
N PHE B 3397 75.79 13.41 -8.22
CA PHE B 3397 76.69 13.14 -7.11
C PHE B 3397 78.13 13.55 -7.39
N SER B 3398 78.41 14.11 -8.56
CA SER B 3398 79.77 14.57 -8.85
C SER B 3398 80.05 15.97 -8.32
N VAL B 3399 79.02 16.78 -8.08
CA VAL B 3399 79.20 18.13 -7.56
C VAL B 3399 79.69 18.04 -6.12
N PRO B 3400 80.48 19.00 -5.66
CA PRO B 3400 80.98 18.94 -4.28
C PRO B 3400 79.85 19.12 -3.27
N GLY B 3401 80.00 18.45 -2.13
CA GLY B 3401 79.05 18.58 -1.04
C GLY B 3401 77.75 17.84 -1.24
N SER B 3402 77.63 17.02 -2.27
CA SER B 3402 76.40 16.28 -2.52
C SER B 3402 76.38 14.93 -1.83
N MET B 3403 77.55 14.35 -1.51
CA MET B 3403 77.61 13.06 -0.85
C MET B 3403 77.22 13.15 0.62
N LYS B 3404 77.06 14.35 1.18
CA LYS B 3404 76.65 14.49 2.57
C LYS B 3404 75.20 14.06 2.74
N LEU B 3405 74.94 13.32 3.81
CA LEU B 3405 73.63 12.70 4.01
C LEU B 3405 72.53 13.73 4.21
N HIS B 3406 72.80 14.77 4.99
CA HIS B 3406 71.74 15.72 5.31
C HIS B 3406 71.41 16.64 4.15
N ASN B 3407 72.38 16.94 3.28
CA ASN B 3407 72.05 17.65 2.04
C ASN B 3407 71.14 16.79 1.16
N LEU B 3408 71.41 15.49 1.08
CA LEU B 3408 70.53 14.59 0.38
C LEU B 3408 69.14 14.57 1.00
N ILE B 3409 69.07 14.61 2.33
CA ILE B 3409 67.77 14.62 3.01
C ILE B 3409 67.00 15.88 2.65
N SER B 3410 67.67 17.03 2.64
CA SER B 3410 66.98 18.28 2.27
C SER B 3410 66.50 18.24 0.83
N LYS B 3411 67.32 17.70 -0.08
CA LYS B 3411 66.91 17.59 -1.47
C LYS B 3411 65.72 16.65 -1.63
N LEU B 3412 65.73 15.52 -0.91
CA LEU B 3412 64.60 14.61 -0.91
C LEU B 3412 63.34 15.29 -0.39
N LYS B 3413 63.45 16.08 0.69
CA LYS B 3413 62.27 16.77 1.20
C LYS B 3413 61.71 17.75 0.17
N LYS B 3414 62.60 18.51 -0.47
CA LYS B 3414 62.17 19.46 -1.49
C LYS B 3414 61.41 18.74 -2.61
N TRP B 3415 62.00 17.67 -3.14
CA TRP B 3415 61.37 16.97 -4.26
C TRP B 3415 60.10 16.23 -3.83
N ILE B 3416 60.05 15.72 -2.60
CA ILE B 3416 58.81 15.16 -2.08
C ILE B 3416 57.71 16.20 -2.05
N LYS B 3417 58.03 17.41 -1.59
CA LYS B 3417 57.02 18.48 -1.59
C LYS B 3417 56.57 18.81 -3.00
N ILE B 3418 57.52 18.87 -3.95
CA ILE B 3418 57.16 19.19 -5.33
C ILE B 3418 56.21 18.14 -5.91
N LEU B 3419 56.55 16.85 -5.74
CA LEU B 3419 55.70 15.79 -6.28
C LEU B 3419 54.38 15.67 -5.52
N GLU B 3420 54.36 16.00 -4.23
CA GLU B 3420 53.10 16.04 -3.50
C GLU B 3420 52.19 17.11 -4.05
N ALA B 3421 52.76 18.26 -4.41
CA ALA B 3421 51.98 19.29 -5.10
C ALA B 3421 51.47 18.78 -6.43
N LYS B 3422 52.30 18.03 -7.17
CA LYS B 3422 51.87 17.53 -8.47
C LYS B 3422 50.89 16.37 -8.33
N THR B 3423 51.02 15.57 -7.27
CA THR B 3423 50.12 14.42 -7.11
C THR B 3423 48.70 14.87 -6.78
N LYS B 3424 48.54 15.97 -6.04
CA LYS B 3424 47.21 16.45 -5.69
C LYS B 3424 46.37 16.81 -6.90
N GLN B 3425 47.00 17.09 -8.04
CA GLN B 3425 46.27 17.43 -9.26
C GLN B 3425 45.77 16.21 -10.01
N LEU B 3426 46.10 15.01 -9.57
CA LEU B 3426 45.71 13.80 -10.26
C LEU B 3426 44.26 13.44 -9.94
N PRO B 3427 43.62 12.65 -10.79
CA PRO B 3427 42.23 12.24 -10.50
C PRO B 3427 42.14 11.36 -9.28
N LYS B 3428 41.04 11.52 -8.55
CA LYS B 3428 40.86 10.84 -7.27
C LYS B 3428 40.09 9.54 -7.38
N PHE B 3429 39.49 9.26 -8.54
CA PHE B 3429 38.83 7.99 -8.77
C PHE B 3429 38.82 7.74 -10.27
N PHE B 3430 38.67 6.47 -10.63
CA PHE B 3430 38.46 6.07 -12.02
C PHE B 3430 37.42 4.96 -12.08
N LEU B 3431 36.78 4.85 -13.24
CA LEU B 3431 35.76 3.84 -13.46
C LEU B 3431 36.35 2.57 -14.07
N ILE B 3432 35.90 1.43 -13.54
CA ILE B 3432 36.37 0.12 -13.99
C ILE B 3432 36.13 -0.10 -15.47
N GLU B 3433 35.03 0.44 -16.01
CA GLU B 3433 34.76 0.34 -17.44
C GLU B 3433 35.90 0.88 -18.29
N GLU B 3434 36.63 1.89 -17.80
CA GLU B 3434 37.65 2.53 -18.64
C GLU B 3434 38.73 1.55 -19.07
N LYS B 3435 39.06 0.56 -18.23
CA LYS B 3435 40.10 -0.42 -18.59
C LYS B 3435 39.78 -1.84 -18.18
N CYS B 3436 38.93 -2.09 -17.20
CA CYS B 3436 38.77 -3.39 -16.58
C CYS B 3436 37.47 -4.03 -17.05
N ARG B 3437 37.38 -4.34 -18.34
CA ARG B 3437 36.16 -4.90 -18.90
C ARG B 3437 35.73 -6.19 -18.20
N PHE B 3438 36.69 -7.03 -17.82
CA PHE B 3438 36.34 -8.29 -17.16
C PHE B 3438 35.75 -8.04 -15.78
N LEU B 3439 36.31 -7.12 -15.01
CA LEU B 3439 35.76 -6.80 -13.70
C LEU B 3439 34.37 -6.19 -13.81
N SER B 3440 34.17 -5.28 -14.77
CA SER B 3440 32.85 -4.69 -14.96
C SER B 3440 31.82 -5.75 -15.35
N ASN B 3441 32.20 -6.67 -16.24
CA ASN B 3441 31.30 -7.73 -16.66
C ASN B 3441 31.09 -8.81 -15.62
N PHE B 3442 32.03 -8.95 -14.67
CA PHE B 3442 32.00 -10.10 -13.77
C PHE B 3442 30.71 -10.12 -12.95
N SER B 3443 30.15 -11.32 -12.81
CA SER B 3443 28.95 -11.53 -12.01
C SER B 3443 29.03 -12.90 -11.39
N ALA B 3444 28.01 -13.23 -10.59
CA ALA B 3444 27.94 -14.56 -9.98
C ALA B 3444 27.79 -15.66 -11.01
N GLN B 3445 27.30 -15.33 -12.21
CA GLN B 3445 27.24 -16.30 -13.30
C GLN B 3445 28.63 -16.63 -13.87
N THR B 3446 29.64 -15.82 -13.57
CA THR B 3446 30.97 -16.07 -14.11
C THR B 3446 31.66 -17.20 -13.36
N ALA B 3447 31.77 -17.07 -12.04
CA ALA B 3447 32.19 -18.19 -11.19
C ALA B 3447 31.78 -17.88 -9.76
N GLU B 3448 31.68 -18.94 -8.95
CA GLU B 3448 31.59 -18.82 -7.50
C GLU B 3448 32.96 -18.48 -6.95
N VAL B 3449 33.30 -17.20 -7.00
CA VAL B 3449 34.55 -16.69 -6.42
C VAL B 3449 34.26 -16.07 -5.05
N GLU B 3450 34.98 -16.53 -4.04
CA GLU B 3450 34.91 -15.94 -2.71
C GLU B 3450 35.63 -14.60 -2.68
N ILE B 3451 35.13 -13.69 -1.86
CA ILE B 3451 35.85 -12.43 -1.62
C ILE B 3451 37.22 -12.74 -1.05
N PRO B 3452 38.27 -11.98 -1.39
CA PRO B 3452 39.62 -12.34 -0.96
C PRO B 3452 39.77 -12.46 0.55
N GLY B 3453 40.55 -13.44 0.98
CA GLY B 3453 40.86 -13.65 2.37
C GLY B 3453 39.93 -14.58 3.12
N GLU B 3454 38.85 -15.05 2.48
CA GLU B 3454 37.92 -15.95 3.15
C GLU B 3454 38.57 -17.26 3.59
N PHE B 3455 39.68 -17.65 2.99
CA PHE B 3455 40.36 -18.89 3.34
C PHE B 3455 41.63 -18.69 4.15
N LEU B 3456 41.89 -17.48 4.64
CA LEU B 3456 43.08 -17.26 5.45
C LEU B 3456 43.00 -18.07 6.75
N MET B 3457 41.82 -18.10 7.36
CA MET B 3457 41.54 -19.01 8.46
C MET B 3457 40.24 -19.73 8.14
N PRO B 3458 40.19 -21.06 8.24
CA PRO B 3458 38.97 -21.79 7.87
C PRO B 3458 37.78 -21.37 8.71
N LYS B 3459 36.78 -20.81 8.05
CA LYS B 3459 35.57 -20.42 8.75
C LYS B 3459 34.86 -21.65 9.30
N PRO B 3460 34.29 -21.57 10.51
CA PRO B 3460 33.71 -22.77 11.12
C PRO B 3460 32.60 -23.40 10.29
N THR B 3461 31.90 -22.61 9.49
CA THR B 3461 30.88 -23.13 8.60
C THR B 3461 31.21 -22.77 7.16
N HIS B 3462 30.43 -23.32 6.23
CA HIS B 3462 30.62 -23.06 4.81
C HIS B 3462 29.98 -21.75 4.36
N TYR B 3463 29.66 -20.84 5.28
CA TYR B 3463 29.09 -19.55 4.92
C TYR B 3463 30.21 -18.62 4.45
N TYR B 3464 30.74 -18.94 3.28
CA TYR B 3464 31.71 -18.08 2.62
C TYR B 3464 30.99 -16.99 1.83
N ILE B 3465 31.52 -15.78 1.89
CA ILE B 3465 30.96 -14.66 1.15
C ILE B 3465 31.52 -14.68 -0.27
N LYS B 3466 30.64 -14.82 -1.24
CA LYS B 3466 30.98 -14.87 -2.65
C LYS B 3466 30.85 -13.50 -3.28
N ILE B 3467 31.53 -13.32 -4.42
CA ILE B 3467 31.64 -12.03 -5.07
C ILE B 3467 30.50 -11.89 -6.06
N ALA B 3468 29.69 -10.84 -5.90
CA ALA B 3468 28.61 -10.59 -6.83
C ALA B 3468 28.90 -9.48 -7.84
N ARG B 3469 29.70 -8.49 -7.46
CA ARG B 3469 29.98 -7.35 -8.33
C ARG B 3469 31.33 -6.75 -7.95
N PHE B 3470 31.91 -6.04 -8.91
CA PHE B 3470 32.93 -5.04 -8.65
C PHE B 3470 32.30 -3.67 -8.90
N MET B 3471 32.23 -2.86 -7.86
CA MET B 3471 31.58 -1.56 -7.98
C MET B 3471 32.33 -0.69 -9.00
N PRO B 3472 31.60 0.07 -9.83
CA PRO B 3472 32.24 0.68 -11.00
C PRO B 3472 33.30 1.72 -10.66
N ARG B 3473 33.25 2.32 -9.48
CA ARG B 3473 34.20 3.34 -9.10
C ARG B 3473 35.31 2.73 -8.25
N VAL B 3474 36.55 2.91 -8.69
CA VAL B 3474 37.74 2.62 -7.89
C VAL B 3474 38.33 3.94 -7.43
N GLU B 3475 38.58 4.05 -6.14
CA GLU B 3475 39.10 5.29 -5.56
C GLU B 3475 40.61 5.19 -5.38
N ILE B 3476 41.26 6.36 -5.41
CA ILE B 3476 42.70 6.47 -5.22
C ILE B 3476 42.93 7.18 -3.89
N VAL B 3477 43.66 6.53 -2.99
CA VAL B 3477 43.82 7.01 -1.63
C VAL B 3477 45.29 6.94 -1.26
N GLN B 3478 45.72 7.86 -0.40
CA GLN B 3478 47.09 7.89 0.11
C GLN B 3478 47.11 7.14 1.43
N LYS B 3479 47.63 5.91 1.40
CA LYS B 3479 47.77 5.09 2.59
C LYS B 3479 49.10 4.37 2.55
N HIS B 3480 49.67 4.14 3.74
CA HIS B 3480 50.95 3.47 3.89
C HIS B 3480 52.06 4.19 3.13
N ASN B 3481 51.95 5.52 3.02
CA ASN B 3481 52.92 6.34 2.33
C ASN B 3481 53.09 5.90 0.88
N THR B 3482 52.01 5.39 0.28
CA THR B 3482 51.98 4.98 -1.11
C THR B 3482 50.61 5.32 -1.68
N ALA B 3483 50.55 5.41 -3.00
CA ALA B 3483 49.28 5.62 -3.69
C ALA B 3483 48.64 4.27 -3.92
N ALA B 3484 47.44 4.08 -3.36
CA ALA B 3484 46.79 2.79 -3.38
C ALA B 3484 45.40 2.94 -4.00
N ARG B 3485 44.98 1.89 -4.69
CA ARG B 3485 43.67 1.85 -5.33
C ARG B 3485 42.73 1.07 -4.44
N ARG B 3486 41.57 1.65 -4.16
CA ARG B 3486 40.56 1.01 -3.33
C ARG B 3486 39.49 0.40 -4.23
N LEU B 3487 39.42 -0.92 -4.22
CA LEU B 3487 38.44 -1.64 -5.02
C LEU B 3487 37.30 -2.03 -4.08
N TYR B 3488 36.07 -1.84 -4.54
CA TYR B 3488 34.89 -2.18 -3.76
C TYR B 3488 34.27 -3.43 -4.37
N ILE B 3489 34.15 -4.47 -3.56
CA ILE B 3489 33.58 -5.74 -3.99
C ILE B 3489 32.25 -5.93 -3.28
N ARG B 3490 31.17 -6.02 -4.06
CA ARG B 3490 29.86 -6.32 -3.51
C ARG B 3490 29.67 -7.82 -3.39
N GLY B 3491 29.23 -8.25 -2.22
CA GLY B 3491 29.12 -9.66 -1.91
C GLY B 3491 27.69 -10.13 -2.12
N HIS B 3492 27.54 -11.44 -2.35
CA HIS B 3492 26.21 -12.01 -2.54
C HIS B 3492 25.26 -11.66 -1.40
N ASN B 3493 25.78 -11.36 -0.22
CA ASN B 3493 24.96 -10.85 0.87
C ASN B 3493 24.55 -9.39 0.68
N GLY B 3494 25.12 -8.68 -0.29
CA GLY B 3494 24.78 -7.31 -0.56
C GLY B 3494 25.66 -6.28 0.11
N LYS B 3495 26.53 -6.70 1.02
CA LYS B 3495 27.46 -5.79 1.68
C LYS B 3495 28.61 -5.44 0.75
N ILE B 3496 29.13 -4.22 0.91
CA ILE B 3496 30.25 -3.72 0.12
C ILE B 3496 31.53 -3.94 0.93
N TYR B 3497 32.47 -4.67 0.35
CA TYR B 3497 33.75 -4.93 0.98
C TYR B 3497 34.83 -4.11 0.30
N PRO B 3498 35.47 -3.18 0.99
CA PRO B 3498 36.59 -2.45 0.39
C PRO B 3498 37.88 -3.24 0.43
N TYR B 3499 38.62 -3.17 -0.67
CA TYR B 3499 39.93 -3.77 -0.76
C TYR B 3499 40.89 -2.77 -1.40
N LEU B 3500 42.11 -2.73 -0.87
CA LEU B 3500 43.19 -1.95 -1.44
C LEU B 3500 44.06 -2.84 -2.31
N VAL B 3501 44.34 -2.39 -3.52
CA VAL B 3501 45.34 -3.03 -4.37
C VAL B 3501 46.67 -2.33 -4.13
N MET B 3502 47.67 -3.10 -3.70
CA MET B 3502 48.94 -2.56 -3.23
C MET B 3502 50.06 -3.10 -4.10
N ASN B 3503 51.04 -2.26 -4.38
CA ASN B 3503 52.23 -2.64 -5.12
C ASN B 3503 53.44 -2.59 -4.19
N ASP B 3504 54.13 -3.71 -4.06
CA ASP B 3504 55.31 -3.83 -3.22
C ASP B 3504 56.52 -4.12 -4.10
N ALA B 3505 57.57 -3.31 -3.94
CA ALA B 3505 58.81 -3.56 -4.66
C ALA B 3505 59.62 -4.70 -4.07
N CYS B 3506 59.39 -5.04 -2.80
CA CYS B 3506 60.19 -6.04 -2.09
C CYS B 3506 59.31 -7.24 -1.74
N LEU B 3507 59.67 -8.41 -2.27
CA LEU B 3507 58.89 -9.61 -2.07
C LEU B 3507 59.05 -10.13 -0.63
N THR B 3508 60.29 -10.26 -0.18
CA THR B 3508 60.57 -10.90 1.11
C THR B 3508 59.92 -10.14 2.25
N GLU B 3509 59.96 -8.81 2.22
CA GLU B 3509 59.36 -8.03 3.29
C GLU B 3509 57.86 -8.28 3.37
N SER B 3510 57.20 -8.35 2.21
CA SER B 3510 55.76 -8.63 2.19
C SER B 3510 55.47 -10.01 2.75
N ARG B 3511 56.30 -11.00 2.40
CA ARG B 3511 56.10 -12.33 2.95
C ARG B 3511 56.28 -12.34 4.47
N ARG B 3512 57.25 -11.60 4.98
CA ARG B 3512 57.46 -11.54 6.42
C ARG B 3512 56.28 -10.87 7.12
N GLU B 3513 55.75 -9.80 6.52
CA GLU B 3513 54.57 -9.15 7.09
C GLU B 3513 53.38 -10.08 7.14
N GLU B 3514 53.14 -10.82 6.05
CA GLU B 3514 52.07 -11.80 6.04
C GLU B 3514 52.32 -12.91 7.05
N ARG B 3515 53.59 -13.26 7.29
CA ARG B 3515 53.91 -14.26 8.30
C ARG B 3515 53.49 -13.80 9.68
N VAL B 3516 53.79 -12.55 10.01
CA VAL B 3516 53.39 -12.01 11.31
C VAL B 3516 51.87 -11.92 11.41
N LEU B 3517 51.20 -11.53 10.32
CA LEU B 3517 49.75 -11.49 10.33
C LEU B 3517 49.16 -12.88 10.57
N GLN B 3518 49.74 -13.91 9.94
CA GLN B 3518 49.28 -15.27 10.16
C GLN B 3518 49.47 -15.69 11.61
N LEU B 3519 50.60 -15.33 12.21
CA LEU B 3519 50.81 -15.65 13.62
C LEU B 3519 49.75 -14.99 14.49
N LEU B 3520 49.44 -13.72 14.21
CA LEU B 3520 48.40 -13.04 14.98
C LEU B 3520 47.06 -13.71 14.81
N ARG B 3521 46.72 -14.13 13.59
CA ARG B 3521 45.46 -14.85 13.37
C ARG B 3521 45.43 -16.16 14.16
N LEU B 3522 46.56 -16.87 14.19
CA LEU B 3522 46.62 -18.11 14.95
C LEU B 3522 46.49 -17.88 16.45
N LEU B 3523 47.00 -16.74 16.95
CA LEU B 3523 46.95 -16.48 18.38
C LEU B 3523 45.57 -16.05 18.85
N ASN B 3524 44.77 -15.43 17.98
CA ASN B 3524 43.45 -14.91 18.38
C ASN B 3524 42.54 -15.94 19.05
N PRO B 3525 42.40 -17.17 18.56
CA PRO B 3525 41.49 -18.11 19.24
C PRO B 3525 41.80 -18.35 20.70
N CYS B 3526 43.06 -18.26 21.11
CA CYS B 3526 43.40 -18.45 22.52
C CYS B 3526 42.76 -17.38 23.40
N LEU B 3527 42.68 -16.14 22.90
CA LEU B 3527 42.07 -15.08 23.68
C LEU B 3527 40.58 -15.29 23.86
N GLU B 3528 39.93 -16.00 22.93
CA GLU B 3528 38.49 -16.26 23.00
C GLU B 3528 38.12 -17.27 24.07
N LYS B 3529 39.08 -17.99 24.64
CA LYS B 3529 38.77 -19.17 25.45
C LYS B 3529 39.04 -19.00 26.94
N ARG B 3530 39.72 -17.94 27.35
CA ARG B 3530 40.03 -17.71 28.76
C ARG B 3530 39.20 -16.55 29.27
N LYS B 3531 38.69 -16.68 30.49
CA LYS B 3531 38.36 -15.52 31.29
C LYS B 3531 39.60 -14.63 31.46
N GLU B 3532 39.34 -13.38 31.85
CA GLU B 3532 40.29 -12.27 31.93
C GLU B 3532 40.61 -11.68 30.56
N THR B 3533 40.62 -12.52 29.53
CA THR B 3533 40.79 -11.98 28.17
C THR B 3533 39.45 -11.76 27.49
N THR B 3534 38.51 -12.68 27.66
CA THR B 3534 37.18 -12.53 27.09
C THR B 3534 36.41 -11.40 27.76
N LYS B 3535 36.57 -11.23 29.07
CA LYS B 3535 35.85 -10.18 29.77
C LYS B 3535 36.41 -8.80 29.49
N ARG B 3536 37.64 -8.71 28.98
CA ARG B 3536 38.22 -7.44 28.57
C ARG B 3536 38.11 -7.20 27.08
N HIS B 3537 37.43 -8.08 26.34
CA HIS B 3537 37.20 -7.93 24.91
C HIS B 3537 38.52 -7.79 24.14
N LEU B 3538 39.49 -8.61 24.48
CA LEU B 3538 40.82 -8.55 23.88
C LEU B 3538 40.88 -9.43 22.64
N PHE B 3539 41.31 -8.85 21.52
CA PHE B 3539 41.45 -9.58 20.28
C PHE B 3539 42.36 -8.81 19.35
N PHE B 3540 43.21 -9.52 18.62
CA PHE B 3540 44.03 -8.89 17.60
C PHE B 3540 43.19 -8.58 16.37
N THR B 3541 43.35 -7.37 15.84
CA THR B 3541 42.71 -6.96 14.60
C THR B 3541 43.68 -7.27 13.47
N VAL B 3542 43.35 -8.28 12.66
CA VAL B 3542 44.21 -8.73 11.57
C VAL B 3542 43.43 -8.59 10.27
N PRO B 3543 43.70 -7.54 9.49
CA PRO B 3543 43.03 -7.40 8.20
C PRO B 3543 43.46 -8.50 7.24
N ARG B 3544 42.53 -8.90 6.38
CA ARG B 3544 42.81 -9.89 5.35
C ARG B 3544 43.81 -9.34 4.34
N VAL B 3545 44.93 -10.03 4.17
CA VAL B 3545 45.91 -9.73 3.13
C VAL B 3545 46.06 -10.97 2.27
N VAL B 3546 45.83 -10.82 0.97
CA VAL B 3546 45.97 -11.91 0.01
C VAL B 3546 46.93 -11.45 -1.07
N ALA B 3547 48.04 -12.17 -1.22
CA ALA B 3547 49.00 -11.90 -2.28
C ALA B 3547 48.54 -12.60 -3.56
N VAL B 3548 48.30 -11.81 -4.62
CA VAL B 3548 47.93 -12.37 -5.91
C VAL B 3548 49.12 -12.45 -6.85
N SER B 3549 50.24 -11.85 -6.48
CA SER B 3549 51.46 -11.85 -7.28
C SER B 3549 52.61 -11.41 -6.37
N PRO B 3550 53.85 -11.63 -6.77
CA PRO B 3550 54.98 -11.17 -5.94
C PRO B 3550 54.96 -9.69 -5.63
N GLN B 3551 54.48 -8.86 -6.55
CA GLN B 3551 54.48 -7.42 -6.36
C GLN B 3551 53.15 -6.86 -5.91
N MET B 3552 52.07 -7.63 -6.03
CA MET B 3552 50.73 -7.10 -5.81
C MET B 3552 49.99 -7.95 -4.79
N ARG B 3553 49.27 -7.30 -3.88
CA ARG B 3553 48.45 -8.01 -2.92
C ARG B 3553 47.18 -7.20 -2.63
N LEU B 3554 46.14 -7.91 -2.24
CA LEU B 3554 44.85 -7.32 -1.91
C LEU B 3554 44.70 -7.27 -0.40
N VAL B 3555 44.48 -6.07 0.13
CA VAL B 3555 44.36 -5.85 1.56
C VAL B 3555 42.92 -5.45 1.86
N GLU B 3556 42.46 -5.73 3.07
CA GLU B 3556 41.09 -5.47 3.46
C GLU B 3556 41.05 -4.11 4.14
N ASP B 3557 40.47 -3.13 3.45
CA ASP B 3557 40.52 -1.75 3.88
C ASP B 3557 39.40 -1.41 4.85
N ASN B 3558 39.70 -0.49 5.76
CA ASN B 3558 38.71 0.24 6.53
C ASN B 3558 38.80 1.69 6.08
N PRO B 3559 37.85 2.18 5.28
CA PRO B 3559 37.99 3.54 4.75
C PRO B 3559 37.99 4.62 5.80
N SER B 3560 37.52 4.33 7.01
CA SER B 3560 37.53 5.27 8.11
C SER B 3560 38.84 5.26 8.90
N SER B 3561 39.88 4.62 8.38
CA SER B 3561 41.11 4.43 9.12
C SER B 3561 42.15 5.48 8.73
N LEU B 3562 42.79 6.05 9.74
CA LEU B 3562 43.90 6.97 9.59
C LEU B 3562 45.10 6.42 10.35
N SER B 3563 46.28 6.82 9.93
CA SER B 3563 47.47 6.50 10.70
C SER B 3563 47.83 7.67 11.60
N LEU B 3564 48.56 7.35 12.67
CA LEU B 3564 48.90 8.37 13.67
C LEU B 3564 49.71 9.51 13.06
N VAL B 3565 50.58 9.20 12.07
CA VAL B 3565 51.26 10.26 11.34
C VAL B 3565 50.28 11.09 10.54
N GLU B 3566 49.18 10.51 10.06
CA GLU B 3566 48.22 11.33 9.32
C GLU B 3566 47.52 12.32 10.23
N ILE B 3567 47.19 11.90 11.46
CA ILE B 3567 46.67 12.83 12.44
C ILE B 3567 47.68 13.93 12.74
N TYR B 3568 48.94 13.54 12.95
CA TYR B 3568 49.98 14.52 13.25
C TYR B 3568 50.17 15.51 12.10
N LYS B 3569 50.17 15.01 10.87
CA LYS B 3569 50.30 15.88 9.70
C LYS B 3569 49.11 16.81 9.56
N GLN B 3570 47.91 16.33 9.86
CA GLN B 3570 46.75 17.21 9.83
C GLN B 3570 46.87 18.32 10.87
N ARG B 3571 47.32 17.97 12.07
CA ARG B 3571 47.53 18.99 13.10
C ARG B 3571 48.59 20.00 12.67
N CYS B 3572 49.65 19.53 12.01
CA CYS B 3572 50.69 20.45 11.57
C CYS B 3572 50.18 21.35 10.45
N ALA B 3573 49.42 20.80 9.51
CA ALA B 3573 48.87 21.59 8.42
C ALA B 3573 47.92 22.66 8.96
N LYS B 3574 47.10 22.31 9.96
CA LYS B 3574 46.26 23.32 10.58
C LYS B 3574 47.09 24.37 11.30
N LYS B 3575 48.15 23.94 11.99
CA LYS B 3575 49.06 24.88 12.65
C LYS B 3575 49.98 25.59 11.67
N GLY B 3576 50.18 25.04 10.48
CA GLY B 3576 51.03 25.67 9.49
C GLY B 3576 52.50 25.30 9.54
N ILE B 3577 52.90 24.41 10.44
CA ILE B 3577 54.30 24.03 10.59
C ILE B 3577 54.54 22.74 9.81
N GLU B 3578 55.79 22.54 9.40
CA GLU B 3578 56.17 21.32 8.72
C GLU B 3578 56.28 20.18 9.71
N HIS B 3579 55.86 18.98 9.27
CA HIS B 3579 55.81 17.84 10.17
C HIS B 3579 57.19 17.25 10.45
N ASP B 3580 58.16 17.45 9.56
CA ASP B 3580 59.50 16.95 9.76
C ASP B 3580 60.39 17.93 10.51
N ASN B 3581 59.83 19.05 10.96
CA ASN B 3581 60.61 20.01 11.72
C ASN B 3581 61.26 19.43 12.98
N PRO B 3582 60.58 18.60 13.80
CA PRO B 3582 61.27 18.09 15.00
C PRO B 3582 62.51 17.28 14.70
N ILE B 3583 62.51 16.48 13.64
CA ILE B 3583 63.71 15.72 13.27
C ILE B 3583 64.84 16.66 12.88
N SER B 3584 64.52 17.69 12.10
CA SER B 3584 65.52 18.69 11.73
C SER B 3584 66.07 19.40 12.96
N ARG B 3585 65.20 19.75 13.92
CA ARG B 3585 65.66 20.38 15.15
C ARG B 3585 66.57 19.44 15.93
N TYR B 3586 66.23 18.16 15.99
CA TYR B 3586 67.04 17.18 16.69
C TYR B 3586 68.43 17.10 16.09
N TYR B 3587 68.52 16.97 14.77
CA TYR B 3587 69.83 16.85 14.15
C TYR B 3587 70.60 18.17 14.16
N ASP B 3588 69.92 19.30 14.07
CA ASP B 3588 70.59 20.58 14.20
C ASP B 3588 71.19 20.77 15.58
N ARG B 3589 70.44 20.41 16.63
CA ARG B 3589 70.98 20.49 17.99
C ARG B 3589 72.15 19.55 18.17
N LEU B 3590 72.08 18.35 17.59
CA LEU B 3590 73.20 17.43 17.68
C LEU B 3590 74.42 17.99 16.97
N ALA B 3591 74.23 18.59 15.79
CA ALA B 3591 75.35 19.19 15.07
C ALA B 3591 75.95 20.35 15.86
N THR B 3592 75.10 21.16 16.49
CA THR B 3592 75.58 22.28 17.29
C THR B 3592 76.42 21.80 18.46
N VAL B 3593 75.97 20.75 19.15
CA VAL B 3593 76.75 20.22 20.26
C VAL B 3593 78.03 19.58 19.76
N GLN B 3594 77.94 18.80 18.67
CA GLN B 3594 79.12 18.14 18.13
C GLN B 3594 80.13 19.12 17.56
N ALA B 3595 79.66 20.26 17.04
CA ALA B 3595 80.59 21.26 16.52
C ALA B 3595 81.47 21.83 17.62
N ARG B 3596 81.01 21.83 18.86
CA ARG B 3596 81.81 22.22 20.02
C ARG B 3596 82.77 21.13 20.48
N GLY B 3597 83.01 20.13 19.64
CA GLY B 3597 83.98 19.10 19.94
C GLY B 3597 83.60 18.19 21.10
N THR B 3598 82.33 17.83 21.21
CA THR B 3598 81.88 16.93 22.26
C THR B 3598 80.69 16.14 21.76
N GLN B 3599 80.49 14.97 22.37
CA GLN B 3599 79.33 14.15 22.08
C GLN B 3599 78.15 14.60 22.92
N ALA B 3600 76.95 14.41 22.38
CA ALA B 3600 75.73 14.78 23.11
C ALA B 3600 75.49 13.81 24.26
N SER B 3601 75.29 14.35 25.45
CA SER B 3601 74.99 13.54 26.62
C SER B 3601 73.52 13.16 26.66
N HIS B 3602 73.16 12.34 27.64
CA HIS B 3602 71.75 12.03 27.88
C HIS B 3602 70.96 13.29 28.21
N GLN B 3603 71.58 14.24 28.90
CA GLN B 3603 70.90 15.50 29.23
C GLN B 3603 70.61 16.32 27.98
N VAL B 3604 71.50 16.27 26.99
CA VAL B 3604 71.27 16.98 25.75
C VAL B 3604 70.06 16.39 25.02
N LEU B 3605 69.95 15.07 24.98
CA LEU B 3605 68.80 14.43 24.35
C LEU B 3605 67.51 14.76 25.10
N ARG B 3606 67.57 14.75 26.44
CA ARG B 3606 66.40 15.13 27.22
C ARG B 3606 65.98 16.57 26.91
N ASP B 3607 66.95 17.49 26.83
CA ASP B 3607 66.65 18.87 26.52
C ASP B 3607 66.06 19.01 25.11
N ILE B 3608 66.55 18.22 24.16
CA ILE B 3608 66.02 18.28 22.79
C ILE B 3608 64.56 17.83 22.79
N LEU B 3609 64.27 16.74 23.48
CA LEU B 3609 62.90 16.25 23.53
C LEU B 3609 61.99 17.24 24.24
N LYS B 3610 62.48 17.86 25.31
CA LYS B 3610 61.70 18.88 26.01
C LYS B 3610 61.41 20.09 25.13
N GLU B 3611 62.42 20.54 24.37
CA GLU B 3611 62.23 21.65 23.44
C GLU B 3611 61.20 21.31 22.38
N VAL B 3612 61.30 20.11 21.79
CA VAL B 3612 60.33 19.70 20.78
C VAL B 3612 58.92 19.66 21.37
N GLN B 3613 58.77 19.10 22.57
CA GLN B 3613 57.44 19.04 23.18
C GLN B 3613 56.90 20.42 23.49
N SER B 3614 57.75 21.34 23.95
CA SER B 3614 57.28 22.66 24.33
C SER B 3614 56.91 23.50 23.11
N ASN B 3615 57.68 23.39 22.04
CA ASN B 3615 57.54 24.28 20.90
C ASN B 3615 56.70 23.70 19.77
N MET B 3616 57.04 22.49 19.30
CA MET B 3616 56.54 21.97 18.04
C MET B 3616 55.45 20.92 18.22
N VAL B 3617 55.67 19.94 19.09
CA VAL B 3617 54.73 18.84 19.25
C VAL B 3617 54.22 18.80 20.68
N PRO B 3618 53.10 19.45 20.99
CA PRO B 3618 52.56 19.38 22.35
C PRO B 3618 52.00 18.00 22.66
N ARG B 3619 51.93 17.70 23.96
CA ARG B 3619 51.47 16.40 24.42
C ARG B 3619 50.01 16.13 24.07
N SER B 3620 49.24 17.18 23.75
CA SER B 3620 47.79 17.07 23.68
C SER B 3620 47.26 16.99 22.25
N MET B 3621 48.12 16.71 21.28
CA MET B 3621 47.68 16.67 19.88
C MET B 3621 46.65 15.57 19.67
N LEU B 3622 46.98 14.34 20.06
CA LEU B 3622 46.06 13.22 19.86
C LEU B 3622 44.79 13.40 20.67
N LYS B 3623 44.91 13.92 21.90
CA LYS B 3623 43.72 14.13 22.73
C LYS B 3623 42.81 15.18 22.12
N GLU B 3624 43.37 16.30 21.65
CA GLU B 3624 42.54 17.33 21.02
C GLU B 3624 41.91 16.81 19.74
N TRP B 3625 42.64 16.00 18.98
CA TRP B 3625 42.05 15.38 17.79
C TRP B 3625 40.87 14.50 18.16
N ALA B 3626 41.02 13.68 19.21
CA ALA B 3626 39.92 12.82 19.62
C ALA B 3626 38.73 13.62 20.12
N LEU B 3627 39.00 14.70 20.87
CA LEU B 3627 37.91 15.54 21.36
C LEU B 3627 37.13 16.18 20.22
N HIS B 3628 37.83 16.63 19.18
CA HIS B 3628 37.14 17.16 18.01
C HIS B 3628 36.42 16.06 17.23
N THR B 3629 37.04 14.91 17.06
CA THR B 3629 36.49 13.87 16.20
C THR B 3629 35.29 13.17 16.82
N PHE B 3630 35.25 13.04 18.14
CA PHE B 3630 34.17 12.35 18.85
C PHE B 3630 33.55 13.31 19.86
N PRO B 3631 32.72 14.25 19.39
CA PRO B 3631 32.11 15.19 20.33
C PRO B 3631 31.12 14.54 21.29
N ASN B 3632 30.50 13.43 20.89
CA ASN B 3632 29.64 12.68 21.80
C ASN B 3632 30.49 11.97 22.84
N ALA B 3633 30.11 12.10 24.11
CA ALA B 3633 30.91 11.56 25.21
C ALA B 3633 30.98 10.04 25.15
N THR B 3634 29.87 9.39 24.83
CA THR B 3634 29.87 7.93 24.72
C THR B 3634 30.81 7.46 23.62
N ASP B 3635 30.78 8.14 22.47
CA ASP B 3635 31.68 7.79 21.37
C ASP B 3635 33.13 7.98 21.77
N TYR B 3636 33.44 9.09 22.44
CA TYR B 3636 34.80 9.34 22.88
C TYR B 3636 35.27 8.27 23.84
N TRP B 3637 34.43 7.94 24.82
CA TRP B 3637 34.77 6.91 25.80
C TRP B 3637 35.03 5.57 25.12
N THR B 3638 34.11 5.15 24.24
CA THR B 3638 34.26 3.86 23.59
C THR B 3638 35.50 3.82 22.73
N PHE B 3639 35.75 4.88 21.96
CA PHE B 3639 36.95 4.94 21.13
C PHE B 3639 38.21 4.84 21.98
N ARG B 3640 38.26 5.62 23.07
CA ARG B 3640 39.44 5.62 23.92
C ARG B 3640 39.67 4.26 24.58
N LYS B 3641 38.60 3.59 25.03
CA LYS B 3641 38.76 2.28 25.64
C LYS B 3641 39.22 1.24 24.63
N MET B 3642 38.61 1.23 23.44
CA MET B 3642 39.05 0.30 22.41
C MET B 3642 40.49 0.57 22.02
N PHE B 3643 40.86 1.85 21.90
CA PHE B 3643 42.23 2.22 21.58
C PHE B 3643 43.19 1.71 22.64
N THR B 3644 42.82 1.86 23.91
CA THR B 3644 43.68 1.40 25.00
C THR B 3644 43.91 -0.11 24.94
N ILE B 3645 42.83 -0.89 24.78
CA ILE B 3645 43.00 -2.34 24.82
C ILE B 3645 43.72 -2.84 23.56
N GLN B 3646 43.40 -2.27 22.39
CA GLN B 3646 44.10 -2.66 21.18
C GLN B 3646 45.59 -2.30 21.24
N LEU B 3647 45.91 -1.14 21.81
CA LEU B 3647 47.30 -0.75 21.96
C LEU B 3647 48.01 -1.65 22.96
N ALA B 3648 47.30 -2.07 24.01
CA ALA B 3648 47.87 -3.03 24.95
C ALA B 3648 48.27 -4.31 24.22
N LEU B 3649 47.38 -4.83 23.38
CA LEU B 3649 47.73 -6.06 22.65
C LEU B 3649 48.85 -5.83 21.66
N ILE B 3650 48.85 -4.68 20.98
CA ILE B 3650 49.87 -4.41 19.97
C ILE B 3650 51.24 -4.27 20.63
N GLY B 3651 51.32 -3.54 21.75
CA GLY B 3651 52.57 -3.43 22.47
C GLY B 3651 53.05 -4.74 23.04
N PHE B 3652 52.13 -5.54 23.58
CA PHE B 3652 52.49 -6.88 24.04
C PHE B 3652 53.11 -7.69 22.90
N ALA B 3653 52.46 -7.67 21.74
CA ALA B 3653 52.99 -8.44 20.60
C ALA B 3653 54.36 -7.91 20.18
N GLU B 3654 54.51 -6.58 20.15
CA GLU B 3654 55.78 -5.98 19.77
C GLU B 3654 56.90 -6.40 20.70
N PHE B 3655 56.64 -6.43 22.02
CA PHE B 3655 57.68 -6.81 22.96
C PHE B 3655 57.95 -8.32 22.99
N VAL B 3656 56.90 -9.13 23.16
CA VAL B 3656 57.09 -10.55 23.39
C VAL B 3656 57.54 -11.25 22.11
N LEU B 3657 56.77 -11.09 21.03
CA LEU B 3657 57.25 -11.42 19.70
C LEU B 3657 58.20 -10.31 19.25
N HIS B 3658 59.47 -10.64 19.08
CA HIS B 3658 60.49 -9.64 18.83
C HIS B 3658 60.29 -9.00 17.46
N LEU B 3659 59.26 -8.18 17.34
CA LEU B 3659 58.93 -7.48 16.11
C LEU B 3659 59.69 -6.17 15.99
N ASN B 3660 59.73 -5.65 14.76
CA ASN B 3660 60.35 -4.36 14.50
C ASN B 3660 59.57 -3.24 15.18
N ARG B 3661 60.20 -2.09 15.27
CA ARG B 3661 59.63 -0.99 16.06
C ARG B 3661 58.35 -0.47 15.42
N LEU B 3662 57.41 -0.09 16.28
CA LEU B 3662 56.12 0.45 15.85
C LEU B 3662 56.27 1.93 15.53
N ASN B 3663 56.53 2.22 14.27
CA ASN B 3663 56.53 3.60 13.81
C ASN B 3663 55.11 4.14 13.80
N PRO B 3664 54.93 5.45 14.01
CA PRO B 3664 53.58 6.01 13.99
C PRO B 3664 52.91 5.93 12.63
N GLU B 3665 53.67 5.78 11.55
CA GLU B 3665 53.08 5.54 10.24
C GLU B 3665 52.52 4.12 10.12
N MET B 3666 53.00 3.20 10.95
CA MET B 3666 52.53 1.82 10.92
C MET B 3666 51.22 1.62 11.68
N LEU B 3667 50.83 2.57 12.51
CA LEU B 3667 49.74 2.38 13.47
C LEU B 3667 48.47 2.96 12.86
N GLN B 3668 47.58 2.09 12.39
CA GLN B 3668 46.38 2.49 11.69
C GLN B 3668 45.24 2.54 12.69
N ILE B 3669 44.58 3.69 12.78
CA ILE B 3669 43.55 3.95 13.78
C ILE B 3669 42.22 4.00 13.06
N ALA B 3670 41.27 3.17 13.49
CA ALA B 3670 39.97 3.07 12.84
C ALA B 3670 39.00 4.00 13.57
N GLN B 3671 38.63 5.10 12.91
CA GLN B 3671 37.81 6.10 13.55
C GLN B 3671 36.41 5.59 13.85
N ASP B 3672 35.90 4.64 13.06
CA ASP B 3672 34.54 4.18 13.24
C ASP B 3672 34.39 3.24 14.41
N THR B 3673 35.47 2.60 14.85
CA THR B 3673 35.39 1.63 15.94
C THR B 3673 36.45 1.80 17.02
N GLY B 3674 37.59 2.42 16.71
CA GLY B 3674 38.70 2.46 17.63
C GLY B 3674 39.66 1.30 17.54
N LYS B 3675 39.38 0.32 16.69
CA LYS B 3675 40.29 -0.81 16.54
C LYS B 3675 41.59 -0.37 15.89
N LEU B 3676 42.70 -0.89 16.40
CA LEU B 3676 44.03 -0.59 15.88
C LEU B 3676 44.61 -1.80 15.19
N ASN B 3677 45.23 -1.58 14.04
CA ASN B 3677 46.02 -2.59 13.36
C ASN B 3677 47.34 -1.96 12.91
N VAL B 3678 48.35 -2.80 12.76
CA VAL B 3678 49.71 -2.36 12.46
C VAL B 3678 50.06 -2.81 11.05
N ALA B 3679 50.51 -1.85 10.23
CA ALA B 3679 50.90 -2.12 8.86
C ALA B 3679 52.32 -1.62 8.62
N TYR B 3680 53.31 -2.51 8.74
CA TYR B 3680 53.12 -3.91 9.09
C TYR B 3680 54.24 -4.38 10.00
N PHE B 3681 53.93 -5.21 10.98
CA PHE B 3681 54.96 -5.77 11.83
C PHE B 3681 55.76 -6.84 11.09
N ARG B 3682 57.05 -6.91 11.40
CA ARG B 3682 57.90 -8.00 10.96
C ARG B 3682 58.79 -8.45 12.10
N PHE B 3683 59.21 -9.71 12.06
CA PHE B 3683 60.17 -10.21 13.03
C PHE B 3683 61.50 -9.48 12.89
N ASP B 3684 62.08 -9.09 14.03
CA ASP B 3684 63.36 -8.39 14.07
C ASP B 3684 64.53 -9.38 14.12
N ILE B 3685 64.65 -10.18 13.06
CA ILE B 3685 65.74 -11.14 12.94
C ILE B 3685 67.02 -10.43 12.57
N ASN B 3686 68.08 -10.68 13.33
CA ASN B 3686 69.38 -10.10 13.04
C ASN B 3686 69.96 -10.75 11.80
N ASP B 3687 70.19 -9.95 10.76
CA ASP B 3687 70.70 -10.49 9.50
C ASP B 3687 72.06 -11.16 9.65
N ALA B 3688 72.86 -10.76 10.65
CA ALA B 3688 74.17 -11.38 10.81
C ALA B 3688 74.15 -12.70 11.57
N THR B 3689 73.15 -12.92 12.43
CA THR B 3689 73.12 -14.13 13.24
C THR B 3689 71.81 -14.89 13.19
N GLY B 3690 70.75 -14.30 12.62
CA GLY B 3690 69.48 -14.98 12.48
C GLY B 3690 68.67 -15.11 13.75
N ASP B 3691 69.15 -14.63 14.89
CA ASP B 3691 68.39 -14.71 16.12
C ASP B 3691 67.68 -13.39 16.38
N LEU B 3692 66.65 -13.44 17.22
CA LEU B 3692 65.87 -12.26 17.52
C LEU B 3692 66.62 -11.31 18.44
N ASP B 3693 66.50 -10.01 18.17
CA ASP B 3693 67.13 -8.99 18.99
C ASP B 3693 66.10 -8.17 19.75
N ALA B 3694 65.46 -7.21 19.06
CA ALA B 3694 64.41 -6.36 19.64
C ALA B 3694 64.80 -5.80 21.00
N ASN B 3695 66.03 -5.30 21.09
CA ASN B 3695 66.57 -4.73 22.32
C ASN B 3695 66.53 -3.21 22.33
N ARG B 3696 65.46 -2.63 21.81
CA ARG B 3696 65.31 -1.18 21.72
C ARG B 3696 65.17 -0.54 23.10
N PRO B 3697 65.42 0.78 23.19
CA PRO B 3697 65.30 1.47 24.48
C PRO B 3697 63.91 1.42 25.11
N VAL B 3698 62.85 1.39 24.31
CA VAL B 3698 61.50 1.24 24.86
C VAL B 3698 60.94 -0.11 24.42
N PRO B 3699 60.13 -0.76 25.25
CA PRO B 3699 59.57 -2.06 24.86
C PRO B 3699 58.42 -1.94 23.87
N PHE B 3700 57.70 -0.82 23.90
CA PHE B 3700 56.61 -0.58 22.97
C PHE B 3700 56.32 0.92 22.94
N ARG B 3701 55.53 1.32 21.95
CA ARG B 3701 55.12 2.72 21.80
C ARG B 3701 54.12 3.10 22.88
N LEU B 3702 54.60 3.85 23.88
CA LEU B 3702 53.75 4.50 24.87
C LEU B 3702 54.18 5.97 24.99
N THR B 3703 54.12 6.65 23.86
CA THR B 3703 54.73 7.96 23.64
C THR B 3703 53.83 9.03 24.29
N PRO B 3704 54.37 10.22 24.63
CA PRO B 3704 53.60 11.14 25.48
C PRO B 3704 52.24 11.56 24.95
N ASN B 3705 52.05 11.68 23.64
CA ASN B 3705 50.72 12.03 23.16
C ASN B 3705 49.73 10.90 23.41
N ILE B 3706 50.18 9.66 23.19
CA ILE B 3706 49.37 8.49 23.51
C ILE B 3706 49.09 8.44 25.01
N SER B 3707 50.11 8.69 25.83
CA SER B 3707 49.92 8.68 27.27
C SER B 3707 48.90 9.72 27.70
N GLU B 3708 48.98 10.93 27.14
CA GLU B 3708 48.03 11.99 27.46
C GLU B 3708 46.61 11.60 27.05
N PHE B 3709 46.46 10.99 25.88
CA PHE B 3709 45.13 10.59 25.43
C PHE B 3709 44.57 9.46 26.28
N LEU B 3710 45.36 8.44 26.55
CA LEU B 3710 44.94 7.34 27.42
C LEU B 3710 44.63 7.83 28.84
N THR B 3711 45.31 8.88 29.29
CA THR B 3711 45.30 9.39 30.66
C THR B 3711 46.01 8.41 31.58
N THR B 3712 46.48 8.88 32.74
CA THR B 3712 47.21 8.02 33.65
C THR B 3712 46.35 6.87 34.15
N ILE B 3713 45.05 7.10 34.33
CA ILE B 3713 44.17 6.02 34.76
C ILE B 3713 44.06 4.98 33.65
N GLY B 3714 43.99 5.43 32.39
CA GLY B 3714 43.87 4.49 31.29
C GLY B 3714 45.14 3.69 31.06
N VAL B 3715 46.30 4.30 31.30
CA VAL B 3715 47.56 3.57 31.18
C VAL B 3715 47.69 2.57 32.32
N SER B 3716 47.46 3.02 33.55
CA SER B 3716 47.64 2.15 34.72
C SER B 3716 46.64 1.00 34.73
N GLY B 3717 45.35 1.31 34.57
CA GLY B 3717 44.33 0.30 34.71
C GLY B 3717 44.14 -0.62 33.52
N PRO B 3718 43.52 -0.13 32.45
CA PRO B 3718 43.17 -1.05 31.34
C PRO B 3718 44.35 -1.50 30.51
N LEU B 3719 45.33 -0.63 30.25
CA LEU B 3719 46.48 -1.02 29.44
C LEU B 3719 47.29 -2.11 30.14
N THR B 3720 47.65 -1.88 31.40
CA THR B 3720 48.46 -2.84 32.14
C THR B 3720 47.69 -4.14 32.36
N ALA B 3721 46.42 -4.03 32.77
CA ALA B 3721 45.63 -5.23 33.02
C ALA B 3721 45.44 -6.04 31.76
N SER B 3722 45.25 -5.38 30.62
CA SER B 3722 45.09 -6.10 29.36
C SER B 3722 46.38 -6.79 28.95
N MET B 3723 47.52 -6.12 29.12
CA MET B 3723 48.80 -6.77 28.84
C MET B 3723 49.03 -7.98 29.75
N ILE B 3724 48.72 -7.84 31.04
CA ILE B 3724 48.88 -8.95 31.97
C ILE B 3724 47.97 -10.11 31.60
N ALA B 3725 46.71 -9.81 31.25
CA ALA B 3725 45.77 -10.86 30.92
C ALA B 3725 46.20 -11.61 29.67
N VAL B 3726 46.67 -10.88 28.65
CA VAL B 3726 47.14 -11.53 27.43
C VAL B 3726 48.36 -12.39 27.73
N ALA B 3727 49.29 -11.87 28.53
CA ALA B 3727 50.48 -12.64 28.88
C ALA B 3727 50.13 -13.92 29.62
N ARG B 3728 49.21 -13.83 30.59
CA ARG B 3728 48.82 -15.02 31.34
C ARG B 3728 48.06 -16.01 30.46
N CYS B 3729 47.30 -15.51 29.48
CA CYS B 3729 46.56 -16.40 28.60
C CYS B 3729 47.51 -17.17 27.68
N PHE B 3730 48.46 -16.47 27.05
CA PHE B 3730 49.35 -17.15 26.11
C PHE B 3730 50.35 -18.07 26.81
N ALA B 3731 50.52 -17.93 28.12
CA ALA B 3731 51.42 -18.79 28.88
C ALA B 3731 50.75 -20.07 29.35
N GLN B 3732 49.47 -20.25 29.07
CA GLN B 3732 48.77 -21.46 29.46
C GLN B 3732 49.34 -22.65 28.70
N PRO B 3733 49.76 -23.72 29.38
CA PRO B 3733 50.39 -24.85 28.67
C PRO B 3733 49.48 -25.53 27.66
N ASN B 3734 48.17 -25.57 27.93
CA ASN B 3734 47.26 -26.30 27.04
C ASN B 3734 47.21 -25.68 25.65
N PHE B 3735 47.43 -24.38 25.54
CA PHE B 3735 47.35 -23.73 24.23
C PHE B 3735 48.49 -24.14 23.31
N LYS B 3736 49.65 -24.50 23.88
CA LYS B 3736 50.82 -24.92 23.10
C LYS B 3736 51.24 -23.85 22.10
N VAL B 3737 51.38 -22.61 22.61
CA VAL B 3737 51.78 -21.50 21.76
C VAL B 3737 53.19 -21.71 21.24
N ASP B 3738 54.01 -22.47 21.97
CA ASP B 3738 55.39 -22.70 21.55
C ASP B 3738 55.46 -23.45 20.23
N GLY B 3739 54.54 -24.39 19.99
CA GLY B 3739 54.55 -25.10 18.72
C GLY B 3739 54.21 -24.22 17.54
N ILE B 3740 53.21 -23.35 17.69
CA ILE B 3740 52.86 -22.40 16.64
C ILE B 3740 54.01 -21.45 16.39
N LEU B 3741 54.67 -20.99 17.46
CA LEU B 3741 55.83 -20.13 17.30
C LEU B 3741 56.95 -20.85 16.56
N LYS B 3742 57.17 -22.13 16.87
CA LYS B 3742 58.19 -22.89 16.18
C LYS B 3742 57.88 -23.02 14.70
N THR B 3743 56.63 -23.32 14.36
CA THR B 3743 56.29 -23.54 12.96
C THR B 3743 56.24 -22.25 12.16
N VAL B 3744 56.06 -21.10 12.80
CA VAL B 3744 56.13 -19.83 12.08
C VAL B 3744 57.58 -19.35 11.95
N LEU B 3745 58.34 -19.42 13.05
CA LEU B 3745 59.72 -19.01 13.02
C LEU B 3745 60.58 -19.94 12.17
N ARG B 3746 60.12 -21.17 11.90
CA ARG B 3746 60.85 -22.02 10.97
C ARG B 3746 60.83 -21.41 9.57
N ASP B 3747 59.67 -20.95 9.11
CA ASP B 3747 59.59 -20.24 7.85
C ASP B 3747 60.41 -18.95 7.88
N GLU B 3748 60.34 -18.23 9.01
CA GLU B 3748 61.12 -16.99 9.13
C GLU B 3748 62.63 -17.25 9.01
N ILE B 3749 63.13 -18.28 9.69
CA ILE B 3749 64.55 -18.61 9.65
C ILE B 3749 64.96 -19.11 8.28
N ILE B 3750 64.09 -19.88 7.61
CA ILE B 3750 64.38 -20.29 6.24
C ILE B 3750 64.51 -19.07 5.33
N ALA B 3751 63.61 -18.10 5.50
CA ALA B 3751 63.70 -16.88 4.71
C ALA B 3751 64.99 -16.12 4.99
N TRP B 3752 65.38 -16.03 6.26
CA TRP B 3752 66.64 -15.36 6.58
C TRP B 3752 67.83 -16.08 5.96
N HIS B 3753 67.83 -17.41 6.00
CA HIS B 3753 68.93 -18.16 5.41
C HIS B 3753 69.00 -17.93 3.91
N LYS B 3754 67.86 -17.93 3.24
CA LYS B 3754 67.86 -17.66 1.80
C LYS B 3754 68.35 -16.25 1.50
N LYS B 3755 67.95 -15.28 2.32
CA LYS B 3755 68.33 -13.89 2.07
C LYS B 3755 69.83 -13.67 2.31
N THR B 3756 70.39 -14.27 3.36
CA THR B 3756 71.74 -13.93 3.80
C THR B 3756 72.77 -14.98 3.39
N GLN B 3757 72.55 -16.24 3.78
CA GLN B 3757 73.57 -17.27 3.56
C GLN B 3757 73.67 -17.64 2.08
N GLU B 3758 72.54 -17.81 1.42
CA GLU B 3758 72.53 -18.14 0.00
C GLU B 3758 72.72 -16.88 -0.84
N GLN B 3769 66.63 -28.71 -7.77
CA GLN B 3769 66.24 -28.73 -6.36
C GLN B 3769 67.32 -28.10 -5.48
N PRO B 3770 67.16 -26.82 -5.16
CA PRO B 3770 68.11 -26.15 -4.27
C PRO B 3770 68.19 -26.86 -2.92
N GLU B 3771 69.41 -26.96 -2.40
CA GLU B 3771 69.63 -27.71 -1.17
C GLU B 3771 69.04 -26.96 0.03
N ASN B 3772 68.41 -27.72 0.92
CA ASN B 3772 67.89 -27.15 2.15
C ASN B 3772 69.02 -26.72 3.07
N MET B 3773 68.72 -25.76 3.95
CA MET B 3773 69.68 -25.36 4.95
C MET B 3773 69.88 -26.48 5.96
N ASP B 3774 70.97 -26.39 6.71
CA ASP B 3774 71.29 -27.45 7.67
C ASP B 3774 70.16 -27.60 8.67
N SER B 3775 69.75 -28.84 8.92
CA SER B 3775 68.68 -29.10 9.86
C SER B 3775 69.07 -28.68 11.27
N GLN B 3776 70.32 -28.94 11.66
CA GLN B 3776 70.78 -28.56 12.98
C GLN B 3776 70.74 -27.04 13.15
N GLN B 3777 71.24 -26.30 12.16
CA GLN B 3777 71.24 -24.84 12.25
C GLN B 3777 69.82 -24.29 12.33
N LEU B 3778 68.93 -24.80 11.49
CA LEU B 3778 67.54 -24.35 11.49
C LEU B 3778 66.89 -24.61 12.84
N VAL B 3779 67.05 -25.84 13.34
CA VAL B 3779 66.44 -26.22 14.61
C VAL B 3779 66.98 -25.37 15.75
N SER B 3780 68.30 -25.17 15.78
CA SER B 3780 68.90 -24.39 16.86
C SER B 3780 68.43 -22.94 16.83
N LEU B 3781 68.41 -22.33 15.65
CA LEU B 3781 67.97 -20.95 15.54
C LEU B 3781 66.50 -20.80 15.93
N VAL B 3782 65.64 -21.74 15.50
CA VAL B 3782 64.23 -21.66 15.83
C VAL B 3782 64.03 -21.87 17.32
N GLN B 3783 64.73 -22.83 17.92
CA GLN B 3783 64.59 -23.05 19.35
C GLN B 3783 65.05 -21.84 20.15
N LYS B 3784 66.17 -21.22 19.74
CA LYS B 3784 66.65 -20.04 20.45
C LYS B 3784 65.66 -18.89 20.36
N ALA B 3785 65.07 -18.67 19.18
CA ALA B 3785 64.10 -17.60 19.02
C ALA B 3785 62.82 -17.86 19.80
N VAL B 3786 62.33 -19.11 19.78
CA VAL B 3786 61.13 -19.45 20.53
C VAL B 3786 61.41 -19.38 22.02
N THR B 3787 62.62 -19.77 22.45
CA THR B 3787 62.96 -19.66 23.86
C THR B 3787 63.00 -18.20 24.31
N ALA B 3788 63.53 -17.31 23.47
CA ALA B 3788 63.52 -15.89 23.83
C ALA B 3788 62.09 -15.34 23.92
N ILE B 3789 61.24 -15.69 22.95
CA ILE B 3789 59.85 -15.26 22.99
C ILE B 3789 59.15 -15.77 24.23
N MET B 3790 59.29 -17.07 24.51
CA MET B 3790 58.63 -17.66 25.67
C MET B 3790 59.21 -17.15 26.98
N THR B 3791 60.47 -16.74 26.98
CA THR B 3791 61.05 -16.12 28.18
C THR B 3791 60.37 -14.80 28.47
N ARG B 3792 60.23 -13.94 27.45
CA ARG B 3792 59.52 -12.69 27.66
C ARG B 3792 58.07 -12.93 28.05
N LEU B 3793 57.42 -13.88 27.39
CA LEU B 3793 56.04 -14.23 27.71
C LEU B 3793 55.89 -14.64 29.17
N HIS B 3794 56.72 -15.57 29.63
CA HIS B 3794 56.62 -16.04 31.01
C HIS B 3794 57.00 -14.96 32.01
N ASN B 3795 57.91 -14.06 31.64
CA ASN B 3795 58.23 -12.95 32.53
C ASN B 3795 57.03 -12.04 32.73
N LEU B 3796 56.33 -11.72 31.64
CA LEU B 3796 55.13 -10.89 31.79
C LEU B 3796 53.98 -11.65 32.46
N ALA B 3797 53.91 -12.96 32.27
CA ALA B 3797 52.82 -13.76 32.84
C ALA B 3797 52.97 -13.94 34.35
N GLN B 3798 54.19 -14.00 34.85
CA GLN B 3798 54.42 -14.16 36.29
C GLN B 3798 53.72 -13.07 37.08
N PHE B 3799 52.93 -13.49 38.08
CA PHE B 3799 52.06 -12.60 38.84
C PHE B 3799 52.11 -12.95 40.33
N GLU B 3800 53.29 -13.26 40.83
CA GLU B 3800 53.45 -13.61 42.24
C GLU B 3800 53.53 -12.36 43.09
N GLY B 3801 52.75 -12.33 44.18
CA GLY B 3801 52.73 -11.20 45.08
C GLY B 3801 51.86 -10.04 44.67
N GLY B 3802 51.03 -10.21 43.63
CA GLY B 3802 50.23 -9.10 43.13
C GLY B 3802 50.99 -8.07 42.34
N GLU B 3803 52.24 -8.34 41.99
CA GLU B 3803 53.07 -7.42 41.23
C GLU B 3803 53.49 -8.10 39.93
N SER B 3804 53.60 -7.30 38.87
CA SER B 3804 53.96 -7.83 37.56
C SER B 3804 55.05 -6.99 36.93
N LYS B 3805 55.92 -7.66 36.19
CA LYS B 3805 56.95 -6.98 35.40
C LYS B 3805 56.35 -6.05 34.36
N VAL B 3806 55.07 -6.25 34.01
CA VAL B 3806 54.41 -5.39 33.04
C VAL B 3806 54.38 -3.94 33.52
N ASN B 3807 54.27 -3.72 34.84
CA ASN B 3807 54.30 -2.36 35.36
C ASN B 3807 55.65 -1.69 35.09
N THR B 3808 56.74 -2.41 35.32
CA THR B 3808 58.06 -1.87 35.02
C THR B 3808 58.23 -1.66 33.52
N LEU B 3809 57.69 -2.57 32.72
CA LEU B 3809 57.77 -2.44 31.27
C LEU B 3809 57.03 -1.18 30.78
N VAL B 3810 55.86 -0.92 31.34
CA VAL B 3810 55.10 0.29 31.00
C VAL B 3810 55.83 1.54 31.47
N ALA B 3811 56.39 1.49 32.68
CA ALA B 3811 57.16 2.64 33.17
C ALA B 3811 58.36 2.92 32.28
N ALA B 3812 59.03 1.87 31.80
CA ALA B 3812 60.14 2.06 30.88
C ALA B 3812 59.68 2.63 29.55
N ALA B 3813 58.52 2.19 29.06
CA ALA B 3813 58.01 2.73 27.80
C ALA B 3813 57.66 4.20 27.91
N ASN B 3814 57.02 4.60 29.01
CA ASN B 3814 56.65 6.01 29.19
C ASN B 3814 57.85 6.89 29.56
N SER B 3815 58.87 6.32 30.21
CA SER B 3815 59.99 7.11 30.73
C SER B 3815 60.63 7.98 29.66
N LEU B 3816 60.78 9.27 29.98
CA LEU B 3816 61.40 10.22 29.05
C LEU B 3816 62.87 9.92 28.84
N ASP B 3817 63.53 9.30 29.82
CA ASP B 3817 64.93 8.92 29.65
C ASP B 3817 65.09 7.93 28.50
N ASN B 3818 64.19 6.96 28.41
CA ASN B 3818 64.23 5.99 27.32
C ASN B 3818 63.72 6.59 26.01
N LEU B 3819 62.73 7.48 26.08
CA LEU B 3819 62.18 8.09 24.87
C LEU B 3819 63.21 8.95 24.17
N CYS B 3820 64.00 9.71 24.92
CA CYS B 3820 64.98 10.61 24.31
C CYS B 3820 66.12 9.87 23.63
N ARG B 3821 66.27 8.57 23.88
CA ARG B 3821 67.31 7.77 23.26
C ARG B 3821 66.84 7.08 21.97
N MET B 3822 65.60 7.30 21.55
CA MET B 3822 65.06 6.65 20.38
C MET B 3822 65.37 7.44 19.11
N ASP B 3823 65.14 6.78 17.97
CA ASP B 3823 65.27 7.41 16.67
C ASP B 3823 64.29 8.56 16.56
N PRO B 3824 64.72 9.75 16.13
CA PRO B 3824 63.75 10.83 15.91
C PRO B 3824 62.68 10.49 14.88
N ALA B 3825 62.99 9.65 13.89
CA ALA B 3825 61.98 9.25 12.92
C ALA B 3825 60.89 8.39 13.55
N TRP B 3826 61.19 7.75 14.69
CA TRP B 3826 60.17 7.06 15.47
C TRP B 3826 59.16 8.02 16.09
N HIS B 3827 59.53 9.30 16.20
CA HIS B 3827 58.75 10.36 16.83
C HIS B 3827 58.51 10.10 18.31
N PRO B 3828 59.55 10.14 19.15
CA PRO B 3828 59.36 9.92 20.59
C PRO B 3828 58.57 11.01 21.29
N TRP B 3829 58.15 12.04 20.55
CA TRP B 3829 57.25 13.07 21.06
C TRP B 3829 55.80 12.86 20.67
N LEU B 3830 55.53 12.02 19.68
CA LEU B 3830 54.16 11.78 19.22
C LEU B 3830 53.56 10.51 19.84
C1 IHP C . 38.52 -27.58 27.32
C2 IHP C . 37.28 -28.47 27.24
C3 IHP C . 37.30 -29.41 26.05
C4 IHP C . 37.57 -28.73 24.69
C5 IHP C . 38.59 -27.56 24.71
C6 IHP C . 38.97 -27.00 26.04
O11 IHP C . 39.57 -28.25 27.96
P1 IHP C . 40.28 -27.56 29.30
O21 IHP C . 40.60 -28.68 30.30
O31 IHP C . 41.53 -26.92 28.70
O41 IHP C . 39.29 -26.53 29.86
O12 IHP C . 37.32 -29.26 28.40
P2 IHP C . 36.02 -29.49 29.43
O22 IHP C . 34.74 -29.51 28.59
O32 IHP C . 36.15 -28.24 30.30
O42 IHP C . 36.25 -30.77 30.22
O13 IHP C . 38.20 -30.45 26.25
P3 IHP C . 37.72 -32.01 25.95
O23 IHP C . 36.39 -32.22 26.67
O33 IHP C . 38.81 -32.92 26.51
O43 IHP C . 37.63 -32.04 24.42
O14 IHP C . 36.36 -28.33 24.14
P4 IHP C . 35.49 -29.30 23.09
O24 IHP C . 36.40 -30.38 22.55
O34 IHP C . 34.95 -28.39 21.98
O44 IHP C . 34.39 -29.83 24.02
O15 IHP C . 39.74 -27.87 23.98
P5 IHP C . 39.96 -27.32 22.43
O25 IHP C . 38.56 -27.46 21.84
O35 IHP C . 40.45 -25.86 22.51
O45 IHP C . 41.01 -28.21 21.76
O16 IHP C . 40.28 -26.78 26.09
P6 IHP C . 40.87 -25.21 26.04
O26 IHP C . 42.30 -25.24 25.49
O36 IHP C . 39.87 -24.57 25.07
O46 IHP C . 40.79 -24.62 27.45
#